data_4U4F
#
_entry.id   4U4F
#
_cell.length_a   141.374
_cell.length_b   166.575
_cell.length_c   566.604
_cell.angle_alpha   90.00
_cell.angle_beta   90.00
_cell.angle_gamma   90.00
#
_symmetry.space_group_name_H-M   'C 2 2 21'
#
loop_
_entity.id
_entity.type
_entity.pdbx_description
1 polymer 'Glutamate receptor 2'
2 branched 2-acetamido-2-deoxy-beta-D-glucopyranose-(1-4)-2-acetamido-2-deoxy-beta-D-glucopyranose
3 non-polymer 3-(5-nitro-2,4-dioxo-3,4-dihydropyrimidin-1(2H)-yl)-L-alanine
4 non-polymer 2-acetamido-2-deoxy-beta-D-glucopyranose
#
_entity_poly.entity_id   1
_entity_poly.type   'polypeptide(L)'
_entity_poly.pdbx_seq_one_letter_code
;NSIQIGGLFPRGADQEYSAFRVGMVQFSTSEFRLTPHIDNLEVANSFAVTNAFCSQFSRGVYAIFGFYDKKSVNTITSFC
GTLHVSFITPSFPTDGTHPFVIQMRPDLKGALLSLIEYYQWDKFAYLYDSDRGLSTLQAVLDSAAEKKWQVTAINVGNIN
NDKKDETYRSLFQDLELKKERRVILDCERDKVNDIVDQVITIGKHVKGYHYIIANLGFTDGDLLKIQFGGAEVSGFQIVD
YDDSLVSKFIERWSTLEEKEYPGAHTATIKYTSALTYDAVQVMTEAFRNLRKQRIEISRRGNAGDCLANPAVPWGQGVEI
ERALKQVQVEGLSGNIKFDQNGKRINYTINIMELKTNGPRKIGYWSEVDKMVLTEDDTSGLEQKTVVVTTILESPYVMMK
KNHEMLEGNERYEGYCVDLAAEIAKHCGFKYKLTIVGDGKYGARDADTKIWNGMVGELVYGKADIAIAPLTITLVREEVI
DFSKPFMSLGISIMIKKPQKSKPGVFSFLDPLAYEIWMCIVFAYIGVSVVLFLVSRFSPYEWHTEEFEDGRETQSSESTN
EFGIFNSLWFSLGAFMQQGCDISPRSLSGRIVGGVWWFFTLIIISSYTANLAAFLTVERMVSPIESAEDLSKQTEIAYGT
LDSGSTKEFFRRSKIAVFDKMWTYMRSAEPSVFVRTTAEGVARVRKSKGKYAYLLESTMNEYIEQRKPCDTMKVGGNLDS
KGYGIATPKGSSLGTPVNLAVLKLSEQGVLDKLKNKWWYDKGECGAKDSGSKEKTSALSLSNVAGVFYILVGGLGLAMLV
ALIEFCYKSRAEAKRMKGLVPR
;
_entity_poly.pdbx_strand_id   A,B,C,D
#
# COMPACT_ATOMS: atom_id res chain seq x y z
N ASN A 1 -11.79 -72.34 50.12
CA ASN A 1 -11.18 -71.22 49.41
C ASN A 1 -12.21 -70.24 48.88
N SER A 2 -12.82 -69.48 49.78
CA SER A 2 -13.86 -68.50 49.40
C SER A 2 -13.36 -67.05 49.50
N ILE A 3 -12.67 -66.59 48.46
CA ILE A 3 -12.20 -65.21 48.40
C ILE A 3 -13.35 -64.28 48.09
N GLN A 4 -13.70 -63.43 49.05
CA GLN A 4 -14.86 -62.55 48.88
C GLN A 4 -14.49 -61.21 48.21
N ILE A 5 -15.25 -60.85 47.19
CA ILE A 5 -15.01 -59.63 46.43
C ILE A 5 -16.23 -58.72 46.44
N GLY A 6 -16.02 -57.43 46.23
CA GLY A 6 -17.10 -56.47 46.20
C GLY A 6 -17.70 -56.32 44.81
N GLY A 7 -19.02 -56.26 44.75
CA GLY A 7 -19.72 -56.10 43.48
C GLY A 7 -20.66 -54.91 43.46
N LEU A 8 -20.26 -53.86 42.75
CA LEU A 8 -21.10 -52.69 42.61
C LEU A 8 -21.69 -52.63 41.21
N PHE A 9 -23.02 -52.70 41.11
CA PHE A 9 -23.68 -52.68 39.82
C PHE A 9 -24.77 -51.61 39.72
N PRO A 10 -24.74 -50.82 38.64
CA PRO A 10 -25.80 -49.84 38.36
C PRO A 10 -27.14 -50.55 38.24
N ARG A 11 -28.22 -49.85 38.61
CA ARG A 11 -29.55 -50.45 38.62
C ARG A 11 -30.08 -50.85 37.24
N GLY A 12 -29.28 -50.64 36.20
CA GLY A 12 -29.69 -50.98 34.85
C GLY A 12 -28.62 -51.73 34.07
N ALA A 13 -27.54 -52.09 34.75
CA ALA A 13 -26.46 -52.84 34.12
C ALA A 13 -26.79 -54.32 34.04
N ASP A 14 -27.91 -54.63 33.39
CA ASP A 14 -28.41 -56.00 33.31
C ASP A 14 -27.45 -56.91 32.55
N GLN A 15 -27.07 -56.49 31.34
CA GLN A 15 -26.20 -57.31 30.50
C GLN A 15 -24.81 -57.42 31.09
N GLU A 16 -24.34 -56.34 31.71
CA GLU A 16 -23.03 -56.31 32.32
C GLU A 16 -22.96 -57.31 33.47
N TYR A 17 -24.03 -57.39 34.26
CA TYR A 17 -24.06 -58.34 35.36
C TYR A 17 -24.25 -59.76 34.86
N SER A 18 -25.03 -59.92 33.79
CA SER A 18 -25.21 -61.23 33.17
C SER A 18 -23.85 -61.74 32.72
N ALA A 19 -23.08 -60.86 32.10
CA ALA A 19 -21.74 -61.19 31.67
C ALA A 19 -20.84 -61.53 32.86
N PHE A 20 -20.96 -60.77 33.93
CA PHE A 20 -20.18 -61.00 35.15
C PHE A 20 -20.38 -62.43 35.64
N ARG A 21 -21.64 -62.85 35.74
CA ARG A 21 -21.98 -64.19 36.20
C ARG A 21 -21.42 -65.28 35.29
N VAL A 22 -21.52 -65.07 33.98
CA VAL A 22 -20.98 -66.00 33.00
C VAL A 22 -19.47 -66.15 33.18
N GLY A 23 -18.80 -65.02 33.36
CA GLY A 23 -17.37 -65.00 33.59
C GLY A 23 -16.99 -65.77 34.84
N MET A 24 -17.80 -65.64 35.89
CA MET A 24 -17.58 -66.35 37.15
C MET A 24 -17.43 -67.84 36.89
N VAL A 25 -18.38 -68.42 36.15
CA VAL A 25 -18.36 -69.84 35.85
C VAL A 25 -17.18 -70.19 34.96
N GLN A 26 -16.91 -69.36 33.96
CA GLN A 26 -15.89 -69.62 32.96
C GLN A 26 -14.47 -69.65 33.54
N PHE A 27 -14.25 -68.94 34.64
CA PHE A 27 -12.90 -68.84 35.20
C PHE A 27 -12.74 -69.41 36.60
N SER A 28 -13.85 -69.83 37.21
CA SER A 28 -13.79 -70.46 38.52
C SER A 28 -13.03 -71.78 38.42
N THR A 29 -12.34 -72.16 39.49
CA THR A 29 -11.47 -73.33 39.44
C THR A 29 -11.48 -74.16 40.73
N SER A 30 -10.79 -75.29 40.68
CA SER A 30 -10.68 -76.18 41.84
C SER A 30 -9.75 -75.58 42.89
N GLU A 31 -8.93 -74.61 42.47
CA GLU A 31 -8.11 -73.87 43.40
C GLU A 31 -9.01 -73.05 44.32
N PHE A 32 -9.81 -72.20 43.72
CA PHE A 32 -10.71 -71.33 44.46
C PHE A 32 -11.87 -70.82 43.62
N ARG A 33 -12.85 -70.24 44.30
CA ARG A 33 -14.00 -69.62 43.65
C ARG A 33 -14.23 -68.25 44.26
N LEU A 34 -14.26 -67.22 43.41
CA LEU A 34 -14.50 -65.86 43.88
C LEU A 34 -15.96 -65.71 44.31
N THR A 35 -16.15 -65.28 45.55
CA THR A 35 -17.50 -65.10 46.08
C THR A 35 -17.88 -63.62 46.10
N PRO A 36 -18.75 -63.21 45.16
CA PRO A 36 -19.11 -61.80 45.00
C PRO A 36 -20.40 -61.41 45.72
N HIS A 37 -20.32 -60.42 46.60
CA HIS A 37 -21.53 -59.81 47.11
C HIS A 37 -21.98 -58.78 46.09
N ILE A 38 -23.28 -58.71 45.83
CA ILE A 38 -23.80 -57.82 44.81
C ILE A 38 -24.76 -56.78 45.38
N ASP A 39 -24.48 -55.51 45.09
CA ASP A 39 -25.33 -54.42 45.53
C ASP A 39 -25.76 -53.52 44.38
N ASN A 40 -27.02 -53.64 43.97
CA ASN A 40 -27.60 -52.72 43.00
C ASN A 40 -27.64 -51.32 43.60
N LEU A 41 -27.09 -50.33 42.89
CA LEU A 41 -27.07 -48.98 43.41
C LEU A 41 -27.09 -47.90 42.33
N GLU A 42 -27.63 -46.74 42.68
CA GLU A 42 -27.62 -45.55 41.84
C GLU A 42 -26.18 -45.06 41.67
N VAL A 43 -25.63 -45.23 40.48
CA VAL A 43 -24.21 -44.97 40.23
C VAL A 43 -23.86 -43.48 40.27
N ALA A 44 -24.84 -42.62 40.03
CA ALA A 44 -24.59 -41.19 39.92
C ALA A 44 -24.63 -40.44 41.26
N ASN A 45 -24.79 -41.18 42.35
CA ASN A 45 -24.93 -40.57 43.67
C ASN A 45 -23.78 -40.91 44.62
N SER A 46 -22.99 -39.89 44.97
CA SER A 46 -21.82 -40.07 45.83
C SER A 46 -22.16 -40.68 47.19
N PHE A 47 -23.28 -40.26 47.75
CA PHE A 47 -23.76 -40.81 49.02
C PHE A 47 -24.03 -42.29 48.86
N ALA A 48 -24.73 -42.65 47.78
CA ALA A 48 -25.11 -44.03 47.54
C ALA A 48 -23.89 -44.92 47.33
N VAL A 49 -22.84 -44.37 46.74
CA VAL A 49 -21.62 -45.12 46.50
C VAL A 49 -20.78 -45.24 47.77
N THR A 50 -20.69 -44.15 48.52
CA THR A 50 -19.91 -44.12 49.77
C THR A 50 -20.45 -45.15 50.76
N ASN A 51 -21.76 -45.30 50.78
CA ASN A 51 -22.42 -46.28 51.65
C ASN A 51 -22.18 -47.70 51.16
N ALA A 52 -22.25 -47.91 49.85
CA ALA A 52 -22.07 -49.23 49.27
C ALA A 52 -20.63 -49.70 49.39
N PHE A 53 -19.68 -48.82 49.08
CA PHE A 53 -18.25 -49.12 49.17
C PHE A 53 -17.86 -49.56 50.58
N CYS A 54 -18.37 -48.84 51.58
CA CYS A 54 -18.08 -49.16 52.97
C CYS A 54 -18.77 -50.45 53.39
N SER A 55 -19.99 -50.66 52.88
CA SER A 55 -20.74 -51.88 53.17
C SER A 55 -19.98 -53.10 52.69
N GLN A 56 -19.33 -52.95 51.53
CA GLN A 56 -18.48 -54.01 51.00
C GLN A 56 -17.22 -54.12 51.83
N PHE A 57 -16.68 -52.98 52.24
CA PHE A 57 -15.42 -52.95 52.96
C PHE A 57 -15.54 -53.56 54.37
N SER A 58 -16.59 -53.19 55.08
CA SER A 58 -16.83 -53.73 56.44
C SER A 58 -16.86 -55.25 56.48
N ARG A 59 -17.43 -55.86 55.44
CA ARG A 59 -17.46 -57.31 55.32
C ARG A 59 -16.05 -57.88 55.15
N GLY A 60 -15.14 -57.02 54.71
CA GLY A 60 -13.75 -57.40 54.52
C GLY A 60 -13.51 -58.10 53.18
N VAL A 61 -14.03 -57.51 52.10
CA VAL A 61 -13.75 -58.02 50.77
C VAL A 61 -12.29 -57.76 50.44
N TYR A 62 -11.75 -58.55 49.52
CA TYR A 62 -10.33 -58.45 49.18
C TYR A 62 -10.12 -57.54 47.96
N ALA A 63 -11.17 -57.40 47.16
CA ALA A 63 -11.15 -56.50 46.02
C ALA A 63 -12.58 -56.13 45.65
N ILE A 64 -12.73 -55.07 44.85
CA ILE A 64 -14.07 -54.63 44.46
C ILE A 64 -14.18 -54.42 42.95
N PHE A 65 -15.16 -55.07 42.35
CA PHE A 65 -15.50 -54.83 40.95
C PHE A 65 -16.71 -53.90 40.91
N GLY A 66 -16.64 -52.86 40.09
CA GLY A 66 -17.74 -51.92 39.99
C GLY A 66 -17.64 -50.92 38.85
N PHE A 67 -18.69 -50.12 38.71
CA PHE A 67 -18.76 -49.08 37.69
C PHE A 67 -18.91 -47.74 38.40
N TYR A 68 -18.41 -46.67 37.80
CA TYR A 68 -18.60 -45.34 38.38
C TYR A 68 -19.01 -44.28 37.35
N ASP A 69 -19.17 -43.05 37.83
CA ASP A 69 -19.62 -41.94 36.99
C ASP A 69 -18.73 -40.73 37.23
N LYS A 70 -18.84 -39.73 36.34
CA LYS A 70 -18.07 -38.50 36.47
C LYS A 70 -18.44 -37.73 37.73
N LYS A 71 -19.59 -38.04 38.32
CA LYS A 71 -20.03 -37.39 39.54
C LYS A 71 -19.87 -38.29 40.75
N SER A 72 -18.95 -39.24 40.66
CA SER A 72 -18.75 -40.21 41.72
C SER A 72 -17.38 -40.86 41.66
N VAL A 73 -16.67 -40.63 40.56
CA VAL A 73 -15.34 -41.20 40.36
C VAL A 73 -14.39 -40.85 41.50
N ASN A 74 -14.39 -39.57 41.89
CA ASN A 74 -13.51 -39.09 42.95
C ASN A 74 -13.71 -39.84 44.27
N THR A 75 -14.97 -40.17 44.57
CA THR A 75 -15.30 -40.94 45.77
C THR A 75 -14.65 -42.31 45.74
N ILE A 76 -14.84 -43.05 44.64
CA ILE A 76 -14.25 -44.36 44.47
C ILE A 76 -12.74 -44.30 44.63
N THR A 77 -12.12 -43.34 43.94
CA THR A 77 -10.66 -43.17 43.99
C THR A 77 -10.15 -42.89 45.40
N SER A 78 -10.56 -41.76 45.96
CA SER A 78 -10.07 -41.30 47.26
C SER A 78 -10.24 -42.33 48.37
N PHE A 79 -11.30 -43.12 48.30
CA PHE A 79 -11.54 -44.15 49.30
C PHE A 79 -10.78 -45.44 48.98
N CYS A 80 -10.34 -45.58 47.74
CA CYS A 80 -9.50 -46.72 47.36
C CYS A 80 -8.03 -46.35 47.49
N GLY A 81 -7.73 -45.07 47.36
CA GLY A 81 -6.37 -44.60 47.55
C GLY A 81 -6.00 -44.61 49.01
N THR A 82 -6.98 -44.34 49.87
CA THR A 82 -6.77 -44.30 51.31
C THR A 82 -6.77 -45.71 51.92
N LEU A 83 -7.83 -46.46 51.67
CA LEU A 83 -8.01 -47.77 52.28
C LEU A 83 -7.29 -48.87 51.51
N HIS A 84 -6.54 -48.49 50.49
CA HIS A 84 -5.76 -49.43 49.67
C HIS A 84 -6.60 -50.54 49.06
N VAL A 85 -7.91 -50.32 48.98
CA VAL A 85 -8.81 -51.27 48.32
C VAL A 85 -8.59 -51.19 46.81
N SER A 86 -8.55 -52.34 46.15
CA SER A 86 -8.36 -52.39 44.71
C SER A 86 -9.69 -52.39 43.98
N PHE A 87 -9.80 -51.55 42.96
CA PHE A 87 -11.04 -51.42 42.20
C PHE A 87 -10.83 -51.86 40.76
N ILE A 88 -11.71 -52.74 40.28
CA ILE A 88 -11.65 -53.20 38.90
C ILE A 88 -12.86 -52.65 38.13
N THR A 89 -12.60 -51.76 37.16
CA THR A 89 -13.67 -51.08 36.45
C THR A 89 -13.60 -51.19 34.93
N PRO A 90 -14.74 -51.43 34.30
CA PRO A 90 -14.90 -51.39 32.84
C PRO A 90 -15.19 -49.96 32.38
N SER A 91 -15.58 -49.11 33.32
CA SER A 91 -15.92 -47.71 33.02
C SER A 91 -14.72 -46.92 32.52
N PHE A 92 -14.96 -45.67 32.12
CA PHE A 92 -13.92 -44.81 31.56
C PHE A 92 -12.80 -44.52 32.55
N PRO A 93 -11.54 -44.61 32.09
CA PRO A 93 -10.35 -44.44 32.92
C PRO A 93 -10.28 -43.09 33.61
N THR A 94 -9.49 -43.00 34.67
CA THR A 94 -9.37 -41.77 35.44
C THR A 94 -8.57 -40.73 34.67
N ASP A 95 -8.91 -39.45 34.86
CA ASP A 95 -8.18 -38.36 34.24
C ASP A 95 -6.94 -38.03 35.06
N GLY A 96 -6.21 -39.07 35.45
CA GLY A 96 -5.04 -38.90 36.28
C GLY A 96 -4.30 -40.21 36.52
N THR A 97 -3.64 -40.30 37.67
CA THR A 97 -2.78 -41.44 37.96
C THR A 97 -3.17 -42.16 39.26
N HIS A 98 -4.47 -42.20 39.54
CA HIS A 98 -4.97 -42.85 40.75
C HIS A 98 -4.58 -44.32 40.78
N PRO A 99 -4.09 -44.80 41.93
CA PRO A 99 -3.67 -46.20 42.07
C PRO A 99 -4.83 -47.08 42.50
N PHE A 100 -4.57 -48.37 42.69
CA PHE A 100 -5.57 -49.31 43.19
C PHE A 100 -6.84 -49.35 42.35
N VAL A 101 -6.75 -48.86 41.12
CA VAL A 101 -7.88 -48.89 40.21
C VAL A 101 -7.50 -49.50 38.88
N ILE A 102 -7.99 -50.71 38.64
CA ILE A 102 -7.67 -51.46 37.42
C ILE A 102 -8.72 -51.19 36.34
N GLN A 103 -8.45 -50.19 35.51
CA GLN A 103 -9.38 -49.80 34.44
C GLN A 103 -9.32 -50.77 33.26
N MET A 104 -10.39 -51.53 33.08
CA MET A 104 -10.42 -52.58 32.06
C MET A 104 -10.48 -52.04 30.64
N ARG A 105 -11.23 -50.96 30.43
CA ARG A 105 -11.33 -50.38 29.10
C ARG A 105 -10.08 -49.57 28.76
N PRO A 106 -9.55 -49.76 27.55
CA PRO A 106 -8.35 -49.05 27.09
C PRO A 106 -8.62 -47.58 26.78
N ASP A 107 -7.58 -46.76 26.87
CA ASP A 107 -7.68 -45.34 26.57
C ASP A 107 -8.00 -45.16 25.09
N LEU A 108 -9.06 -44.39 24.80
CA LEU A 108 -9.46 -44.17 23.41
C LEU A 108 -8.77 -42.95 22.79
N LYS A 109 -8.61 -41.91 23.60
CA LYS A 109 -8.08 -40.60 23.19
C LYS A 109 -7.12 -40.62 22.00
N GLY A 110 -6.05 -41.41 22.12
CA GLY A 110 -5.04 -41.48 21.08
C GLY A 110 -5.55 -41.93 19.73
N ALA A 111 -6.44 -42.93 19.74
CA ALA A 111 -6.98 -43.49 18.51
C ALA A 111 -7.79 -42.47 17.72
N LEU A 112 -8.77 -41.85 18.38
CA LEU A 112 -9.64 -40.88 17.74
C LEU A 112 -8.86 -39.75 17.09
N LEU A 113 -7.89 -39.20 17.82
CA LEU A 113 -7.02 -38.16 17.29
C LEU A 113 -6.38 -38.61 15.98
N SER A 114 -5.87 -39.83 15.97
CA SER A 114 -5.24 -40.38 14.77
C SER A 114 -6.22 -40.48 13.61
N LEU A 115 -7.39 -41.07 13.86
CA LEU A 115 -8.38 -41.30 12.81
C LEU A 115 -8.81 -40.00 12.13
N ILE A 116 -8.98 -38.95 12.93
CA ILE A 116 -9.32 -37.64 12.40
C ILE A 116 -8.22 -37.16 11.47
N GLU A 117 -6.98 -37.44 11.84
CA GLU A 117 -5.83 -37.04 11.05
C GLU A 117 -5.74 -37.87 9.77
N TYR A 118 -6.22 -39.11 9.85
CA TYR A 118 -6.26 -40.01 8.70
C TYR A 118 -7.22 -39.49 7.64
N TYR A 119 -8.38 -39.01 8.09
CA TYR A 119 -9.40 -38.46 7.20
C TYR A 119 -9.04 -37.08 6.69
N GLN A 120 -7.93 -36.54 7.20
CA GLN A 120 -7.44 -35.22 6.80
C GLN A 120 -8.49 -34.12 6.97
N TRP A 121 -9.12 -34.08 8.13
CA TRP A 121 -10.09 -33.04 8.44
C TRP A 121 -9.40 -31.78 8.98
N ASP A 122 -10.11 -30.67 8.97
CA ASP A 122 -9.56 -29.40 9.45
C ASP A 122 -10.65 -28.55 10.09
N LYS A 123 -11.90 -28.87 9.77
CA LYS A 123 -13.04 -28.16 10.32
C LYS A 123 -14.19 -29.13 10.53
N PHE A 124 -14.59 -29.32 11.78
CA PHE A 124 -15.67 -30.25 12.09
C PHE A 124 -16.44 -29.86 13.35
N ALA A 125 -17.56 -30.56 13.57
CA ALA A 125 -18.39 -30.35 14.75
C ALA A 125 -18.22 -31.52 15.70
N TYR A 126 -18.16 -31.22 17.00
CA TYR A 126 -17.93 -32.26 17.99
C TYR A 126 -19.03 -32.25 19.04
N LEU A 127 -20.10 -33.02 18.78
CA LEU A 127 -21.18 -33.17 19.75
C LEU A 127 -20.66 -34.03 20.88
N TYR A 128 -20.81 -33.57 22.13
CA TYR A 128 -20.25 -34.30 23.25
C TYR A 128 -21.26 -34.55 24.36
N ASP A 129 -21.04 -35.64 25.10
CA ASP A 129 -21.82 -35.94 26.29
C ASP A 129 -20.90 -35.81 27.49
N SER A 130 -21.35 -35.07 28.50
CA SER A 130 -20.57 -34.83 29.70
C SER A 130 -20.39 -36.12 30.52
N ASP A 131 -21.32 -37.05 30.35
CA ASP A 131 -21.42 -38.27 31.17
C ASP A 131 -20.09 -39.02 31.44
N ARG A 132 -19.16 -38.98 30.50
CA ARG A 132 -17.89 -39.68 30.69
C ARG A 132 -16.70 -38.74 30.89
N GLY A 133 -16.98 -37.54 31.40
CA GLY A 133 -15.93 -36.57 31.68
C GLY A 133 -15.29 -35.99 30.44
N LEU A 134 -15.37 -34.67 30.31
CA LEU A 134 -14.90 -33.95 29.12
C LEU A 134 -13.41 -34.13 28.79
N SER A 135 -12.83 -35.26 29.19
CA SER A 135 -11.41 -35.51 28.93
C SER A 135 -11.09 -35.52 27.44
N THR A 136 -11.90 -36.24 26.66
CA THR A 136 -11.66 -36.37 25.23
C THR A 136 -11.98 -35.08 24.50
N LEU A 137 -12.98 -34.36 24.98
CA LEU A 137 -13.34 -33.07 24.41
C LEU A 137 -12.16 -32.10 24.51
N GLN A 138 -11.45 -32.15 25.62
CA GLN A 138 -10.29 -31.30 25.82
C GLN A 138 -9.11 -31.82 24.99
N ALA A 139 -9.04 -33.14 24.82
CA ALA A 139 -7.96 -33.76 24.06
C ALA A 139 -7.91 -33.27 22.61
N VAL A 140 -9.09 -33.06 22.02
CA VAL A 140 -9.16 -32.56 20.66
C VAL A 140 -9.07 -31.02 20.66
N LEU A 141 -9.44 -30.41 21.78
CA LEU A 141 -9.35 -28.96 21.93
C LEU A 141 -7.91 -28.51 22.17
N ASP A 142 -7.18 -29.28 22.98
CA ASP A 142 -5.77 -29.00 23.22
C ASP A 142 -4.99 -29.12 21.92
N SER A 143 -5.43 -30.05 21.06
CA SER A 143 -4.76 -30.33 19.81
C SER A 143 -5.18 -29.36 18.71
N ALA A 144 -6.30 -28.69 18.92
CA ALA A 144 -6.88 -27.79 17.92
C ALA A 144 -5.90 -26.73 17.42
N ALA A 145 -4.94 -26.35 18.25
CA ALA A 145 -3.94 -25.37 17.88
C ALA A 145 -2.85 -26.01 17.00
N GLU A 146 -2.07 -26.90 17.61
CA GLU A 146 -0.98 -27.61 16.94
C GLU A 146 -1.36 -28.25 15.62
N LYS A 147 -2.52 -28.91 15.61
CA LYS A 147 -2.98 -29.63 14.42
C LYS A 147 -3.77 -28.73 13.47
N LYS A 148 -4.06 -27.51 13.91
CA LYS A 148 -4.81 -26.53 13.12
C LYS A 148 -6.22 -26.96 12.76
N TRP A 149 -7.08 -27.10 13.77
CA TRP A 149 -8.47 -27.51 13.56
C TRP A 149 -9.47 -26.41 13.93
N GLN A 150 -10.57 -26.35 13.19
CA GLN A 150 -11.68 -25.47 13.53
C GLN A 150 -12.81 -26.28 14.14
N VAL A 151 -12.79 -26.44 15.46
CA VAL A 151 -13.74 -27.33 16.12
C VAL A 151 -14.92 -26.60 16.75
N THR A 152 -16.12 -26.99 16.35
CA THR A 152 -17.34 -26.51 16.98
C THR A 152 -17.81 -27.56 17.98
N ALA A 153 -17.77 -27.22 19.26
CA ALA A 153 -18.13 -28.16 20.32
C ALA A 153 -19.53 -27.90 20.87
N ILE A 154 -20.49 -28.70 20.42
CA ILE A 154 -21.87 -28.59 20.87
C ILE A 154 -22.19 -29.60 21.97
N ASN A 155 -22.43 -29.11 23.17
CA ASN A 155 -22.90 -29.98 24.26
C ASN A 155 -24.25 -30.57 23.89
N VAL A 156 -24.49 -31.81 24.31
CA VAL A 156 -25.74 -32.47 23.97
C VAL A 156 -26.28 -33.33 25.12
N GLY A 157 -25.46 -33.51 26.15
CA GLY A 157 -25.84 -34.30 27.31
C GLY A 157 -26.65 -33.52 28.34
N ASN A 158 -27.56 -32.67 27.87
CA ASN A 158 -28.43 -31.91 28.75
C ASN A 158 -29.82 -31.67 28.17
N ILE A 159 -30.24 -32.58 27.28
CA ILE A 159 -31.55 -32.47 26.65
C ILE A 159 -32.55 -33.44 27.29
N ASN A 160 -33.83 -33.09 27.24
CA ASN A 160 -34.87 -33.96 27.79
C ASN A 160 -35.62 -34.74 26.73
N ASN A 161 -36.28 -35.81 27.14
CA ASN A 161 -36.99 -36.70 26.21
C ASN A 161 -38.42 -36.27 25.93
N ASP A 162 -38.82 -35.13 26.47
CA ASP A 162 -40.13 -34.57 26.16
C ASP A 162 -40.05 -33.71 24.91
N LYS A 163 -38.94 -32.99 24.77
CA LYS A 163 -38.68 -32.16 23.60
C LYS A 163 -37.46 -32.69 22.86
N LYS A 164 -37.27 -34.01 22.91
CA LYS A 164 -36.11 -34.67 22.31
C LYS A 164 -36.07 -34.50 20.80
N ASP A 165 -37.22 -34.65 20.15
CA ASP A 165 -37.31 -34.59 18.70
C ASP A 165 -37.16 -33.16 18.16
N GLU A 166 -37.35 -32.18 19.02
CA GLU A 166 -37.28 -30.78 18.61
C GLU A 166 -35.87 -30.20 18.69
N THR A 167 -35.23 -30.40 19.83
CA THR A 167 -33.90 -29.82 20.08
C THR A 167 -32.84 -30.44 19.18
N TYR A 168 -32.96 -31.74 18.92
CA TYR A 168 -32.03 -32.44 18.04
C TYR A 168 -32.13 -31.91 16.62
N ARG A 169 -33.33 -31.50 16.23
CA ARG A 169 -33.53 -30.89 14.92
C ARG A 169 -33.08 -29.43 14.93
N SER A 170 -33.14 -28.81 16.10
CA SER A 170 -32.74 -27.41 16.23
C SER A 170 -31.21 -27.27 16.24
N LEU A 171 -30.53 -28.39 16.48
CA LEU A 171 -29.08 -28.42 16.46
C LEU A 171 -28.59 -28.55 15.03
N PHE A 172 -29.22 -29.47 14.28
CA PHE A 172 -28.78 -29.76 12.93
C PHE A 172 -29.22 -28.70 11.92
N GLN A 173 -30.37 -28.08 12.18
CA GLN A 173 -30.82 -26.95 11.36
C GLN A 173 -30.22 -25.66 11.91
N ASP A 174 -29.03 -25.81 12.51
CA ASP A 174 -28.24 -24.73 13.06
C ASP A 174 -26.81 -24.92 12.56
N LEU A 175 -26.51 -26.15 12.16
CA LEU A 175 -25.26 -26.43 11.47
C LEU A 175 -25.50 -26.52 9.96
N GLU A 176 -26.72 -26.15 9.57
CA GLU A 176 -27.04 -25.85 8.18
C GLU A 176 -26.73 -24.38 7.97
N LEU A 177 -25.96 -23.82 8.89
CA LEU A 177 -25.61 -22.41 8.88
C LEU A 177 -24.16 -22.26 8.43
N LYS A 178 -23.25 -22.85 9.21
CA LYS A 178 -21.84 -22.86 8.86
C LYS A 178 -21.58 -23.87 7.76
N LYS A 179 -22.60 -24.68 7.47
CA LYS A 179 -22.53 -25.70 6.43
C LYS A 179 -21.35 -26.66 6.60
N GLU A 180 -21.23 -27.24 7.78
CA GLU A 180 -20.25 -28.29 8.03
C GLU A 180 -20.90 -29.63 7.68
N ARG A 181 -20.08 -30.63 7.41
CA ARG A 181 -20.60 -31.94 7.04
C ARG A 181 -19.92 -33.05 7.85
N ARG A 182 -18.87 -32.68 8.57
CA ARG A 182 -18.11 -33.66 9.34
C ARG A 182 -18.37 -33.52 10.84
N VAL A 183 -18.87 -34.58 11.44
CA VAL A 183 -19.29 -34.56 12.84
C VAL A 183 -18.65 -35.72 13.61
N ILE A 184 -18.49 -35.54 14.92
CA ILE A 184 -18.06 -36.62 15.80
C ILE A 184 -19.10 -36.77 16.90
N LEU A 185 -19.40 -38.00 17.31
CA LEU A 185 -20.55 -38.22 18.18
C LEU A 185 -20.28 -38.34 19.70
N ASP A 186 -19.23 -39.05 20.08
CA ASP A 186 -18.81 -39.17 21.49
C ASP A 186 -19.96 -39.32 22.48
N CYS A 187 -20.63 -40.47 22.46
CA CYS A 187 -21.77 -40.69 23.33
C CYS A 187 -21.91 -42.15 23.74
N GLU A 188 -22.57 -42.37 24.88
CA GLU A 188 -22.96 -43.71 25.26
C GLU A 188 -23.94 -44.20 24.18
N ARG A 189 -23.77 -45.46 23.77
CA ARG A 189 -24.47 -46.05 22.62
C ARG A 189 -25.92 -45.60 22.41
N ASP A 190 -26.62 -45.35 23.51
CA ASP A 190 -28.02 -44.95 23.46
C ASP A 190 -28.19 -43.53 22.92
N LYS A 191 -27.25 -42.67 23.27
CA LYS A 191 -27.29 -41.28 22.80
C LYS A 191 -26.82 -41.21 21.35
N VAL A 192 -26.18 -42.27 20.89
CA VAL A 192 -25.81 -42.40 19.49
C VAL A 192 -27.05 -42.65 18.65
N ASN A 193 -27.76 -43.72 18.98
CA ASN A 193 -28.96 -44.13 18.25
C ASN A 193 -30.06 -43.08 18.26
N ASP A 194 -30.17 -42.35 19.36
CA ASP A 194 -31.11 -41.24 19.44
C ASP A 194 -30.76 -40.23 18.35
N ILE A 195 -29.48 -39.96 18.19
CA ILE A 195 -29.02 -38.99 17.19
C ILE A 195 -29.06 -39.58 15.78
N VAL A 196 -28.69 -40.85 15.66
CA VAL A 196 -28.76 -41.54 14.39
C VAL A 196 -30.20 -41.55 13.85
N ASP A 197 -31.16 -41.86 14.72
CA ASP A 197 -32.57 -41.79 14.37
C ASP A 197 -32.95 -40.38 13.93
N GLN A 198 -32.35 -39.38 14.57
CA GLN A 198 -32.63 -37.99 14.25
C GLN A 198 -32.02 -37.56 12.92
N VAL A 199 -30.76 -37.91 12.71
CA VAL A 199 -30.06 -37.55 11.48
C VAL A 199 -30.77 -38.11 10.26
N ILE A 200 -31.13 -39.39 10.34
CA ILE A 200 -31.89 -40.06 9.29
C ILE A 200 -33.19 -39.31 8.98
N THR A 201 -33.79 -38.72 10.01
CA THR A 201 -35.04 -37.97 9.85
C THR A 201 -34.83 -36.68 9.05
N ILE A 202 -33.72 -36.01 9.29
CA ILE A 202 -33.47 -34.71 8.66
C ILE A 202 -32.65 -34.81 7.37
N GLY A 203 -32.57 -36.02 6.82
CA GLY A 203 -31.90 -36.25 5.56
C GLY A 203 -30.44 -35.80 5.53
N LYS A 204 -29.73 -36.06 6.62
CA LYS A 204 -28.31 -35.74 6.70
C LYS A 204 -27.47 -36.99 6.81
N HIS A 205 -28.00 -38.08 6.26
CA HIS A 205 -27.29 -39.35 6.24
C HIS A 205 -27.12 -39.80 4.79
N VAL A 206 -27.43 -38.89 3.87
CA VAL A 206 -27.22 -39.15 2.45
C VAL A 206 -25.79 -38.78 2.07
N LYS A 207 -25.41 -39.07 0.83
CA LYS A 207 -24.05 -38.83 0.35
C LYS A 207 -23.58 -37.39 0.64
N GLY A 208 -22.38 -37.27 1.20
CA GLY A 208 -21.80 -35.98 1.50
C GLY A 208 -21.51 -35.76 2.98
N TYR A 209 -22.12 -36.58 3.84
CA TYR A 209 -21.94 -36.43 5.27
C TYR A 209 -21.01 -37.51 5.82
N HIS A 210 -20.36 -37.22 6.95
CA HIS A 210 -19.37 -38.12 7.50
C HIS A 210 -19.50 -38.14 9.02
N TYR A 211 -19.92 -39.26 9.56
CA TYR A 211 -20.16 -39.38 10.99
C TYR A 211 -19.17 -40.32 11.68
N ILE A 212 -18.53 -39.81 12.73
CA ILE A 212 -17.58 -40.59 13.52
C ILE A 212 -18.11 -40.90 14.91
N ILE A 213 -18.42 -42.17 15.15
CA ILE A 213 -18.95 -42.61 16.44
C ILE A 213 -17.81 -42.85 17.43
N ALA A 214 -17.72 -42.00 18.45
CA ALA A 214 -16.59 -42.06 19.37
C ALA A 214 -16.87 -42.89 20.63
N ASN A 215 -17.19 -44.16 20.45
CA ASN A 215 -17.16 -45.12 21.55
C ASN A 215 -16.39 -46.37 21.16
N LEU A 216 -16.35 -47.35 22.04
CA LEU A 216 -15.56 -48.56 21.81
C LEU A 216 -16.44 -49.73 21.37
N GLY A 217 -17.61 -49.40 20.83
CA GLY A 217 -18.53 -50.39 20.30
C GLY A 217 -19.34 -49.83 19.14
N PHE A 218 -18.73 -49.80 17.96
CA PHE A 218 -19.40 -49.30 16.77
C PHE A 218 -20.61 -50.15 16.42
N THR A 219 -20.42 -51.47 16.48
CA THR A 219 -21.48 -52.41 16.12
C THR A 219 -22.49 -52.62 17.25
N ASP A 220 -22.24 -51.99 18.40
CA ASP A 220 -23.12 -52.12 19.56
C ASP A 220 -24.48 -51.46 19.34
N GLY A 221 -24.48 -50.38 18.57
CA GLY A 221 -25.72 -49.70 18.22
C GLY A 221 -26.14 -50.06 16.82
N ASP A 222 -27.40 -49.77 16.48
CA ASP A 222 -27.91 -50.06 15.16
C ASP A 222 -27.20 -49.20 14.12
N LEU A 223 -26.65 -49.86 13.11
CA LEU A 223 -25.93 -49.18 12.05
C LEU A 223 -26.63 -49.44 10.72
N LEU A 224 -27.54 -50.41 10.74
CA LEU A 224 -28.21 -50.85 9.53
C LEU A 224 -29.17 -49.80 8.99
N LYS A 225 -29.74 -49.00 9.88
CA LYS A 225 -30.73 -47.99 9.50
C LYS A 225 -30.11 -46.79 8.79
N ILE A 226 -28.85 -46.49 9.12
CA ILE A 226 -28.14 -45.38 8.50
C ILE A 226 -27.31 -45.90 7.33
N GLN A 227 -27.22 -47.22 7.26
CA GLN A 227 -26.35 -47.90 6.30
C GLN A 227 -26.69 -47.62 4.83
N PHE A 228 -27.94 -47.27 4.56
CA PHE A 228 -28.40 -47.13 3.18
C PHE A 228 -28.78 -45.69 2.82
N GLY A 229 -28.14 -44.72 3.48
CA GLY A 229 -28.41 -43.33 3.17
C GLY A 229 -27.46 -42.79 2.13
N GLY A 230 -26.18 -43.12 2.26
CA GLY A 230 -25.16 -42.61 1.38
C GLY A 230 -23.97 -42.10 2.14
N ALA A 231 -24.23 -41.34 3.20
CA ALA A 231 -23.18 -40.82 4.07
C ALA A 231 -22.37 -41.96 4.68
N GLU A 232 -21.06 -41.80 4.66
CA GLU A 232 -20.17 -42.83 5.19
C GLU A 232 -19.90 -42.60 6.67
N VAL A 233 -20.05 -43.67 7.46
CA VAL A 233 -19.94 -43.60 8.91
C VAL A 233 -18.77 -44.44 9.40
N SER A 234 -18.10 -43.99 10.45
CA SER A 234 -16.94 -44.71 10.97
C SER A 234 -16.87 -44.69 12.50
N GLY A 235 -16.51 -45.83 13.08
CA GLY A 235 -16.40 -45.95 14.53
C GLY A 235 -15.24 -46.84 14.93
N PHE A 236 -15.25 -47.28 16.18
CA PHE A 236 -14.18 -48.12 16.71
C PHE A 236 -14.74 -49.39 17.33
N GLN A 237 -13.88 -50.38 17.55
CA GLN A 237 -14.32 -51.66 18.08
C GLN A 237 -13.21 -52.35 18.86
N ILE A 238 -13.57 -52.96 19.99
CA ILE A 238 -12.62 -53.73 20.78
C ILE A 238 -13.00 -55.21 20.74
N VAL A 239 -14.27 -55.48 20.43
CA VAL A 239 -14.79 -56.82 20.41
C VAL A 239 -14.72 -57.43 19.01
N ASP A 240 -13.52 -57.82 18.58
CA ASP A 240 -13.32 -58.42 17.26
C ASP A 240 -14.04 -59.77 17.19
N TYR A 241 -15.15 -59.80 16.46
CA TYR A 241 -15.97 -61.00 16.34
C TYR A 241 -15.42 -62.02 15.36
N ASP A 242 -14.31 -61.69 14.71
CA ASP A 242 -13.63 -62.62 13.82
C ASP A 242 -12.68 -63.51 14.61
N ASP A 243 -12.23 -63.02 15.77
CA ASP A 243 -11.29 -63.75 16.61
C ASP A 243 -11.84 -65.10 17.04
N SER A 244 -10.97 -66.10 17.08
CA SER A 244 -11.36 -67.43 17.51
C SER A 244 -11.89 -67.43 18.94
N LEU A 245 -11.24 -66.66 19.81
CA LEU A 245 -11.63 -66.59 21.22
C LEU A 245 -13.01 -65.96 21.37
N VAL A 246 -13.22 -64.84 20.68
CA VAL A 246 -14.48 -64.11 20.77
C VAL A 246 -15.62 -64.89 20.12
N SER A 247 -15.37 -65.48 18.96
CA SER A 247 -16.39 -66.26 18.27
C SER A 247 -16.78 -67.49 19.07
N LYS A 248 -15.80 -68.09 19.75
CA LYS A 248 -16.03 -69.24 20.61
C LYS A 248 -16.94 -68.84 21.77
N PHE A 249 -16.73 -67.63 22.28
CA PHE A 249 -17.55 -67.09 23.37
C PHE A 249 -18.98 -66.87 22.92
N ILE A 250 -19.13 -66.13 21.83
CA ILE A 250 -20.44 -65.70 21.33
C ILE A 250 -21.44 -66.85 21.16
N GLU A 251 -20.95 -68.00 20.70
CA GLU A 251 -21.82 -69.17 20.50
C GLU A 251 -22.56 -69.57 21.77
N ARG A 252 -21.83 -69.74 22.86
CA ARG A 252 -22.43 -70.06 24.15
C ARG A 252 -23.31 -68.92 24.63
N TRP A 253 -22.83 -67.69 24.44
CA TRP A 253 -23.55 -66.48 24.83
C TRP A 253 -24.76 -66.25 23.92
N SER A 254 -24.93 -67.10 22.92
CA SER A 254 -26.08 -67.03 22.03
C SER A 254 -27.12 -68.09 22.38
N THR A 255 -26.76 -68.98 23.31
CA THR A 255 -27.61 -70.12 23.66
C THR A 255 -28.46 -69.88 24.91
N LEU A 256 -27.82 -69.34 25.93
CA LEU A 256 -28.41 -69.19 27.27
C LEU A 256 -29.82 -68.59 27.28
N GLU A 257 -30.62 -69.04 28.24
CA GLU A 257 -31.98 -68.53 28.40
C GLU A 257 -31.95 -67.07 28.82
N GLU A 258 -32.79 -66.26 28.18
CA GLU A 258 -32.86 -64.84 28.48
C GLU A 258 -33.62 -64.60 29.78
N LYS A 259 -34.09 -65.67 30.39
CA LYS A 259 -34.78 -65.61 31.67
C LYS A 259 -33.76 -65.74 32.81
N GLU A 260 -32.60 -66.30 32.51
CA GLU A 260 -31.57 -66.49 33.52
C GLU A 260 -30.41 -65.51 33.28
N TYR A 261 -30.32 -65.00 32.06
CA TYR A 261 -29.32 -64.00 31.72
C TYR A 261 -29.94 -62.94 30.81
N PRO A 262 -30.43 -61.83 31.41
CA PRO A 262 -31.14 -60.76 30.71
C PRO A 262 -30.32 -60.14 29.58
N GLY A 263 -30.96 -59.96 28.43
CA GLY A 263 -30.33 -59.33 27.28
C GLY A 263 -29.10 -60.05 26.78
N ALA A 264 -28.96 -61.33 27.17
CA ALA A 264 -27.79 -62.10 26.82
C ALA A 264 -28.10 -63.16 25.78
N HIS A 265 -29.15 -62.95 24.99
CA HIS A 265 -29.57 -63.92 23.99
C HIS A 265 -29.30 -63.38 22.58
N THR A 266 -28.12 -62.81 22.39
CA THR A 266 -27.78 -62.16 21.12
C THR A 266 -26.50 -62.73 20.49
N ALA A 267 -26.04 -62.10 19.42
CA ALA A 267 -24.83 -62.52 18.73
C ALA A 267 -23.72 -61.48 18.87
N THR A 268 -24.08 -60.32 19.41
CA THR A 268 -23.10 -59.28 19.70
C THR A 268 -23.22 -58.81 21.14
N ILE A 269 -22.11 -58.37 21.72
CA ILE A 269 -22.09 -57.95 23.12
C ILE A 269 -21.46 -56.57 23.28
N LYS A 270 -22.05 -55.76 24.16
CA LYS A 270 -21.52 -54.43 24.48
C LYS A 270 -20.10 -54.55 25.00
N TYR A 271 -19.26 -53.62 24.58
CA TYR A 271 -17.87 -53.62 25.01
C TYR A 271 -17.79 -53.50 26.54
N THR A 272 -18.73 -52.75 27.11
CA THR A 272 -18.87 -52.65 28.55
C THR A 272 -19.02 -54.03 29.18
N SER A 273 -19.99 -54.79 28.67
CA SER A 273 -20.27 -56.13 29.19
C SER A 273 -19.11 -57.09 28.93
N ALA A 274 -18.57 -57.04 27.71
CA ALA A 274 -17.47 -57.91 27.33
C ALA A 274 -16.23 -57.67 28.21
N LEU A 275 -16.00 -56.42 28.58
CA LEU A 275 -14.89 -56.06 29.46
C LEU A 275 -15.11 -56.61 30.86
N THR A 276 -16.37 -56.57 31.30
CA THR A 276 -16.76 -57.14 32.59
C THR A 276 -16.40 -58.61 32.64
N TYR A 277 -16.65 -59.31 31.53
CA TYR A 277 -16.27 -60.70 31.40
C TYR A 277 -14.76 -60.85 31.52
N ASP A 278 -14.04 -60.00 30.80
CA ASP A 278 -12.57 -60.02 30.82
C ASP A 278 -12.02 -59.62 32.18
N ALA A 279 -12.68 -58.67 32.82
CA ALA A 279 -12.30 -58.22 34.15
C ALA A 279 -12.22 -59.40 35.13
N VAL A 280 -13.23 -60.27 35.07
CA VAL A 280 -13.31 -61.43 35.94
C VAL A 280 -12.12 -62.36 35.78
N GLN A 281 -11.66 -62.54 34.56
CA GLN A 281 -10.49 -63.38 34.30
C GLN A 281 -9.24 -62.77 34.92
N VAL A 282 -9.19 -61.44 34.93
CA VAL A 282 -8.04 -60.71 35.46
C VAL A 282 -8.01 -60.75 36.98
N MET A 283 -9.18 -60.67 37.60
CA MET A 283 -9.30 -60.82 39.06
C MET A 283 -9.06 -62.27 39.45
N THR A 284 -9.33 -63.18 38.51
CA THR A 284 -9.07 -64.60 38.72
C THR A 284 -7.57 -64.85 38.69
N GLU A 285 -6.94 -64.47 37.58
CA GLU A 285 -5.51 -64.65 37.41
C GLU A 285 -4.70 -63.91 38.48
N ALA A 286 -5.27 -62.85 39.02
CA ALA A 286 -4.60 -62.06 40.05
C ALA A 286 -4.42 -62.86 41.34
N PHE A 287 -5.54 -63.26 41.94
CA PHE A 287 -5.51 -64.02 43.18
C PHE A 287 -4.93 -65.42 42.98
N ARG A 288 -4.87 -65.87 41.73
CA ARG A 288 -4.27 -67.16 41.41
C ARG A 288 -2.74 -67.04 41.36
N ASN A 289 -2.26 -65.98 40.71
CA ASN A 289 -0.82 -65.72 40.67
C ASN A 289 -0.28 -65.36 42.06
N LEU A 290 -1.17 -64.90 42.93
CA LEU A 290 -0.83 -64.66 44.33
C LEU A 290 -0.53 -65.97 45.05
N ARG A 291 -1.20 -67.03 44.62
CA ARG A 291 -1.01 -68.35 45.20
C ARG A 291 0.26 -69.02 44.69
N LYS A 292 0.54 -68.83 43.40
CA LYS A 292 1.74 -69.42 42.81
C LYS A 292 3.00 -68.80 43.36
N GLN A 293 2.85 -67.67 44.05
CA GLN A 293 3.98 -67.00 44.70
C GLN A 293 3.84 -67.06 46.22
N ARG A 294 2.75 -67.68 46.68
CA ARG A 294 2.54 -67.98 48.11
C ARG A 294 2.52 -66.75 49.03
N ILE A 295 2.13 -65.61 48.50
CA ILE A 295 1.98 -64.41 49.32
C ILE A 295 0.66 -64.48 50.08
N GLU A 296 0.74 -64.59 51.40
CA GLU A 296 -0.47 -64.67 52.21
C GLU A 296 -1.16 -63.31 52.29
N ILE A 297 -2.48 -63.31 52.06
CA ILE A 297 -3.24 -62.08 51.95
C ILE A 297 -4.35 -61.98 52.99
N SER A 298 -4.71 -63.13 53.56
CA SER A 298 -5.88 -63.23 54.43
C SER A 298 -5.87 -62.26 55.60
N ARG A 299 -6.86 -61.36 55.62
CA ARG A 299 -7.01 -60.39 56.68
C ARG A 299 -7.34 -61.11 57.98
N ARG A 300 -6.42 -61.08 58.94
CA ARG A 300 -6.60 -61.80 60.19
C ARG A 300 -7.70 -61.20 61.06
N GLY A 301 -7.95 -59.90 60.87
CA GLY A 301 -9.03 -59.22 61.57
C GLY A 301 -10.03 -58.66 60.59
N ASN A 302 -11.18 -58.24 61.09
CA ASN A 302 -12.17 -57.59 60.24
C ASN A 302 -11.63 -56.26 59.73
N ALA A 303 -12.05 -55.87 58.53
CA ALA A 303 -11.54 -54.66 57.89
C ALA A 303 -11.82 -53.40 58.70
N GLY A 304 -12.89 -53.44 59.50
CA GLY A 304 -13.24 -52.35 60.38
C GLY A 304 -14.19 -51.35 59.73
N ASP A 305 -14.07 -50.09 60.12
CA ASP A 305 -14.92 -49.04 59.60
C ASP A 305 -14.24 -48.25 58.50
N CYS A 306 -15.00 -47.93 57.45
CA CYS A 306 -14.51 -47.13 56.34
C CYS A 306 -14.13 -45.73 56.81
N LEU A 307 -14.84 -45.25 57.82
CA LEU A 307 -14.55 -43.93 58.38
C LEU A 307 -13.55 -44.02 59.52
N ALA A 308 -12.64 -44.99 59.43
CA ALA A 308 -11.62 -45.17 60.46
C ALA A 308 -10.67 -43.98 60.52
N ASN A 309 -10.63 -43.32 61.68
CA ASN A 309 -9.70 -42.23 61.90
C ASN A 309 -8.85 -42.45 63.14
N PRO A 310 -7.52 -42.40 63.00
CA PRO A 310 -6.78 -42.12 61.76
C PRO A 310 -6.89 -43.25 60.73
N ALA A 311 -6.67 -42.92 59.46
CA ALA A 311 -6.86 -43.86 58.37
C ALA A 311 -5.68 -44.82 58.21
N VAL A 312 -5.87 -46.07 58.63
CA VAL A 312 -4.83 -47.09 58.48
C VAL A 312 -5.24 -48.16 57.47
N PRO A 313 -4.40 -48.36 56.44
CA PRO A 313 -4.65 -49.38 55.41
C PRO A 313 -4.07 -50.74 55.80
N TRP A 314 -4.77 -51.80 55.43
CA TRP A 314 -4.26 -53.15 55.66
C TRP A 314 -3.07 -53.42 54.75
N GLY A 315 -2.02 -54.01 55.32
CA GLY A 315 -0.76 -54.21 54.62
C GLY A 315 -0.81 -55.07 53.37
N GLN A 316 -1.66 -56.10 53.39
CA GLN A 316 -1.75 -57.03 52.26
C GLN A 316 -2.33 -56.37 51.01
N GLY A 317 -3.11 -55.31 51.20
CA GLY A 317 -3.74 -54.61 50.09
C GLY A 317 -2.75 -54.13 49.05
N VAL A 318 -1.55 -53.75 49.50
CA VAL A 318 -0.49 -53.30 48.61
C VAL A 318 -0.12 -54.41 47.63
N GLU A 319 -0.10 -55.64 48.13
CA GLU A 319 0.27 -56.79 47.31
C GLU A 319 -0.83 -57.16 46.32
N ILE A 320 -2.06 -56.76 46.62
CA ILE A 320 -3.19 -57.08 45.76
C ILE A 320 -3.20 -56.23 44.49
N GLU A 321 -2.97 -54.93 44.66
CA GLU A 321 -2.94 -54.00 43.53
C GLU A 321 -1.88 -54.42 42.52
N ARG A 322 -0.67 -54.66 42.99
CA ARG A 322 0.43 -55.12 42.16
C ARG A 322 0.07 -56.40 41.42
N ALA A 323 -0.56 -57.33 42.14
CA ALA A 323 -0.96 -58.60 41.56
C ALA A 323 -1.90 -58.42 40.37
N LEU A 324 -2.90 -57.56 40.55
CA LEU A 324 -3.86 -57.27 39.49
C LEU A 324 -3.21 -56.67 38.25
N LYS A 325 -2.28 -55.73 38.47
CA LYS A 325 -1.68 -54.98 37.38
C LYS A 325 -0.72 -55.81 36.53
N GLN A 326 0.04 -56.69 37.17
CA GLN A 326 1.00 -57.52 36.47
C GLN A 326 0.33 -58.59 35.62
N VAL A 327 -0.94 -58.88 35.91
CA VAL A 327 -1.70 -59.87 35.15
C VAL A 327 -1.69 -59.55 33.67
N GLN A 328 -1.42 -60.57 32.86
CA GLN A 328 -1.45 -60.41 31.41
C GLN A 328 -2.09 -61.62 30.74
N VAL A 329 -3.24 -61.37 30.11
CA VAL A 329 -3.96 -62.43 29.41
C VAL A 329 -4.60 -61.89 28.15
N GLU A 330 -5.13 -62.79 27.33
CA GLU A 330 -5.92 -62.41 26.18
C GLU A 330 -7.38 -62.59 26.53
N GLY A 331 -8.23 -61.66 26.10
CA GLY A 331 -9.64 -61.77 26.36
C GLY A 331 -10.49 -61.37 25.16
N LEU A 332 -11.75 -61.01 25.43
CA LEU A 332 -12.63 -60.50 24.39
C LEU A 332 -12.12 -59.15 23.91
N SER A 333 -11.60 -58.36 24.85
CA SER A 333 -11.10 -57.02 24.54
C SER A 333 -9.64 -57.02 24.10
N GLY A 334 -9.14 -58.18 23.66
CA GLY A 334 -7.78 -58.28 23.17
C GLY A 334 -6.74 -58.55 24.23
N ASN A 335 -5.47 -58.31 23.89
CA ASN A 335 -4.36 -58.52 24.82
C ASN A 335 -4.45 -57.59 26.02
N ILE A 336 -4.87 -58.11 27.16
CA ILE A 336 -4.98 -57.30 28.36
C ILE A 336 -3.66 -57.21 29.10
N LYS A 337 -3.20 -55.97 29.31
CA LYS A 337 -2.07 -55.73 30.20
C LYS A 337 -2.16 -54.33 30.78
N PHE A 338 -1.66 -54.16 32.00
CA PHE A 338 -1.74 -52.87 32.67
C PHE A 338 -0.37 -52.32 32.97
N ASP A 339 -0.32 -51.05 33.34
CA ASP A 339 0.93 -50.39 33.69
C ASP A 339 1.03 -50.21 35.19
N GLN A 340 1.89 -49.31 35.63
CA GLN A 340 2.04 -49.02 37.04
C GLN A 340 0.80 -48.37 37.61
N ASN A 341 -0.07 -47.86 36.74
CA ASN A 341 -1.23 -47.11 37.18
C ASN A 341 -2.56 -47.67 36.68
N GLY A 342 -2.59 -48.96 36.37
CA GLY A 342 -3.83 -49.66 36.06
C GLY A 342 -4.55 -49.26 34.78
N LYS A 343 -3.80 -48.72 33.83
CA LYS A 343 -4.35 -48.40 32.51
C LYS A 343 -3.93 -49.45 31.50
N ARG A 344 -4.81 -49.75 30.55
CA ARG A 344 -4.49 -50.71 29.50
C ARG A 344 -3.31 -50.23 28.66
N ILE A 345 -2.37 -51.13 28.42
CA ILE A 345 -1.22 -50.86 27.55
C ILE A 345 -1.06 -52.02 26.59
N ASN A 346 -0.26 -51.80 25.54
CA ASN A 346 0.03 -52.86 24.57
C ASN A 346 -1.25 -53.40 23.94
N TYR A 347 -2.28 -52.56 23.91
CA TYR A 347 -3.60 -52.99 23.48
C TYR A 347 -3.87 -52.70 22.00
N THR A 348 -5.12 -52.82 21.60
CA THR A 348 -5.50 -52.70 20.20
C THR A 348 -6.93 -52.20 20.05
N ILE A 349 -7.13 -51.22 19.17
CA ILE A 349 -8.47 -50.77 18.83
C ILE A 349 -8.70 -50.85 17.33
N ASN A 350 -9.79 -51.50 16.92
CA ASN A 350 -10.11 -51.63 15.51
C ASN A 350 -10.90 -50.45 14.98
N ILE A 351 -10.73 -50.15 13.69
CA ILE A 351 -11.46 -49.06 13.05
C ILE A 351 -12.41 -49.62 12.00
N MET A 352 -13.68 -49.21 12.07
CA MET A 352 -14.71 -49.77 11.19
C MET A 352 -15.41 -48.72 10.34
N GLU A 353 -15.33 -48.87 9.02
CA GLU A 353 -16.13 -48.05 8.11
C GLU A 353 -17.41 -48.79 7.77
N LEU A 354 -18.54 -48.09 7.84
CA LEU A 354 -19.84 -48.70 7.59
C LEU A 354 -20.18 -48.69 6.11
N LYS A 355 -20.00 -49.83 5.45
CA LYS A 355 -20.27 -49.95 4.03
C LYS A 355 -21.70 -50.44 3.76
N THR A 356 -21.97 -50.75 2.50
CA THR A 356 -23.28 -51.20 2.07
C THR A 356 -23.61 -52.59 2.62
N ASN A 357 -22.61 -53.47 2.59
CA ASN A 357 -22.77 -54.86 3.01
C ASN A 357 -22.62 -55.05 4.52
N GLY A 358 -22.71 -53.96 5.26
CA GLY A 358 -22.51 -53.99 6.70
C GLY A 358 -21.14 -53.43 7.07
N PRO A 359 -20.87 -53.32 8.38
CA PRO A 359 -19.58 -52.80 8.85
C PRO A 359 -18.43 -53.72 8.48
N ARG A 360 -17.23 -53.16 8.38
CA ARG A 360 -16.05 -53.93 8.02
C ARG A 360 -14.81 -53.36 8.70
N LYS A 361 -13.91 -54.25 9.12
CA LYS A 361 -12.62 -53.84 9.64
C LYS A 361 -11.75 -53.26 8.53
N ILE A 362 -11.39 -51.99 8.65
CA ILE A 362 -10.51 -51.35 7.68
C ILE A 362 -9.10 -51.19 8.25
N GLY A 363 -8.99 -51.12 9.56
CA GLY A 363 -7.69 -50.96 10.19
C GLY A 363 -7.72 -50.98 11.71
N TYR A 364 -6.54 -50.88 12.32
CA TYR A 364 -6.42 -50.85 13.77
C TYR A 364 -5.40 -49.81 14.22
N TRP A 365 -5.63 -49.23 15.40
CA TRP A 365 -4.72 -48.26 15.98
C TRP A 365 -3.90 -48.87 17.10
N SER A 366 -2.58 -48.77 16.97
CA SER A 366 -1.68 -49.30 17.98
C SER A 366 -1.16 -48.19 18.88
N GLU A 367 -0.90 -48.52 20.13
CA GLU A 367 -0.39 -47.56 21.08
C GLU A 367 1.04 -47.16 20.72
N VAL A 368 1.68 -47.99 19.90
CA VAL A 368 3.05 -47.74 19.50
C VAL A 368 3.19 -47.48 18.00
N ASP A 369 2.30 -48.05 17.21
CA ASP A 369 2.40 -47.98 15.75
C ASP A 369 1.45 -46.96 15.14
N LYS A 370 0.67 -46.31 15.99
CA LYS A 370 -0.35 -45.35 15.55
C LYS A 370 -1.32 -46.01 14.57
N MET A 371 -1.90 -45.22 13.66
CA MET A 371 -2.88 -45.75 12.73
C MET A 371 -2.23 -46.71 11.74
N VAL A 372 -2.77 -47.93 11.67
CA VAL A 372 -2.22 -48.97 10.78
C VAL A 372 -3.25 -49.47 9.77
N LEU A 373 -2.90 -49.36 8.49
CA LEU A 373 -3.79 -49.74 7.40
C LEU A 373 -3.80 -51.25 7.18
N THR A 374 -5.00 -51.81 7.13
CA THR A 374 -5.19 -53.25 6.94
C THR A 374 -5.98 -53.50 5.68
N GLU A 375 -5.28 -53.76 4.59
CA GLU A 375 -5.92 -53.98 3.30
C GLU A 375 -6.76 -55.24 3.30
N ASP A 376 -8.08 -55.08 3.35
CA ASP A 376 -9.01 -56.20 3.31
C ASP A 376 -10.24 -55.85 2.47
N ASP A 377 -9.99 -55.23 1.32
CA ASP A 377 -11.07 -54.89 0.39
C ASP A 377 -11.66 -56.16 -0.20
N THR A 378 -10.90 -57.24 -0.11
CA THR A 378 -11.41 -58.57 -0.45
C THR A 378 -12.49 -58.99 0.52
N SER A 379 -13.60 -58.25 0.53
CA SER A 379 -14.72 -58.54 1.42
C SER A 379 -16.00 -57.94 0.84
N GLY A 380 -16.09 -57.98 -0.49
CA GLY A 380 -17.23 -57.43 -1.18
C GLY A 380 -16.81 -56.51 -2.31
N LEU A 381 -16.29 -57.09 -3.38
CA LEU A 381 -15.84 -56.30 -4.53
C LEU A 381 -17.04 -55.74 -5.28
N GLU A 382 -17.37 -54.48 -4.99
CA GLU A 382 -18.53 -53.84 -5.59
C GLU A 382 -18.18 -52.41 -6.05
N GLN A 383 -18.46 -52.13 -7.32
CA GLN A 383 -18.14 -50.83 -7.89
C GLN A 383 -19.19 -49.78 -7.49
N LYS A 384 -18.79 -48.51 -7.54
CA LYS A 384 -19.60 -47.40 -7.08
C LYS A 384 -20.34 -46.74 -8.26
N THR A 385 -21.16 -45.75 -7.93
CA THR A 385 -21.80 -44.92 -8.94
C THR A 385 -21.35 -43.46 -8.77
N VAL A 386 -20.44 -43.03 -9.64
CA VAL A 386 -19.86 -41.70 -9.54
C VAL A 386 -20.88 -40.61 -9.83
N VAL A 387 -20.98 -39.63 -8.92
CA VAL A 387 -21.96 -38.57 -9.03
C VAL A 387 -21.45 -37.42 -9.90
N VAL A 388 -22.13 -37.16 -11.01
CA VAL A 388 -21.71 -36.10 -11.92
C VAL A 388 -22.67 -34.91 -11.89
N THR A 389 -22.19 -33.79 -11.37
CA THR A 389 -22.98 -32.56 -11.36
C THR A 389 -22.71 -31.76 -12.63
N THR A 390 -23.77 -31.19 -13.21
CA THR A 390 -23.64 -30.37 -14.40
C THR A 390 -24.76 -29.32 -14.48
N ILE A 391 -24.63 -28.41 -15.44
CA ILE A 391 -25.55 -27.29 -15.56
C ILE A 391 -26.37 -27.38 -16.86
N LEU A 392 -27.63 -26.98 -16.79
CA LEU A 392 -28.51 -27.01 -17.95
C LEU A 392 -28.35 -25.76 -18.81
N GLU A 393 -27.31 -25.73 -19.63
CA GLU A 393 -27.11 -24.65 -20.58
C GLU A 393 -26.65 -25.20 -21.92
N SER A 394 -27.02 -24.51 -22.99
CA SER A 394 -26.72 -24.95 -24.35
C SER A 394 -25.37 -24.41 -24.82
N PRO A 395 -24.66 -25.19 -25.66
CA PRO A 395 -25.03 -26.52 -26.13
C PRO A 395 -24.35 -27.59 -25.29
N TYR A 396 -23.90 -27.22 -24.11
CA TYR A 396 -23.16 -28.15 -23.25
C TYR A 396 -24.06 -29.29 -22.78
N VAL A 397 -25.23 -28.94 -22.25
CA VAL A 397 -26.23 -29.93 -21.87
C VAL A 397 -27.62 -29.49 -22.28
N MET A 398 -28.30 -30.32 -23.05
CA MET A 398 -29.66 -30.02 -23.50
C MET A 398 -30.60 -31.16 -23.14
N MET A 399 -31.90 -30.84 -23.05
CA MET A 399 -32.90 -31.86 -22.83
C MET A 399 -33.24 -32.50 -24.17
N LYS A 400 -33.15 -33.82 -24.26
CA LYS A 400 -33.48 -34.50 -25.50
C LYS A 400 -34.96 -34.37 -25.78
N LYS A 401 -35.32 -34.49 -27.06
CA LYS A 401 -36.67 -34.23 -27.55
C LYS A 401 -37.77 -34.87 -26.70
N ASN A 402 -37.69 -36.19 -26.54
CA ASN A 402 -38.67 -36.92 -25.75
C ASN A 402 -38.06 -37.44 -24.46
N HIS A 403 -37.55 -36.52 -23.64
CA HIS A 403 -36.91 -36.91 -22.39
C HIS A 403 -37.92 -37.40 -21.35
N GLU A 404 -39.20 -37.31 -21.69
CA GLU A 404 -40.26 -37.86 -20.84
C GLU A 404 -40.43 -39.33 -21.15
N MET A 405 -39.86 -39.76 -22.28
CA MET A 405 -39.88 -41.16 -22.68
C MET A 405 -38.60 -41.87 -22.26
N LEU A 406 -37.63 -41.08 -21.78
CA LEU A 406 -36.31 -41.61 -21.46
C LEU A 406 -36.03 -41.49 -19.96
N GLU A 407 -34.88 -42.00 -19.53
CA GLU A 407 -34.52 -41.96 -18.12
C GLU A 407 -33.01 -41.97 -17.87
N GLY A 408 -32.60 -41.29 -16.81
CA GLY A 408 -31.21 -41.31 -16.35
C GLY A 408 -30.19 -40.68 -17.29
N ASN A 409 -29.30 -41.53 -17.80
CA ASN A 409 -28.20 -41.08 -18.64
C ASN A 409 -28.69 -40.57 -19.99
N GLU A 410 -29.74 -41.19 -20.49
CA GLU A 410 -30.25 -40.89 -21.83
C GLU A 410 -31.00 -39.56 -21.94
N ARG A 411 -31.51 -39.07 -20.82
CA ARG A 411 -32.35 -37.87 -20.80
C ARG A 411 -31.69 -36.63 -21.40
N TYR A 412 -30.38 -36.61 -21.44
CA TYR A 412 -29.67 -35.38 -21.80
C TYR A 412 -28.81 -35.50 -23.08
N GLU A 413 -28.49 -34.34 -23.64
CA GLU A 413 -27.79 -34.26 -24.92
C GLU A 413 -26.95 -32.99 -24.91
N GLY A 414 -25.73 -33.07 -25.45
CA GLY A 414 -24.89 -31.89 -25.50
C GLY A 414 -23.39 -32.12 -25.52
N TYR A 415 -22.64 -31.03 -25.46
CA TYR A 415 -21.19 -31.09 -25.53
C TYR A 415 -20.59 -31.87 -24.37
N CYS A 416 -20.95 -31.50 -23.14
CA CYS A 416 -20.45 -32.19 -21.96
C CYS A 416 -21.00 -33.60 -21.84
N VAL A 417 -22.22 -33.82 -22.35
CA VAL A 417 -22.85 -35.12 -22.30
C VAL A 417 -21.98 -36.20 -22.96
N ASP A 418 -21.48 -35.88 -24.15
CA ASP A 418 -20.57 -36.77 -24.86
C ASP A 418 -19.21 -36.79 -24.19
N LEU A 419 -18.79 -35.64 -23.67
CA LEU A 419 -17.50 -35.53 -23.01
C LEU A 419 -17.44 -36.44 -21.78
N ALA A 420 -18.54 -36.51 -21.04
CA ALA A 420 -18.62 -37.33 -19.84
C ALA A 420 -18.42 -38.81 -20.18
N ALA A 421 -18.93 -39.21 -21.35
CA ALA A 421 -18.78 -40.57 -21.82
C ALA A 421 -17.31 -40.88 -22.15
N GLU A 422 -16.59 -39.88 -22.66
CA GLU A 422 -15.20 -40.07 -23.04
C GLU A 422 -14.26 -40.02 -21.84
N ILE A 423 -14.68 -39.31 -20.79
CA ILE A 423 -13.92 -39.30 -19.54
C ILE A 423 -14.17 -40.60 -18.78
N ALA A 424 -15.39 -41.13 -18.93
CA ALA A 424 -15.75 -42.38 -18.26
C ALA A 424 -15.07 -43.58 -18.91
N LYS A 425 -14.87 -43.51 -20.22
CA LYS A 425 -14.24 -44.61 -20.95
C LYS A 425 -12.74 -44.65 -20.70
N HIS A 426 -12.12 -43.48 -20.60
CA HIS A 426 -10.69 -43.39 -20.37
C HIS A 426 -10.30 -43.72 -18.93
N CYS A 427 -11.20 -43.37 -18.00
CA CYS A 427 -10.93 -43.58 -16.58
C CYS A 427 -11.53 -44.88 -16.06
N GLY A 428 -12.62 -45.31 -16.66
CA GLY A 428 -13.20 -46.61 -16.37
C GLY A 428 -14.20 -46.65 -15.21
N PHE A 429 -15.15 -45.73 -15.21
CA PHE A 429 -16.20 -45.71 -14.19
C PHE A 429 -17.57 -45.46 -14.80
N LYS A 430 -18.62 -45.91 -14.12
CA LYS A 430 -19.98 -45.59 -14.52
C LYS A 430 -20.50 -44.42 -13.69
N TYR A 431 -21.43 -43.66 -14.26
CA TYR A 431 -21.76 -42.35 -13.71
C TYR A 431 -23.25 -41.98 -13.79
N LYS A 432 -23.67 -41.11 -12.88
CA LYS A 432 -25.03 -40.62 -12.86
C LYS A 432 -25.08 -39.12 -13.08
N LEU A 433 -25.80 -38.69 -14.11
CA LEU A 433 -25.92 -37.28 -14.44
C LEU A 433 -26.95 -36.56 -13.58
N THR A 434 -26.50 -35.54 -12.85
CA THR A 434 -27.37 -34.77 -11.97
C THR A 434 -27.23 -33.28 -12.22
N ILE A 435 -28.35 -32.61 -12.47
CA ILE A 435 -28.36 -31.17 -12.64
C ILE A 435 -28.16 -30.48 -11.29
N VAL A 436 -27.41 -29.39 -11.29
CA VAL A 436 -27.15 -28.64 -10.06
C VAL A 436 -28.44 -28.04 -9.52
N GLY A 437 -28.59 -28.08 -8.19
CA GLY A 437 -29.80 -27.61 -7.53
C GLY A 437 -30.16 -26.16 -7.81
N ASP A 438 -29.34 -25.25 -7.33
CA ASP A 438 -29.61 -23.82 -7.50
C ASP A 438 -29.29 -23.31 -8.92
N GLY A 439 -28.84 -24.21 -9.78
CA GLY A 439 -28.59 -23.88 -11.17
C GLY A 439 -27.49 -22.85 -11.38
N LYS A 440 -26.50 -22.85 -10.50
CA LYS A 440 -25.43 -21.87 -10.54
C LYS A 440 -24.05 -22.52 -10.74
N TYR A 441 -23.11 -21.76 -11.28
CA TYR A 441 -21.74 -22.25 -11.46
C TYR A 441 -21.03 -22.39 -10.13
N GLY A 442 -20.70 -21.27 -9.50
CA GLY A 442 -20.03 -21.32 -8.21
C GLY A 442 -19.23 -20.09 -7.82
N ALA A 443 -19.60 -19.52 -6.68
CA ALA A 443 -18.90 -18.36 -6.12
C ALA A 443 -19.26 -18.24 -4.65
N ARG A 444 -18.34 -17.69 -3.85
CA ARG A 444 -18.56 -17.62 -2.41
C ARG A 444 -19.33 -16.37 -2.01
N ASP A 445 -20.30 -16.56 -1.12
CA ASP A 445 -21.06 -15.45 -0.56
C ASP A 445 -20.14 -14.59 0.30
N ALA A 446 -20.32 -13.27 0.22
CA ALA A 446 -19.47 -12.34 0.95
C ALA A 446 -19.86 -12.28 2.43
N ASP A 447 -21.08 -12.72 2.73
CA ASP A 447 -21.60 -12.64 4.08
C ASP A 447 -21.50 -13.98 4.80
N THR A 448 -22.21 -14.97 4.29
CA THR A 448 -22.35 -16.26 4.96
C THR A 448 -21.14 -17.19 4.79
N LYS A 449 -20.17 -16.75 3.98
CA LYS A 449 -18.99 -17.56 3.65
C LYS A 449 -19.37 -18.89 3.01
N ILE A 450 -20.59 -18.97 2.50
CA ILE A 450 -21.14 -20.20 1.96
C ILE A 450 -20.92 -20.31 0.45
N TRP A 451 -20.24 -21.37 0.03
CA TRP A 451 -20.07 -21.65 -1.39
C TRP A 451 -21.35 -22.23 -1.97
N ASN A 452 -21.80 -21.68 -3.09
CA ASN A 452 -22.97 -22.21 -3.77
C ASN A 452 -22.62 -22.71 -5.17
N GLY A 453 -23.61 -23.26 -5.86
CA GLY A 453 -23.42 -23.75 -7.21
C GLY A 453 -22.71 -25.09 -7.30
N MET A 454 -22.15 -25.36 -8.48
CA MET A 454 -21.44 -26.62 -8.75
C MET A 454 -20.31 -26.87 -7.75
N VAL A 455 -19.48 -25.85 -7.57
CA VAL A 455 -18.36 -25.90 -6.63
C VAL A 455 -18.87 -26.26 -5.24
N GLY A 456 -20.00 -25.67 -4.87
CA GLY A 456 -20.61 -25.92 -3.57
C GLY A 456 -21.04 -27.35 -3.38
N GLU A 457 -21.58 -27.95 -4.44
CA GLU A 457 -22.01 -29.35 -4.37
C GLU A 457 -20.81 -30.31 -4.38
N LEU A 458 -19.62 -29.76 -4.52
CA LEU A 458 -18.39 -30.55 -4.43
C LEU A 458 -17.82 -30.49 -3.01
N VAL A 459 -17.44 -29.29 -2.58
CA VAL A 459 -16.79 -29.08 -1.29
C VAL A 459 -17.66 -29.50 -0.10
N TYR A 460 -18.95 -29.67 -0.33
CA TYR A 460 -19.86 -30.11 0.72
C TYR A 460 -20.23 -31.58 0.54
N GLY A 461 -19.69 -32.20 -0.50
CA GLY A 461 -19.76 -33.64 -0.68
C GLY A 461 -20.95 -34.17 -1.47
N LYS A 462 -21.85 -33.29 -1.86
CA LYS A 462 -23.09 -33.69 -2.54
C LYS A 462 -22.85 -34.25 -3.94
N ALA A 463 -21.62 -34.17 -4.42
CA ALA A 463 -21.25 -34.71 -5.73
C ALA A 463 -19.76 -35.01 -5.78
N ASP A 464 -19.35 -35.87 -6.72
CA ASP A 464 -17.96 -36.32 -6.80
C ASP A 464 -17.13 -35.66 -7.90
N ILE A 465 -17.73 -35.51 -9.08
CA ILE A 465 -17.00 -34.91 -10.21
C ILE A 465 -17.89 -33.95 -11.01
N ALA A 466 -17.34 -32.79 -11.36
CA ALA A 466 -18.11 -31.75 -12.03
C ALA A 466 -17.73 -31.59 -13.50
N ILE A 467 -18.66 -31.93 -14.39
CA ILE A 467 -18.43 -31.80 -15.82
C ILE A 467 -19.39 -30.77 -16.45
N ALA A 468 -18.90 -29.55 -16.60
CA ALA A 468 -19.71 -28.42 -17.05
C ALA A 468 -18.77 -27.30 -17.51
N PRO A 469 -19.29 -26.27 -18.18
CA PRO A 469 -18.42 -25.16 -18.57
C PRO A 469 -18.01 -24.28 -17.39
N LEU A 470 -17.26 -24.86 -16.47
CA LEU A 470 -16.80 -24.16 -15.27
C LEU A 470 -15.47 -23.46 -15.54
N THR A 471 -15.37 -22.20 -15.12
CA THR A 471 -14.18 -21.41 -15.41
C THR A 471 -13.12 -21.54 -14.31
N ILE A 472 -11.87 -21.79 -14.71
CA ILE A 472 -10.77 -21.94 -13.76
C ILE A 472 -10.33 -20.61 -13.17
N THR A 473 -10.67 -20.38 -11.90
CA THR A 473 -10.30 -19.14 -11.21
C THR A 473 -9.40 -19.39 -10.00
N LEU A 474 -8.98 -18.32 -9.35
CA LEU A 474 -8.09 -18.41 -8.20
C LEU A 474 -8.80 -18.99 -6.98
N VAL A 475 -9.84 -18.32 -6.52
CA VAL A 475 -10.59 -18.73 -5.33
C VAL A 475 -11.15 -20.14 -5.47
N ARG A 476 -11.35 -20.59 -6.71
CA ARG A 476 -11.81 -21.95 -6.95
C ARG A 476 -10.67 -22.97 -6.86
N GLU A 477 -9.50 -22.58 -7.38
CA GLU A 477 -8.31 -23.44 -7.30
C GLU A 477 -7.85 -23.62 -5.85
N GLU A 478 -8.37 -22.79 -4.95
CA GLU A 478 -8.05 -22.88 -3.54
C GLU A 478 -8.91 -23.92 -2.82
N VAL A 479 -10.16 -24.07 -3.27
CA VAL A 479 -11.11 -24.97 -2.62
C VAL A 479 -11.28 -26.31 -3.34
N ILE A 480 -11.05 -26.33 -4.66
CA ILE A 480 -11.14 -27.57 -5.43
C ILE A 480 -9.98 -27.71 -6.40
N ASP A 481 -9.83 -28.90 -6.98
CA ASP A 481 -8.79 -29.15 -7.98
C ASP A 481 -9.36 -29.09 -9.39
N PHE A 482 -8.56 -28.56 -10.31
CA PHE A 482 -8.96 -28.46 -11.71
C PHE A 482 -8.01 -29.22 -12.64
N SER A 483 -8.60 -29.86 -13.65
CA SER A 483 -7.84 -30.54 -14.67
C SER A 483 -7.26 -29.51 -15.62
N LYS A 484 -6.58 -29.97 -16.67
CA LYS A 484 -6.12 -29.06 -17.70
C LYS A 484 -7.28 -28.71 -18.63
N PRO A 485 -7.43 -27.41 -18.95
CA PRO A 485 -8.61 -26.86 -19.65
C PRO A 485 -8.93 -27.57 -20.97
N PHE A 486 -10.21 -27.88 -21.17
CA PHE A 486 -10.66 -28.57 -22.37
C PHE A 486 -11.13 -27.59 -23.45
N MET A 487 -11.08 -26.30 -23.15
CA MET A 487 -11.58 -25.27 -24.07
C MET A 487 -11.18 -23.86 -23.63
N SER A 488 -10.37 -23.20 -24.44
CA SER A 488 -9.93 -21.85 -24.16
C SER A 488 -11.03 -20.85 -24.54
N LEU A 489 -11.08 -19.72 -23.85
CA LEU A 489 -12.07 -18.69 -24.11
C LEU A 489 -11.68 -17.33 -23.54
N GLY A 490 -12.59 -16.36 -23.67
CA GLY A 490 -12.37 -15.03 -23.11
C GLY A 490 -13.63 -14.18 -23.23
N ILE A 491 -13.67 -13.08 -22.49
CA ILE A 491 -14.81 -12.18 -22.53
C ILE A 491 -14.84 -11.41 -23.85
N SER A 492 -15.94 -11.53 -24.59
CA SER A 492 -16.06 -10.92 -25.91
C SER A 492 -17.15 -9.86 -25.97
N ILE A 493 -17.51 -9.47 -27.18
CA ILE A 493 -18.54 -8.46 -27.40
C ILE A 493 -19.56 -8.93 -28.42
N MET A 494 -20.81 -9.01 -28.00
CA MET A 494 -21.89 -9.35 -28.92
C MET A 494 -22.55 -8.07 -29.44
N ILE A 495 -22.64 -7.97 -30.76
CA ILE A 495 -23.25 -6.80 -31.39
C ILE A 495 -24.45 -7.17 -32.23
N LYS A 496 -24.87 -6.22 -33.07
CA LYS A 496 -26.11 -6.33 -33.85
C LYS A 496 -25.79 -6.61 -35.32
N LYS A 497 -26.82 -6.92 -36.10
CA LYS A 497 -26.68 -7.12 -37.53
C LYS A 497 -26.67 -5.78 -38.27
N PRO A 498 -25.82 -5.65 -39.29
CA PRO A 498 -25.85 -4.49 -40.18
C PRO A 498 -26.72 -4.74 -41.42
N GLN A 499 -27.22 -3.68 -42.05
CA GLN A 499 -28.02 -3.84 -43.27
C GLN A 499 -27.13 -4.27 -44.44
N LYS A 500 -27.75 -4.93 -45.42
CA LYS A 500 -27.03 -5.36 -46.61
C LYS A 500 -27.22 -4.36 -47.74
N SER A 501 -26.19 -4.22 -48.58
CA SER A 501 -26.20 -3.27 -49.69
C SER A 501 -27.12 -3.73 -50.81
N LYS A 502 -27.91 -2.81 -51.39
CA LYS A 502 -28.04 -1.41 -50.99
C LYS A 502 -29.42 -0.96 -51.52
N PRO A 503 -29.94 0.18 -51.03
CA PRO A 503 -31.13 0.80 -51.61
C PRO A 503 -30.98 1.02 -53.12
N GLY A 504 -29.83 1.55 -53.53
CA GLY A 504 -29.51 1.72 -54.94
C GLY A 504 -30.29 2.80 -55.67
N VAL A 505 -31.62 2.65 -55.69
CA VAL A 505 -32.49 3.58 -56.39
C VAL A 505 -32.47 4.99 -55.78
N PHE A 506 -32.76 5.08 -54.48
CA PHE A 506 -32.74 6.36 -53.78
C PHE A 506 -31.34 6.77 -53.33
N SER A 507 -30.33 5.98 -53.72
CA SER A 507 -28.94 6.32 -53.45
C SER A 507 -28.36 7.11 -54.62
N PHE A 508 -29.20 7.41 -55.60
CA PHE A 508 -28.81 8.29 -56.70
C PHE A 508 -29.42 9.66 -56.50
N LEU A 509 -30.64 9.68 -55.97
CA LEU A 509 -31.35 10.93 -55.71
C LEU A 509 -30.85 11.59 -54.44
N ASP A 510 -30.01 10.87 -53.69
CA ASP A 510 -29.44 11.39 -52.44
C ASP A 510 -28.19 12.27 -52.58
N PRO A 511 -27.22 11.89 -53.45
CA PRO A 511 -26.08 12.79 -53.67
C PRO A 511 -26.52 14.18 -54.13
N LEU A 512 -27.28 14.23 -55.22
CA LEU A 512 -27.85 15.49 -55.68
C LEU A 512 -29.30 15.57 -55.21
N ALA A 513 -29.54 16.47 -54.26
CA ALA A 513 -30.82 16.55 -53.54
C ALA A 513 -32.03 16.74 -54.44
N TYR A 514 -33.21 16.41 -53.91
CA TYR A 514 -34.46 16.55 -54.65
C TYR A 514 -34.75 18.00 -55.00
N GLU A 515 -34.38 18.90 -54.11
CA GLU A 515 -34.64 20.32 -54.30
C GLU A 515 -33.74 20.90 -55.38
N ILE A 516 -32.58 20.28 -55.57
CA ILE A 516 -31.61 20.73 -56.56
C ILE A 516 -31.89 20.09 -57.92
N TRP A 517 -32.51 18.92 -57.91
CA TRP A 517 -32.98 18.30 -59.14
C TRP A 517 -34.05 19.18 -59.76
N MET A 518 -34.86 19.81 -58.91
CA MET A 518 -35.88 20.75 -59.36
C MET A 518 -35.23 22.04 -59.84
N CYS A 519 -34.31 22.56 -59.03
CA CYS A 519 -33.64 23.83 -59.31
C CYS A 519 -32.91 23.88 -60.65
N ILE A 520 -32.40 22.73 -61.11
CA ILE A 520 -31.67 22.69 -62.37
C ILE A 520 -32.61 22.45 -63.56
N VAL A 521 -33.87 22.16 -63.25
CA VAL A 521 -34.88 21.96 -64.29
C VAL A 521 -35.76 23.19 -64.47
N PHE A 522 -35.98 23.92 -63.38
CA PHE A 522 -36.67 25.21 -63.46
C PHE A 522 -35.77 26.27 -64.09
N ALA A 523 -34.46 26.08 -63.97
CA ALA A 523 -33.50 26.95 -64.61
C ALA A 523 -33.17 26.43 -66.00
N TYR A 524 -33.66 25.22 -66.28
CA TYR A 524 -33.52 24.61 -67.60
C TYR A 524 -34.61 25.14 -68.52
N ILE A 525 -35.81 25.30 -67.97
CA ILE A 525 -36.94 25.84 -68.72
C ILE A 525 -37.00 27.35 -68.59
N GLY A 526 -36.01 27.91 -67.90
CA GLY A 526 -35.90 29.35 -67.73
C GLY A 526 -34.78 29.93 -68.58
N VAL A 527 -33.98 29.04 -69.16
CA VAL A 527 -32.90 29.45 -70.05
C VAL A 527 -33.30 29.21 -71.51
N SER A 528 -33.97 28.09 -71.76
CA SER A 528 -34.49 27.79 -73.09
C SER A 528 -35.76 28.58 -73.39
N VAL A 529 -36.16 29.43 -72.45
CA VAL A 529 -37.26 30.35 -72.65
C VAL A 529 -36.70 31.77 -72.83
N VAL A 530 -35.44 31.94 -72.44
CA VAL A 530 -34.71 33.17 -72.72
C VAL A 530 -34.08 33.03 -74.12
N LEU A 531 -33.74 31.80 -74.48
CA LEU A 531 -33.29 31.49 -75.83
C LEU A 531 -34.46 31.57 -76.81
N PHE A 532 -35.67 31.39 -76.28
CA PHE A 532 -36.88 31.36 -77.08
C PHE A 532 -37.29 32.76 -77.56
N LEU A 533 -36.94 33.78 -76.77
CA LEU A 533 -37.29 35.15 -77.10
C LEU A 533 -36.23 35.83 -77.97
N VAL A 534 -35.11 35.16 -78.15
CA VAL A 534 -34.01 35.71 -78.96
C VAL A 534 -34.32 35.59 -80.46
N SER A 535 -34.73 34.40 -80.88
CA SER A 535 -35.06 34.16 -82.28
C SER A 535 -36.37 34.83 -82.68
N THR A 559 -47.35 31.35 -87.25
CA THR A 559 -46.58 31.98 -86.18
C THR A 559 -46.86 31.31 -84.84
N ASN A 560 -47.90 30.48 -84.80
CA ASN A 560 -48.28 29.77 -83.58
C ASN A 560 -47.60 28.40 -83.49
N GLU A 561 -47.22 27.87 -84.65
CA GLU A 561 -46.49 26.61 -84.70
C GLU A 561 -45.02 26.85 -85.03
N PHE A 562 -44.70 28.09 -85.40
CA PHE A 562 -43.31 28.48 -85.63
C PHE A 562 -42.64 28.75 -84.30
N GLY A 563 -43.45 28.95 -83.26
CA GLY A 563 -42.96 29.06 -81.91
C GLY A 563 -43.02 27.71 -81.23
N ILE A 564 -43.54 26.72 -81.95
CA ILE A 564 -43.59 25.35 -81.46
C ILE A 564 -42.47 24.53 -82.10
N PHE A 565 -41.76 25.16 -83.04
CA PHE A 565 -40.60 24.54 -83.68
C PHE A 565 -39.34 25.30 -83.31
N ASN A 566 -39.51 26.38 -82.55
CA ASN A 566 -38.38 27.17 -82.06
C ASN A 566 -38.24 26.99 -80.55
N SER A 567 -39.33 26.63 -79.89
CA SER A 567 -39.29 26.26 -78.48
C SER A 567 -38.92 24.79 -78.40
N LEU A 568 -39.02 24.10 -79.53
CA LEU A 568 -38.54 22.73 -79.66
C LEU A 568 -37.10 22.76 -80.13
N TRP A 569 -36.67 23.93 -80.59
CA TRP A 569 -35.28 24.14 -81.00
C TRP A 569 -34.46 24.65 -79.81
N PHE A 570 -35.10 25.45 -78.96
CA PHE A 570 -34.46 25.95 -77.76
C PHE A 570 -34.34 24.84 -76.71
N SER A 571 -35.28 23.90 -76.75
CA SER A 571 -35.23 22.75 -75.86
C SER A 571 -34.33 21.66 -76.46
N LEU A 572 -33.94 21.86 -77.71
CA LEU A 572 -32.96 20.99 -78.35
C LEU A 572 -31.57 21.57 -78.16
N GLY A 573 -31.53 22.84 -77.75
CA GLY A 573 -30.29 23.52 -77.45
C GLY A 573 -30.16 23.72 -75.95
N ALA A 574 -31.04 23.07 -75.21
CA ALA A 574 -31.00 23.09 -73.75
C ALA A 574 -30.68 21.71 -73.20
N PHE A 575 -31.12 20.67 -73.91
CA PHE A 575 -30.69 19.31 -73.60
C PHE A 575 -29.19 19.28 -73.88
N MET A 576 -28.43 19.73 -72.88
CA MET A 576 -27.04 20.18 -73.05
C MET A 576 -26.09 19.21 -73.74
N GLN A 577 -24.96 19.75 -74.20
CA GLN A 577 -23.91 18.98 -74.82
C GLN A 577 -22.58 19.75 -74.76
N PRO A 584 -25.41 31.82 -84.96
CA PRO A 584 -23.98 32.12 -84.81
C PRO A 584 -23.68 32.90 -83.53
N ARG A 585 -23.02 34.05 -83.68
CA ARG A 585 -22.56 34.82 -82.52
C ARG A 585 -23.44 36.03 -82.21
N SER A 586 -24.76 35.84 -82.24
CA SER A 586 -25.68 36.88 -81.79
C SER A 586 -25.46 37.10 -80.30
N LEU A 587 -24.81 38.21 -79.97
CA LEU A 587 -24.31 38.46 -78.61
C LEU A 587 -25.38 38.44 -77.51
N SER A 588 -26.62 38.16 -77.89
CA SER A 588 -27.68 37.91 -76.91
C SER A 588 -27.48 36.53 -76.31
N GLY A 589 -28.13 35.54 -76.91
CA GLY A 589 -28.12 34.18 -76.39
C GLY A 589 -26.78 33.46 -76.48
N ARG A 590 -25.70 34.22 -76.63
CA ARG A 590 -24.35 33.66 -76.66
C ARG A 590 -23.77 33.63 -75.25
N ILE A 591 -24.13 34.62 -74.44
CA ILE A 591 -23.73 34.63 -73.03
C ILE A 591 -24.89 34.12 -72.17
N VAL A 592 -25.90 33.56 -72.83
CA VAL A 592 -26.95 32.83 -72.15
C VAL A 592 -26.48 31.40 -71.93
N GLY A 593 -25.89 30.82 -72.97
CA GLY A 593 -25.36 29.47 -72.91
C GLY A 593 -23.89 29.43 -72.53
N GLY A 594 -23.30 30.62 -72.34
CA GLY A 594 -21.93 30.72 -71.89
C GLY A 594 -21.90 30.70 -70.37
N VAL A 595 -23.06 30.97 -69.77
CA VAL A 595 -23.21 30.93 -68.32
C VAL A 595 -24.16 29.79 -67.95
N TRP A 596 -24.79 29.20 -68.95
CA TRP A 596 -25.58 27.98 -68.74
C TRP A 596 -24.64 26.78 -68.82
N TRP A 597 -23.53 26.95 -69.53
CA TRP A 597 -22.51 25.92 -69.65
C TRP A 597 -21.65 25.88 -68.39
N PHE A 598 -21.43 27.04 -67.79
CA PHE A 598 -20.64 27.13 -66.58
C PHE A 598 -21.45 26.72 -65.35
N PHE A 599 -22.70 27.15 -65.30
CA PHE A 599 -23.60 26.78 -64.21
C PHE A 599 -23.78 25.27 -64.12
N THR A 600 -23.79 24.62 -65.28
CA THR A 600 -24.02 23.17 -65.34
C THR A 600 -22.74 22.38 -65.11
N LEU A 601 -21.59 23.02 -65.33
CA LEU A 601 -20.29 22.38 -65.09
C LEU A 601 -20.00 22.38 -63.59
N ILE A 602 -20.55 23.37 -62.91
CA ILE A 602 -20.44 23.47 -61.45
C ILE A 602 -21.27 22.37 -60.80
N ILE A 603 -22.42 22.06 -61.39
CA ILE A 603 -23.33 21.05 -60.85
C ILE A 603 -22.83 19.62 -61.04
N ILE A 604 -22.11 19.36 -62.13
CA ILE A 604 -21.54 18.03 -62.35
C ILE A 604 -20.24 17.82 -61.58
N SER A 605 -19.58 18.91 -61.19
CA SER A 605 -18.41 18.82 -60.34
C SER A 605 -18.82 18.53 -58.90
N SER A 606 -19.92 19.16 -58.47
CA SER A 606 -20.42 18.97 -57.11
C SER A 606 -21.10 17.61 -56.93
N TYR A 607 -21.67 17.08 -58.01
CA TYR A 607 -22.27 15.76 -57.95
C TYR A 607 -21.21 14.67 -57.91
N THR A 608 -20.21 14.79 -58.77
CA THR A 608 -19.12 13.80 -58.83
C THR A 608 -18.30 13.82 -57.55
N ALA A 609 -18.11 15.00 -56.97
CA ALA A 609 -17.35 15.15 -55.75
C ALA A 609 -18.07 14.54 -54.56
N ASN A 610 -19.30 14.99 -54.32
CA ASN A 610 -20.09 14.51 -53.19
C ASN A 610 -20.35 13.00 -53.25
N LEU A 611 -20.44 12.47 -54.48
CA LEU A 611 -20.67 11.04 -54.68
C LEU A 611 -19.40 10.25 -54.43
N ALA A 612 -18.26 10.92 -54.51
CA ALA A 612 -16.98 10.28 -54.24
C ALA A 612 -16.80 10.03 -52.75
N ALA A 613 -17.17 11.01 -51.94
CA ALA A 613 -17.04 10.90 -50.49
C ALA A 613 -18.05 9.92 -49.91
N PHE A 614 -19.11 9.63 -50.65
CA PHE A 614 -20.11 8.66 -50.22
C PHE A 614 -19.66 7.24 -50.50
N LEU A 615 -18.61 7.12 -51.32
CA LEU A 615 -18.01 5.82 -51.61
C LEU A 615 -16.64 5.74 -50.96
N THR A 616 -16.03 6.90 -50.75
CA THR A 616 -14.75 6.97 -50.06
C THR A 616 -14.94 6.59 -48.59
N VAL A 617 -16.11 6.91 -48.06
CA VAL A 617 -16.44 6.59 -46.67
C VAL A 617 -16.96 5.16 -46.53
N GLU A 618 -17.74 4.72 -47.51
CA GLU A 618 -18.36 3.39 -47.45
C GLU A 618 -17.31 2.27 -47.46
N ARG A 619 -16.20 2.47 -48.16
CA ARG A 619 -15.09 1.53 -48.09
C ARG A 619 -14.25 1.81 -46.84
N MET A 620 -14.44 2.97 -46.23
CA MET A 620 -13.71 3.32 -45.02
C MET A 620 -14.48 2.92 -43.77
N VAL A 621 -15.74 2.55 -43.95
CA VAL A 621 -16.59 2.10 -42.84
C VAL A 621 -15.99 0.88 -42.16
N SER A 622 -15.58 1.06 -40.91
CA SER A 622 -14.95 -0.01 -40.14
C SER A 622 -15.86 -0.42 -38.97
N PRO A 623 -16.22 -1.70 -38.91
CA PRO A 623 -17.08 -2.24 -37.85
C PRO A 623 -16.47 -2.09 -36.46
N ILE A 624 -17.29 -1.72 -35.48
CA ILE A 624 -16.84 -1.60 -34.09
C ILE A 624 -16.25 -2.91 -33.63
N GLU A 625 -14.99 -2.90 -33.21
CA GLU A 625 -14.25 -4.14 -33.03
C GLU A 625 -13.50 -4.26 -31.70
N SER A 626 -12.95 -3.16 -31.21
CA SER A 626 -12.11 -3.19 -30.01
C SER A 626 -12.87 -2.87 -28.72
N ALA A 627 -12.30 -3.31 -27.59
CA ALA A 627 -12.80 -2.97 -26.28
C ALA A 627 -12.68 -1.47 -26.08
N GLU A 628 -11.55 -0.93 -26.49
CA GLU A 628 -11.24 0.48 -26.39
C GLU A 628 -12.31 1.34 -27.06
N ASP A 629 -12.90 0.79 -28.13
CA ASP A 629 -13.93 1.49 -28.88
C ASP A 629 -15.16 1.81 -28.03
N LEU A 630 -15.71 0.80 -27.36
CA LEU A 630 -16.89 0.98 -26.52
C LEU A 630 -16.65 1.99 -25.41
N SER A 631 -15.43 2.00 -24.87
CA SER A 631 -15.08 2.93 -23.81
C SER A 631 -14.98 4.36 -24.34
N LYS A 632 -14.64 4.49 -25.61
CA LYS A 632 -14.46 5.80 -26.22
C LYS A 632 -15.77 6.54 -26.51
N GLN A 633 -16.85 5.78 -26.61
CA GLN A 633 -18.15 6.38 -26.88
C GLN A 633 -19.21 5.91 -25.89
N THR A 634 -20.43 6.42 -26.04
CA THR A 634 -21.51 6.07 -25.13
C THR A 634 -22.86 6.05 -25.84
N GLU A 635 -22.86 6.40 -27.12
CA GLU A 635 -24.09 6.42 -27.91
C GLU A 635 -24.60 5.00 -28.16
N ILE A 636 -23.69 4.04 -28.07
CA ILE A 636 -24.05 2.62 -28.14
C ILE A 636 -23.84 1.98 -26.77
N ALA A 637 -24.93 1.70 -26.09
CA ALA A 637 -24.88 1.16 -24.73
C ALA A 637 -24.19 -0.20 -24.68
N TYR A 638 -23.66 -0.55 -23.51
CA TYR A 638 -23.04 -1.86 -23.32
C TYR A 638 -23.05 -2.28 -21.85
N GLY A 639 -23.40 -3.55 -21.61
CA GLY A 639 -23.43 -4.10 -20.27
C GLY A 639 -23.11 -5.58 -20.27
N THR A 640 -23.20 -6.19 -19.10
CA THR A 640 -22.89 -7.62 -18.96
C THR A 640 -24.01 -8.36 -18.25
N LEU A 641 -23.67 -9.47 -17.63
CA LEU A 641 -24.60 -10.24 -16.82
C LEU A 641 -24.66 -9.60 -15.43
N ASP A 642 -25.84 -9.61 -14.81
CA ASP A 642 -26.02 -8.94 -13.52
C ASP A 642 -25.30 -9.65 -12.38
N SER A 643 -24.84 -10.87 -12.64
CA SER A 643 -24.09 -11.63 -11.65
C SER A 643 -23.20 -12.67 -12.33
N GLY A 644 -21.99 -12.84 -11.80
CA GLY A 644 -21.09 -13.85 -12.32
C GLY A 644 -19.68 -13.37 -12.55
N SER A 645 -18.92 -14.16 -13.31
CA SER A 645 -17.51 -13.89 -13.58
C SER A 645 -17.32 -12.65 -14.46
N THR A 646 -18.19 -12.46 -15.43
CA THR A 646 -18.09 -11.33 -16.35
C THR A 646 -18.34 -10.02 -15.61
N LYS A 647 -19.34 -10.02 -14.73
CA LYS A 647 -19.66 -8.87 -13.91
C LYS A 647 -18.52 -8.54 -12.95
N GLU A 648 -17.93 -9.59 -12.37
CA GLU A 648 -16.84 -9.44 -11.42
C GLU A 648 -15.55 -8.98 -12.07
N PHE A 649 -15.32 -9.45 -13.30
CA PHE A 649 -14.09 -9.12 -14.03
C PHE A 649 -13.91 -7.62 -14.16
N PHE A 650 -14.94 -6.95 -14.67
CA PHE A 650 -14.90 -5.50 -14.81
C PHE A 650 -14.87 -4.81 -13.45
N ARG A 651 -15.49 -5.45 -12.45
CA ARG A 651 -15.54 -4.88 -11.10
C ARG A 651 -14.16 -4.80 -10.45
N ARG A 652 -13.36 -5.84 -10.61
CA ARG A 652 -12.04 -5.91 -9.98
C ARG A 652 -10.90 -5.50 -10.90
N SER A 653 -11.21 -5.24 -12.17
CA SER A 653 -10.18 -4.89 -13.15
C SER A 653 -9.41 -3.63 -12.76
N LYS A 654 -8.09 -3.69 -12.92
CA LYS A 654 -7.22 -2.55 -12.62
C LYS A 654 -6.72 -1.90 -13.89
N ILE A 655 -6.87 -2.60 -15.02
CA ILE A 655 -6.43 -2.10 -16.31
C ILE A 655 -7.20 -0.85 -16.69
N ALA A 656 -6.52 0.08 -17.35
CA ALA A 656 -7.08 1.38 -17.70
C ALA A 656 -8.41 1.33 -18.45
N VAL A 657 -8.42 0.68 -19.62
CA VAL A 657 -9.61 0.61 -20.46
C VAL A 657 -10.79 -0.04 -19.76
N PHE A 658 -10.55 -1.22 -19.19
CA PHE A 658 -11.62 -2.00 -18.57
C PHE A 658 -12.26 -1.32 -17.36
N ASP A 659 -11.43 -0.68 -16.54
CA ASP A 659 -11.93 0.02 -15.36
C ASP A 659 -12.85 1.16 -15.75
N LYS A 660 -12.48 1.87 -16.82
CA LYS A 660 -13.32 2.96 -17.32
C LYS A 660 -14.66 2.42 -17.79
N MET A 661 -14.65 1.20 -18.31
CA MET A 661 -15.88 0.55 -18.77
C MET A 661 -16.75 0.15 -17.59
N TRP A 662 -16.12 -0.11 -16.45
CA TRP A 662 -16.85 -0.47 -15.23
C TRP A 662 -17.55 0.76 -14.65
N THR A 663 -16.84 1.88 -14.64
CA THR A 663 -17.38 3.14 -14.13
C THR A 663 -18.60 3.59 -14.93
N TYR A 664 -18.67 3.16 -16.19
CA TYR A 664 -19.82 3.47 -17.03
C TYR A 664 -20.98 2.53 -16.71
N MET A 665 -20.72 1.23 -16.72
CA MET A 665 -21.75 0.22 -16.49
C MET A 665 -22.39 0.34 -15.11
N ARG A 666 -21.63 0.84 -14.14
CA ARG A 666 -22.15 1.07 -12.80
C ARG A 666 -23.27 2.11 -12.79
N SER A 667 -22.90 3.35 -13.10
CA SER A 667 -23.83 4.48 -13.00
C SER A 667 -24.69 4.65 -14.25
N ALA A 668 -24.72 3.62 -15.10
CA ALA A 668 -25.47 3.68 -16.34
C ALA A 668 -26.97 3.91 -16.10
N GLU A 669 -27.62 4.57 -17.06
CA GLU A 669 -29.05 4.83 -16.99
C GLU A 669 -29.67 4.95 -18.39
N PRO A 670 -30.57 4.02 -18.76
CA PRO A 670 -31.07 2.88 -17.96
C PRO A 670 -30.01 1.80 -17.72
N SER A 671 -30.31 0.88 -16.81
CA SER A 671 -29.35 -0.15 -16.41
C SER A 671 -28.92 -1.03 -17.59
N VAL A 672 -27.62 -1.25 -17.69
CA VAL A 672 -27.04 -2.00 -18.80
C VAL A 672 -26.97 -3.49 -18.52
N PHE A 673 -27.22 -3.87 -17.28
CA PHE A 673 -27.10 -5.27 -16.88
C PHE A 673 -28.37 -6.06 -17.16
N VAL A 674 -28.20 -7.36 -17.42
CA VAL A 674 -29.32 -8.25 -17.70
C VAL A 674 -29.33 -9.43 -16.74
N ARG A 675 -30.52 -9.94 -16.43
CA ARG A 675 -30.68 -10.99 -15.44
C ARG A 675 -30.28 -12.37 -15.95
N THR A 676 -30.48 -12.60 -17.24
CA THR A 676 -30.07 -13.85 -17.88
C THR A 676 -29.32 -13.54 -19.17
N THR A 677 -28.82 -14.58 -19.83
CA THR A 677 -28.21 -14.42 -21.14
C THR A 677 -29.32 -14.38 -22.18
N ALA A 678 -30.47 -14.93 -21.82
CA ALA A 678 -31.65 -14.86 -22.66
C ALA A 678 -32.21 -13.44 -22.66
N GLU A 679 -31.83 -12.66 -21.67
CA GLU A 679 -32.26 -11.26 -21.57
C GLU A 679 -31.31 -10.38 -22.36
N GLY A 680 -30.01 -10.66 -22.24
CA GLY A 680 -28.99 -9.85 -22.89
C GLY A 680 -29.00 -9.95 -24.40
N VAL A 681 -29.09 -11.17 -24.91
CA VAL A 681 -29.13 -11.40 -26.35
C VAL A 681 -30.42 -10.84 -26.92
N ALA A 682 -31.49 -10.94 -26.15
CA ALA A 682 -32.78 -10.37 -26.53
C ALA A 682 -32.71 -8.85 -26.62
N ARG A 683 -31.91 -8.26 -25.73
CA ARG A 683 -31.74 -6.81 -25.71
C ARG A 683 -30.98 -6.35 -26.94
N VAL A 684 -30.01 -7.16 -27.36
CA VAL A 684 -29.18 -6.85 -28.51
C VAL A 684 -29.99 -6.83 -29.80
N ARG A 685 -30.84 -7.83 -29.99
CA ARG A 685 -31.57 -8.02 -31.24
C ARG A 685 -32.72 -7.05 -31.49
N LYS A 686 -33.09 -6.27 -30.48
CA LYS A 686 -34.22 -5.35 -30.62
C LYS A 686 -33.90 -3.91 -30.20
N SER A 687 -32.64 -3.66 -29.85
CA SER A 687 -32.21 -2.31 -29.49
C SER A 687 -31.66 -1.58 -30.71
N LYS A 688 -31.88 -2.16 -31.89
CA LYS A 688 -31.44 -1.57 -33.16
C LYS A 688 -29.96 -1.23 -33.21
N GLY A 689 -29.14 -2.02 -32.53
CA GLY A 689 -27.70 -1.84 -32.57
C GLY A 689 -27.15 -1.06 -31.39
N LYS A 690 -28.03 -0.38 -30.67
CA LYS A 690 -27.62 0.54 -29.62
C LYS A 690 -27.17 -0.15 -28.33
N TYR A 691 -27.15 -1.48 -28.33
CA TYR A 691 -26.66 -2.23 -27.17
C TYR A 691 -25.76 -3.40 -27.56
N ALA A 692 -24.69 -3.57 -26.78
CA ALA A 692 -23.77 -4.70 -26.96
C ALA A 692 -23.71 -5.52 -25.68
N TYR A 693 -23.52 -6.82 -25.82
CA TYR A 693 -23.45 -7.73 -24.67
C TYR A 693 -22.04 -8.29 -24.46
N LEU A 694 -21.49 -8.06 -23.28
CA LEU A 694 -20.18 -8.58 -22.93
C LEU A 694 -20.32 -9.95 -22.26
N LEU A 695 -19.92 -11.00 -22.99
CA LEU A 695 -20.02 -12.36 -22.49
C LEU A 695 -18.86 -13.21 -23.01
N GLU A 696 -18.75 -14.42 -22.49
CA GLU A 696 -17.65 -15.30 -22.84
C GLU A 696 -17.67 -15.71 -24.32
N SER A 697 -16.49 -15.91 -24.89
CA SER A 697 -16.32 -16.10 -26.33
C SER A 697 -17.04 -17.31 -26.89
N THR A 698 -17.16 -18.35 -26.07
CA THR A 698 -17.77 -19.60 -26.50
C THR A 698 -19.25 -19.44 -26.85
N MET A 699 -20.01 -18.81 -25.97
CA MET A 699 -21.44 -18.61 -26.20
C MET A 699 -21.71 -17.59 -27.30
N ASN A 700 -20.89 -16.54 -27.36
CA ASN A 700 -21.06 -15.47 -28.34
C ASN A 700 -21.00 -15.97 -29.79
N GLU A 701 -20.17 -16.99 -30.03
CA GLU A 701 -20.08 -17.60 -31.35
C GLU A 701 -20.91 -18.88 -31.43
N TYR A 702 -21.76 -19.10 -30.43
CA TYR A 702 -22.75 -20.17 -30.49
C TYR A 702 -24.12 -19.58 -30.77
N ILE A 703 -24.34 -18.37 -30.25
CA ILE A 703 -25.56 -17.61 -30.55
C ILE A 703 -25.44 -17.06 -31.96
N GLU A 704 -24.21 -16.97 -32.44
CA GLU A 704 -23.93 -16.48 -33.79
C GLU A 704 -24.26 -17.55 -34.83
N GLN A 705 -24.60 -18.76 -34.38
CA GLN A 705 -24.87 -19.87 -35.28
C GLN A 705 -26.36 -20.23 -35.34
N ARG A 706 -27.09 -19.91 -34.28
CA ARG A 706 -28.52 -20.18 -34.23
C ARG A 706 -29.31 -18.99 -34.79
N LYS A 707 -30.39 -19.30 -35.51
CA LYS A 707 -31.25 -18.28 -36.10
C LYS A 707 -31.75 -17.29 -35.06
N PRO A 708 -32.14 -16.07 -35.49
CA PRO A 708 -32.18 -15.50 -36.84
C PRO A 708 -30.82 -15.03 -37.37
N CYS A 709 -29.75 -15.38 -36.68
CA CYS A 709 -28.39 -15.03 -37.11
C CYS A 709 -28.18 -13.52 -37.23
N ASP A 710 -28.69 -12.77 -36.24
CA ASP A 710 -28.56 -11.32 -36.24
C ASP A 710 -27.48 -10.84 -35.29
N THR A 711 -26.60 -11.76 -34.88
CA THR A 711 -25.51 -11.43 -33.97
C THR A 711 -24.16 -11.79 -34.56
N MET A 712 -23.10 -11.16 -34.05
CA MET A 712 -21.76 -11.37 -34.58
C MET A 712 -20.68 -11.16 -33.51
N LYS A 713 -19.75 -12.10 -33.43
CA LYS A 713 -18.62 -11.96 -32.52
C LYS A 713 -17.57 -11.02 -33.10
N VAL A 714 -17.19 -10.00 -32.33
CA VAL A 714 -16.26 -8.99 -32.83
C VAL A 714 -15.05 -8.77 -31.91
N GLY A 715 -13.87 -8.66 -32.52
CA GLY A 715 -12.66 -8.28 -31.82
C GLY A 715 -11.96 -9.38 -31.05
N GLY A 716 -10.79 -9.05 -30.50
CA GLY A 716 -10.04 -9.98 -29.69
C GLY A 716 -10.58 -10.06 -28.28
N ASN A 717 -10.54 -11.27 -27.71
CA ASN A 717 -11.01 -11.50 -26.35
C ASN A 717 -10.25 -10.63 -25.36
N LEU A 718 -10.96 -10.06 -24.40
CA LEU A 718 -10.38 -9.14 -23.43
C LEU A 718 -9.27 -9.81 -22.62
N ASP A 719 -9.56 -11.00 -22.11
CA ASP A 719 -8.61 -11.77 -21.34
C ASP A 719 -8.46 -13.17 -21.94
N SER A 720 -8.19 -14.14 -21.07
CA SER A 720 -8.05 -15.53 -21.48
C SER A 720 -8.32 -16.47 -20.31
N LYS A 721 -9.47 -17.13 -20.35
CA LYS A 721 -9.89 -18.02 -19.29
C LYS A 721 -9.77 -19.48 -19.71
N GLY A 722 -10.32 -20.38 -18.90
CA GLY A 722 -10.26 -21.80 -19.21
C GLY A 722 -11.36 -22.63 -18.58
N TYR A 723 -12.07 -23.38 -19.43
CA TYR A 723 -13.07 -24.33 -18.96
C TYR A 723 -12.39 -25.64 -18.61
N GLY A 724 -12.62 -26.12 -17.39
CA GLY A 724 -12.00 -27.36 -16.95
C GLY A 724 -12.91 -28.25 -16.12
N ILE A 725 -12.58 -29.53 -16.05
CA ILE A 725 -13.31 -30.48 -15.22
C ILE A 725 -12.80 -30.41 -13.79
N ALA A 726 -13.72 -30.36 -12.83
CA ALA A 726 -13.36 -30.16 -11.43
C ALA A 726 -13.63 -31.36 -10.54
N THR A 727 -12.86 -31.46 -9.47
CA THR A 727 -13.03 -32.50 -8.45
C THR A 727 -12.66 -31.88 -7.11
N PRO A 728 -13.14 -32.48 -6.01
CA PRO A 728 -12.74 -31.98 -4.68
C PRO A 728 -11.26 -32.18 -4.46
N LYS A 729 -10.74 -31.59 -3.37
CA LYS A 729 -9.35 -31.74 -3.02
C LYS A 729 -9.02 -33.21 -2.75
N GLY A 730 -8.03 -33.73 -3.47
CA GLY A 730 -7.54 -35.07 -3.25
C GLY A 730 -8.53 -36.18 -3.52
N SER A 731 -9.28 -36.05 -4.62
CA SER A 731 -10.17 -37.12 -5.05
C SER A 731 -9.34 -38.20 -5.73
N SER A 732 -9.77 -39.46 -5.61
CA SER A 732 -9.08 -40.56 -6.26
C SER A 732 -9.23 -40.45 -7.78
N LEU A 733 -10.17 -39.60 -8.20
CA LEU A 733 -10.37 -39.30 -9.61
C LEU A 733 -9.54 -38.09 -9.99
N GLY A 734 -8.84 -37.52 -9.02
CA GLY A 734 -8.08 -36.29 -9.22
C GLY A 734 -7.07 -36.31 -10.35
N THR A 735 -6.21 -37.33 -10.38
CA THR A 735 -5.16 -37.42 -11.39
C THR A 735 -5.49 -38.11 -12.73
N PRO A 736 -6.31 -39.19 -12.71
CA PRO A 736 -6.53 -39.82 -14.03
C PRO A 736 -7.39 -38.97 -14.95
N VAL A 737 -8.30 -38.20 -14.37
CA VAL A 737 -9.16 -37.31 -15.16
C VAL A 737 -8.34 -36.25 -15.88
N ASN A 738 -7.36 -35.69 -15.18
CA ASN A 738 -6.48 -34.69 -15.76
C ASN A 738 -5.75 -35.19 -17.01
N LEU A 739 -5.21 -36.39 -16.92
CA LEU A 739 -4.48 -36.99 -18.03
C LEU A 739 -5.42 -37.42 -19.15
N ALA A 740 -6.69 -37.60 -18.81
CA ALA A 740 -7.69 -38.02 -19.79
C ALA A 740 -8.03 -36.91 -20.76
N VAL A 741 -7.96 -35.67 -20.29
CA VAL A 741 -8.29 -34.51 -21.10
C VAL A 741 -7.30 -34.30 -22.23
N LEU A 742 -6.01 -34.40 -21.90
CA LEU A 742 -4.94 -34.22 -22.87
C LEU A 742 -4.96 -35.31 -23.94
N LYS A 743 -5.48 -36.48 -23.57
CA LYS A 743 -5.64 -37.58 -24.51
C LYS A 743 -6.71 -37.25 -25.55
N LEU A 744 -7.70 -36.46 -25.13
CA LEU A 744 -8.85 -36.15 -25.97
C LEU A 744 -8.67 -34.85 -26.76
N SER A 745 -7.57 -34.13 -26.51
CA SER A 745 -7.30 -32.89 -27.22
C SER A 745 -6.26 -33.10 -28.31
N GLU A 746 -5.34 -34.03 -28.08
CA GLU A 746 -4.28 -34.31 -29.04
C GLU A 746 -4.61 -35.52 -29.91
N GLN A 747 -5.81 -36.06 -29.72
CA GLN A 747 -6.39 -37.00 -30.67
C GLN A 747 -7.47 -36.27 -31.45
N GLY A 748 -7.70 -35.02 -31.05
CA GLY A 748 -8.60 -34.12 -31.75
C GLY A 748 -10.06 -34.51 -31.66
N VAL A 749 -10.53 -34.84 -30.46
CA VAL A 749 -11.95 -35.08 -30.27
C VAL A 749 -12.58 -34.00 -29.39
N LEU A 750 -11.74 -33.10 -28.88
CA LEU A 750 -12.24 -31.89 -28.22
C LEU A 750 -12.52 -30.83 -29.29
N ASP A 751 -11.62 -30.73 -30.26
CA ASP A 751 -11.85 -29.86 -31.41
C ASP A 751 -13.03 -30.41 -32.21
N LYS A 752 -13.06 -31.74 -32.33
CA LYS A 752 -14.13 -32.43 -33.03
C LYS A 752 -15.48 -32.21 -32.36
N LEU A 753 -15.51 -32.32 -31.04
CA LEU A 753 -16.75 -32.15 -30.28
C LEU A 753 -17.26 -30.72 -30.35
N LYS A 754 -16.35 -29.75 -30.26
CA LYS A 754 -16.73 -28.35 -30.38
C LYS A 754 -17.28 -28.07 -31.77
N ASN A 755 -16.63 -28.65 -32.79
CA ASN A 755 -17.09 -28.50 -34.17
C ASN A 755 -18.43 -29.20 -34.37
N LYS A 756 -18.71 -30.18 -33.52
CA LYS A 756 -19.95 -30.95 -33.63
C LYS A 756 -21.17 -30.15 -33.17
N TRP A 757 -21.10 -29.55 -31.99
CA TRP A 757 -22.25 -28.87 -31.41
C TRP A 757 -22.37 -27.41 -31.83
N TRP A 758 -21.24 -26.78 -32.12
CA TRP A 758 -21.24 -25.39 -32.58
C TRP A 758 -21.48 -25.29 -34.09
N TYR A 759 -20.78 -26.12 -34.86
CA TYR A 759 -20.74 -25.94 -36.31
C TYR A 759 -21.53 -26.97 -37.13
N ASP A 760 -21.37 -28.26 -36.83
CA ASP A 760 -22.05 -29.30 -37.60
C ASP A 760 -23.57 -29.25 -37.45
N LYS A 761 -24.04 -28.90 -36.26
CA LYS A 761 -25.47 -28.70 -36.04
C LYS A 761 -25.80 -27.20 -36.02
N GLY A 762 -25.06 -26.44 -36.82
CA GLY A 762 -25.24 -25.01 -36.90
C GLY A 762 -26.27 -24.63 -37.95
N GLU A 763 -26.81 -23.43 -37.83
CA GLU A 763 -27.89 -22.99 -38.71
C GLU A 763 -27.50 -21.80 -39.58
N CYS A 764 -26.20 -21.50 -39.62
CA CYS A 764 -25.71 -20.40 -40.45
C CYS A 764 -24.48 -20.79 -41.24
N SER A 776 -17.76 -6.87 -53.62
CA SER A 776 -16.52 -6.15 -53.33
C SER A 776 -16.48 -4.82 -54.09
N ALA A 777 -16.64 -4.90 -55.41
CA ALA A 777 -16.61 -3.71 -56.26
C ALA A 777 -17.94 -2.97 -56.25
N LEU A 778 -18.13 -2.07 -57.21
CA LEU A 778 -19.36 -1.28 -57.29
C LEU A 778 -20.55 -2.14 -57.68
N SER A 779 -21.74 -1.76 -57.20
CA SER A 779 -22.96 -2.48 -57.50
C SER A 779 -23.72 -1.86 -58.66
N LEU A 780 -24.41 -2.70 -59.42
CA LEU A 780 -25.24 -2.26 -60.53
C LEU A 780 -26.47 -1.51 -60.02
N SER A 781 -26.80 -1.71 -58.75
CA SER A 781 -28.00 -1.13 -58.12
C SER A 781 -28.20 0.35 -58.43
N ASN A 782 -27.20 1.17 -58.10
CA ASN A 782 -27.26 2.61 -58.35
C ASN A 782 -27.26 2.97 -59.83
N VAL A 783 -26.40 2.31 -60.60
CA VAL A 783 -26.25 2.62 -62.01
C VAL A 783 -27.51 2.23 -62.80
N ALA A 784 -28.23 1.23 -62.30
CA ALA A 784 -29.42 0.72 -62.97
C ALA A 784 -30.54 1.76 -63.05
N GLY A 785 -30.70 2.55 -62.00
CA GLY A 785 -31.73 3.57 -61.95
C GLY A 785 -31.61 4.64 -63.02
N VAL A 786 -30.45 4.66 -63.70
CA VAL A 786 -30.22 5.58 -64.81
C VAL A 786 -30.50 4.88 -66.14
N PHE A 787 -30.43 3.55 -66.13
CA PHE A 787 -30.69 2.75 -67.32
C PHE A 787 -32.18 2.71 -67.66
N TYR A 788 -33.02 2.96 -66.66
CA TYR A 788 -34.47 2.98 -66.86
C TYR A 788 -34.94 4.31 -67.44
N ILE A 789 -34.33 5.39 -66.98
CA ILE A 789 -34.70 6.72 -67.44
C ILE A 789 -34.18 6.98 -68.86
N LEU A 790 -33.29 6.12 -69.32
CA LEU A 790 -32.80 6.20 -70.69
C LEU A 790 -33.77 5.47 -71.63
N VAL A 791 -34.15 4.26 -71.26
CA VAL A 791 -35.13 3.48 -72.00
C VAL A 791 -36.52 4.09 -71.81
N GLY A 792 -36.63 4.95 -70.80
CA GLY A 792 -37.84 5.73 -70.58
C GLY A 792 -37.79 7.03 -71.36
N GLY A 793 -36.68 7.24 -72.06
CA GLY A 793 -36.50 8.42 -72.89
C GLY A 793 -36.46 8.02 -74.36
N LEU A 794 -35.98 6.81 -74.61
CA LEU A 794 -36.03 6.22 -75.94
C LEU A 794 -37.46 5.92 -76.34
N GLY A 795 -38.21 5.33 -75.41
CA GLY A 795 -39.61 5.01 -75.65
C GLY A 795 -40.42 6.26 -75.83
N LEU A 796 -40.05 7.31 -75.08
CA LEU A 796 -40.65 8.62 -75.23
C LEU A 796 -40.37 9.16 -76.63
N ALA A 797 -39.21 8.81 -77.17
CA ALA A 797 -38.85 9.24 -78.52
C ALA A 797 -39.30 8.21 -79.57
N MET A 798 -39.83 7.09 -79.10
CA MET A 798 -40.52 6.13 -79.96
C MET A 798 -42.00 6.48 -79.95
N LEU A 799 -42.31 7.61 -79.32
CA LEU A 799 -43.68 8.10 -79.21
C LEU A 799 -43.78 9.48 -79.85
N VAL A 800 -42.71 10.26 -79.75
CA VAL A 800 -42.64 11.57 -80.39
C VAL A 800 -42.35 11.39 -81.89
N ALA A 801 -41.57 10.36 -82.20
CA ALA A 801 -41.29 10.01 -83.59
C ALA A 801 -42.56 9.61 -84.33
N LEU A 802 -43.37 8.78 -83.69
CA LEU A 802 -44.59 8.27 -84.30
C LEU A 802 -45.62 9.37 -84.60
N ILE A 803 -45.71 10.35 -83.71
CA ILE A 803 -46.70 11.42 -83.86
C ILE A 803 -46.22 12.52 -84.81
N GLU A 804 -45.03 12.35 -85.37
CA GLU A 804 -44.50 13.31 -86.34
C GLU A 804 -44.78 12.85 -87.77
N PHE A 805 -44.73 11.54 -88.00
CA PHE A 805 -45.00 10.98 -89.31
C PHE A 805 -46.50 10.87 -89.58
N CYS A 806 -47.30 11.33 -88.63
CA CYS A 806 -48.75 11.35 -88.79
C CYS A 806 -49.30 12.76 -88.86
N TYR A 807 -48.44 13.75 -88.59
CA TYR A 807 -48.80 15.14 -88.80
C TYR A 807 -48.41 15.57 -90.21
N LYS A 808 -47.28 15.04 -90.67
CA LYS A 808 -46.78 15.32 -92.01
C LYS A 808 -47.11 14.17 -92.96
N ASN B 1 -29.94 -20.27 74.11
CA ASN B 1 -30.00 -20.30 72.65
C ASN B 1 -28.66 -20.64 72.01
N SER B 2 -28.20 -21.87 72.24
CA SER B 2 -26.93 -22.32 71.69
C SER B 2 -27.16 -23.09 70.39
N ILE B 3 -26.93 -22.44 69.26
CA ILE B 3 -27.10 -23.07 67.95
C ILE B 3 -25.75 -23.54 67.40
N GLN B 4 -25.69 -24.82 67.01
CA GLN B 4 -24.46 -25.40 66.51
C GLN B 4 -24.41 -25.46 64.98
N ILE B 5 -23.32 -24.95 64.40
CA ILE B 5 -23.14 -24.96 62.95
C ILE B 5 -21.79 -25.56 62.57
N GLY B 6 -21.68 -26.05 61.33
CA GLY B 6 -20.47 -26.69 60.87
C GLY B 6 -19.60 -25.78 60.02
N GLY B 7 -18.30 -25.78 60.30
CA GLY B 7 -17.35 -24.94 59.59
C GLY B 7 -16.25 -25.75 58.91
N LEU B 8 -16.23 -25.70 57.59
CA LEU B 8 -15.26 -26.47 56.80
C LEU B 8 -14.33 -25.55 56.00
N PHE B 9 -13.10 -25.39 56.48
CA PHE B 9 -12.14 -24.51 55.82
C PHE B 9 -10.96 -25.29 55.26
N PRO B 10 -10.47 -24.88 54.09
CA PRO B 10 -9.31 -25.51 53.44
C PRO B 10 -8.03 -25.02 54.09
N ARG B 11 -7.00 -25.86 54.13
CA ARG B 11 -5.72 -25.49 54.73
C ARG B 11 -5.15 -24.24 54.07
N GLY B 12 -5.03 -23.17 54.85
CA GLY B 12 -4.42 -21.94 54.36
C GLY B 12 -5.40 -21.03 53.63
N ALA B 13 -6.61 -20.93 54.14
CA ALA B 13 -7.55 -19.93 53.66
C ALA B 13 -7.71 -18.86 54.74
N ASP B 14 -6.57 -18.44 55.27
CA ASP B 14 -6.49 -17.59 56.47
C ASP B 14 -7.37 -16.33 56.45
N GLN B 15 -7.38 -15.60 55.34
CA GLN B 15 -8.18 -14.38 55.27
C GLN B 15 -9.67 -14.70 55.29
N GLU B 16 -10.05 -15.81 54.67
CA GLU B 16 -11.44 -16.24 54.67
C GLU B 16 -11.89 -16.56 56.09
N TYR B 17 -10.99 -17.14 56.88
CA TYR B 17 -11.34 -17.52 58.25
C TYR B 17 -11.41 -16.31 59.18
N SER B 18 -10.53 -15.33 58.96
CA SER B 18 -10.55 -14.11 59.76
C SER B 18 -11.83 -13.34 59.48
N ALA B 19 -12.21 -13.28 58.21
CA ALA B 19 -13.45 -12.65 57.81
C ALA B 19 -14.64 -13.35 58.46
N PHE B 20 -14.52 -14.66 58.62
CA PHE B 20 -15.54 -15.46 59.29
C PHE B 20 -15.67 -15.01 60.74
N ARG B 21 -14.55 -14.65 61.35
CA ARG B 21 -14.54 -14.25 62.76
C ARG B 21 -15.06 -12.84 63.00
N VAL B 22 -14.72 -11.93 62.10
CA VAL B 22 -15.22 -10.55 62.20
C VAL B 22 -16.72 -10.57 61.97
N GLY B 23 -17.16 -11.43 61.06
CA GLY B 23 -18.57 -11.67 60.84
C GLY B 23 -19.25 -12.18 62.09
N MET B 24 -18.56 -13.05 62.83
CA MET B 24 -19.10 -13.58 64.08
C MET B 24 -19.45 -12.45 65.04
N VAL B 25 -18.45 -11.64 65.36
CA VAL B 25 -18.61 -10.54 66.31
C VAL B 25 -19.63 -9.50 65.83
N GLN B 26 -19.58 -9.16 64.55
CA GLN B 26 -20.45 -8.11 64.00
C GLN B 26 -21.94 -8.48 64.03
N PHE B 27 -22.26 -9.71 63.65
CA PHE B 27 -23.67 -10.12 63.54
C PHE B 27 -24.16 -10.95 64.73
N SER B 28 -23.30 -11.12 65.74
CA SER B 28 -23.69 -11.84 66.95
C SER B 28 -24.75 -11.03 67.69
N THR B 29 -25.77 -11.72 68.19
CA THR B 29 -26.84 -11.06 68.92
C THR B 29 -27.01 -11.70 70.30
N SER B 30 -28.03 -11.25 71.03
CA SER B 30 -28.31 -11.78 72.37
C SER B 30 -29.59 -12.60 72.37
N GLU B 31 -30.30 -12.60 71.25
CA GLU B 31 -31.44 -13.50 71.08
C GLU B 31 -30.87 -14.91 71.06
N PHE B 32 -29.88 -15.11 70.20
CA PHE B 32 -29.18 -16.38 70.09
C PHE B 32 -27.72 -16.17 69.73
N ARG B 33 -26.96 -17.26 69.70
CA ARG B 33 -25.54 -17.18 69.41
C ARG B 33 -25.08 -18.43 68.65
N LEU B 34 -24.63 -18.21 67.41
CA LEU B 34 -24.16 -19.32 66.58
C LEU B 34 -22.87 -19.91 67.14
N THR B 35 -22.91 -21.20 67.46
CA THR B 35 -21.74 -21.90 67.96
C THR B 35 -21.11 -22.70 66.83
N PRO B 36 -20.02 -22.18 66.25
CA PRO B 36 -19.37 -22.81 65.10
C PRO B 36 -18.30 -23.81 65.50
N HIS B 37 -18.44 -25.04 65.05
CA HIS B 37 -17.37 -26.02 65.18
C HIS B 37 -16.60 -26.08 63.87
N ILE B 38 -15.30 -25.84 63.94
CA ILE B 38 -14.47 -25.70 62.75
C ILE B 38 -13.72 -26.97 62.39
N ASP B 39 -13.69 -27.31 61.10
CA ASP B 39 -12.92 -28.44 60.60
C ASP B 39 -11.92 -28.01 59.54
N ASN B 40 -10.64 -28.00 59.90
CA ASN B 40 -9.58 -27.70 58.95
C ASN B 40 -9.21 -28.93 58.13
N LEU B 41 -9.39 -28.84 56.82
CA LEU B 41 -9.28 -30.00 55.97
C LEU B 41 -8.71 -29.69 54.59
N GLU B 42 -8.08 -30.70 54.00
CA GLU B 42 -7.62 -30.61 52.63
C GLU B 42 -8.84 -30.80 51.73
N VAL B 43 -9.44 -29.69 51.35
CA VAL B 43 -10.73 -29.69 50.65
C VAL B 43 -10.71 -30.44 49.32
N ALA B 44 -9.51 -30.63 48.77
CA ALA B 44 -9.36 -31.39 47.53
C ALA B 44 -9.62 -32.87 47.79
N ASN B 45 -9.15 -33.36 48.94
CA ASN B 45 -9.35 -34.75 49.32
C ASN B 45 -10.81 -35.03 49.69
N SER B 46 -11.44 -35.94 48.95
CA SER B 46 -12.84 -36.28 49.18
C SER B 46 -13.03 -37.13 50.43
N PHE B 47 -12.07 -38.01 50.70
CA PHE B 47 -12.10 -38.86 51.89
C PHE B 47 -12.24 -38.01 53.14
N ALA B 48 -11.38 -36.99 53.24
CA ALA B 48 -11.35 -36.11 54.39
C ALA B 48 -12.62 -35.26 54.49
N VAL B 49 -13.21 -34.95 53.34
CA VAL B 49 -14.45 -34.21 53.30
C VAL B 49 -15.60 -35.06 53.84
N THR B 50 -15.70 -36.29 53.35
CA THR B 50 -16.72 -37.22 53.81
C THR B 50 -16.65 -37.40 55.32
N ASN B 51 -15.42 -37.59 55.82
CA ASN B 51 -15.19 -37.71 57.24
C ASN B 51 -15.64 -36.48 58.01
N ALA B 52 -15.10 -35.33 57.63
CA ALA B 52 -15.34 -34.07 58.32
C ALA B 52 -16.83 -33.73 58.35
N PHE B 53 -17.52 -34.08 57.27
CA PHE B 53 -18.96 -33.87 57.22
C PHE B 53 -19.66 -34.74 58.25
N CYS B 54 -19.36 -36.03 58.23
CA CYS B 54 -19.97 -37.00 59.15
C CYS B 54 -19.74 -36.60 60.61
N SER B 55 -18.59 -35.98 60.86
CA SER B 55 -18.26 -35.46 62.18
C SER B 55 -19.25 -34.36 62.57
N GLN B 56 -19.42 -33.38 61.69
CA GLN B 56 -20.36 -32.29 61.91
C GLN B 56 -21.78 -32.80 62.08
N PHE B 57 -22.13 -33.83 61.30
CA PHE B 57 -23.45 -34.42 61.39
C PHE B 57 -23.64 -35.05 62.77
N SER B 58 -22.74 -35.97 63.12
CA SER B 58 -22.84 -36.73 64.36
C SER B 58 -22.83 -35.86 65.63
N ARG B 59 -22.23 -34.68 65.54
CA ARG B 59 -22.25 -33.72 66.64
C ARG B 59 -23.64 -33.13 66.77
N GLY B 60 -24.33 -33.04 65.65
CA GLY B 60 -25.64 -32.41 65.60
C GLY B 60 -25.54 -30.94 65.25
N VAL B 61 -25.16 -30.65 64.02
CA VAL B 61 -25.16 -29.27 63.53
C VAL B 61 -26.47 -29.00 62.81
N TYR B 62 -26.85 -27.73 62.72
CA TYR B 62 -28.10 -27.38 62.05
C TYR B 62 -27.85 -26.92 60.62
N ALA B 63 -26.60 -26.58 60.32
CA ALA B 63 -26.18 -26.20 58.98
C ALA B 63 -24.65 -26.13 58.92
N ILE B 64 -24.09 -26.37 57.74
CA ILE B 64 -22.65 -26.32 57.57
C ILE B 64 -22.25 -25.23 56.58
N PHE B 65 -21.31 -24.38 56.99
CA PHE B 65 -20.68 -23.46 56.06
C PHE B 65 -19.31 -24.00 55.72
N GLY B 66 -18.97 -24.01 54.43
CA GLY B 66 -17.68 -24.50 54.01
C GLY B 66 -17.37 -24.25 52.54
N PHE B 67 -16.29 -24.86 52.07
CA PHE B 67 -15.88 -24.73 50.69
C PHE B 67 -15.80 -26.12 50.06
N TYR B 68 -15.67 -26.17 48.75
CA TYR B 68 -15.44 -27.44 48.06
C TYR B 68 -14.60 -27.28 46.81
N ASP B 69 -13.87 -28.33 46.48
CA ASP B 69 -13.20 -28.42 45.19
C ASP B 69 -14.26 -28.92 44.20
N LYS B 70 -13.98 -28.82 42.91
CA LYS B 70 -14.87 -29.41 41.92
C LYS B 70 -14.74 -30.93 41.97
N LYS B 71 -13.59 -31.38 42.46
CA LYS B 71 -13.34 -32.80 42.64
C LYS B 71 -14.13 -33.35 43.83
N SER B 72 -14.47 -32.47 44.76
CA SER B 72 -15.09 -32.88 46.01
C SER B 72 -16.59 -32.57 46.09
N VAL B 73 -17.02 -31.55 45.35
CA VAL B 73 -18.38 -31.01 45.46
C VAL B 73 -19.48 -32.07 45.39
N ASN B 74 -19.25 -33.14 44.63
CA ASN B 74 -20.24 -34.19 44.50
C ASN B 74 -20.54 -34.93 45.81
N THR B 75 -19.51 -35.16 46.61
CA THR B 75 -19.68 -35.72 47.94
C THR B 75 -20.53 -34.76 48.79
N ILE B 76 -20.32 -33.46 48.61
CA ILE B 76 -21.07 -32.44 49.33
C ILE B 76 -22.55 -32.40 48.92
N THR B 77 -22.80 -32.27 47.62
CA THR B 77 -24.18 -32.16 47.13
C THR B 77 -24.97 -33.45 47.32
N SER B 78 -24.27 -34.54 47.62
CA SER B 78 -24.94 -35.82 47.86
C SER B 78 -25.35 -35.96 49.32
N PHE B 79 -24.40 -35.79 50.22
CA PHE B 79 -24.66 -35.91 51.64
C PHE B 79 -25.59 -34.80 52.14
N CYS B 80 -25.62 -33.69 51.41
CA CYS B 80 -26.52 -32.59 51.74
C CYS B 80 -27.93 -32.82 51.19
N GLY B 81 -28.00 -33.28 49.94
CA GLY B 81 -29.27 -33.61 49.33
C GLY B 81 -29.94 -34.81 49.99
N THR B 82 -29.14 -35.69 50.59
CA THR B 82 -29.66 -36.86 51.29
C THR B 82 -30.09 -36.51 52.70
N LEU B 83 -29.12 -36.18 53.55
CA LEU B 83 -29.38 -35.94 54.97
C LEU B 83 -30.01 -34.57 55.22
N HIS B 84 -30.40 -33.89 54.14
CA HIS B 84 -31.04 -32.57 54.21
C HIS B 84 -30.21 -31.54 54.97
N VAL B 85 -28.92 -31.80 55.09
CA VAL B 85 -28.00 -30.88 55.73
C VAL B 85 -27.82 -29.66 54.85
N SER B 86 -27.94 -28.48 55.44
CA SER B 86 -27.81 -27.23 54.69
C SER B 86 -26.35 -26.81 54.55
N PHE B 87 -25.94 -26.49 53.32
CA PHE B 87 -24.55 -26.10 53.06
C PHE B 87 -24.47 -24.70 52.47
N ILE B 88 -23.61 -23.88 53.08
CA ILE B 88 -23.38 -22.52 52.62
C ILE B 88 -21.94 -22.39 52.11
N THR B 89 -21.77 -21.83 50.91
CA THR B 89 -20.44 -21.73 50.31
C THR B 89 -20.24 -20.52 49.42
N PRO B 90 -19.04 -19.92 49.50
CA PRO B 90 -18.58 -18.87 48.59
C PRO B 90 -17.96 -19.48 47.34
N SER B 91 -17.85 -20.80 47.31
CA SER B 91 -17.25 -21.50 46.18
C SER B 91 -18.16 -21.47 44.96
N PHE B 92 -17.63 -21.93 43.83
CA PHE B 92 -18.31 -21.83 42.54
C PHE B 92 -19.65 -22.55 42.52
N PRO B 93 -20.59 -22.04 41.70
CA PRO B 93 -21.93 -22.62 41.53
C PRO B 93 -21.88 -24.10 41.17
N THR B 94 -22.91 -24.85 41.54
CA THR B 94 -22.95 -26.28 41.25
C THR B 94 -23.48 -26.53 39.84
N ASP B 95 -22.93 -27.55 39.18
CA ASP B 95 -23.36 -27.90 37.83
C ASP B 95 -24.80 -28.40 37.84
N GLY B 96 -25.74 -27.47 37.91
CA GLY B 96 -27.15 -27.82 37.88
C GLY B 96 -27.93 -27.33 39.08
N THR B 97 -28.95 -28.10 39.46
CA THR B 97 -29.84 -27.72 40.54
C THR B 97 -29.73 -28.68 41.71
N HIS B 98 -28.79 -28.39 42.60
CA HIS B 98 -28.62 -29.21 43.81
C HIS B 98 -29.31 -28.57 45.01
N PRO B 99 -30.02 -29.39 45.79
CA PRO B 99 -30.77 -28.91 46.94
C PRO B 99 -29.87 -28.69 48.16
N PHE B 100 -30.37 -27.92 49.12
CA PHE B 100 -29.67 -27.69 50.40
C PHE B 100 -28.25 -27.15 50.24
N VAL B 101 -28.00 -26.50 49.10
CA VAL B 101 -26.74 -25.84 48.89
C VAL B 101 -26.98 -24.36 48.63
N ILE B 102 -26.45 -23.52 49.51
CA ILE B 102 -26.62 -22.09 49.38
C ILE B 102 -25.34 -21.48 48.82
N GLN B 103 -25.27 -21.37 47.49
CA GLN B 103 -24.09 -20.84 46.82
C GLN B 103 -24.03 -19.31 46.87
N MET B 104 -23.16 -18.79 47.73
CA MET B 104 -22.99 -17.35 47.88
C MET B 104 -22.39 -16.72 46.64
N ARG B 105 -21.57 -17.48 45.92
CA ARG B 105 -20.93 -16.98 44.71
C ARG B 105 -21.97 -16.78 43.62
N PRO B 106 -22.07 -15.54 43.10
CA PRO B 106 -22.95 -15.22 41.98
C PRO B 106 -22.52 -15.95 40.71
N ASP B 107 -23.46 -16.25 39.83
CA ASP B 107 -23.12 -16.89 38.55
C ASP B 107 -22.40 -15.87 37.69
N LEU B 108 -21.23 -16.25 37.17
CA LEU B 108 -20.37 -15.33 36.44
C LEU B 108 -20.50 -15.46 34.92
N LYS B 109 -20.93 -16.63 34.46
CA LYS B 109 -21.00 -16.94 33.04
C LYS B 109 -21.77 -15.91 32.22
N GLY B 110 -22.94 -15.51 32.72
CA GLY B 110 -23.77 -14.53 32.03
C GLY B 110 -23.06 -13.20 31.87
N ALA B 111 -22.32 -12.80 32.89
CA ALA B 111 -21.58 -11.54 32.86
C ALA B 111 -20.53 -11.57 31.76
N LEU B 112 -19.66 -12.56 31.80
CA LEU B 112 -18.58 -12.70 30.83
C LEU B 112 -19.06 -12.65 29.38
N LEU B 113 -20.13 -13.37 29.09
CA LEU B 113 -20.66 -13.43 27.73
C LEU B 113 -21.13 -12.07 27.22
N SER B 114 -21.64 -11.24 28.13
CA SER B 114 -22.07 -9.90 27.75
C SER B 114 -20.87 -9.06 27.34
N LEU B 115 -19.80 -9.13 28.13
CA LEU B 115 -18.61 -8.32 27.90
C LEU B 115 -17.95 -8.62 26.57
N ILE B 116 -18.06 -9.87 26.11
CA ILE B 116 -17.43 -10.28 24.86
C ILE B 116 -18.07 -9.60 23.65
N GLU B 117 -19.40 -9.56 23.63
CA GLU B 117 -20.11 -8.86 22.56
C GLU B 117 -19.91 -7.34 22.66
N TYR B 118 -19.64 -6.87 23.87
CA TYR B 118 -19.41 -5.45 24.11
C TYR B 118 -18.15 -4.94 23.42
N TYR B 119 -17.03 -5.62 23.65
CA TYR B 119 -15.78 -5.28 22.99
C TYR B 119 -15.82 -5.71 21.53
N GLN B 120 -16.86 -6.44 21.17
CA GLN B 120 -17.06 -6.95 19.82
C GLN B 120 -15.93 -7.86 19.33
N TRP B 121 -15.46 -8.73 20.22
CA TRP B 121 -14.49 -9.74 19.83
C TRP B 121 -15.15 -10.75 18.89
N ASP B 122 -14.35 -11.38 18.03
CA ASP B 122 -14.88 -12.37 17.09
C ASP B 122 -14.02 -13.62 17.10
N LYS B 123 -12.80 -13.48 17.62
CA LYS B 123 -11.82 -14.55 17.59
C LYS B 123 -10.82 -14.38 18.74
N PHE B 124 -10.88 -15.26 19.73
CA PHE B 124 -9.99 -15.15 20.88
C PHE B 124 -9.49 -16.49 21.38
N ALA B 125 -8.71 -16.44 22.46
CA ALA B 125 -8.11 -17.63 23.05
C ALA B 125 -8.50 -17.77 24.51
N TYR B 126 -9.24 -18.83 24.81
CA TYR B 126 -9.74 -19.09 26.15
C TYR B 126 -8.82 -20.04 26.89
N LEU B 127 -8.19 -19.56 27.95
CA LEU B 127 -7.28 -20.38 28.75
C LEU B 127 -7.91 -20.71 30.10
N TYR B 128 -7.68 -21.93 30.57
CA TYR B 128 -8.41 -22.42 31.75
C TYR B 128 -7.74 -23.59 32.46
N ASP B 129 -8.12 -23.79 33.72
CA ASP B 129 -7.94 -25.07 34.39
C ASP B 129 -9.33 -25.57 34.80
N SER B 130 -9.39 -26.77 35.37
CA SER B 130 -10.68 -27.40 35.64
C SER B 130 -11.21 -27.10 37.05
N ASP B 131 -10.41 -26.41 37.86
CA ASP B 131 -10.68 -26.29 39.30
C ASP B 131 -11.98 -25.58 39.72
N ARG B 132 -12.73 -25.06 38.76
CA ARG B 132 -14.06 -24.54 39.05
C ARG B 132 -15.06 -25.06 38.04
N GLY B 133 -14.84 -26.29 37.59
CA GLY B 133 -15.68 -26.89 36.59
C GLY B 133 -15.39 -26.33 35.22
N LEU B 134 -16.04 -26.91 34.21
CA LEU B 134 -15.88 -26.44 32.85
C LEU B 134 -17.22 -25.97 32.33
N SER B 135 -18.13 -25.67 33.26
CA SER B 135 -19.46 -25.16 32.94
C SER B 135 -19.37 -23.79 32.27
N THR B 136 -18.25 -23.10 32.50
CA THR B 136 -17.98 -21.82 31.86
C THR B 136 -17.48 -22.05 30.44
N LEU B 137 -16.61 -23.03 30.28
CA LEU B 137 -16.05 -23.35 28.97
C LEU B 137 -17.14 -23.85 28.02
N GLN B 138 -18.09 -24.61 28.56
CA GLN B 138 -19.25 -25.05 27.78
C GLN B 138 -20.02 -23.83 27.30
N ALA B 139 -20.09 -22.81 28.14
CA ALA B 139 -20.84 -21.61 27.82
C ALA B 139 -20.21 -20.81 26.68
N VAL B 140 -18.89 -20.83 26.59
CA VAL B 140 -18.20 -20.09 25.55
C VAL B 140 -18.13 -20.90 24.26
N LEU B 141 -18.38 -22.20 24.35
CA LEU B 141 -18.37 -23.06 23.17
C LEU B 141 -19.75 -23.16 22.53
N ASP B 142 -20.80 -23.10 23.35
CA ASP B 142 -22.16 -23.11 22.83
C ASP B 142 -22.51 -21.74 22.26
N SER B 143 -21.91 -20.69 22.82
CA SER B 143 -22.13 -19.34 22.32
C SER B 143 -21.43 -19.14 20.99
N ALA B 144 -20.15 -19.52 20.94
CA ALA B 144 -19.32 -19.35 19.75
C ALA B 144 -19.99 -19.94 18.52
N ALA B 145 -20.64 -21.09 18.69
CA ALA B 145 -21.35 -21.72 17.60
C ALA B 145 -22.51 -20.83 17.12
N GLU B 146 -23.23 -20.25 18.07
CA GLU B 146 -24.45 -19.51 17.76
C GLU B 146 -24.20 -18.07 17.29
N LYS B 147 -22.98 -17.57 17.49
CA LYS B 147 -22.66 -16.20 17.12
C LYS B 147 -21.39 -16.10 16.27
N LYS B 148 -20.96 -17.24 15.73
CA LYS B 148 -19.79 -17.31 14.86
C LYS B 148 -18.50 -16.76 15.50
N TRP B 149 -17.92 -17.54 16.40
CA TRP B 149 -16.62 -17.20 16.99
C TRP B 149 -15.62 -18.31 16.72
N GLN B 150 -14.36 -17.95 16.52
CA GLN B 150 -13.30 -18.94 16.47
C GLN B 150 -12.51 -18.87 17.77
N VAL B 151 -12.69 -19.89 18.61
CA VAL B 151 -12.09 -19.89 19.93
C VAL B 151 -10.99 -20.94 20.04
N THR B 152 -9.81 -20.51 20.49
CA THR B 152 -8.71 -21.44 20.75
C THR B 152 -8.64 -21.74 22.24
N ALA B 153 -9.30 -22.82 22.66
CA ALA B 153 -9.34 -23.20 24.06
C ALA B 153 -8.15 -24.10 24.40
N ILE B 154 -7.34 -23.64 25.36
CA ILE B 154 -6.16 -24.39 25.76
C ILE B 154 -6.17 -24.66 27.28
N ASN B 155 -6.12 -25.93 27.66
CA ASN B 155 -6.09 -26.31 29.06
C ASN B 155 -4.70 -26.09 29.66
N VAL B 156 -4.61 -25.16 30.61
CA VAL B 156 -3.31 -24.74 31.12
C VAL B 156 -3.15 -25.00 32.62
N GLY B 157 -3.95 -25.90 33.15
CA GLY B 157 -3.91 -26.20 34.58
C GLY B 157 -3.09 -27.43 34.93
N ASN B 158 -2.97 -28.34 33.96
CA ASN B 158 -2.22 -29.58 34.16
C ASN B 158 -0.71 -29.37 34.10
N ILE B 159 -0.29 -28.12 33.94
CA ILE B 159 1.12 -27.79 33.83
C ILE B 159 1.85 -28.02 35.15
N ASN B 160 2.91 -28.82 35.11
CA ASN B 160 3.69 -29.08 36.31
C ASN B 160 4.53 -27.87 36.69
N ASN B 161 4.54 -27.55 37.98
CA ASN B 161 5.30 -26.40 38.48
C ASN B 161 6.79 -26.72 38.61
N ASP B 162 7.18 -27.88 38.09
CA ASP B 162 8.56 -28.34 38.16
C ASP B 162 9.26 -28.13 36.84
N LYS B 163 8.47 -28.10 35.77
CA LYS B 163 8.98 -27.83 34.42
C LYS B 163 8.03 -26.85 33.73
N LYS B 164 7.79 -25.72 34.39
CA LYS B 164 6.78 -24.76 33.96
C LYS B 164 7.38 -23.62 33.17
N ASP B 165 7.99 -23.93 32.03
CA ASP B 165 8.59 -22.90 31.19
C ASP B 165 8.50 -23.24 29.70
N GLU B 166 8.97 -24.43 29.33
CA GLU B 166 8.83 -24.93 27.97
C GLU B 166 7.36 -25.08 27.60
N THR B 167 6.53 -25.26 28.63
CA THR B 167 5.09 -25.39 28.44
C THR B 167 4.46 -24.07 28.03
N TYR B 168 5.13 -22.97 28.34
CA TYR B 168 4.60 -21.64 28.04
C TYR B 168 5.02 -21.13 26.67
N ARG B 169 6.25 -21.42 26.26
CA ARG B 169 6.71 -21.00 24.95
C ARG B 169 5.88 -21.69 23.87
N SER B 170 5.75 -23.01 24.01
CA SER B 170 4.97 -23.81 23.07
C SER B 170 3.49 -23.43 23.12
N LEU B 171 3.08 -22.85 24.25
CA LEU B 171 1.74 -22.31 24.40
C LEU B 171 1.59 -21.04 23.57
N PHE B 172 2.59 -20.17 23.65
CA PHE B 172 2.56 -18.90 22.90
C PHE B 172 3.23 -19.01 21.54
N GLN B 173 3.39 -20.24 21.06
CA GLN B 173 3.72 -20.49 19.68
C GLN B 173 2.42 -20.89 18.99
N ASP B 174 1.64 -21.71 19.68
CA ASP B 174 0.30 -22.08 19.23
C ASP B 174 -0.60 -20.85 19.27
N LEU B 175 -0.29 -19.92 20.18
CA LEU B 175 -1.03 -18.67 20.27
C LEU B 175 -0.39 -17.59 19.41
N GLU B 176 0.64 -17.98 18.65
CA GLU B 176 1.24 -17.10 17.68
C GLU B 176 1.00 -17.65 16.28
N LEU B 177 0.38 -18.82 16.22
CA LEU B 177 0.04 -19.47 14.96
C LEU B 177 -1.05 -18.73 14.22
N LYS B 178 -2.03 -18.20 14.96
CA LYS B 178 -3.08 -17.39 14.38
C LYS B 178 -2.94 -15.93 14.76
N LYS B 179 -1.75 -15.58 15.27
CA LYS B 179 -1.48 -14.24 15.77
C LYS B 179 -2.54 -13.79 16.79
N GLU B 180 -2.89 -14.69 17.70
CA GLU B 180 -3.92 -14.41 18.69
C GLU B 180 -3.51 -13.26 19.60
N ARG B 181 -4.36 -12.25 19.68
CA ARG B 181 -4.08 -11.05 20.46
C ARG B 181 -5.07 -10.88 21.60
N ARG B 182 -6.27 -11.44 21.44
CA ARG B 182 -7.29 -11.35 22.46
C ARG B 182 -7.38 -12.65 23.26
N VAL B 183 -7.16 -12.55 24.56
CA VAL B 183 -7.05 -13.73 25.43
C VAL B 183 -7.90 -13.59 26.69
N ILE B 184 -8.67 -14.63 27.00
CA ILE B 184 -9.45 -14.69 28.23
C ILE B 184 -8.74 -15.55 29.28
N LEU B 185 -8.72 -15.09 30.52
CA LEU B 185 -8.14 -15.86 31.61
C LEU B 185 -9.18 -16.30 32.63
N ASP B 186 -9.51 -17.59 32.61
CA ASP B 186 -10.46 -18.17 33.55
C ASP B 186 -9.70 -19.18 34.40
N CYS B 187 -9.02 -18.66 35.43
CA CYS B 187 -8.11 -19.48 36.23
C CYS B 187 -8.18 -19.17 37.72
N GLU B 188 -7.55 -20.03 38.53
CA GLU B 188 -7.33 -19.76 39.94
C GLU B 188 -6.43 -18.55 40.04
N ARG B 189 -6.67 -17.69 41.02
CA ARG B 189 -5.93 -16.43 41.17
C ARG B 189 -4.41 -16.62 41.19
N ASP B 190 -3.95 -17.76 41.69
CA ASP B 190 -2.54 -18.11 41.67
C ASP B 190 -2.08 -18.27 40.23
N LYS B 191 -2.80 -19.11 39.49
CA LYS B 191 -2.49 -19.39 38.10
C LYS B 191 -2.57 -18.14 37.24
N VAL B 192 -3.37 -17.18 37.69
CA VAL B 192 -3.52 -15.91 37.00
C VAL B 192 -2.20 -15.13 37.00
N ASN B 193 -1.65 -14.89 38.18
CA ASN B 193 -0.41 -14.13 38.31
C ASN B 193 0.80 -14.79 37.66
N ASP B 194 0.84 -16.12 37.70
CA ASP B 194 1.92 -16.88 37.07
C ASP B 194 1.93 -16.63 35.56
N ILE B 195 0.73 -16.57 34.97
CA ILE B 195 0.59 -16.33 33.54
C ILE B 195 0.92 -14.88 33.18
N VAL B 196 0.40 -13.95 33.96
CA VAL B 196 0.70 -12.53 33.77
C VAL B 196 2.21 -12.29 33.80
N ASP B 197 2.85 -12.80 34.85
CA ASP B 197 4.31 -12.69 35.00
C ASP B 197 5.05 -13.15 33.75
N GLN B 198 4.64 -14.29 33.22
CA GLN B 198 5.28 -14.86 32.04
C GLN B 198 5.00 -13.98 30.83
N VAL B 199 3.77 -13.49 30.74
CA VAL B 199 3.37 -12.60 29.63
C VAL B 199 4.22 -11.33 29.61
N ILE B 200 4.47 -10.76 30.78
CA ILE B 200 5.34 -9.59 30.91
C ILE B 200 6.73 -9.88 30.34
N THR B 201 7.28 -11.04 30.70
CA THR B 201 8.64 -11.40 30.34
C THR B 201 8.83 -11.59 28.84
N ILE B 202 7.81 -12.12 28.17
CA ILE B 202 7.90 -12.31 26.73
C ILE B 202 7.33 -11.11 25.97
N GLY B 203 6.90 -10.10 26.73
CA GLY B 203 6.47 -8.84 26.15
C GLY B 203 5.16 -8.86 25.39
N LYS B 204 4.19 -9.62 25.88
CA LYS B 204 2.86 -9.63 25.28
C LYS B 204 1.87 -8.87 26.15
N HIS B 205 2.33 -7.74 26.69
CA HIS B 205 1.48 -6.89 27.53
C HIS B 205 1.57 -5.42 27.13
N VAL B 206 1.86 -5.19 25.85
CA VAL B 206 1.89 -3.84 25.29
C VAL B 206 0.59 -3.55 24.55
N LYS B 207 0.51 -2.38 23.94
CA LYS B 207 -0.65 -2.04 23.12
C LYS B 207 -0.80 -3.06 22.00
N GLY B 208 -2.02 -3.52 21.77
CA GLY B 208 -2.31 -4.52 20.76
C GLY B 208 -2.81 -5.81 21.37
N TYR B 209 -2.59 -5.96 22.68
CA TYR B 209 -3.09 -7.11 23.40
C TYR B 209 -4.17 -6.67 24.39
N HIS B 210 -5.19 -7.50 24.56
CA HIS B 210 -6.31 -7.16 25.43
C HIS B 210 -6.78 -8.39 26.22
N TYR B 211 -6.49 -8.40 27.51
CA TYR B 211 -6.79 -9.53 28.36
C TYR B 211 -8.05 -9.32 29.20
N ILE B 212 -8.83 -10.38 29.37
CA ILE B 212 -10.02 -10.34 30.21
C ILE B 212 -9.93 -11.36 31.34
N ILE B 213 -9.82 -10.87 32.57
CA ILE B 213 -9.69 -11.73 33.73
C ILE B 213 -11.06 -12.17 34.26
N ALA B 214 -11.33 -13.47 34.16
CA ALA B 214 -12.65 -14.00 34.51
C ALA B 214 -12.78 -14.48 35.95
N ASN B 215 -12.90 -13.52 36.87
CA ASN B 215 -13.24 -13.83 38.26
C ASN B 215 -14.03 -12.69 38.91
N LEU B 216 -14.41 -12.87 40.17
CA LEU B 216 -15.18 -11.85 40.88
C LEU B 216 -14.31 -10.85 41.62
N GLY B 217 -12.99 -11.05 41.55
CA GLY B 217 -12.06 -10.17 42.21
C GLY B 217 -10.99 -9.60 41.29
N PHE B 218 -11.30 -8.49 40.65
CA PHE B 218 -10.36 -7.85 39.73
C PHE B 218 -9.21 -7.21 40.47
N THR B 219 -9.52 -6.28 41.38
CA THR B 219 -8.51 -5.58 42.16
C THR B 219 -7.97 -6.44 43.29
N ASP B 220 -8.42 -7.69 43.35
CA ASP B 220 -7.99 -8.63 44.36
C ASP B 220 -6.53 -9.02 44.16
N GLY B 221 -6.18 -9.42 42.94
CA GLY B 221 -4.82 -9.81 42.62
C GLY B 221 -3.87 -8.63 42.49
N ASP B 222 -2.80 -8.80 41.73
CA ASP B 222 -1.85 -7.72 41.49
C ASP B 222 -2.03 -7.15 40.08
N LEU B 223 -2.27 -5.85 40.00
CA LEU B 223 -2.60 -5.21 38.72
C LEU B 223 -1.52 -4.24 38.25
N LEU B 224 -0.67 -3.80 39.17
CA LEU B 224 0.29 -2.74 38.89
C LEU B 224 1.39 -3.15 37.92
N LYS B 225 1.68 -4.45 37.83
CA LYS B 225 2.78 -4.91 36.98
C LYS B 225 2.43 -5.09 35.50
N ILE B 226 1.18 -4.77 35.15
CA ILE B 226 0.77 -4.66 33.75
C ILE B 226 -0.12 -3.43 33.57
N GLN B 227 0.02 -2.49 34.50
CA GLN B 227 -0.80 -1.29 34.55
C GLN B 227 -0.23 -0.24 33.62
N PHE B 228 1.04 -0.38 33.25
CA PHE B 228 1.73 0.59 32.40
C PHE B 228 2.21 -0.07 31.11
N GLY B 229 1.92 -1.36 30.98
CA GLY B 229 2.35 -2.12 29.82
C GLY B 229 1.83 -1.59 28.51
N GLY B 230 0.59 -1.12 28.51
CA GLY B 230 -0.05 -0.64 27.30
C GLY B 230 -1.25 -1.47 26.93
N ALA B 231 -1.16 -2.77 27.23
CA ALA B 231 -2.28 -3.68 27.00
C ALA B 231 -3.44 -3.30 27.90
N GLU B 232 -4.66 -3.44 27.37
CA GLU B 232 -5.85 -3.14 28.16
C GLU B 232 -6.34 -4.37 28.90
N VAL B 233 -6.55 -4.22 30.21
CA VAL B 233 -7.00 -5.32 31.04
C VAL B 233 -8.37 -5.04 31.63
N SER B 234 -9.29 -5.97 31.41
CA SER B 234 -10.62 -5.87 31.98
C SER B 234 -10.88 -7.05 32.91
N GLY B 235 -11.82 -6.88 33.81
CA GLY B 235 -12.19 -7.93 34.73
C GLY B 235 -13.43 -7.54 35.52
N PHE B 236 -13.80 -8.35 36.49
CA PHE B 236 -15.03 -8.14 37.22
C PHE B 236 -14.80 -7.93 38.72
N GLN B 237 -15.59 -7.06 39.32
CA GLN B 237 -15.52 -6.81 40.75
C GLN B 237 -16.87 -7.05 41.40
N ILE B 238 -16.87 -7.78 42.51
CA ILE B 238 -18.11 -8.07 43.22
C ILE B 238 -18.11 -7.30 44.55
N VAL B 239 -16.96 -6.72 44.88
CA VAL B 239 -16.82 -5.92 46.08
C VAL B 239 -16.57 -4.45 45.72
N ASP B 240 -17.62 -3.64 45.79
CA ASP B 240 -17.51 -2.21 45.48
C ASP B 240 -17.07 -1.44 46.72
N TYR B 241 -15.85 -0.93 46.69
CA TYR B 241 -15.29 -0.19 47.81
C TYR B 241 -15.80 1.24 47.89
N ASP B 242 -16.83 1.53 47.10
CA ASP B 242 -17.45 2.86 47.10
C ASP B 242 -18.73 2.87 47.91
N ASP B 243 -19.35 1.71 48.07
CA ASP B 243 -20.54 1.59 48.90
C ASP B 243 -20.18 1.94 50.34
N SER B 244 -20.98 2.81 50.95
CA SER B 244 -20.75 3.25 52.33
C SER B 244 -20.72 2.06 53.29
N LEU B 245 -21.48 1.03 52.97
CA LEU B 245 -21.50 -0.20 53.76
C LEU B 245 -20.14 -0.89 53.69
N VAL B 246 -19.62 -1.05 52.48
CA VAL B 246 -18.31 -1.67 52.28
C VAL B 246 -17.20 -0.74 52.74
N SER B 247 -17.40 0.56 52.56
CA SER B 247 -16.39 1.55 52.93
C SER B 247 -16.18 1.60 54.45
N LYS B 248 -17.27 1.56 55.19
CA LYS B 248 -17.20 1.52 56.65
C LYS B 248 -16.59 0.20 57.14
N PHE B 249 -16.84 -0.87 56.39
CA PHE B 249 -16.28 -2.18 56.70
C PHE B 249 -14.76 -2.15 56.61
N ILE B 250 -14.26 -1.60 55.51
CA ILE B 250 -12.82 -1.51 55.24
C ILE B 250 -12.05 -0.78 56.35
N GLU B 251 -12.68 0.24 56.92
CA GLU B 251 -12.06 1.05 57.97
C GLU B 251 -11.69 0.23 59.21
N ARG B 252 -12.63 -0.58 59.69
CA ARG B 252 -12.36 -1.45 60.83
C ARG B 252 -11.48 -2.62 60.42
N TRP B 253 -11.74 -3.14 59.21
CA TRP B 253 -11.01 -4.27 58.66
C TRP B 253 -9.51 -3.99 58.60
N SER B 254 -9.14 -2.94 57.87
CA SER B 254 -7.74 -2.60 57.64
C SER B 254 -6.94 -2.31 58.91
N THR B 255 -7.63 -2.18 60.04
CA THR B 255 -6.98 -1.75 61.28
C THR B 255 -6.95 -2.79 62.39
N LEU B 256 -7.52 -3.96 62.13
CA LEU B 256 -7.55 -5.04 63.11
C LEU B 256 -6.13 -5.50 63.44
N GLU B 257 -5.94 -6.11 64.60
CA GLU B 257 -4.63 -6.67 64.93
C GLU B 257 -4.34 -7.85 64.01
N GLU B 258 -3.16 -7.81 63.38
CA GLU B 258 -2.81 -8.78 62.34
C GLU B 258 -2.27 -10.10 62.89
N LYS B 259 -1.77 -10.08 64.12
CA LYS B 259 -1.35 -11.32 64.76
C LYS B 259 -2.58 -12.17 65.11
N GLU B 260 -3.72 -11.50 65.22
CA GLU B 260 -4.96 -12.14 65.61
C GLU B 260 -5.87 -12.40 64.40
N TYR B 261 -5.94 -11.42 63.51
CA TYR B 261 -6.71 -11.58 62.27
C TYR B 261 -5.79 -11.48 61.06
N PRO B 262 -5.17 -12.61 60.67
CA PRO B 262 -4.16 -12.66 59.61
C PRO B 262 -4.69 -12.19 58.26
N GLY B 263 -3.87 -11.41 57.55
CA GLY B 263 -4.19 -10.98 56.21
C GLY B 263 -5.38 -10.03 56.12
N ALA B 264 -5.76 -9.47 57.25
CA ALA B 264 -6.91 -8.57 57.30
C ALA B 264 -6.48 -7.12 57.43
N HIS B 265 -5.18 -6.87 57.32
CA HIS B 265 -4.62 -5.54 57.53
C HIS B 265 -4.55 -4.72 56.24
N THR B 266 -5.29 -5.16 55.22
CA THR B 266 -5.22 -4.53 53.91
C THR B 266 -6.38 -3.59 53.61
N ALA B 267 -6.26 -2.82 52.55
CA ALA B 267 -7.32 -1.92 52.12
C ALA B 267 -8.28 -2.65 51.19
N THR B 268 -7.91 -3.87 50.81
CA THR B 268 -8.74 -4.69 49.94
C THR B 268 -8.94 -6.08 50.54
N ILE B 269 -10.05 -6.72 50.20
CA ILE B 269 -10.34 -8.06 50.68
C ILE B 269 -10.73 -8.95 49.51
N LYS B 270 -10.27 -10.20 49.53
CA LYS B 270 -10.63 -11.16 48.48
C LYS B 270 -12.12 -11.41 48.47
N TYR B 271 -12.67 -11.66 47.29
CA TYR B 271 -14.10 -11.90 47.16
C TYR B 271 -14.48 -13.22 47.83
N THR B 272 -13.54 -14.16 47.83
CA THR B 272 -13.75 -15.44 48.49
C THR B 272 -13.93 -15.20 49.99
N SER B 273 -13.13 -14.30 50.55
CA SER B 273 -13.22 -13.93 51.95
C SER B 273 -14.47 -13.09 52.19
N ALA B 274 -14.70 -12.11 51.32
CA ALA B 274 -15.83 -11.19 51.47
C ALA B 274 -17.16 -11.93 51.51
N LEU B 275 -17.30 -12.95 50.66
CA LEU B 275 -18.52 -13.75 50.61
C LEU B 275 -18.72 -14.54 51.91
N THR B 276 -17.62 -14.98 52.50
CA THR B 276 -17.66 -15.66 53.80
C THR B 276 -18.22 -14.73 54.86
N TYR B 277 -17.83 -13.46 54.79
CA TYR B 277 -18.34 -12.44 55.70
C TYR B 277 -19.84 -12.23 55.46
N ASP B 278 -20.24 -12.28 54.20
CA ASP B 278 -21.66 -12.15 53.84
C ASP B 278 -22.43 -13.40 54.24
N ALA B 279 -21.76 -14.54 54.17
CA ALA B 279 -22.39 -15.82 54.49
C ALA B 279 -22.80 -15.89 55.96
N VAL B 280 -21.98 -15.31 56.83
CA VAL B 280 -22.28 -15.28 58.26
C VAL B 280 -23.57 -14.53 58.54
N GLN B 281 -23.75 -13.38 57.90
CA GLN B 281 -24.95 -12.56 58.09
C GLN B 281 -26.21 -13.33 57.69
N VAL B 282 -26.12 -14.10 56.61
CA VAL B 282 -27.25 -14.89 56.13
C VAL B 282 -27.60 -16.01 57.11
N MET B 283 -26.58 -16.64 57.69
CA MET B 283 -26.80 -17.69 58.67
C MET B 283 -27.47 -17.16 59.94
N THR B 284 -27.25 -15.88 60.23
CA THR B 284 -27.88 -15.27 61.40
C THR B 284 -29.36 -14.95 61.15
N GLU B 285 -29.62 -14.24 60.05
CA GLU B 285 -30.98 -13.88 59.67
C GLU B 285 -31.86 -15.10 59.44
N ALA B 286 -31.24 -16.20 58.99
CA ALA B 286 -31.97 -17.43 58.74
C ALA B 286 -32.56 -18.00 60.02
N PHE B 287 -31.71 -18.18 61.03
CA PHE B 287 -32.16 -18.74 62.30
C PHE B 287 -32.94 -17.73 63.14
N ARG B 288 -32.83 -16.45 62.78
CA ARG B 288 -33.64 -15.42 63.42
C ARG B 288 -35.07 -15.50 62.93
N ASN B 289 -35.23 -15.69 61.62
CA ASN B 289 -36.55 -15.82 61.02
C ASN B 289 -37.28 -17.09 61.49
N LEU B 290 -36.49 -18.10 61.85
CA LEU B 290 -37.03 -19.38 62.29
C LEU B 290 -37.70 -19.30 63.67
N ARG B 291 -37.27 -18.32 64.47
CA ARG B 291 -37.85 -18.11 65.78
C ARG B 291 -38.92 -17.00 65.73
N LYS B 292 -38.79 -16.11 64.76
CA LYS B 292 -39.76 -15.04 64.58
C LYS B 292 -41.04 -15.61 63.96
N GLN B 293 -40.89 -16.73 63.26
CA GLN B 293 -42.04 -17.48 62.77
C GLN B 293 -42.37 -18.60 63.75
N ARG B 294 -41.72 -18.56 64.92
CA ARG B 294 -41.99 -19.47 66.02
C ARG B 294 -41.78 -20.96 65.71
N ILE B 295 -41.12 -21.24 64.58
CA ILE B 295 -40.87 -22.62 64.18
C ILE B 295 -39.76 -23.26 64.99
N GLU B 296 -40.05 -24.44 65.55
CA GLU B 296 -39.08 -25.17 66.34
C GLU B 296 -38.15 -26.00 65.44
N ILE B 297 -36.88 -26.09 65.83
CA ILE B 297 -35.86 -26.72 64.98
C ILE B 297 -34.82 -27.56 65.73
N SER B 298 -34.85 -27.52 67.06
CA SER B 298 -33.84 -28.20 67.87
C SER B 298 -33.80 -29.71 67.64
N ARG B 299 -32.61 -30.30 67.74
CA ARG B 299 -32.42 -31.73 67.47
C ARG B 299 -33.17 -32.61 68.45
N ARG B 300 -33.88 -33.60 67.92
CA ARG B 300 -34.64 -34.54 68.75
C ARG B 300 -33.76 -35.70 69.23
N GLY B 301 -32.45 -35.49 69.19
CA GLY B 301 -31.50 -36.49 69.64
C GLY B 301 -30.20 -36.43 68.86
N ASN B 302 -29.42 -37.50 68.95
CA ASN B 302 -28.20 -37.63 68.17
C ASN B 302 -28.51 -37.78 66.69
N ALA B 303 -27.58 -37.35 65.84
CA ALA B 303 -27.67 -37.66 64.43
C ALA B 303 -26.99 -39.00 64.23
N GLY B 304 -26.25 -39.42 65.26
CA GLY B 304 -25.64 -40.73 65.30
C GLY B 304 -24.61 -40.97 64.23
N ASP B 305 -25.00 -41.74 63.21
CA ASP B 305 -24.10 -42.08 62.12
C ASP B 305 -24.67 -41.56 60.82
N CYS B 306 -23.82 -40.91 60.02
CA CYS B 306 -24.27 -40.38 58.74
C CYS B 306 -24.46 -41.49 57.71
N LEU B 307 -23.80 -42.62 57.93
CA LEU B 307 -23.91 -43.75 57.00
C LEU B 307 -25.00 -44.72 57.45
N ALA B 308 -25.88 -44.25 58.34
CA ALA B 308 -26.93 -45.08 58.90
C ALA B 308 -27.86 -45.65 57.84
N ASN B 309 -27.99 -46.98 57.82
CA ASN B 309 -28.81 -47.65 56.82
C ASN B 309 -30.09 -48.21 57.43
N PRO B 310 -31.25 -47.84 56.85
CA PRO B 310 -31.37 -46.90 55.73
C PRO B 310 -31.26 -45.46 56.20
N ALA B 311 -30.80 -44.59 55.31
CA ALA B 311 -30.65 -43.18 55.63
C ALA B 311 -32.02 -42.55 55.89
N VAL B 312 -32.16 -41.87 57.03
CA VAL B 312 -33.38 -41.14 57.32
C VAL B 312 -33.08 -39.69 57.68
N PRO B 313 -33.57 -38.76 56.86
CA PRO B 313 -33.30 -37.33 57.07
C PRO B 313 -34.06 -36.81 58.27
N TRP B 314 -33.44 -35.91 59.03
CA TRP B 314 -34.17 -35.22 60.08
C TRP B 314 -35.21 -34.31 59.42
N GLY B 315 -36.30 -34.03 60.13
CA GLY B 315 -37.41 -33.29 59.57
C GLY B 315 -37.11 -31.85 59.23
N GLN B 316 -36.61 -31.12 60.22
CA GLN B 316 -36.44 -29.66 60.13
C GLN B 316 -35.47 -29.20 59.05
N GLY B 317 -34.75 -30.12 58.41
CA GLY B 317 -33.84 -29.79 57.34
C GLY B 317 -34.55 -29.04 56.23
N VAL B 318 -35.74 -29.52 55.89
CA VAL B 318 -36.61 -28.86 54.94
C VAL B 318 -36.92 -27.44 55.39
N GLU B 319 -37.23 -27.29 56.67
CA GLU B 319 -37.58 -25.98 57.23
C GLU B 319 -36.38 -25.04 57.23
N ILE B 320 -35.22 -25.55 57.63
CA ILE B 320 -34.02 -24.72 57.75
C ILE B 320 -33.55 -24.21 56.39
N GLU B 321 -33.51 -25.10 55.41
CA GLU B 321 -33.11 -24.76 54.05
C GLU B 321 -33.94 -23.61 53.51
N ARG B 322 -35.26 -23.70 53.71
CA ARG B 322 -36.20 -22.68 53.25
C ARG B 322 -35.88 -21.33 53.87
N ALA B 323 -35.63 -21.34 55.17
CA ALA B 323 -35.26 -20.12 55.90
C ALA B 323 -34.05 -19.46 55.25
N LEU B 324 -33.04 -20.27 54.97
CA LEU B 324 -31.83 -19.79 54.30
C LEU B 324 -32.15 -19.22 52.92
N LYS B 325 -32.89 -19.97 52.13
CA LYS B 325 -33.17 -19.59 50.76
C LYS B 325 -34.17 -18.44 50.65
N GLN B 326 -34.80 -18.09 51.76
CA GLN B 326 -35.76 -16.99 51.78
C GLN B 326 -35.17 -15.70 52.37
N VAL B 327 -33.89 -15.76 52.72
CA VAL B 327 -33.18 -14.59 53.26
C VAL B 327 -32.98 -13.53 52.18
N GLN B 328 -33.14 -12.26 52.55
CA GLN B 328 -32.76 -11.14 51.70
C GLN B 328 -32.03 -10.09 52.53
N VAL B 329 -30.74 -9.91 52.26
CA VAL B 329 -29.91 -9.00 53.03
C VAL B 329 -28.96 -8.21 52.14
N GLU B 330 -28.37 -7.16 52.70
CA GLU B 330 -27.38 -6.36 51.97
C GLU B 330 -26.02 -6.46 52.66
N GLY B 331 -25.01 -6.87 51.89
CA GLY B 331 -23.67 -7.04 52.44
C GLY B 331 -22.56 -6.55 51.52
N LEU B 332 -21.39 -7.18 51.64
CA LEU B 332 -20.20 -6.77 50.90
C LEU B 332 -20.30 -6.96 49.39
N SER B 333 -21.08 -7.96 48.96
CA SER B 333 -21.24 -8.25 47.54
C SER B 333 -22.53 -7.70 46.96
N GLY B 334 -22.82 -6.44 47.27
CA GLY B 334 -24.05 -5.80 46.81
C GLY B 334 -25.27 -6.46 47.42
N ASN B 335 -26.40 -6.39 46.72
CA ASN B 335 -27.63 -7.03 47.17
C ASN B 335 -27.55 -8.55 47.10
N ILE B 336 -28.17 -9.22 48.07
CA ILE B 336 -28.18 -10.67 48.11
C ILE B 336 -29.59 -11.22 48.00
N LYS B 337 -29.79 -12.20 47.12
CA LYS B 337 -31.08 -12.86 46.98
C LYS B 337 -30.91 -14.21 46.28
N PHE B 338 -31.73 -15.18 46.66
CA PHE B 338 -31.59 -16.53 46.12
C PHE B 338 -32.87 -16.99 45.41
N ASP B 339 -32.74 -18.02 44.59
CA ASP B 339 -33.90 -18.73 44.09
C ASP B 339 -34.12 -19.98 44.94
N GLN B 340 -34.89 -20.93 44.43
CA GLN B 340 -35.20 -22.15 45.17
C GLN B 340 -34.03 -23.13 45.20
N ASN B 341 -33.00 -22.85 44.40
CA ASN B 341 -31.87 -23.76 44.30
C ASN B 341 -30.63 -23.25 45.04
N GLY B 342 -30.68 -22.00 45.48
CA GLY B 342 -29.59 -21.42 46.25
C GLY B 342 -28.62 -20.62 45.40
N LYS B 343 -29.02 -20.31 44.17
CA LYS B 343 -28.19 -19.51 43.28
C LYS B 343 -28.49 -18.03 43.47
N ARG B 344 -27.50 -17.18 43.22
CA ARG B 344 -27.70 -15.74 43.34
C ARG B 344 -28.57 -15.21 42.20
N ILE B 345 -29.44 -14.27 42.54
CA ILE B 345 -30.24 -13.55 41.55
C ILE B 345 -30.21 -12.08 41.93
N ASN B 346 -30.63 -11.20 41.00
CA ASN B 346 -30.79 -9.78 41.30
C ASN B 346 -29.49 -9.12 41.76
N TYR B 347 -28.37 -9.78 41.51
CA TYR B 347 -27.07 -9.34 42.03
C TYR B 347 -26.35 -8.42 41.05
N THR B 348 -25.50 -7.55 41.59
CA THR B 348 -24.72 -6.62 40.78
C THR B 348 -23.32 -7.16 40.56
N ILE B 349 -22.76 -6.91 39.37
CA ILE B 349 -21.36 -7.23 39.10
C ILE B 349 -20.68 -6.07 38.39
N ASN B 350 -19.70 -5.46 39.07
CA ASN B 350 -18.98 -4.32 38.52
C ASN B 350 -18.00 -4.69 37.40
N ILE B 351 -18.03 -3.92 36.32
CA ILE B 351 -17.10 -4.12 35.21
C ILE B 351 -15.96 -3.10 35.33
N MET B 352 -14.73 -3.61 35.43
CA MET B 352 -13.57 -2.77 35.68
C MET B 352 -12.54 -2.90 34.57
N GLU B 353 -12.05 -1.76 34.08
CA GLU B 353 -10.94 -1.74 33.14
C GLU B 353 -9.69 -1.19 33.80
N LEU B 354 -8.54 -1.79 33.50
CA LEU B 354 -7.29 -1.32 34.05
C LEU B 354 -6.80 -0.12 33.25
N LYS B 355 -6.52 0.98 33.93
CA LYS B 355 -6.02 2.18 33.28
C LYS B 355 -4.64 2.60 33.77
N THR B 356 -4.30 3.87 33.59
CA THR B 356 -3.03 4.39 34.05
C THR B 356 -3.06 4.63 35.56
N ASN B 357 -4.03 5.43 36.00
CA ASN B 357 -4.17 5.77 37.41
C ASN B 357 -4.80 4.68 38.26
N GLY B 358 -4.93 3.49 37.69
CA GLY B 358 -5.44 2.35 38.42
C GLY B 358 -6.68 1.74 37.82
N PRO B 359 -7.23 0.69 38.47
CA PRO B 359 -8.46 0.04 38.03
C PRO B 359 -9.61 1.03 38.00
N ARG B 360 -10.59 0.80 37.14
CA ARG B 360 -11.67 1.77 36.96
C ARG B 360 -12.94 1.12 36.45
N LYS B 361 -14.06 1.44 37.10
CA LYS B 361 -15.36 0.93 36.68
C LYS B 361 -15.82 1.66 35.43
N ILE B 362 -16.28 0.91 34.43
CA ILE B 362 -16.85 1.51 33.23
C ILE B 362 -18.35 1.23 33.20
N GLY B 363 -18.80 0.35 34.09
CA GLY B 363 -20.20 0.00 34.19
C GLY B 363 -20.48 -1.20 35.08
N TYR B 364 -21.74 -1.64 35.08
CA TYR B 364 -22.16 -2.78 35.90
C TYR B 364 -23.06 -3.74 35.12
N TRP B 365 -23.14 -4.97 35.60
CA TRP B 365 -23.93 -6.01 34.94
C TRP B 365 -24.95 -6.61 35.90
N SER B 366 -26.21 -6.66 35.46
CA SER B 366 -27.25 -7.34 36.20
C SER B 366 -27.75 -8.53 35.40
N GLU B 367 -28.36 -9.50 36.07
CA GLU B 367 -28.86 -10.69 35.40
C GLU B 367 -30.10 -10.34 34.56
N VAL B 368 -30.62 -9.15 34.79
CA VAL B 368 -31.82 -8.70 34.09
C VAL B 368 -31.50 -7.61 33.06
N ASP B 369 -30.55 -6.75 33.38
CA ASP B 369 -30.21 -5.62 32.52
C ASP B 369 -29.06 -5.92 31.56
N LYS B 370 -28.37 -7.03 31.81
CA LYS B 370 -27.16 -7.39 31.07
C LYS B 370 -26.09 -6.30 31.22
N MET B 371 -25.45 -5.93 30.13
CA MET B 371 -24.36 -4.96 30.20
C MET B 371 -24.83 -3.51 30.24
N VAL B 372 -24.52 -2.84 31.34
CA VAL B 372 -24.86 -1.42 31.50
C VAL B 372 -23.63 -0.61 31.84
N LEU B 373 -23.25 0.31 30.96
CA LEU B 373 -22.10 1.17 31.21
C LEU B 373 -22.53 2.41 31.98
N THR B 374 -21.83 2.70 33.06
CA THR B 374 -22.15 3.86 33.89
C THR B 374 -21.91 5.13 33.07
N GLU B 375 -22.82 6.08 33.20
CA GLU B 375 -22.73 7.34 32.46
C GLU B 375 -21.49 8.13 32.84
N ASP B 376 -20.33 7.58 32.49
CA ASP B 376 -19.05 8.23 32.76
C ASP B 376 -18.30 8.46 31.46
N ASP B 377 -19.05 8.88 30.42
CA ASP B 377 -18.46 9.16 29.12
C ASP B 377 -17.43 10.28 29.23
N THR B 378 -16.38 10.18 28.44
CA THR B 378 -15.30 11.16 28.47
C THR B 378 -15.40 12.12 27.29
N SER B 379 -14.66 13.22 27.37
CA SER B 379 -14.64 14.21 26.32
C SER B 379 -13.47 13.97 25.38
N GLY B 380 -12.73 12.90 25.65
CA GLY B 380 -11.54 12.56 24.87
C GLY B 380 -11.84 12.29 23.42
N LEU B 381 -12.89 11.51 23.18
CA LEU B 381 -13.33 11.22 21.81
C LEU B 381 -13.65 12.51 21.07
N GLU B 382 -12.62 13.10 20.46
CA GLU B 382 -12.74 14.37 19.77
C GLU B 382 -13.80 14.28 18.66
N GLN B 383 -13.60 13.33 17.75
CA GLN B 383 -14.48 13.10 16.60
C GLN B 383 -14.99 14.38 15.93
N LYS B 384 -14.18 15.44 16.01
CA LYS B 384 -14.59 16.76 15.54
C LYS B 384 -15.01 16.72 14.09
N THR B 385 -16.31 16.51 13.89
CA THR B 385 -16.88 16.42 12.55
C THR B 385 -16.67 17.73 11.82
N VAL B 386 -15.53 17.82 11.13
CA VAL B 386 -15.15 19.03 10.42
C VAL B 386 -16.22 19.43 9.40
N VAL B 387 -16.87 20.56 9.65
CA VAL B 387 -17.94 21.04 8.80
C VAL B 387 -17.38 21.51 7.46
N VAL B 388 -17.82 20.87 6.38
CA VAL B 388 -17.36 21.22 5.04
C VAL B 388 -18.47 21.88 4.24
N THR B 389 -18.35 23.18 3.99
CA THR B 389 -19.36 23.88 3.21
C THR B 389 -19.07 23.79 1.71
N THR B 390 -20.14 23.69 0.93
CA THR B 390 -20.01 23.57 -0.52
C THR B 390 -21.25 24.10 -1.24
N ILE B 391 -21.14 24.23 -2.56
CA ILE B 391 -22.24 24.77 -3.36
C ILE B 391 -22.85 23.71 -4.25
N LEU B 392 -24.16 23.80 -4.48
CA LEU B 392 -24.86 22.86 -5.35
C LEU B 392 -24.65 23.20 -6.81
N GLU B 393 -23.47 22.90 -7.34
CA GLU B 393 -23.16 23.16 -8.74
C GLU B 393 -22.66 21.90 -9.44
N SER B 394 -22.97 21.77 -10.73
CA SER B 394 -22.55 20.64 -11.53
C SER B 394 -21.26 20.95 -12.29
N PRO B 395 -20.33 19.99 -12.35
CA PRO B 395 -20.40 18.67 -11.73
C PRO B 395 -19.62 18.62 -10.42
N TYR B 396 -19.39 19.78 -9.80
CA TYR B 396 -18.60 19.83 -8.58
C TYR B 396 -19.29 19.07 -7.44
N VAL B 397 -20.54 19.44 -7.16
CA VAL B 397 -21.34 18.79 -6.13
C VAL B 397 -22.77 18.60 -6.60
N MET B 398 -23.22 17.35 -6.64
CA MET B 398 -24.55 17.01 -7.15
C MET B 398 -25.27 15.99 -6.27
N MET B 399 -26.60 16.07 -6.28
CA MET B 399 -27.43 15.11 -5.56
C MET B 399 -27.50 13.79 -6.32
N LYS B 400 -27.50 12.68 -5.59
CA LYS B 400 -27.67 11.38 -6.20
C LYS B 400 -29.14 11.15 -6.59
N LYS B 401 -29.38 10.18 -7.47
CA LYS B 401 -30.71 9.93 -8.00
C LYS B 401 -31.74 9.58 -6.91
N ASN B 402 -31.30 8.76 -5.95
CA ASN B 402 -32.15 8.39 -4.84
C ASN B 402 -31.59 8.89 -3.51
N HIS B 403 -31.19 10.15 -3.49
CA HIS B 403 -30.61 10.77 -2.31
C HIS B 403 -31.59 10.79 -1.14
N GLU B 404 -32.87 10.67 -1.45
CA GLU B 404 -33.92 10.64 -0.43
C GLU B 404 -33.71 9.51 0.56
N MET B 405 -33.56 8.30 0.05
CA MET B 405 -33.41 7.11 0.88
C MET B 405 -32.04 7.07 1.56
N LEU B 406 -31.10 7.83 1.02
CA LEU B 406 -29.75 7.90 1.58
C LEU B 406 -29.63 9.06 2.56
N GLU B 407 -28.53 9.11 3.29
CA GLU B 407 -28.33 10.15 4.30
C GLU B 407 -26.87 10.58 4.42
N GLY B 408 -26.62 11.59 5.24
CA GLY B 408 -25.27 12.05 5.54
C GLY B 408 -24.47 12.49 4.32
N ASN B 409 -23.28 11.89 4.17
CA ASN B 409 -22.41 12.20 3.04
C ASN B 409 -22.83 11.47 1.76
N GLU B 410 -23.54 10.36 1.93
CA GLU B 410 -23.91 9.51 0.80
C GLU B 410 -24.95 10.16 -0.13
N ARG B 411 -25.59 11.21 0.36
CA ARG B 411 -26.59 11.93 -0.42
C ARG B 411 -26.02 12.55 -1.69
N TYR B 412 -24.80 13.08 -1.58
CA TYR B 412 -24.20 13.88 -2.65
C TYR B 412 -23.15 13.13 -3.47
N GLU B 413 -22.96 13.59 -4.71
CA GLU B 413 -21.94 13.06 -5.60
C GLU B 413 -21.30 14.21 -6.35
N GLY B 414 -20.10 14.00 -6.89
CA GLY B 414 -19.47 15.01 -7.71
C GLY B 414 -17.97 15.18 -7.50
N TYR B 415 -17.40 16.13 -8.24
CA TYR B 415 -15.97 16.40 -8.20
C TYR B 415 -15.48 16.78 -6.81
N CYS B 416 -16.10 17.81 -6.24
CA CYS B 416 -15.70 18.28 -4.91
C CYS B 416 -16.05 17.27 -3.82
N VAL B 417 -17.07 16.46 -4.06
CA VAL B 417 -17.44 15.40 -3.13
C VAL B 417 -16.34 14.34 -3.11
N ASP B 418 -15.91 13.94 -4.30
CA ASP B 418 -14.79 13.01 -4.46
C ASP B 418 -13.53 13.62 -3.89
N LEU B 419 -13.35 14.93 -4.12
CA LEU B 419 -12.20 15.65 -3.60
C LEU B 419 -12.25 15.71 -2.08
N ALA B 420 -13.45 15.92 -1.53
CA ALA B 420 -13.65 15.97 -0.09
C ALA B 420 -13.13 14.71 0.58
N ALA B 421 -13.27 13.58 -0.12
CA ALA B 421 -12.74 12.32 0.38
C ALA B 421 -11.22 12.33 0.39
N GLU B 422 -10.62 12.56 -0.77
CA GLU B 422 -9.16 12.55 -0.93
C GLU B 422 -8.47 13.55 -0.01
N ILE B 423 -9.10 14.69 0.21
CA ILE B 423 -8.56 15.69 1.14
C ILE B 423 -8.58 15.13 2.55
N ALA B 424 -9.77 14.74 3.00
CA ALA B 424 -9.96 14.23 4.35
C ALA B 424 -9.14 12.97 4.62
N LYS B 425 -8.95 12.16 3.57
CA LYS B 425 -8.19 10.94 3.71
C LYS B 425 -6.72 11.27 4.01
N HIS B 426 -6.12 12.09 3.16
CA HIS B 426 -4.71 12.45 3.34
C HIS B 426 -4.50 13.33 4.56
N CYS B 427 -5.56 14.00 5.01
CA CYS B 427 -5.44 14.89 6.17
C CYS B 427 -5.96 14.23 7.45
N GLY B 428 -6.71 13.15 7.29
CA GLY B 428 -7.16 12.35 8.42
C GLY B 428 -8.20 13.00 9.31
N PHE B 429 -9.43 13.12 8.80
CA PHE B 429 -10.53 13.63 9.61
C PHE B 429 -11.91 13.25 9.06
N LYS B 430 -12.85 13.06 9.98
CA LYS B 430 -14.24 12.80 9.60
C LYS B 430 -14.97 14.12 9.37
N TYR B 431 -15.75 14.17 8.30
CA TYR B 431 -16.31 15.43 7.83
C TYR B 431 -17.78 15.33 7.45
N LYS B 432 -18.49 16.44 7.58
CA LYS B 432 -19.91 16.50 7.21
C LYS B 432 -20.15 17.42 6.02
N LEU B 433 -20.61 16.82 4.92
CA LEU B 433 -20.93 17.57 3.70
C LEU B 433 -22.24 18.33 3.84
N THR B 434 -22.13 19.66 3.91
CA THR B 434 -23.30 20.52 4.03
C THR B 434 -23.27 21.63 2.99
N ILE B 435 -24.42 21.88 2.36
CA ILE B 435 -24.54 22.94 1.37
C ILE B 435 -24.70 24.29 2.06
N VAL B 436 -24.07 25.32 1.50
CA VAL B 436 -24.22 26.69 1.97
C VAL B 436 -25.68 27.13 1.89
N GLY B 437 -26.12 27.90 2.88
CA GLY B 437 -27.49 28.39 2.94
C GLY B 437 -27.96 29.15 1.71
N ASP B 438 -27.42 30.35 1.50
CA ASP B 438 -27.87 31.20 0.39
C ASP B 438 -27.51 30.63 -0.98
N GLY B 439 -26.57 29.69 -1.01
CA GLY B 439 -26.22 29.00 -2.23
C GLY B 439 -25.39 29.82 -3.19
N LYS B 440 -24.62 30.78 -2.67
CA LYS B 440 -23.67 31.50 -3.50
C LYS B 440 -22.24 31.31 -3.01
N TYR B 441 -21.27 31.70 -3.83
CA TYR B 441 -19.87 31.50 -3.51
C TYR B 441 -19.39 32.31 -2.32
N GLY B 442 -19.33 33.63 -2.47
CA GLY B 442 -18.97 34.49 -1.36
C GLY B 442 -18.46 35.88 -1.73
N ALA B 443 -19.02 36.90 -1.09
CA ALA B 443 -18.62 38.27 -1.30
C ALA B 443 -19.17 39.18 -0.21
N ARG B 444 -18.47 40.29 0.05
CA ARG B 444 -18.95 41.24 1.03
C ARG B 444 -19.94 42.18 0.36
N ASP B 445 -21.09 42.39 1.01
CA ASP B 445 -22.12 43.26 0.48
C ASP B 445 -21.61 44.70 0.32
N ALA B 446 -22.14 45.41 -0.66
CA ALA B 446 -21.68 46.77 -0.94
C ALA B 446 -22.34 47.81 -0.05
N ASP B 447 -23.39 47.41 0.65
CA ASP B 447 -24.14 48.34 1.48
C ASP B 447 -24.08 47.95 2.96
N THR B 448 -24.34 46.67 3.24
CA THR B 448 -24.37 46.18 4.62
C THR B 448 -22.99 45.81 5.12
N LYS B 449 -22.04 45.62 4.20
CA LYS B 449 -20.67 45.26 4.52
C LYS B 449 -20.59 43.95 5.30
N ILE B 450 -21.42 42.98 4.92
CA ILE B 450 -21.43 41.67 5.55
C ILE B 450 -21.14 40.59 4.51
N TRP B 451 -20.43 39.55 4.90
CA TRP B 451 -20.05 38.48 3.97
C TRP B 451 -21.15 37.42 3.79
N ASN B 452 -21.49 37.13 2.54
CA ASN B 452 -22.46 36.08 2.24
C ASN B 452 -21.78 34.81 1.74
N GLY B 453 -22.58 33.81 1.39
CA GLY B 453 -22.07 32.59 0.78
C GLY B 453 -21.18 31.74 1.67
N MET B 454 -20.38 30.89 1.03
CA MET B 454 -19.47 29.97 1.73
C MET B 454 -18.35 30.70 2.44
N VAL B 455 -17.90 31.80 1.84
CA VAL B 455 -16.93 32.66 2.51
C VAL B 455 -17.59 33.20 3.77
N GLY B 456 -18.88 33.53 3.65
CA GLY B 456 -19.67 33.99 4.77
C GLY B 456 -19.74 32.97 5.90
N GLU B 457 -20.11 31.75 5.56
CA GLU B 457 -20.17 30.68 6.56
C GLU B 457 -18.78 30.37 7.11
N LEU B 458 -17.75 30.71 6.34
CA LEU B 458 -16.38 30.54 6.79
C LEU B 458 -15.94 31.64 7.73
N VAL B 459 -16.06 32.89 7.28
CA VAL B 459 -15.57 34.03 8.05
C VAL B 459 -16.30 34.22 9.37
N TYR B 460 -17.51 33.66 9.44
CA TYR B 460 -18.36 33.86 10.60
C TYR B 460 -18.47 32.61 11.46
N GLY B 461 -17.79 31.55 11.04
CA GLY B 461 -17.65 30.35 11.85
C GLY B 461 -18.68 29.25 11.62
N LYS B 462 -19.57 29.43 10.66
CA LYS B 462 -20.60 28.44 10.37
C LYS B 462 -20.06 27.20 9.64
N ALA B 463 -18.76 27.18 9.40
CA ALA B 463 -18.12 26.03 8.76
C ALA B 463 -16.63 25.99 9.09
N ASP B 464 -16.01 24.82 8.87
CA ASP B 464 -14.60 24.65 9.17
C ASP B 464 -13.71 24.66 7.93
N ILE B 465 -14.27 24.27 6.79
CA ILE B 465 -13.51 24.26 5.54
C ILE B 465 -14.42 24.31 4.31
N ALA B 466 -14.09 25.19 3.37
CA ALA B 466 -14.88 25.34 2.16
C ALA B 466 -14.25 24.62 0.98
N ILE B 467 -14.93 23.57 0.49
CA ILE B 467 -14.49 22.91 -0.73
C ILE B 467 -15.57 23.01 -1.80
N ALA B 468 -15.33 23.87 -2.77
CA ALA B 468 -16.28 24.17 -3.84
C ALA B 468 -15.53 25.01 -4.87
N PRO B 469 -16.12 25.22 -6.06
CA PRO B 469 -15.41 26.07 -7.04
C PRO B 469 -15.27 27.52 -6.60
N LEU B 470 -14.54 27.74 -5.50
CA LEU B 470 -14.34 29.08 -4.96
C LEU B 470 -13.13 29.75 -5.61
N THR B 471 -13.39 30.76 -6.43
CA THR B 471 -12.31 31.47 -7.11
C THR B 471 -11.41 32.23 -6.15
N ILE B 472 -10.10 32.07 -6.32
CA ILE B 472 -9.13 32.74 -5.46
C ILE B 472 -9.01 34.22 -5.83
N THR B 473 -9.63 35.08 -5.04
CA THR B 473 -9.61 36.52 -5.30
C THR B 473 -8.89 37.27 -4.20
N LEU B 474 -8.64 38.56 -4.42
CA LEU B 474 -7.92 39.38 -3.44
C LEU B 474 -8.78 39.75 -2.24
N VAL B 475 -10.00 40.23 -2.49
CA VAL B 475 -10.89 40.64 -1.42
C VAL B 475 -11.26 39.49 -0.48
N ARG B 476 -11.01 38.26 -0.93
CA ARG B 476 -11.28 37.08 -0.12
C ARG B 476 -10.04 36.62 0.64
N GLU B 477 -8.86 36.88 0.06
CA GLU B 477 -7.59 36.55 0.71
C GLU B 477 -7.40 37.37 2.00
N GLU B 478 -8.21 38.41 2.16
CA GLU B 478 -8.15 39.25 3.35
C GLU B 478 -8.88 38.62 4.54
N VAL B 479 -9.91 37.82 4.24
CA VAL B 479 -10.77 37.29 5.30
C VAL B 479 -10.66 35.78 5.49
N ILE B 480 -10.35 35.06 4.40
CA ILE B 480 -10.16 33.62 4.48
C ILE B 480 -8.80 33.21 3.92
N ASP B 481 -8.29 32.09 4.41
CA ASP B 481 -7.04 31.53 3.92
C ASP B 481 -7.30 30.54 2.80
N PHE B 482 -6.58 30.72 1.70
CA PHE B 482 -6.71 29.82 0.56
C PHE B 482 -5.54 28.85 0.47
N SER B 483 -5.83 27.66 -0.06
CA SER B 483 -4.80 26.69 -0.37
C SER B 483 -4.20 27.04 -1.72
N LYS B 484 -3.35 26.17 -2.24
CA LYS B 484 -2.85 26.31 -3.60
C LYS B 484 -4.01 26.01 -4.56
N PRO B 485 -3.88 26.40 -5.84
CA PRO B 485 -5.02 26.12 -6.71
C PRO B 485 -5.16 24.64 -7.02
N PHE B 486 -6.38 24.14 -7.06
CA PHE B 486 -6.61 22.75 -7.44
C PHE B 486 -7.14 22.65 -8.85
N MET B 487 -7.36 23.80 -9.47
CA MET B 487 -7.92 23.85 -10.82
C MET B 487 -7.80 25.25 -11.43
N SER B 488 -6.89 25.41 -12.38
CA SER B 488 -6.74 26.69 -13.08
C SER B 488 -7.81 26.85 -14.15
N LEU B 489 -8.29 28.07 -14.32
CA LEU B 489 -9.31 28.36 -15.34
C LEU B 489 -9.24 29.82 -15.80
N GLY B 490 -10.11 30.19 -16.73
CA GLY B 490 -10.14 31.54 -17.24
C GLY B 490 -11.50 31.93 -17.79
N ILE B 491 -11.70 33.23 -18.01
CA ILE B 491 -12.95 33.71 -18.57
C ILE B 491 -12.95 33.48 -20.09
N SER B 492 -13.94 32.72 -20.55
CA SER B 492 -13.94 32.25 -21.94
C SER B 492 -15.21 32.62 -22.71
N ILE B 493 -15.29 32.12 -23.95
CA ILE B 493 -16.39 32.45 -24.85
C ILE B 493 -17.19 31.22 -25.21
N MET B 494 -18.48 31.23 -24.86
CA MET B 494 -19.39 30.17 -25.29
C MET B 494 -20.25 30.68 -26.44
N ILE B 495 -20.12 30.03 -27.60
CA ILE B 495 -20.95 30.37 -28.74
C ILE B 495 -21.79 29.16 -29.13
N LYS B 496 -22.91 29.40 -29.81
CA LYS B 496 -23.71 28.30 -30.30
C LYS B 496 -22.92 27.56 -31.36
N LYS B 497 -22.62 26.30 -31.09
CA LYS B 497 -21.75 25.49 -31.94
C LYS B 497 -22.15 25.60 -33.41
N PRO B 498 -21.18 26.01 -34.26
CA PRO B 498 -21.43 26.22 -35.68
C PRO B 498 -21.98 24.95 -36.32
N GLN B 499 -23.18 25.08 -36.87
CA GLN B 499 -23.85 23.95 -37.49
C GLN B 499 -23.38 23.77 -38.93
N LYS B 500 -23.87 22.73 -39.59
CA LYS B 500 -23.40 22.36 -40.92
C LYS B 500 -24.17 23.09 -42.01
N SER B 501 -25.37 23.55 -41.67
CA SER B 501 -26.25 24.22 -42.62
C SER B 501 -25.87 25.69 -42.77
N LYS B 502 -24.95 25.97 -43.70
CA LYS B 502 -24.53 27.35 -43.98
C LYS B 502 -24.18 27.58 -45.45
N PRO B 503 -24.81 28.60 -46.05
CA PRO B 503 -24.57 29.02 -47.44
C PRO B 503 -23.16 29.59 -47.68
N GLY B 504 -23.11 30.86 -48.07
CA GLY B 504 -21.84 31.48 -48.40
C GLY B 504 -21.35 31.11 -49.79
N VAL B 505 -21.35 32.09 -50.68
CA VAL B 505 -20.79 31.90 -52.01
C VAL B 505 -19.27 32.01 -51.92
N PHE B 506 -18.79 32.30 -50.71
CA PHE B 506 -17.36 32.38 -50.43
C PHE B 506 -16.70 31.00 -50.44
N SER B 507 -17.47 29.95 -50.14
CA SER B 507 -16.96 28.58 -50.18
C SER B 507 -16.94 28.05 -51.61
N PHE B 508 -17.01 28.98 -52.57
CA PHE B 508 -16.91 28.67 -53.99
C PHE B 508 -15.69 29.38 -54.53
N LEU B 509 -15.50 30.62 -54.09
CA LEU B 509 -14.35 31.42 -54.47
C LEU B 509 -13.13 30.97 -53.69
N ASP B 510 -13.36 30.15 -52.66
CA ASP B 510 -12.23 29.54 -51.96
C ASP B 510 -11.58 28.40 -52.76
N PRO B 511 -12.29 27.27 -52.99
CA PRO B 511 -11.67 26.10 -53.63
C PRO B 511 -10.81 26.46 -54.84
N LEU B 512 -11.38 27.22 -55.75
CA LEU B 512 -10.60 27.85 -56.81
C LEU B 512 -10.27 29.26 -56.34
N ALA B 513 -9.03 29.46 -55.89
CA ALA B 513 -8.61 30.68 -55.20
C ALA B 513 -8.87 31.97 -56.00
N TYR B 514 -8.87 33.09 -55.30
CA TYR B 514 -9.14 34.40 -55.91
C TYR B 514 -8.08 34.80 -56.93
N GLU B 515 -6.90 34.19 -56.84
CA GLU B 515 -5.78 34.54 -57.70
C GLU B 515 -5.73 33.64 -58.93
N ILE B 516 -6.50 32.56 -58.89
CA ILE B 516 -6.60 31.65 -60.02
C ILE B 516 -7.81 32.04 -60.88
N TRP B 517 -8.79 32.67 -60.26
CA TRP B 517 -9.93 33.21 -60.99
C TRP B 517 -9.49 34.38 -61.86
N MET B 518 -8.43 35.06 -61.42
CA MET B 518 -7.94 36.23 -62.15
C MET B 518 -7.25 35.83 -63.45
N CYS B 519 -6.20 35.02 -63.35
CA CYS B 519 -5.39 34.64 -64.51
C CYS B 519 -6.09 33.63 -65.43
N ILE B 520 -7.22 33.11 -64.99
CA ILE B 520 -8.03 32.27 -65.87
C ILE B 520 -8.93 33.18 -66.70
N VAL B 521 -8.75 34.48 -66.52
CA VAL B 521 -9.40 35.48 -67.36
C VAL B 521 -8.32 36.27 -68.10
N PHE B 522 -7.13 36.35 -67.49
CA PHE B 522 -5.99 37.01 -68.12
C PHE B 522 -5.45 36.18 -69.28
N ALA B 523 -5.44 34.87 -69.10
CA ALA B 523 -5.01 33.94 -70.13
C ALA B 523 -6.22 33.38 -70.86
N TYR B 524 -7.36 34.07 -70.71
CA TYR B 524 -8.59 33.71 -71.40
C TYR B 524 -8.85 34.70 -72.52
N ILE B 525 -8.61 35.98 -72.23
CA ILE B 525 -8.67 37.02 -73.25
C ILE B 525 -7.32 37.13 -73.94
N GLY B 526 -6.41 36.23 -73.58
CA GLY B 526 -5.11 36.12 -74.23
C GLY B 526 -5.11 35.01 -75.25
N VAL B 527 -6.23 34.31 -75.36
CA VAL B 527 -6.42 33.30 -76.39
C VAL B 527 -7.28 33.90 -77.49
N SER B 528 -8.17 34.81 -77.09
CA SER B 528 -9.04 35.51 -78.02
C SER B 528 -8.33 36.72 -78.63
N VAL B 529 -7.05 36.89 -78.30
CA VAL B 529 -6.23 37.94 -78.90
C VAL B 529 -5.11 37.28 -79.69
N VAL B 530 -4.95 35.98 -79.50
CA VAL B 530 -4.01 35.18 -80.26
C VAL B 530 -4.73 34.61 -81.49
N LEU B 531 -6.01 34.28 -81.30
CA LEU B 531 -6.86 33.79 -82.38
C LEU B 531 -7.39 34.94 -83.23
N PHE B 532 -7.50 36.11 -82.60
CA PHE B 532 -7.95 37.32 -83.30
C PHE B 532 -6.91 37.77 -84.32
N LEU B 533 -5.66 37.35 -84.11
CA LEU B 533 -4.58 37.65 -85.04
C LEU B 533 -4.31 36.49 -85.99
N VAL B 534 -5.06 35.40 -85.81
CA VAL B 534 -5.00 34.27 -86.73
C VAL B 534 -5.83 34.59 -87.98
N SER B 535 -6.93 35.30 -87.76
CA SER B 535 -7.80 35.72 -88.85
C SER B 535 -7.45 37.13 -89.31
N THR B 559 -12.02 47.93 -91.96
CA THR B 559 -10.86 47.26 -91.39
C THR B 559 -10.90 47.30 -89.87
N ASN B 560 -11.64 48.26 -89.33
CA ASN B 560 -11.77 48.41 -87.88
C ASN B 560 -13.05 47.77 -87.35
N GLU B 561 -14.06 47.67 -88.20
CA GLU B 561 -15.30 46.99 -87.85
C GLU B 561 -15.20 45.51 -88.21
N PHE B 562 -14.16 45.17 -88.98
CA PHE B 562 -13.85 43.78 -89.29
C PHE B 562 -12.89 43.23 -88.25
N GLY B 563 -12.54 44.08 -87.28
CA GLY B 563 -11.70 43.68 -86.16
C GLY B 563 -12.49 43.78 -84.87
N ILE B 564 -13.77 44.13 -85.01
CA ILE B 564 -14.67 44.22 -83.88
C ILE B 564 -15.71 43.11 -83.93
N PHE B 565 -15.90 42.55 -85.12
CA PHE B 565 -16.79 41.41 -85.30
C PHE B 565 -15.97 40.13 -85.40
N ASN B 566 -14.66 40.29 -85.56
CA ASN B 566 -13.73 39.17 -85.55
C ASN B 566 -13.12 39.00 -84.15
N SER B 567 -13.49 39.92 -83.27
CA SER B 567 -13.08 39.84 -81.86
C SER B 567 -14.29 39.45 -81.02
N LEU B 568 -15.45 39.43 -81.65
CA LEU B 568 -16.68 39.01 -81.01
C LEU B 568 -17.09 37.63 -81.50
N TRP B 569 -16.33 37.12 -82.47
CA TRP B 569 -16.51 35.77 -82.97
C TRP B 569 -15.32 34.92 -82.53
N PHE B 570 -14.34 35.60 -81.93
CA PHE B 570 -13.19 34.93 -81.33
C PHE B 570 -13.36 34.92 -79.82
N SER B 571 -14.39 35.63 -79.35
CA SER B 571 -14.72 35.66 -77.93
C SER B 571 -15.93 34.77 -77.66
N LEU B 572 -16.49 34.22 -78.73
CA LEU B 572 -17.55 33.23 -78.64
C LEU B 572 -16.94 31.86 -78.82
N GLY B 573 -15.72 31.84 -79.34
CA GLY B 573 -14.92 30.64 -79.42
C GLY B 573 -14.01 30.55 -78.22
N ALA B 574 -14.32 31.37 -77.21
CA ALA B 574 -13.58 31.38 -75.95
C ALA B 574 -14.50 30.98 -74.80
N PHE B 575 -15.76 31.40 -74.89
CA PHE B 575 -16.79 30.90 -73.98
C PHE B 575 -16.93 29.40 -74.24
N MET B 576 -16.09 28.62 -73.57
CA MET B 576 -15.85 27.21 -73.89
C MET B 576 -17.09 26.34 -74.10
N GLN B 577 -16.90 25.27 -74.86
CA GLN B 577 -17.96 24.31 -75.14
C GLN B 577 -17.40 22.89 -75.18
N PRO B 584 -11.33 25.55 -90.56
CA PRO B 584 -10.72 24.30 -91.03
C PRO B 584 -9.45 23.94 -90.27
N ARG B 585 -8.54 23.21 -90.92
CA ARG B 585 -7.36 22.68 -90.25
C ARG B 585 -6.17 23.65 -90.28
N SER B 586 -6.40 24.89 -89.85
CA SER B 586 -5.33 25.87 -89.77
C SER B 586 -4.43 25.54 -88.59
N LEU B 587 -3.26 24.95 -88.87
CA LEU B 587 -2.32 24.53 -87.83
C LEU B 587 -1.78 25.71 -87.01
N SER B 588 -2.27 26.90 -87.32
CA SER B 588 -2.03 28.07 -86.49
C SER B 588 -2.92 28.03 -85.26
N GLY B 589 -4.19 28.33 -85.46
CA GLY B 589 -5.15 28.40 -84.37
C GLY B 589 -5.66 27.06 -83.87
N ARG B 590 -5.35 25.99 -84.59
CA ARG B 590 -5.81 24.66 -84.21
C ARG B 590 -5.01 24.08 -83.03
N ILE B 591 -3.74 24.48 -82.93
CA ILE B 591 -2.92 24.04 -81.81
C ILE B 591 -3.16 24.94 -80.60
N VAL B 592 -3.87 26.05 -80.81
CA VAL B 592 -4.34 26.87 -79.71
C VAL B 592 -5.55 26.18 -79.08
N GLY B 593 -6.36 25.54 -79.92
CA GLY B 593 -7.52 24.81 -79.46
C GLY B 593 -7.15 23.66 -78.55
N GLY B 594 -6.28 22.78 -79.04
CA GLY B 594 -5.86 21.60 -78.28
C GLY B 594 -5.11 21.92 -77.00
N VAL B 595 -4.39 23.03 -76.98
CA VAL B 595 -3.60 23.40 -75.81
C VAL B 595 -4.44 24.15 -74.76
N TRP B 596 -5.33 25.03 -75.22
CA TRP B 596 -6.25 25.72 -74.31
C TRP B 596 -7.30 24.76 -73.77
N TRP B 597 -7.66 23.75 -74.57
CA TRP B 597 -8.63 22.75 -74.13
C TRP B 597 -8.05 21.85 -73.05
N PHE B 598 -6.75 21.60 -73.13
CA PHE B 598 -6.06 20.78 -72.14
C PHE B 598 -5.79 21.58 -70.86
N PHE B 599 -5.55 22.87 -71.00
CA PHE B 599 -5.34 23.74 -69.85
C PHE B 599 -6.59 23.82 -69.00
N THR B 600 -7.74 23.95 -69.66
CA THR B 600 -9.02 24.09 -68.97
C THR B 600 -9.55 22.75 -68.47
N LEU B 601 -9.09 21.66 -69.08
CA LEU B 601 -9.42 20.32 -68.60
C LEU B 601 -8.79 20.10 -67.23
N ILE B 602 -7.57 20.57 -67.07
CA ILE B 602 -6.86 20.44 -65.80
C ILE B 602 -7.50 21.29 -64.71
N ILE B 603 -7.82 22.54 -65.05
CA ILE B 603 -8.38 23.48 -64.09
C ILE B 603 -9.69 22.98 -63.46
N ILE B 604 -10.59 22.47 -64.29
CA ILE B 604 -11.86 21.95 -63.79
C ILE B 604 -11.66 20.63 -63.05
N SER B 605 -10.62 19.89 -63.42
CA SER B 605 -10.27 18.67 -62.71
C SER B 605 -9.68 19.01 -61.34
N SER B 606 -9.00 20.15 -61.26
CA SER B 606 -8.37 20.57 -60.00
C SER B 606 -9.33 21.34 -59.10
N TYR B 607 -10.47 21.75 -59.66
CA TYR B 607 -11.54 22.33 -58.84
C TYR B 607 -12.47 21.23 -58.37
N THR B 608 -12.58 20.18 -59.17
CA THR B 608 -13.44 19.05 -58.85
C THR B 608 -12.89 18.23 -57.69
N ALA B 609 -11.61 17.90 -57.76
CA ALA B 609 -10.98 17.06 -56.75
C ALA B 609 -10.76 17.80 -55.43
N ASN B 610 -10.61 19.12 -55.50
CA ASN B 610 -10.43 19.93 -54.31
C ASN B 610 -11.76 20.24 -53.62
N LEU B 611 -12.82 20.30 -54.42
CA LEU B 611 -14.18 20.43 -53.88
C LEU B 611 -14.55 19.13 -53.17
N ALA B 612 -13.95 18.03 -53.63
CA ALA B 612 -14.16 16.73 -53.01
C ALA B 612 -13.27 16.55 -51.78
N ALA B 613 -12.46 17.57 -51.48
CA ALA B 613 -11.60 17.51 -50.30
C ALA B 613 -12.26 18.19 -49.11
N PHE B 614 -13.04 19.23 -49.37
CA PHE B 614 -13.70 20.00 -48.30
C PHE B 614 -15.03 19.38 -47.90
N LEU B 615 -15.55 18.53 -48.77
CA LEU B 615 -16.80 17.86 -48.49
C LEU B 615 -16.53 16.49 -47.89
N THR B 616 -15.32 15.98 -48.09
CA THR B 616 -14.96 14.66 -47.57
C THR B 616 -14.51 14.73 -46.12
N VAL B 617 -13.25 15.14 -45.91
CA VAL B 617 -12.68 15.28 -44.57
C VAL B 617 -13.50 16.26 -43.75
N GLU B 618 -13.75 17.44 -44.33
CA GLU B 618 -14.71 18.40 -43.80
C GLU B 618 -14.44 18.82 -42.36
N ARG B 619 -13.58 19.83 -42.21
CA ARG B 619 -13.31 20.40 -40.90
C ARG B 619 -13.99 21.75 -40.73
N MET B 620 -14.61 21.96 -39.57
CA MET B 620 -15.31 23.19 -39.29
C MET B 620 -14.37 24.29 -38.83
N VAL B 621 -14.76 25.54 -39.11
CA VAL B 621 -14.02 26.70 -38.62
C VAL B 621 -14.99 27.69 -37.98
N SER B 622 -14.67 28.13 -36.77
CA SER B 622 -15.54 29.02 -36.01
C SER B 622 -15.25 30.48 -36.35
N PRO B 623 -16.27 31.34 -36.22
CA PRO B 623 -16.11 32.78 -36.48
C PRO B 623 -15.16 33.47 -35.51
N ILE B 624 -15.58 33.62 -34.26
CA ILE B 624 -14.85 34.38 -33.25
C ILE B 624 -13.60 33.68 -32.76
N GLU B 625 -12.46 34.35 -32.85
CA GLU B 625 -11.18 33.76 -32.45
C GLU B 625 -10.68 34.29 -31.10
N SER B 626 -11.27 35.40 -30.65
CA SER B 626 -10.89 36.01 -29.39
C SER B 626 -11.90 37.09 -29.00
N ALA B 627 -11.72 37.68 -27.83
CA ALA B 627 -12.59 38.76 -27.37
C ALA B 627 -12.41 40.00 -28.25
N GLU B 628 -11.35 39.99 -29.06
CA GLU B 628 -11.12 41.04 -30.04
C GLU B 628 -12.17 40.96 -31.14
N ASP B 629 -12.62 39.75 -31.45
CA ASP B 629 -13.58 39.54 -32.53
C ASP B 629 -15.02 39.67 -32.04
N LEU B 630 -15.17 40.18 -30.83
CA LEU B 630 -16.48 40.48 -30.27
C LEU B 630 -16.62 41.98 -30.04
N SER B 631 -15.47 42.65 -29.88
CA SER B 631 -15.44 44.08 -29.65
C SER B 631 -15.54 44.86 -30.94
N LYS B 632 -15.19 44.21 -32.06
CA LYS B 632 -15.16 44.89 -33.35
C LYS B 632 -16.45 44.67 -34.16
N GLN B 633 -17.46 44.11 -33.51
CA GLN B 633 -18.77 43.94 -34.13
C GLN B 633 -19.85 43.83 -33.07
N THR B 634 -21.09 44.12 -33.43
CA THR B 634 -22.20 44.06 -32.48
C THR B 634 -23.41 43.33 -33.05
N GLU B 635 -23.24 42.70 -34.21
CA GLU B 635 -24.31 41.91 -34.81
C GLU B 635 -24.60 40.70 -33.95
N ILE B 636 -23.54 40.13 -33.39
CA ILE B 636 -23.67 39.01 -32.46
C ILE B 636 -23.59 39.51 -31.02
N ALA B 637 -24.71 39.46 -30.31
CA ALA B 637 -24.79 39.95 -28.95
C ALA B 637 -23.95 39.09 -28.00
N TYR B 638 -23.49 39.70 -26.91
CA TYR B 638 -22.72 38.98 -25.90
C TYR B 638 -22.83 39.64 -24.53
N GLY B 639 -23.07 38.81 -23.51
CA GLY B 639 -23.16 39.28 -22.14
C GLY B 639 -22.71 38.19 -21.19
N THR B 640 -22.69 38.51 -19.90
CA THR B 640 -22.28 37.54 -18.89
C THR B 640 -23.42 37.27 -17.92
N LEU B 641 -23.07 36.78 -16.74
CA LEU B 641 -24.06 36.59 -15.67
C LEU B 641 -24.36 37.96 -15.07
N ASP B 642 -25.51 38.08 -14.40
CA ASP B 642 -25.93 39.36 -13.85
C ASP B 642 -25.27 39.65 -12.49
N SER B 643 -24.66 38.64 -11.90
CA SER B 643 -24.01 38.81 -10.60
C SER B 643 -22.82 37.86 -10.44
N GLY B 644 -21.85 38.27 -9.64
CA GLY B 644 -20.69 37.43 -9.35
C GLY B 644 -19.39 37.95 -9.93
N SER B 645 -18.46 37.03 -10.15
CA SER B 645 -17.10 37.36 -10.58
C SER B 645 -17.01 37.98 -11.96
N THR B 646 -17.48 37.25 -12.97
CA THR B 646 -17.31 37.64 -14.37
C THR B 646 -17.80 39.05 -14.70
N LYS B 647 -18.94 39.43 -14.13
CA LYS B 647 -19.49 40.75 -14.38
C LYS B 647 -18.60 41.83 -13.73
N GLU B 648 -18.05 41.51 -12.57
CA GLU B 648 -17.13 42.41 -11.89
C GLU B 648 -15.82 42.59 -12.64
N PHE B 649 -15.48 41.60 -13.46
CA PHE B 649 -14.23 41.65 -14.22
C PHE B 649 -14.27 42.73 -15.30
N PHE B 650 -15.25 42.62 -16.20
CA PHE B 650 -15.41 43.61 -17.26
C PHE B 650 -15.63 45.00 -16.69
N ARG B 651 -16.20 45.07 -15.49
CA ARG B 651 -16.51 46.35 -14.85
C ARG B 651 -15.24 47.12 -14.52
N ARG B 652 -14.41 46.56 -13.63
CA ARG B 652 -13.19 47.25 -13.18
C ARG B 652 -12.01 47.06 -14.13
N SER B 653 -12.29 46.57 -15.33
CA SER B 653 -11.25 46.34 -16.33
C SER B 653 -10.69 47.65 -16.88
N LYS B 654 -9.36 47.76 -16.89
CA LYS B 654 -8.69 48.92 -17.46
C LYS B 654 -8.12 48.58 -18.83
N ILE B 655 -8.30 47.32 -19.24
CA ILE B 655 -7.83 46.86 -20.54
C ILE B 655 -8.67 47.50 -21.65
N ALA B 656 -8.01 47.92 -22.71
CA ALA B 656 -8.64 48.64 -23.82
C ALA B 656 -9.82 47.89 -24.45
N VAL B 657 -9.61 46.64 -24.81
CA VAL B 657 -10.63 45.88 -25.53
C VAL B 657 -11.80 45.46 -24.65
N PHE B 658 -11.51 45.04 -23.42
CA PHE B 658 -12.54 44.60 -22.49
C PHE B 658 -13.41 45.77 -22.04
N ASP B 659 -12.79 46.93 -21.85
CA ASP B 659 -13.51 48.15 -21.54
C ASP B 659 -14.44 48.51 -22.69
N LYS B 660 -13.96 48.27 -23.91
CA LYS B 660 -14.76 48.49 -25.11
C LYS B 660 -15.92 47.49 -25.16
N MET B 661 -15.74 46.35 -24.51
CA MET B 661 -16.79 45.35 -24.42
C MET B 661 -17.75 45.69 -23.29
N TRP B 662 -17.20 46.22 -22.20
CA TRP B 662 -17.99 46.60 -21.04
C TRP B 662 -18.89 47.81 -21.34
N THR B 663 -18.30 48.84 -21.94
CA THR B 663 -19.04 50.05 -22.31
C THR B 663 -20.21 49.72 -23.22
N TYR B 664 -20.01 48.71 -24.08
CA TYR B 664 -21.07 48.22 -24.95
C TYR B 664 -22.16 47.50 -24.16
N MET B 665 -21.75 46.65 -23.22
CA MET B 665 -22.69 45.82 -22.49
C MET B 665 -23.51 46.58 -21.45
N ARG B 666 -22.96 47.69 -20.96
CA ARG B 666 -23.69 48.54 -20.01
C ARG B 666 -25.00 49.03 -20.61
N SER B 667 -24.92 49.55 -21.83
CA SER B 667 -26.05 50.17 -22.48
C SER B 667 -26.59 49.29 -23.61
N ALA B 668 -26.51 47.98 -23.43
CA ALA B 668 -26.98 47.04 -24.44
C ALA B 668 -28.51 47.02 -24.52
N GLU B 669 -29.03 47.21 -25.73
CA GLU B 669 -30.47 47.16 -25.97
C GLU B 669 -30.81 46.12 -27.04
N PRO B 670 -31.52 45.05 -26.65
CA PRO B 670 -32.00 44.76 -25.29
C PRO B 670 -30.89 44.27 -24.37
N SER B 671 -31.23 43.99 -23.11
CA SER B 671 -30.26 43.59 -22.11
C SER B 671 -29.55 42.28 -22.48
N VAL B 672 -28.24 42.27 -22.32
CA VAL B 672 -27.44 41.10 -22.66
C VAL B 672 -27.08 40.27 -21.43
N PHE B 673 -27.54 40.71 -20.26
CA PHE B 673 -27.22 40.01 -19.02
C PHE B 673 -28.27 38.95 -18.67
N VAL B 674 -27.82 37.90 -17.99
CA VAL B 674 -28.70 36.81 -17.59
C VAL B 674 -28.61 36.52 -16.09
N ARG B 675 -29.71 36.03 -15.52
CA ARG B 675 -29.81 35.81 -14.09
C ARG B 675 -29.15 34.50 -13.63
N THR B 676 -29.40 33.42 -14.35
CA THR B 676 -28.81 32.13 -14.01
C THR B 676 -27.90 31.62 -15.12
N THR B 677 -27.11 30.58 -14.81
CA THR B 677 -26.22 29.99 -15.79
C THR B 677 -27.04 29.23 -16.83
N ALA B 678 -28.14 28.63 -16.39
CA ALA B 678 -29.03 27.90 -17.27
C ALA B 678 -29.69 28.83 -18.28
N GLU B 679 -29.79 30.10 -17.93
CA GLU B 679 -30.39 31.09 -18.80
C GLU B 679 -29.44 31.45 -19.94
N GLY B 680 -28.19 31.71 -19.59
CA GLY B 680 -27.17 32.08 -20.56
C GLY B 680 -26.89 31.00 -21.58
N VAL B 681 -26.89 29.74 -21.14
CA VAL B 681 -26.61 28.62 -22.02
C VAL B 681 -27.76 28.40 -23.00
N ALA B 682 -28.98 28.43 -22.50
CA ALA B 682 -30.17 28.25 -23.32
C ALA B 682 -30.43 29.46 -24.20
N ARG B 683 -29.89 30.62 -23.81
CA ARG B 683 -30.01 31.82 -24.63
C ARG B 683 -29.06 31.72 -25.81
N VAL B 684 -27.88 31.17 -25.56
CA VAL B 684 -26.91 30.91 -26.61
C VAL B 684 -27.47 29.88 -27.60
N ARG B 685 -28.12 28.85 -27.05
CA ARG B 685 -28.69 27.78 -27.86
C ARG B 685 -29.90 28.24 -28.67
N LYS B 686 -30.72 29.11 -28.10
CA LYS B 686 -31.94 29.54 -28.79
C LYS B 686 -31.76 30.87 -29.54
N SER B 687 -30.51 31.26 -29.79
CA SER B 687 -30.22 32.48 -30.53
C SER B 687 -29.72 32.18 -31.94
N LYS B 688 -29.69 30.89 -32.28
CA LYS B 688 -29.33 30.44 -33.63
C LYS B 688 -27.92 30.86 -34.04
N GLY B 689 -27.15 31.37 -33.07
CA GLY B 689 -25.80 31.83 -33.33
C GLY B 689 -25.68 33.34 -33.26
N LYS B 690 -26.55 33.97 -32.47
CA LYS B 690 -26.57 35.44 -32.38
C LYS B 690 -26.39 35.94 -30.95
N TYR B 691 -26.05 35.04 -30.04
CA TYR B 691 -25.70 35.44 -28.68
C TYR B 691 -24.62 34.54 -28.09
N ALA B 692 -23.53 35.15 -27.67
CA ALA B 692 -22.46 34.44 -27.00
C ALA B 692 -22.53 34.67 -25.49
N TYR B 693 -22.07 33.70 -24.72
CA TYR B 693 -22.07 33.80 -23.26
C TYR B 693 -20.66 33.69 -22.70
N LEU B 694 -20.27 34.69 -21.91
CA LEU B 694 -18.95 34.71 -21.28
C LEU B 694 -19.02 34.12 -19.88
N LEU B 695 -18.24 33.07 -19.64
CA LEU B 695 -18.17 32.46 -18.32
C LEU B 695 -16.84 31.75 -18.13
N GLU B 696 -16.60 31.28 -16.90
CA GLU B 696 -15.33 30.63 -16.56
C GLU B 696 -15.10 29.37 -17.40
N SER B 697 -13.82 29.08 -17.67
CA SER B 697 -13.44 28.05 -18.64
C SER B 697 -13.91 26.65 -18.27
N THR B 698 -14.06 26.40 -16.97
CA THR B 698 -14.47 25.08 -16.48
C THR B 698 -15.84 24.67 -17.01
N MET B 699 -16.88 25.37 -16.59
CA MET B 699 -18.24 25.03 -16.97
C MET B 699 -18.47 25.13 -18.48
N ASN B 700 -17.69 25.98 -19.14
CA ASN B 700 -17.79 26.14 -20.59
C ASN B 700 -17.45 24.85 -21.33
N GLU B 701 -16.34 24.22 -20.96
CA GLU B 701 -15.97 22.94 -21.55
C GLU B 701 -16.79 21.80 -20.95
N TYR B 702 -17.58 22.13 -19.92
CA TYR B 702 -18.50 21.16 -19.34
C TYR B 702 -19.79 21.08 -20.16
N ILE B 703 -20.32 22.24 -20.53
CA ILE B 703 -21.54 22.31 -21.33
C ILE B 703 -21.31 21.78 -22.75
N GLU B 704 -20.06 21.84 -23.21
CA GLU B 704 -19.71 21.31 -24.51
C GLU B 704 -19.88 19.79 -24.55
N GLN B 705 -19.92 19.19 -23.37
CA GLN B 705 -20.06 17.74 -23.25
C GLN B 705 -21.48 17.29 -22.94
N ARG B 706 -22.41 18.25 -22.91
CA ARG B 706 -23.80 17.95 -22.59
C ARG B 706 -24.71 18.06 -23.82
N LYS B 707 -25.74 17.22 -23.86
CA LYS B 707 -26.69 17.24 -24.97
C LYS B 707 -27.50 18.53 -25.00
N PRO B 708 -27.93 18.97 -26.19
CA PRO B 708 -27.70 18.32 -27.49
C PRO B 708 -26.37 18.71 -28.13
N CYS B 709 -25.41 19.15 -27.31
CA CYS B 709 -24.07 19.51 -27.79
C CYS B 709 -24.11 20.56 -28.88
N ASP B 710 -24.88 21.63 -28.66
CA ASP B 710 -24.95 22.72 -29.62
C ASP B 710 -24.17 23.93 -29.10
N THR B 711 -23.21 23.67 -28.21
CA THR B 711 -22.36 24.71 -27.66
C THR B 711 -20.89 24.35 -27.85
N MET B 712 -20.03 25.36 -27.91
CA MET B 712 -18.60 25.16 -28.12
C MET B 712 -17.76 26.24 -27.45
N LYS B 713 -16.57 25.88 -26.98
CA LYS B 713 -15.65 26.83 -26.40
C LYS B 713 -14.62 27.28 -27.43
N VAL B 714 -14.63 28.57 -27.77
CA VAL B 714 -13.73 29.12 -28.78
C VAL B 714 -12.84 30.22 -28.22
N GLY B 715 -11.69 30.42 -28.85
CA GLY B 715 -10.77 31.47 -28.46
C GLY B 715 -10.08 31.20 -27.13
N GLY B 716 -8.94 31.85 -26.93
CA GLY B 716 -8.22 31.72 -25.68
C GLY B 716 -8.97 32.38 -24.54
N ASN B 717 -8.78 31.88 -23.33
CA ASN B 717 -9.42 32.47 -22.16
C ASN B 717 -8.94 33.90 -21.95
N LEU B 718 -9.76 34.71 -21.29
CA LEU B 718 -9.40 36.11 -21.07
C LEU B 718 -8.28 36.26 -20.03
N ASP B 719 -8.49 35.67 -18.86
CA ASP B 719 -7.57 35.81 -17.75
C ASP B 719 -6.93 34.49 -17.35
N SER B 720 -6.57 34.39 -16.07
CA SER B 720 -5.96 33.18 -15.53
C SER B 720 -6.26 33.04 -14.04
N LYS B 721 -7.43 32.51 -13.71
CA LYS B 721 -7.86 32.36 -12.32
C LYS B 721 -7.47 31.01 -11.73
N GLY B 722 -8.21 30.59 -10.72
CA GLY B 722 -8.00 29.29 -10.09
C GLY B 722 -8.88 29.09 -8.88
N TYR B 723 -9.47 27.91 -8.76
CA TYR B 723 -10.22 27.56 -7.55
C TYR B 723 -9.24 27.10 -6.49
N GLY B 724 -9.61 27.28 -5.23
CA GLY B 724 -8.80 26.80 -4.13
C GLY B 724 -9.66 26.26 -3.02
N ILE B 725 -9.04 25.74 -1.99
CA ILE B 725 -9.77 25.29 -0.81
C ILE B 725 -9.56 26.31 0.31
N ALA B 726 -10.66 26.87 0.81
CA ALA B 726 -10.60 27.98 1.75
C ALA B 726 -10.84 27.54 3.20
N THR B 727 -9.95 27.98 4.08
CA THR B 727 -10.07 27.71 5.50
C THR B 727 -10.06 29.03 6.25
N PRO B 728 -10.70 29.08 7.43
CA PRO B 728 -10.69 30.30 8.25
C PRO B 728 -9.29 30.78 8.57
N LYS B 729 -9.15 32.08 8.80
CA LYS B 729 -7.85 32.69 9.08
C LYS B 729 -7.16 32.05 10.28
N GLY B 730 -5.99 31.46 10.05
CA GLY B 730 -5.22 30.85 11.11
C GLY B 730 -5.67 29.44 11.47
N SER B 731 -6.38 28.80 10.55
CA SER B 731 -6.88 27.45 10.77
C SER B 731 -5.73 26.44 10.84
N SER B 732 -5.84 25.50 11.77
CA SER B 732 -4.88 24.41 11.88
C SER B 732 -5.09 23.43 10.73
N LEU B 733 -6.27 23.49 10.13
CA LEU B 733 -6.57 22.73 8.91
C LEU B 733 -5.75 23.28 7.76
N GLY B 734 -5.49 24.59 7.81
CA GLY B 734 -4.82 25.32 6.74
C GLY B 734 -3.63 24.64 6.09
N THR B 735 -2.49 24.65 6.78
CA THR B 735 -1.26 24.11 6.23
C THR B 735 -1.29 22.64 5.74
N PRO B 736 -2.02 21.75 6.43
CA PRO B 736 -2.12 20.39 5.87
C PRO B 736 -2.97 20.32 4.60
N VAL B 737 -4.16 20.93 4.63
CA VAL B 737 -5.05 20.90 3.47
C VAL B 737 -4.35 21.45 2.23
N ASN B 738 -3.47 22.42 2.45
CA ASN B 738 -2.63 22.95 1.38
C ASN B 738 -1.66 21.87 0.88
N LEU B 739 -0.99 21.22 1.81
CA LEU B 739 -0.07 20.12 1.46
C LEU B 739 -0.81 18.98 0.77
N ALA B 740 -2.09 18.82 1.08
CA ALA B 740 -2.90 17.79 0.45
C ALA B 740 -3.05 18.04 -1.05
N VAL B 741 -3.55 19.23 -1.39
CA VAL B 741 -3.80 19.61 -2.77
C VAL B 741 -2.56 19.41 -3.65
N LEU B 742 -1.42 19.90 -3.16
CA LEU B 742 -0.14 19.73 -3.85
C LEU B 742 0.13 18.27 -4.17
N LYS B 743 0.10 17.45 -3.13
CA LYS B 743 0.32 16.01 -3.25
C LYS B 743 -0.67 15.41 -4.23
N LEU B 744 -1.92 15.87 -4.17
CA LEU B 744 -2.95 15.39 -5.06
C LEU B 744 -2.66 15.78 -6.51
N SER B 745 -2.08 16.95 -6.70
CA SER B 745 -1.81 17.44 -8.05
C SER B 745 -0.62 16.73 -8.69
N GLU B 746 0.42 16.49 -7.90
CA GLU B 746 1.60 15.79 -8.40
C GLU B 746 1.31 14.31 -8.62
N GLN B 747 0.49 13.72 -7.77
CA GLN B 747 0.02 12.36 -7.99
C GLN B 747 -1.01 12.34 -9.11
N GLY B 748 -1.46 13.53 -9.50
CA GLY B 748 -2.29 13.69 -10.68
C GLY B 748 -3.71 13.19 -10.58
N VAL B 749 -4.20 12.99 -9.35
CA VAL B 749 -5.57 12.56 -9.16
C VAL B 749 -6.54 13.65 -9.63
N LEU B 750 -6.07 14.89 -9.61
CA LEU B 750 -6.89 16.03 -10.03
C LEU B 750 -7.18 15.95 -11.52
N ASP B 751 -6.15 15.60 -12.30
CA ASP B 751 -6.29 15.44 -13.74
C ASP B 751 -7.33 14.38 -14.09
N LYS B 752 -7.20 13.21 -13.45
CA LYS B 752 -8.12 12.11 -13.66
C LYS B 752 -9.53 12.49 -13.22
N LEU B 753 -9.63 13.12 -12.05
CA LEU B 753 -10.92 13.49 -11.49
C LEU B 753 -11.68 14.43 -12.42
N LYS B 754 -10.96 15.36 -13.04
CA LYS B 754 -11.55 16.24 -14.03
C LYS B 754 -12.04 15.43 -15.23
N ASN B 755 -11.15 14.60 -15.76
CA ASN B 755 -11.44 13.79 -16.94
C ASN B 755 -12.62 12.83 -16.72
N LYS B 756 -12.79 12.41 -15.47
CA LYS B 756 -13.87 11.50 -15.12
C LYS B 756 -15.23 12.18 -15.17
N TRP B 757 -15.34 13.32 -14.49
CA TRP B 757 -16.61 14.05 -14.41
C TRP B 757 -16.88 14.91 -15.64
N TRP B 758 -15.83 15.27 -16.37
CA TRP B 758 -15.98 16.12 -17.55
C TRP B 758 -16.07 15.32 -18.85
N TYR B 759 -15.17 14.34 -19.02
CA TYR B 759 -15.05 13.65 -20.30
C TYR B 759 -15.43 12.17 -20.30
N ASP B 760 -15.18 11.47 -19.20
CA ASP B 760 -15.52 10.05 -19.11
C ASP B 760 -17.03 9.84 -19.16
N LYS B 761 -17.77 10.79 -18.59
CA LYS B 761 -19.22 10.74 -18.57
C LYS B 761 -19.79 11.75 -19.54
N GLY B 762 -18.91 12.38 -20.33
CA GLY B 762 -19.32 13.35 -21.33
C GLY B 762 -20.18 12.73 -22.41
N GLU B 763 -21.27 13.40 -22.76
CA GLU B 763 -22.24 12.88 -23.71
C GLU B 763 -21.83 13.10 -25.17
N CYS B 764 -20.58 13.50 -25.39
CA CYS B 764 -20.07 13.73 -26.73
C CYS B 764 -18.71 13.06 -26.95
N SER B 776 -24.00 13.72 -45.05
CA SER B 776 -24.85 12.93 -45.93
C SER B 776 -25.96 13.79 -46.55
N ALA B 777 -25.57 14.94 -47.07
CA ALA B 777 -26.53 15.85 -47.72
C ALA B 777 -25.81 16.85 -48.62
N LEU B 778 -26.55 17.41 -49.58
CA LEU B 778 -26.00 18.42 -50.48
C LEU B 778 -26.91 19.64 -50.50
N SER B 779 -26.44 20.76 -49.94
CA SER B 779 -27.24 21.98 -49.83
C SER B 779 -27.14 22.82 -51.08
N LEU B 780 -28.25 23.48 -51.43
CA LEU B 780 -28.28 24.45 -52.51
C LEU B 780 -27.68 25.75 -51.98
N SER B 781 -26.67 25.60 -51.13
CA SER B 781 -26.14 26.71 -50.36
C SER B 781 -25.11 27.49 -51.20
N ASN B 782 -24.16 26.74 -51.74
CA ASN B 782 -23.15 27.29 -52.61
C ASN B 782 -23.63 27.32 -54.05
N VAL B 783 -24.51 26.39 -54.40
CA VAL B 783 -25.00 26.26 -55.77
C VAL B 783 -25.81 27.48 -56.18
N ALA B 784 -26.49 28.09 -55.21
CA ALA B 784 -27.29 29.29 -55.47
C ALA B 784 -26.43 30.43 -55.99
N GLY B 785 -25.17 30.46 -55.55
CA GLY B 785 -24.24 31.48 -56.01
C GLY B 785 -23.90 31.35 -57.47
N VAL B 786 -24.30 30.23 -58.08
CA VAL B 786 -24.09 30.02 -59.51
C VAL B 786 -25.42 30.24 -60.25
N PHE B 787 -26.49 30.43 -59.48
CA PHE B 787 -27.79 30.73 -60.05
C PHE B 787 -27.91 32.21 -60.42
N TYR B 788 -27.41 33.06 -59.53
CA TYR B 788 -27.54 34.51 -59.70
C TYR B 788 -26.68 35.04 -60.84
N ILE B 789 -25.46 34.53 -60.96
CA ILE B 789 -24.56 34.94 -62.03
C ILE B 789 -25.02 34.34 -63.36
N LEU B 790 -25.93 33.39 -63.27
CA LEU B 790 -26.55 32.78 -64.44
C LEU B 790 -27.68 33.67 -64.97
N VAL B 791 -28.56 34.11 -64.09
CA VAL B 791 -29.65 34.99 -64.47
C VAL B 791 -29.12 36.42 -64.69
N GLY B 792 -27.94 36.69 -64.14
CA GLY B 792 -27.25 37.94 -64.38
C GLY B 792 -26.54 37.90 -65.73
N GLY B 793 -26.37 36.69 -66.25
CA GLY B 793 -25.84 36.50 -67.58
C GLY B 793 -26.96 36.44 -68.58
N LEU B 794 -28.17 36.15 -68.09
CA LEU B 794 -29.37 36.16 -68.91
C LEU B 794 -29.81 37.60 -69.15
N GLY B 795 -29.83 38.39 -68.08
CA GLY B 795 -30.27 39.77 -68.14
C GLY B 795 -29.27 40.67 -68.86
N LEU B 796 -28.01 40.26 -68.84
CA LEU B 796 -26.96 40.97 -69.57
C LEU B 796 -27.03 40.61 -71.05
N ALA B 797 -27.62 39.45 -71.33
CA ALA B 797 -27.78 38.98 -72.70
C ALA B 797 -28.95 39.67 -73.38
N MET B 798 -30.05 39.81 -72.64
CA MET B 798 -31.26 40.43 -73.18
C MET B 798 -31.13 41.96 -73.17
N LEU B 799 -30.01 42.46 -72.66
CA LEU B 799 -29.74 43.89 -72.67
C LEU B 799 -28.84 44.25 -73.85
N VAL B 800 -27.92 43.35 -74.19
CA VAL B 800 -27.10 43.49 -75.37
C VAL B 800 -27.94 43.14 -76.60
N ALA B 801 -29.00 42.36 -76.36
CA ALA B 801 -29.94 41.99 -77.42
C ALA B 801 -30.69 43.22 -77.93
N LEU B 802 -31.24 44.01 -77.01
CA LEU B 802 -32.09 45.13 -77.38
C LEU B 802 -31.35 46.31 -78.00
N ILE B 803 -30.03 46.35 -77.86
CA ILE B 803 -29.25 47.42 -78.47
C ILE B 803 -28.91 47.10 -79.92
N GLU B 804 -28.83 45.80 -80.24
CA GLU B 804 -28.47 45.37 -81.58
C GLU B 804 -29.66 45.44 -82.54
N PHE B 805 -30.84 45.72 -82.00
CA PHE B 805 -32.02 45.93 -82.82
C PHE B 805 -32.36 47.41 -82.88
N CYS B 806 -31.73 48.18 -82.00
CA CYS B 806 -31.93 49.63 -81.98
C CYS B 806 -31.03 50.29 -83.00
N TYR B 807 -29.76 49.88 -83.02
CA TYR B 807 -28.80 50.38 -83.99
C TYR B 807 -29.15 49.85 -85.37
N LYS B 808 -29.60 48.60 -85.42
CA LYS B 808 -30.00 47.97 -86.67
C LYS B 808 -31.51 48.01 -86.85
N ASN C 1 39.36 48.18 63.76
CA ASN C 1 38.46 47.03 63.76
C ASN C 1 38.72 46.12 62.56
N SER C 2 39.87 45.46 62.56
CA SER C 2 40.27 44.61 61.45
C SER C 2 39.55 43.27 61.46
N ILE C 3 38.67 43.08 60.48
CA ILE C 3 38.01 41.79 60.25
C ILE C 3 38.64 41.14 59.02
N GLN C 4 39.75 40.44 59.24
CA GLN C 4 40.55 39.88 58.16
C GLN C 4 39.79 38.87 57.29
N ILE C 5 40.12 38.82 56.01
CA ILE C 5 39.50 37.88 55.08
C ILE C 5 40.55 37.16 54.23
N GLY C 6 40.11 36.16 53.47
CA GLY C 6 41.00 35.43 52.59
C GLY C 6 40.72 35.73 51.13
N GLY C 7 41.75 35.63 50.29
CA GLY C 7 41.60 35.96 48.89
C GLY C 7 42.49 35.14 47.96
N LEU C 8 41.88 34.25 47.18
CA LEU C 8 42.62 33.42 46.24
C LEU C 8 42.42 33.91 44.80
N PHE C 9 43.42 34.60 44.28
CA PHE C 9 43.36 35.14 42.92
C PHE C 9 44.28 34.35 41.98
N PRO C 10 43.83 34.14 40.73
CA PRO C 10 44.58 33.39 39.72
C PRO C 10 45.89 34.07 39.34
N ARG C 11 46.67 33.43 38.47
CA ARG C 11 47.95 33.99 38.02
C ARG C 11 47.83 34.78 36.71
N GLY C 12 46.66 35.35 36.47
CA GLY C 12 46.42 36.12 35.25
C GLY C 12 45.34 37.17 35.44
N ALA C 13 44.69 37.14 36.59
CA ALA C 13 43.62 38.08 36.89
C ALA C 13 44.16 39.39 37.44
N ASP C 14 44.23 40.39 36.57
CA ASP C 14 44.72 41.71 36.97
C ASP C 14 43.56 42.66 37.24
N GLN C 15 42.69 42.83 36.24
CA GLN C 15 41.53 43.71 36.36
C GLN C 15 40.62 43.23 37.49
N GLU C 16 40.54 41.91 37.67
CA GLU C 16 39.77 41.33 38.75
C GLU C 16 40.37 41.73 40.10
N TYR C 17 41.69 41.75 40.19
CA TYR C 17 42.36 42.12 41.43
C TYR C 17 42.36 43.64 41.65
N SER C 18 42.50 44.39 40.57
CA SER C 18 42.48 45.85 40.65
C SER C 18 41.11 46.35 41.10
N ALA C 19 40.07 45.69 40.61
CA ALA C 19 38.70 46.02 41.00
C ALA C 19 38.41 45.57 42.42
N PHE C 20 39.15 44.56 42.88
CA PHE C 20 39.02 44.09 44.24
C PHE C 20 39.53 45.16 45.21
N ARG C 21 40.55 45.88 44.78
CA ARG C 21 41.13 46.96 45.58
C ARG C 21 40.29 48.23 45.47
N VAL C 22 39.54 48.33 44.38
CA VAL C 22 38.64 49.47 44.18
C VAL C 22 37.42 49.37 45.09
N GLY C 23 36.78 48.21 45.10
CA GLY C 23 35.64 47.96 45.97
C GLY C 23 36.04 48.01 47.43
N MET C 24 37.31 47.74 47.71
CA MET C 24 37.83 47.81 49.06
C MET C 24 37.86 49.24 49.58
N VAL C 25 38.27 50.18 48.73
CA VAL C 25 38.34 51.58 49.14
C VAL C 25 36.96 52.22 49.21
N GLN C 26 36.10 51.82 48.29
CA GLN C 26 34.75 52.39 48.19
C GLN C 26 33.84 51.97 49.34
N PHE C 27 33.92 50.71 49.75
CA PHE C 27 33.00 50.18 50.75
C PHE C 27 33.57 50.07 52.16
N SER C 28 34.87 50.32 52.31
CA SER C 28 35.47 50.37 53.64
C SER C 28 34.89 51.53 54.42
N THR C 29 34.98 51.48 55.74
CA THR C 29 34.28 52.44 56.58
C THR C 29 35.02 52.79 57.86
N SER C 30 34.37 53.59 58.69
CA SER C 30 34.89 53.93 60.01
C SER C 30 34.60 52.80 60.98
N GLU C 31 33.57 52.02 60.65
CA GLU C 31 33.15 50.90 61.49
C GLU C 31 34.24 49.84 61.57
N PHE C 32 34.51 49.21 60.44
CA PHE C 32 35.47 48.12 60.38
C PHE C 32 36.25 48.11 59.07
N ARG C 33 37.50 47.68 59.13
CA ARG C 33 38.32 47.55 57.93
C ARG C 33 38.43 46.08 57.56
N LEU C 34 38.47 45.80 56.25
CA LEU C 34 38.70 44.45 55.76
C LEU C 34 40.15 44.30 55.33
N THR C 35 40.98 43.79 56.24
CA THR C 35 42.38 43.55 55.93
C THR C 35 42.52 42.25 55.14
N PRO C 36 42.81 42.38 53.84
CA PRO C 36 42.78 41.21 52.96
C PRO C 36 44.17 40.61 52.74
N HIS C 37 44.30 39.31 53.00
CA HIS C 37 45.53 38.63 52.64
C HIS C 37 45.36 37.96 51.28
N ILE C 38 46.35 38.14 50.42
CA ILE C 38 46.23 37.75 49.03
C ILE C 38 47.23 36.67 48.61
N ASP C 39 46.72 35.65 47.92
CA ASP C 39 47.56 34.59 47.37
C ASP C 39 47.29 34.40 45.88
N ASN C 40 48.34 34.44 45.08
CA ASN C 40 48.23 34.15 43.66
C ASN C 40 48.64 32.71 43.37
N LEU C 41 47.72 31.93 42.80
CA LEU C 41 47.92 30.49 42.70
C LEU C 41 47.49 29.90 41.36
N GLU C 42 48.05 28.73 41.05
CA GLU C 42 47.66 27.96 39.90
C GLU C 42 46.29 27.33 40.16
N VAL C 43 45.25 27.99 39.66
CA VAL C 43 43.87 27.63 39.98
C VAL C 43 43.50 26.19 39.59
N ALA C 44 44.03 25.73 38.46
CA ALA C 44 43.68 24.41 37.93
C ALA C 44 44.42 23.27 38.64
N ASN C 45 45.02 23.56 39.78
CA ASN C 45 45.73 22.55 40.55
C ASN C 45 45.14 22.38 41.95
N SER C 46 44.44 21.27 42.16
CA SER C 46 43.77 21.01 43.43
C SER C 46 44.73 21.02 44.61
N PHE C 47 45.97 20.58 44.38
CA PHE C 47 47.00 20.60 45.41
C PHE C 47 47.29 22.05 45.79
N ALA C 48 47.47 22.89 44.78
CA ALA C 48 47.78 24.30 44.99
C ALA C 48 46.63 25.02 45.67
N VAL C 49 45.41 24.58 45.39
CA VAL C 49 44.21 25.15 46.00
C VAL C 49 44.06 24.62 47.44
N THR C 50 44.45 23.38 47.66
CA THR C 50 44.40 22.77 48.98
C THR C 50 45.33 23.50 49.94
N ASN C 51 46.58 23.68 49.51
CA ASN C 51 47.55 24.45 50.28
C ASN C 51 47.05 25.85 50.59
N ALA C 52 46.61 26.55 49.55
CA ALA C 52 46.18 27.95 49.69
C ALA C 52 44.97 28.10 50.61
N PHE C 53 44.05 27.14 50.54
CA PHE C 53 42.86 27.18 51.38
C PHE C 53 43.22 27.03 52.86
N CYS C 54 43.91 25.94 53.17
CA CYS C 54 44.28 25.64 54.55
C CYS C 54 45.30 26.65 55.08
N SER C 55 45.98 27.34 54.18
CA SER C 55 46.90 28.41 54.56
C SER C 55 46.12 29.60 55.10
N GLN C 56 45.07 29.97 54.38
CA GLN C 56 44.17 31.03 54.81
C GLN C 56 43.40 30.58 56.05
N PHE C 57 43.08 29.30 56.10
CA PHE C 57 42.33 28.73 57.21
C PHE C 57 43.09 28.85 58.53
N SER C 58 44.35 28.41 58.52
CA SER C 58 45.19 28.46 59.72
C SER C 58 45.38 29.89 60.20
N ARG C 59 45.40 30.84 59.27
CA ARG C 59 45.49 32.26 59.61
C ARG C 59 44.28 32.67 60.43
N GLY C 60 43.16 31.99 60.23
CA GLY C 60 41.94 32.31 60.93
C GLY C 60 41.15 33.39 60.21
N VAL C 61 41.10 33.31 58.88
CA VAL C 61 40.29 34.22 58.09
C VAL C 61 38.82 33.98 58.39
N TYR C 62 38.02 35.03 58.31
CA TYR C 62 36.60 34.94 58.65
C TYR C 62 35.76 34.54 57.44
N ALA C 63 36.34 34.69 56.25
CA ALA C 63 35.68 34.30 55.00
C ALA C 63 36.70 34.31 53.86
N ILE C 64 36.41 33.60 52.78
CA ILE C 64 37.32 33.56 51.64
C ILE C 64 36.62 33.94 50.35
N PHE C 65 37.10 35.02 49.73
CA PHE C 65 36.65 35.38 48.38
C PHE C 65 37.67 34.84 47.39
N GLY C 66 37.21 34.03 46.44
CA GLY C 66 38.13 33.41 45.50
C GLY C 66 37.53 32.92 44.21
N PHE C 67 38.33 32.15 43.46
CA PHE C 67 37.92 31.57 42.19
C PHE C 67 38.31 30.11 42.15
N TYR C 68 37.57 29.31 41.38
CA TYR C 68 37.89 27.90 41.20
C TYR C 68 37.86 27.45 39.75
N ASP C 69 38.56 26.35 39.47
CA ASP C 69 38.55 25.73 38.15
C ASP C 69 37.59 24.54 38.21
N LYS C 70 37.34 23.91 37.07
CA LYS C 70 36.50 22.73 37.03
C LYS C 70 37.17 21.59 37.79
N LYS C 71 38.49 21.65 37.88
CA LYS C 71 39.29 20.60 38.50
C LYS C 71 39.57 20.88 39.96
N SER C 72 38.89 21.88 40.52
CA SER C 72 39.21 22.34 41.86
C SER C 72 37.97 22.68 42.68
N VAL C 73 36.87 22.99 42.00
CA VAL C 73 35.65 23.41 42.67
C VAL C 73 35.22 22.40 43.72
N ASN C 74 35.48 21.13 43.47
CA ASN C 74 35.23 20.08 44.45
C ASN C 74 36.08 20.26 45.71
N THR C 75 37.36 20.58 45.52
CA THR C 75 38.28 20.80 46.63
C THR C 75 37.79 21.92 47.54
N ILE C 76 37.24 22.97 46.92
CA ILE C 76 36.73 24.10 47.69
C ILE C 76 35.44 23.77 48.43
N THR C 77 34.42 23.33 47.70
CA THR C 77 33.11 23.06 48.28
C THR C 77 33.12 21.96 49.34
N SER C 78 34.05 21.02 49.19
CA SER C 78 34.17 19.93 50.15
C SER C 78 34.80 20.42 51.45
N PHE C 79 35.76 21.33 51.33
CA PHE C 79 36.42 21.91 52.50
C PHE C 79 35.59 23.04 53.10
N CYS C 80 34.68 23.59 52.31
CA CYS C 80 33.79 24.63 52.81
C CYS C 80 32.61 24.04 53.57
N GLY C 81 32.04 22.97 53.03
CA GLY C 81 30.94 22.28 53.69
C GLY C 81 31.39 21.57 54.95
N THR C 82 32.69 21.26 55.02
CA THR C 82 33.26 20.58 56.18
C THR C 82 33.67 21.58 57.26
N LEU C 83 34.65 22.42 56.95
CA LEU C 83 35.21 23.34 57.94
C LEU C 83 34.29 24.52 58.24
N HIS C 84 33.11 24.53 57.60
CA HIS C 84 32.15 25.62 57.74
C HIS C 84 32.74 26.98 57.39
N VAL C 85 33.75 26.95 56.51
CA VAL C 85 34.33 28.15 55.97
C VAL C 85 33.45 28.69 54.85
N SER C 86 33.07 29.96 54.97
CA SER C 86 32.22 30.59 53.97
C SER C 86 33.04 31.02 52.75
N PHE C 87 32.46 30.81 51.56
CA PHE C 87 33.16 31.12 50.31
C PHE C 87 32.33 32.04 49.41
N ILE C 88 32.99 33.03 48.83
CA ILE C 88 32.33 33.98 47.94
C ILE C 88 33.06 34.00 46.59
N THR C 89 32.32 33.87 45.49
CA THR C 89 32.94 33.78 44.16
C THR C 89 32.11 34.33 43.01
N PRO C 90 32.79 34.95 42.02
CA PRO C 90 32.20 35.41 40.77
C PRO C 90 32.26 34.36 39.67
N SER C 91 32.95 33.25 39.93
CA SER C 91 33.05 32.17 38.95
C SER C 91 31.72 31.44 38.79
N PHE C 92 31.70 30.42 37.93
CA PHE C 92 30.45 29.71 37.63
C PHE C 92 29.84 29.04 38.86
N PRO C 93 28.51 29.11 38.97
CA PRO C 93 27.77 28.47 40.08
C PRO C 93 28.02 26.97 40.12
N THR C 94 28.01 26.40 41.33
CA THR C 94 28.31 24.98 41.50
C THR C 94 27.25 24.09 40.86
N ASP C 95 27.62 22.83 40.63
CA ASP C 95 26.69 21.85 40.08
C ASP C 95 25.95 21.13 41.21
N GLY C 96 25.32 21.92 42.09
CA GLY C 96 24.61 21.38 43.23
C GLY C 96 24.24 22.45 44.24
N THR C 97 23.82 22.02 45.43
CA THR C 97 23.41 22.95 46.47
C THR C 97 24.43 22.98 47.61
N HIS C 98 25.69 23.16 47.26
CA HIS C 98 26.76 23.18 48.24
C HIS C 98 26.59 24.35 49.22
N PRO C 99 26.77 24.08 50.51
CA PRO C 99 26.61 25.10 51.55
C PRO C 99 27.89 25.91 51.76
N PHE C 100 27.76 27.09 52.39
CA PHE C 100 28.88 27.98 52.62
C PHE C 100 29.52 28.46 51.32
N VAL C 101 28.69 28.71 50.32
CA VAL C 101 29.13 29.23 49.03
C VAL C 101 28.20 30.35 48.57
N ILE C 102 28.78 31.50 48.22
CA ILE C 102 28.02 32.66 47.79
C ILE C 102 28.37 33.00 46.34
N GLN C 103 27.64 32.41 45.40
CA GLN C 103 27.92 32.61 43.98
C GLN C 103 27.42 33.96 43.47
N MET C 104 28.35 34.77 43.00
CA MET C 104 28.02 36.11 42.50
C MET C 104 27.51 36.08 41.07
N ARG C 105 28.06 35.18 40.25
CA ARG C 105 27.61 35.04 38.87
C ARG C 105 26.26 34.36 38.81
N PRO C 106 25.25 35.06 38.29
CA PRO C 106 23.90 34.50 38.21
C PRO C 106 23.81 33.32 37.25
N ASP C 107 22.68 32.62 37.27
CA ASP C 107 22.49 31.45 36.42
C ASP C 107 22.22 31.84 34.97
N LEU C 108 23.15 31.45 34.10
CA LEU C 108 23.09 31.81 32.68
C LEU C 108 22.16 30.89 31.89
N LYS C 109 21.96 29.68 32.41
CA LYS C 109 21.22 28.63 31.69
C LYS C 109 19.84 29.03 31.21
N GLY C 110 18.97 29.44 32.14
CA GLY C 110 17.61 29.82 31.81
C GLY C 110 17.53 30.94 30.79
N ALA C 111 18.47 31.87 30.87
CA ALA C 111 18.54 32.97 29.92
C ALA C 111 18.86 32.47 28.52
N LEU C 112 19.81 31.54 28.43
CA LEU C 112 20.22 30.97 27.15
C LEU C 112 19.10 30.11 26.56
N LEU C 113 18.50 29.28 27.40
CA LEU C 113 17.42 28.40 26.96
C LEU C 113 16.26 29.16 26.32
N SER C 114 15.70 30.11 27.06
CA SER C 114 14.57 30.88 26.58
C SER C 114 14.93 31.76 25.38
N LEU C 115 16.22 32.04 25.22
CA LEU C 115 16.69 32.81 24.07
C LEU C 115 16.62 31.96 22.81
N ILE C 116 17.01 30.70 22.93
CA ILE C 116 16.91 29.75 21.81
C ILE C 116 15.45 29.61 21.41
N GLU C 117 14.56 29.66 22.39
CA GLU C 117 13.13 29.57 22.15
C GLU C 117 12.62 30.80 21.40
N TYR C 118 13.09 31.97 21.82
CA TYR C 118 12.71 33.23 21.20
C TYR C 118 13.03 33.22 19.71
N TYR C 119 14.26 32.86 19.38
CA TYR C 119 14.72 32.81 18.00
C TYR C 119 14.12 31.64 17.23
N GLN C 120 13.35 30.80 17.92
CA GLN C 120 12.68 29.66 17.32
C GLN C 120 13.62 28.72 16.55
N TRP C 121 14.70 28.32 17.18
CA TRP C 121 15.64 27.38 16.56
C TRP C 121 15.20 25.94 16.73
N ASP C 122 15.27 25.16 15.65
CA ASP C 122 14.98 23.74 15.70
C ASP C 122 16.22 22.96 15.32
N LYS C 123 17.10 23.62 14.56
CA LYS C 123 18.38 23.03 14.19
C LYS C 123 19.50 24.03 14.38
N PHE C 124 20.54 23.62 15.10
CA PHE C 124 21.73 24.45 15.29
C PHE C 124 22.92 23.65 15.81
N ALA C 125 24.07 24.32 15.88
CA ALA C 125 25.29 23.71 16.39
C ALA C 125 25.71 24.36 17.70
N TYR C 126 26.67 23.75 18.39
CA TYR C 126 27.05 24.21 19.72
C TYR C 126 28.51 23.93 20.00
N LEU C 127 29.35 24.96 19.87
CA LEU C 127 30.74 24.85 20.27
C LEU C 127 30.78 25.03 21.78
N TYR C 128 31.68 24.31 22.45
CA TYR C 128 31.74 24.42 23.90
C TYR C 128 33.15 24.30 24.47
N ASP C 129 33.45 25.14 25.45
CA ASP C 129 34.72 25.09 26.15
C ASP C 129 34.55 24.22 27.39
N SER C 130 35.54 23.39 27.68
CA SER C 130 35.49 22.50 28.83
C SER C 130 35.73 23.26 30.14
N ASP C 131 35.96 24.56 30.02
CA ASP C 131 36.27 25.43 31.17
C ASP C 131 35.26 25.38 32.30
N ARG C 132 34.16 26.11 32.15
CA ARG C 132 33.21 26.31 33.24
C ARG C 132 32.20 25.19 33.39
N GLY C 133 32.65 23.96 33.15
CA GLY C 133 31.79 22.79 33.29
C GLY C 133 30.77 22.70 32.16
N LEU C 134 30.48 21.48 31.75
CA LEU C 134 29.53 21.24 30.66
C LEU C 134 28.08 21.50 31.09
N SER C 135 27.92 22.19 32.22
CA SER C 135 26.62 22.49 32.81
C SER C 135 25.64 23.10 31.81
N THR C 136 26.08 24.11 31.07
CA THR C 136 25.24 24.78 30.10
C THR C 136 25.10 23.97 28.81
N LEU C 137 26.08 23.12 28.54
CA LEU C 137 26.01 22.23 27.39
C LEU C 137 24.94 21.17 27.59
N GLN C 138 24.95 20.54 28.76
CA GLN C 138 23.99 19.48 29.07
C GLN C 138 22.56 20.01 29.12
N ALA C 139 22.39 21.21 29.64
CA ALA C 139 21.07 21.82 29.80
C ALA C 139 20.31 21.92 28.48
N VAL C 140 21.00 22.40 27.44
CA VAL C 140 20.38 22.51 26.13
C VAL C 140 20.36 21.14 25.44
N LEU C 141 21.25 20.25 25.88
CA LEU C 141 21.25 18.88 25.37
C LEU C 141 20.09 18.10 25.96
N ASP C 142 19.73 18.42 27.20
CA ASP C 142 18.56 17.81 27.82
C ASP C 142 17.28 18.36 27.21
N SER C 143 17.20 19.67 27.09
CA SER C 143 16.02 20.34 26.55
C SER C 143 15.79 20.03 25.07
N ALA C 144 16.78 19.40 24.45
CA ALA C 144 16.75 19.12 23.01
C ALA C 144 15.50 18.38 22.57
N ALA C 145 15.08 17.39 23.36
CA ALA C 145 13.94 16.56 23.01
C ALA C 145 12.62 17.32 23.13
N GLU C 146 12.34 17.85 24.32
CA GLU C 146 11.09 18.54 24.61
C GLU C 146 10.78 19.66 23.62
N LYS C 147 11.73 20.57 23.43
CA LYS C 147 11.54 21.71 22.55
C LYS C 147 11.75 21.31 21.09
N LYS C 148 12.04 20.03 20.87
CA LYS C 148 12.24 19.46 19.54
C LYS C 148 13.44 20.06 18.79
N TRP C 149 14.64 19.71 19.24
CA TRP C 149 15.87 20.26 18.66
C TRP C 149 16.78 19.21 18.04
N GLN C 150 17.65 19.67 17.13
CA GLN C 150 18.75 18.86 16.61
C GLN C 150 20.04 19.60 16.95
N VAL C 151 20.73 19.15 17.99
CA VAL C 151 21.90 19.87 18.48
C VAL C 151 23.22 19.17 18.18
N THR C 152 24.02 19.80 17.32
CA THR C 152 25.35 19.31 16.98
C THR C 152 26.37 19.95 17.93
N ALA C 153 26.89 19.16 18.87
CA ALA C 153 27.81 19.68 19.88
C ALA C 153 29.27 19.39 19.54
N ILE C 154 30.08 20.44 19.52
CA ILE C 154 31.48 20.31 19.16
C ILE C 154 32.41 20.84 20.24
N ASN C 155 33.27 19.96 20.77
CA ASN C 155 34.28 20.37 21.73
C ASN C 155 35.36 21.18 21.04
N VAL C 156 35.72 22.32 21.63
CA VAL C 156 36.72 23.20 21.03
C VAL C 156 37.77 23.60 22.07
N GLY C 157 37.51 23.25 23.32
CA GLY C 157 38.35 23.66 24.43
C GLY C 157 39.65 22.90 24.60
N ASN C 158 40.14 22.31 23.51
CA ASN C 158 41.42 21.60 23.54
C ASN C 158 42.25 21.83 22.30
N ILE C 159 42.14 23.02 21.73
CA ILE C 159 42.95 23.40 20.57
C ILE C 159 44.33 23.87 21.02
N ASN C 160 45.37 23.21 20.51
CA ASN C 160 46.73 23.65 20.79
C ASN C 160 47.02 24.94 20.03
N ASN C 161 47.71 25.88 20.67
CA ASN C 161 47.95 27.19 20.08
C ASN C 161 48.96 27.19 18.93
N ASP C 162 49.49 26.03 18.59
CA ASP C 162 50.40 25.90 17.45
C ASP C 162 49.64 25.81 16.15
N LYS C 163 48.52 25.09 16.18
CA LYS C 163 47.66 24.92 15.02
C LYS C 163 46.27 25.47 15.33
N LYS C 164 46.23 26.51 16.13
CA LYS C 164 44.96 27.12 16.57
C LYS C 164 44.17 27.67 15.39
N ASP C 165 44.86 28.28 14.43
CA ASP C 165 44.21 28.88 13.27
C ASP C 165 43.77 27.84 12.24
N GLU C 166 44.34 26.65 12.32
CA GLU C 166 44.01 25.58 11.38
C GLU C 166 42.82 24.75 11.85
N THR C 167 42.81 24.40 13.13
CA THR C 167 41.73 23.62 13.71
C THR C 167 40.42 24.41 13.70
N TYR C 168 40.52 25.71 13.93
CA TYR C 168 39.35 26.59 13.91
C TYR C 168 38.78 26.74 12.49
N ARG C 169 39.60 26.43 11.49
CA ARG C 169 39.14 26.46 10.11
C ARG C 169 38.68 25.07 9.65
N SER C 170 39.09 24.04 10.38
CA SER C 170 38.69 22.67 10.07
C SER C 170 37.26 22.42 10.54
N LEU C 171 36.84 23.19 11.55
CA LEU C 171 35.53 23.03 12.17
C LEU C 171 34.43 23.63 11.30
N PHE C 172 34.62 24.86 10.85
CA PHE C 172 33.59 25.54 10.06
C PHE C 172 33.49 25.01 8.64
N GLN C 173 34.60 24.49 8.13
CA GLN C 173 34.61 23.83 6.83
C GLN C 173 34.00 22.42 6.98
N ASP C 174 33.77 22.03 8.23
CA ASP C 174 33.04 20.82 8.56
C ASP C 174 31.58 21.17 8.84
N LEU C 175 31.32 22.46 9.04
CA LEU C 175 29.96 22.94 9.22
C LEU C 175 29.39 23.50 7.91
N GLU C 176 30.10 23.23 6.82
CA GLU C 176 29.59 23.49 5.49
C GLU C 176 29.11 22.14 4.95
N LEU C 177 28.85 21.23 5.88
CA LEU C 177 28.44 19.87 5.58
C LEU C 177 26.94 19.74 5.77
N LYS C 178 26.50 19.88 7.02
CA LYS C 178 25.09 19.90 7.36
C LYS C 178 24.55 21.31 7.12
N LYS C 179 25.41 22.19 6.64
CA LYS C 179 25.07 23.56 6.32
C LYS C 179 24.46 24.29 7.51
N GLU C 180 24.96 23.95 8.70
CA GLU C 180 24.52 24.58 9.94
C GLU C 180 24.92 26.05 9.93
N ARG C 181 23.94 26.94 9.80
CA ARG C 181 24.20 28.37 9.76
C ARG C 181 23.91 29.05 11.09
N ARG C 182 23.55 28.24 12.09
CA ARG C 182 23.23 28.77 13.42
C ARG C 182 24.16 28.21 14.48
N VAL C 183 24.81 29.09 15.23
CA VAL C 183 25.89 28.68 16.14
C VAL C 183 25.82 29.34 17.52
N ILE C 184 26.05 28.52 18.55
CA ILE C 184 26.22 29.02 19.91
C ILE C 184 27.66 28.80 20.34
N LEU C 185 28.23 29.74 21.08
CA LEU C 185 29.66 29.70 21.39
C LEU C 185 30.06 29.08 22.74
N ASP C 186 29.48 29.58 23.83
CA ASP C 186 29.82 29.15 25.18
C ASP C 186 31.32 28.91 25.41
N CYS C 187 32.09 29.99 25.47
CA CYS C 187 33.51 29.92 25.73
C CYS C 187 34.00 31.12 26.52
N GLU C 188 35.18 30.97 27.13
CA GLU C 188 35.86 32.10 27.78
C GLU C 188 36.02 33.20 26.73
N ARG C 189 35.93 34.45 27.16
CA ARG C 189 35.99 35.59 26.24
C ARG C 189 37.27 35.59 25.39
N ASP C 190 38.34 35.03 25.96
CA ASP C 190 39.60 34.91 25.23
C ASP C 190 39.48 33.88 24.10
N LYS C 191 38.55 32.96 24.25
CA LYS C 191 38.33 31.94 23.24
C LYS C 191 37.25 32.39 22.26
N VAL C 192 36.40 33.31 22.70
CA VAL C 192 35.37 33.89 21.84
C VAL C 192 36.03 34.65 20.69
N ASN C 193 36.89 35.61 21.02
CA ASN C 193 37.61 36.39 20.01
C ASN C 193 38.65 35.57 19.26
N ASP C 194 38.95 34.38 19.78
CA ASP C 194 39.77 33.42 19.05
C ASP C 194 38.93 32.81 17.94
N ILE C 195 37.63 32.68 18.19
CA ILE C 195 36.71 32.11 17.21
C ILE C 195 36.13 33.16 16.28
N VAL C 196 35.78 34.32 16.85
CA VAL C 196 35.24 35.44 16.08
C VAL C 196 36.20 35.84 14.96
N ASP C 197 37.49 35.89 15.27
CA ASP C 197 38.52 36.20 14.28
C ASP C 197 38.56 35.15 13.18
N GLN C 198 38.21 33.92 13.54
CA GLN C 198 38.26 32.80 12.60
C GLN C 198 36.95 32.61 11.85
N VAL C 199 36.01 33.53 12.03
CA VAL C 199 34.79 33.54 11.24
C VAL C 199 34.91 34.61 10.16
N ILE C 200 35.54 35.72 10.52
CA ILE C 200 35.87 36.78 9.58
C ILE C 200 36.77 36.24 8.49
N THR C 201 37.70 35.37 8.88
CA THR C 201 38.68 34.81 7.95
C THR C 201 38.05 33.86 6.94
N ILE C 202 37.29 32.88 7.43
CA ILE C 202 36.62 31.94 6.54
C ILE C 202 35.45 32.63 5.83
N GLY C 203 35.04 33.77 6.36
CA GLY C 203 34.08 34.64 5.70
C GLY C 203 32.63 34.36 6.04
N LYS C 204 32.40 33.67 7.15
CA LYS C 204 31.05 33.31 7.55
C LYS C 204 30.36 34.41 8.36
N HIS C 205 30.98 35.58 8.41
CA HIS C 205 30.39 36.69 9.16
C HIS C 205 29.39 37.49 8.32
N VAL C 206 29.09 36.98 7.13
CA VAL C 206 28.16 37.63 6.21
C VAL C 206 26.70 37.37 6.59
N LYS C 207 25.79 37.96 5.82
CA LYS C 207 24.35 37.75 6.04
C LYS C 207 23.93 36.33 5.69
N GLY C 208 23.42 35.60 6.67
CA GLY C 208 23.04 34.22 6.50
C GLY C 208 23.61 33.36 7.61
N TYR C 209 24.13 34.03 8.63
CA TYR C 209 24.69 33.36 9.79
C TYR C 209 24.22 34.04 11.07
N HIS C 210 24.00 33.25 12.13
CA HIS C 210 23.48 33.77 13.39
C HIS C 210 24.29 33.22 14.57
N TYR C 211 25.07 34.08 15.20
CA TYR C 211 25.96 33.65 16.28
C TYR C 211 25.49 34.13 17.65
N ILE C 212 25.26 33.18 18.55
CA ILE C 212 24.89 33.50 19.94
C ILE C 212 26.07 33.34 20.89
N ILE C 213 26.40 34.41 21.60
CA ILE C 213 27.51 34.40 22.54
C ILE C 213 27.02 34.03 23.94
N ALA C 214 27.36 32.83 24.39
CA ALA C 214 26.85 32.32 25.66
C ALA C 214 27.76 32.64 26.85
N ASN C 215 27.84 33.92 27.19
CA ASN C 215 28.45 34.34 28.45
C ASN C 215 27.79 35.61 28.98
N LEU C 216 28.03 35.92 30.24
CA LEU C 216 27.40 37.09 30.86
C LEU C 216 28.19 38.37 30.59
N GLY C 217 28.73 38.48 29.39
CA GLY C 217 29.50 39.64 28.99
C GLY C 217 29.59 39.76 27.48
N PHE C 218 28.54 40.30 26.87
CA PHE C 218 28.49 40.44 25.42
C PHE C 218 29.44 41.53 24.92
N THR C 219 29.46 42.65 25.64
CA THR C 219 30.23 43.82 25.22
C THR C 219 31.65 43.82 25.78
N ASP C 220 31.97 42.81 26.58
CA ASP C 220 33.29 42.71 27.20
C ASP C 220 34.37 42.45 26.16
N GLY C 221 33.97 41.90 25.02
CA GLY C 221 34.90 41.59 23.95
C GLY C 221 34.87 42.63 22.84
N ASP C 222 35.49 42.30 21.71
CA ASP C 222 35.57 43.21 20.56
C ASP C 222 34.59 42.79 19.47
N LEU C 223 33.43 43.45 19.41
CA LEU C 223 32.38 43.08 18.49
C LEU C 223 32.39 43.93 17.22
N LEU C 224 33.27 44.93 17.19
CA LEU C 224 33.30 45.91 16.12
C LEU C 224 33.77 45.34 14.79
N LYS C 225 34.52 44.25 14.85
CA LYS C 225 35.13 43.66 13.65
C LYS C 225 34.20 42.68 12.94
N ILE C 226 33.06 42.39 13.56
CA ILE C 226 32.09 41.47 12.97
C ILE C 226 30.75 42.20 12.86
N GLN C 227 30.78 43.48 13.18
CA GLN C 227 29.60 44.33 13.25
C GLN C 227 29.03 44.67 11.87
N PHE C 228 29.86 44.50 10.84
CA PHE C 228 29.48 44.94 9.50
C PHE C 228 29.61 43.84 8.45
N GLY C 229 29.41 42.59 8.85
CA GLY C 229 29.48 41.50 7.92
C GLY C 229 28.13 41.21 7.29
N GLY C 230 27.07 41.34 8.09
CA GLY C 230 25.72 41.04 7.64
C GLY C 230 25.06 40.08 8.59
N ALA C 231 25.87 39.26 9.25
CA ALA C 231 25.36 38.32 10.25
C ALA C 231 24.88 39.08 11.48
N GLU C 232 23.79 38.60 12.08
CA GLU C 232 23.36 39.13 13.37
C GLU C 232 24.01 38.33 14.48
N VAL C 233 24.43 39.02 15.53
CA VAL C 233 25.06 38.36 16.66
C VAL C 233 24.38 38.79 17.96
N SER C 234 23.99 37.81 18.76
CA SER C 234 23.31 38.10 20.02
C SER C 234 24.03 37.49 21.21
N GLY C 235 23.96 38.17 22.35
CA GLY C 235 24.60 37.69 23.57
C GLY C 235 23.90 38.17 24.82
N PHE C 236 24.57 38.03 25.96
CA PHE C 236 23.98 38.41 27.24
C PHE C 236 24.81 39.48 27.93
N GLN C 237 24.12 40.36 28.67
CA GLN C 237 24.80 41.40 29.41
C GLN C 237 24.25 41.51 30.83
N ILE C 238 25.16 41.55 31.80
CA ILE C 238 24.76 41.63 33.20
C ILE C 238 25.19 42.99 33.77
N VAL C 239 26.22 43.57 33.17
CA VAL C 239 26.71 44.87 33.60
C VAL C 239 26.05 45.96 32.76
N ASP C 240 24.95 46.50 33.27
CA ASP C 240 24.17 47.49 32.53
C ASP C 240 24.77 48.88 32.64
N TYR C 241 25.28 49.40 31.52
CA TYR C 241 25.89 50.72 31.50
C TYR C 241 24.87 51.83 31.30
N ASP C 242 23.61 51.55 31.64
CA ASP C 242 22.54 52.54 31.55
C ASP C 242 22.02 52.90 32.95
N ASP C 243 22.43 52.14 33.95
CA ASP C 243 22.12 52.47 35.33
C ASP C 243 23.00 53.63 35.77
N SER C 244 22.44 54.51 36.59
CA SER C 244 23.20 55.62 37.16
C SER C 244 24.29 55.07 38.08
N LEU C 245 24.06 53.85 38.56
CA LEU C 245 24.98 53.17 39.45
C LEU C 245 26.28 52.80 38.73
N VAL C 246 26.16 52.11 37.60
CA VAL C 246 27.32 51.63 36.86
C VAL C 246 28.06 52.74 36.15
N SER C 247 27.32 53.60 35.47
CA SER C 247 27.90 54.68 34.68
C SER C 247 28.76 55.61 35.53
N LYS C 248 28.40 55.74 36.81
CA LYS C 248 29.17 56.56 37.75
C LYS C 248 30.48 55.87 38.12
N PHE C 249 30.45 54.54 38.16
CA PHE C 249 31.63 53.74 38.49
C PHE C 249 32.67 53.82 37.39
N ILE C 250 32.21 53.79 36.15
CA ILE C 250 33.11 53.82 34.99
C ILE C 250 33.87 55.14 34.92
N GLU C 251 33.21 56.22 35.37
CA GLU C 251 33.84 57.54 35.40
C GLU C 251 35.10 57.53 36.27
N ARG C 252 35.05 56.80 37.37
CA ARG C 252 36.20 56.65 38.26
C ARG C 252 37.13 55.53 37.77
N TRP C 253 36.53 54.55 37.10
CA TRP C 253 37.30 53.40 36.62
C TRP C 253 38.13 53.74 35.38
N SER C 254 37.68 54.74 34.64
CA SER C 254 38.41 55.24 33.47
C SER C 254 39.45 56.27 33.89
N THR C 255 39.52 56.53 35.18
CA THR C 255 40.41 57.56 35.72
C THR C 255 41.72 56.97 36.22
N LEU C 256 41.62 55.87 36.98
CA LEU C 256 42.74 55.27 37.67
C LEU C 256 43.99 55.10 36.81
N GLU C 257 45.15 55.33 37.43
CA GLU C 257 46.42 55.11 36.77
C GLU C 257 46.56 53.63 36.42
N GLU C 258 46.99 53.35 35.19
CA GLU C 258 47.07 51.97 34.72
C GLU C 258 48.31 51.25 35.23
N LYS C 259 49.03 51.88 36.15
CA LYS C 259 50.18 51.26 36.79
C LYS C 259 49.78 50.63 38.12
N GLU C 260 49.02 51.40 38.90
CA GLU C 260 48.53 50.94 40.20
C GLU C 260 47.45 49.88 40.02
N TYR C 261 46.62 50.06 39.01
CA TYR C 261 45.53 49.14 38.73
C TYR C 261 45.62 48.64 37.29
N PRO C 262 46.40 47.58 37.05
CA PRO C 262 46.59 47.02 35.70
C PRO C 262 45.29 46.62 35.02
N GLY C 263 44.87 47.40 34.02
CA GLY C 263 43.67 47.10 33.26
C GLY C 263 42.49 47.95 33.66
N ALA C 264 42.73 48.94 34.50
CA ALA C 264 41.66 49.81 34.99
C ALA C 264 41.77 51.21 34.39
N HIS C 265 41.81 51.28 33.06
CA HIS C 265 41.88 52.56 32.38
C HIS C 265 41.01 52.53 31.13
N THR C 266 39.89 51.80 31.23
CA THR C 266 38.99 51.61 30.11
C THR C 266 37.59 52.13 30.40
N ALA C 267 36.69 51.93 29.46
CA ALA C 267 35.31 52.39 29.59
C ALA C 267 34.37 51.25 29.95
N THR C 268 34.82 50.02 29.75
CA THR C 268 34.03 48.85 30.10
C THR C 268 34.79 47.94 31.06
N ILE C 269 34.06 47.05 31.72
CA ILE C 269 34.67 46.14 32.68
C ILE C 269 34.11 44.72 32.50
N LYS C 270 35.01 43.73 32.56
CA LYS C 270 34.62 42.33 32.43
C LYS C 270 33.68 41.93 33.57
N TYR C 271 32.69 41.09 33.24
CA TYR C 271 31.65 40.74 34.20
C TYR C 271 32.21 39.98 35.40
N THR C 272 33.37 39.35 35.23
CA THR C 272 34.05 38.68 36.33
C THR C 272 34.50 39.70 37.37
N SER C 273 35.13 40.78 36.89
CA SER C 273 35.62 41.84 37.75
C SER C 273 34.48 42.64 38.36
N ALA C 274 33.42 42.84 37.59
CA ALA C 274 32.27 43.62 38.03
C ALA C 274 31.54 42.96 39.19
N LEU C 275 31.72 41.64 39.33
CA LEU C 275 31.14 40.89 40.43
C LEU C 275 32.04 40.98 41.66
N THR C 276 33.35 40.96 41.41
CA THR C 276 34.34 41.08 42.46
C THR C 276 34.14 42.37 43.27
N TYR C 277 33.88 43.47 42.57
CA TYR C 277 33.58 44.74 43.19
C TYR C 277 32.34 44.62 44.08
N ASP C 278 31.29 44.02 43.52
CA ASP C 278 30.02 43.84 44.24
C ASP C 278 30.11 42.78 45.32
N ALA C 279 31.16 41.97 45.27
CA ALA C 279 31.37 40.93 46.28
C ALA C 279 31.81 41.54 47.60
N VAL C 280 32.78 42.45 47.54
CA VAL C 280 33.28 43.14 48.72
C VAL C 280 32.16 43.88 49.44
N GLN C 281 31.28 44.48 48.66
CA GLN C 281 30.10 45.16 49.19
C GLN C 281 29.25 44.18 50.00
N VAL C 282 28.96 43.03 49.41
CA VAL C 282 28.20 41.98 50.09
C VAL C 282 28.95 41.47 51.30
N MET C 283 30.27 41.29 51.16
CA MET C 283 31.13 40.92 52.28
C MET C 283 31.08 41.98 53.36
N THR C 284 31.13 43.24 52.95
CA THR C 284 31.06 44.35 53.88
C THR C 284 29.67 44.45 54.50
N GLU C 285 28.63 44.26 53.69
CA GLU C 285 27.27 44.32 54.17
C GLU C 285 26.91 43.13 55.07
N ALA C 286 27.61 42.03 54.89
CA ALA C 286 27.38 40.84 55.72
C ALA C 286 27.89 41.07 57.14
N PHE C 287 29.15 41.49 57.24
CA PHE C 287 29.78 41.71 58.54
C PHE C 287 29.23 42.94 59.26
N ARG C 288 28.75 43.92 58.50
CA ARG C 288 28.15 45.11 59.10
C ARG C 288 26.84 44.77 59.79
N ASN C 289 25.99 44.05 59.07
CA ASN C 289 24.69 43.64 59.61
C ASN C 289 24.85 42.68 60.79
N LEU C 290 25.96 41.97 60.83
CA LEU C 290 26.26 41.08 61.95
C LEU C 290 26.55 41.85 63.23
N ARG C 291 27.03 43.08 63.07
CA ARG C 291 27.30 43.94 64.23
C ARG C 291 26.06 44.75 64.61
N LYS C 292 25.17 44.96 63.63
CA LYS C 292 23.92 45.65 63.88
C LYS C 292 22.94 44.74 64.62
N GLN C 293 23.15 43.44 64.50
CA GLN C 293 22.28 42.46 65.15
C GLN C 293 22.97 41.85 66.37
N ARG C 294 24.07 42.47 66.76
CA ARG C 294 24.84 42.11 67.96
C ARG C 294 25.12 40.61 68.11
N ILE C 295 25.55 39.97 67.04
CA ILE C 295 26.00 38.59 67.10
C ILE C 295 27.52 38.54 67.02
N GLU C 296 28.15 37.98 68.06
CA GLU C 296 29.61 37.93 68.13
C GLU C 296 30.18 36.75 67.36
N ILE C 297 31.05 37.04 66.41
CA ILE C 297 31.68 36.00 65.59
C ILE C 297 33.20 35.99 65.77
N SER C 298 33.68 36.78 66.73
CA SER C 298 35.11 36.91 66.98
C SER C 298 35.71 35.58 67.43
N ARG C 299 36.58 35.02 66.60
CA ARG C 299 37.25 33.76 66.93
C ARG C 299 38.19 33.97 68.11
N ARG C 300 38.10 33.08 69.09
CA ARG C 300 38.85 33.25 70.34
C ARG C 300 40.26 32.64 70.28
N GLY C 301 40.38 31.47 69.66
CA GLY C 301 41.65 30.80 69.55
C GLY C 301 42.07 30.54 68.12
N ASN C 302 43.27 29.99 67.94
CA ASN C 302 43.78 29.67 66.61
C ASN C 302 42.91 28.66 65.88
N ALA C 303 42.72 28.86 64.59
CA ALA C 303 41.93 27.95 63.77
C ALA C 303 42.65 26.61 63.63
N GLY C 304 43.98 26.66 63.67
CA GLY C 304 44.80 25.45 63.71
C GLY C 304 45.05 24.81 62.36
N ASP C 305 44.77 23.51 62.28
CA ASP C 305 45.03 22.74 61.08
C ASP C 305 43.73 22.41 60.36
N CYS C 306 43.75 22.49 59.03
CA CYS C 306 42.58 22.16 58.23
C CYS C 306 42.41 20.64 58.17
N LEU C 307 43.50 19.93 58.41
CA LEU C 307 43.50 18.46 58.41
C LEU C 307 43.14 17.92 59.79
N ALA C 308 42.67 18.80 60.67
CA ALA C 308 42.34 18.45 62.04
C ALA C 308 41.46 17.21 62.12
N ASN C 309 41.95 16.19 62.79
CA ASN C 309 41.21 14.94 62.94
C ASN C 309 40.97 14.60 64.41
N PRO C 310 39.69 14.53 64.83
CA PRO C 310 38.52 14.77 63.98
C PRO C 310 38.28 16.26 63.71
N ALA C 311 37.58 16.55 62.62
CA ALA C 311 37.34 17.92 62.20
C ALA C 311 36.07 18.50 62.81
N VAL C 312 36.24 19.35 63.82
CA VAL C 312 35.11 20.04 64.43
C VAL C 312 35.07 21.49 63.97
N PRO C 313 33.94 21.89 63.35
CA PRO C 313 33.78 23.25 62.81
C PRO C 313 33.51 24.26 63.91
N TRP C 314 33.92 25.51 63.69
CA TRP C 314 33.66 26.56 64.67
C TRP C 314 32.17 26.93 64.69
N GLY C 315 31.74 27.58 65.76
CA GLY C 315 30.32 27.80 66.00
C GLY C 315 29.67 28.90 65.19
N GLN C 316 30.38 29.99 64.97
CA GLN C 316 29.81 31.15 64.29
C GLN C 316 29.84 31.06 62.77
N GLY C 317 30.25 29.90 62.25
CA GLY C 317 30.25 29.68 60.82
C GLY C 317 28.83 29.70 60.30
N VAL C 318 27.91 29.18 61.11
CA VAL C 318 26.49 29.17 60.80
C VAL C 318 25.95 30.60 60.64
N GLU C 319 26.33 31.47 61.56
CA GLU C 319 25.89 32.87 61.53
C GLU C 319 26.55 33.61 60.36
N ILE C 320 27.81 33.31 60.09
CA ILE C 320 28.56 33.95 59.02
C ILE C 320 27.98 33.64 57.65
N GLU C 321 27.72 32.36 57.40
CA GLU C 321 27.09 31.94 56.15
C GLU C 321 25.73 32.58 56.01
N ARG C 322 24.99 32.62 57.11
CA ARG C 322 23.67 33.24 57.16
C ARG C 322 23.76 34.72 56.80
N ALA C 323 24.71 35.40 57.40
CA ALA C 323 24.91 36.84 57.17
C ALA C 323 25.12 37.17 55.70
N LEU C 324 25.97 36.39 55.04
CA LEU C 324 26.29 36.63 53.63
C LEU C 324 25.08 36.44 52.72
N LYS C 325 24.33 35.36 52.93
CA LYS C 325 23.18 35.05 52.09
C LYS C 325 21.98 35.91 52.41
N GLN C 326 22.01 36.58 53.55
CA GLN C 326 20.93 37.49 53.94
C GLN C 326 21.13 38.88 53.36
N VAL C 327 22.27 39.09 52.70
CA VAL C 327 22.59 40.38 52.10
C VAL C 327 21.77 40.64 50.84
N GLN C 328 21.07 41.77 50.83
CA GLN C 328 20.34 42.20 49.65
C GLN C 328 20.67 43.65 49.29
N VAL C 329 21.60 43.81 48.36
CA VAL C 329 22.02 45.14 47.94
C VAL C 329 21.83 45.30 46.43
N GLU C 330 22.18 46.46 45.92
CA GLU C 330 22.10 46.73 44.50
C GLU C 330 23.44 47.23 43.99
N GLY C 331 24.17 46.38 43.28
CA GLY C 331 25.47 46.74 42.75
C GLY C 331 25.48 46.89 41.24
N LEU C 332 26.56 46.44 40.63
CA LEU C 332 26.73 46.58 39.18
C LEU C 332 25.90 45.54 38.43
N SER C 333 25.76 44.36 39.03
CA SER C 333 25.08 43.24 38.38
C SER C 333 23.58 43.23 38.65
N GLY C 334 22.98 44.41 38.67
CA GLY C 334 21.57 44.52 38.99
C GLY C 334 21.34 44.23 40.46
N ASN C 335 20.18 43.69 40.80
CA ASN C 335 19.86 43.38 42.18
C ASN C 335 20.52 42.11 42.70
N ILE C 336 21.31 42.25 43.76
CA ILE C 336 21.97 41.11 44.37
C ILE C 336 21.15 40.56 45.53
N LYS C 337 20.71 39.31 45.38
CA LYS C 337 20.10 38.58 46.47
C LYS C 337 20.27 37.09 46.23
N PHE C 338 20.43 36.34 47.31
CA PHE C 338 20.67 34.91 47.20
C PHE C 338 19.59 34.11 47.90
N ASP C 339 19.35 32.90 47.43
CA ASP C 339 18.47 31.99 48.14
C ASP C 339 19.23 31.36 49.31
N GLN C 340 18.72 30.24 49.79
CA GLN C 340 19.32 29.54 50.92
C GLN C 340 20.66 28.89 50.55
N ASN C 341 20.93 28.81 49.25
CA ASN C 341 22.09 28.07 48.76
C ASN C 341 23.28 28.93 48.37
N GLY C 342 23.01 30.17 47.95
CA GLY C 342 24.06 31.05 47.50
C GLY C 342 23.93 31.37 46.03
N LYS C 343 23.01 30.70 45.35
CA LYS C 343 22.69 31.01 43.97
C LYS C 343 22.11 32.40 43.92
N ARG C 344 22.35 33.12 42.83
CA ARG C 344 21.73 34.41 42.64
C ARG C 344 20.25 34.23 42.38
N ILE C 345 19.42 35.02 43.08
CA ILE C 345 17.99 35.03 42.84
C ILE C 345 17.52 36.48 42.66
N ASN C 346 16.34 36.65 42.08
CA ASN C 346 15.81 37.98 41.77
C ASN C 346 16.79 38.81 40.96
N TYR C 347 17.60 38.13 40.16
CA TYR C 347 18.58 38.81 39.30
C TYR C 347 17.97 39.09 37.94
N THR C 348 18.76 39.68 37.05
CA THR C 348 18.28 40.03 35.72
C THR C 348 19.41 40.16 34.70
N ILE C 349 19.31 39.39 33.61
CA ILE C 349 20.29 39.42 32.54
C ILE C 349 19.70 40.11 31.31
N ASN C 350 20.45 41.05 30.74
CA ASN C 350 19.99 41.74 29.53
C ASN C 350 20.39 41.00 28.26
N ILE C 351 19.51 41.03 27.26
CA ILE C 351 19.78 40.38 25.99
C ILE C 351 20.13 41.40 24.92
N MET C 352 21.31 41.26 24.33
CA MET C 352 21.83 42.26 23.40
C MET C 352 21.99 41.69 21.99
N GLU C 353 21.55 42.46 21.00
CA GLU C 353 21.82 42.13 19.61
C GLU C 353 22.82 43.10 19.01
N LEU C 354 23.74 42.59 18.19
CA LEU C 354 24.75 43.43 17.59
C LEU C 354 24.27 44.04 16.27
N LYS C 355 24.04 45.35 16.29
CA LYS C 355 23.66 46.07 15.08
C LYS C 355 24.84 46.86 14.54
N THR C 356 24.72 47.34 13.31
CA THR C 356 25.77 48.12 12.66
C THR C 356 26.18 49.33 13.51
N ASN C 357 25.23 49.89 14.25
CA ASN C 357 25.51 51.01 15.14
C ASN C 357 26.17 50.58 16.46
N GLY C 358 26.11 49.28 16.74
CA GLY C 358 26.68 48.75 17.97
C GLY C 358 25.67 47.90 18.75
N PRO C 359 26.10 47.34 19.88
CA PRO C 359 25.25 46.48 20.71
C PRO C 359 24.05 47.22 21.30
N ARG C 360 22.86 46.67 21.14
CA ARG C 360 21.65 47.31 21.66
C ARG C 360 20.78 46.36 22.47
N LYS C 361 20.30 46.84 23.62
CA LYS C 361 19.46 46.06 24.51
C LYS C 361 18.06 45.84 23.93
N ILE C 362 17.75 44.60 23.58
CA ILE C 362 16.44 44.27 23.02
C ILE C 362 15.49 43.81 24.11
N GLY C 363 16.03 43.38 25.24
CA GLY C 363 15.21 42.95 26.35
C GLY C 363 16.00 42.27 27.45
N TYR C 364 15.29 41.84 28.49
CA TYR C 364 15.91 41.20 29.64
C TYR C 364 15.22 39.88 29.96
N TRP C 365 15.95 38.95 30.56
CA TRP C 365 15.38 37.68 30.98
C TRP C 365 15.26 37.60 32.49
N SER C 366 14.04 37.33 32.96
CA SER C 366 13.79 37.22 34.39
C SER C 366 13.76 35.76 34.81
N GLU C 367 14.09 35.50 36.07
CA GLU C 367 14.09 34.14 36.61
C GLU C 367 12.66 33.66 36.83
N VAL C 368 11.71 34.59 36.78
CA VAL C 368 10.31 34.26 37.00
C VAL C 368 9.40 34.61 35.81
N ASP C 369 9.79 35.64 35.06
CA ASP C 369 8.96 36.13 33.97
C ASP C 369 9.46 35.66 32.60
N LYS C 370 10.57 34.93 32.61
CA LYS C 370 11.23 34.47 31.39
C LYS C 370 11.64 35.66 30.52
N MET C 371 11.73 35.43 29.21
CA MET C 371 12.18 36.48 28.29
C MET C 371 11.10 37.53 28.04
N VAL C 372 11.38 38.76 28.43
CA VAL C 372 10.45 39.88 28.23
C VAL C 372 11.09 40.96 27.36
N LEU C 373 10.42 41.27 26.25
CA LEU C 373 10.94 42.26 25.29
C LEU C 373 10.89 43.69 25.83
N THR C 374 11.76 44.54 25.31
CA THR C 374 11.81 45.95 25.71
C THR C 374 11.88 46.81 24.46
N GLU C 375 10.73 47.32 24.04
CA GLU C 375 10.60 48.04 22.77
C GLU C 375 11.41 49.33 22.75
N ASP C 376 12.41 49.39 21.86
CA ASP C 376 13.17 50.62 21.63
C ASP C 376 13.85 50.60 20.26
N ASP C 377 13.05 50.46 19.21
CA ASP C 377 13.59 50.46 17.85
C ASP C 377 13.97 51.86 17.40
N THR C 378 13.70 52.84 18.26
CA THR C 378 14.02 54.23 17.97
C THR C 378 15.49 54.56 18.25
N SER C 379 16.37 53.89 17.52
CA SER C 379 17.81 54.12 17.65
C SER C 379 18.47 54.25 16.29
N GLY C 380 17.65 54.45 15.26
CA GLY C 380 18.15 54.62 13.91
C GLY C 380 17.29 53.93 12.86
N LEU C 381 16.19 54.58 12.49
CA LEU C 381 15.28 54.04 11.47
C LEU C 381 15.97 54.00 10.12
N GLU C 382 16.62 52.88 9.83
CA GLU C 382 17.28 52.68 8.55
C GLU C 382 16.78 51.38 7.92
N GLN C 383 16.03 51.52 6.83
CA GLN C 383 15.38 50.38 6.18
C GLN C 383 16.40 49.40 5.59
N LYS C 384 16.24 48.13 5.92
CA LYS C 384 17.11 47.09 5.39
C LYS C 384 16.97 47.01 3.87
N THR C 385 18.00 46.48 3.21
CA THR C 385 17.97 46.28 1.78
C THR C 385 17.64 44.84 1.44
N VAL C 386 16.48 44.63 0.84
CA VAL C 386 16.01 43.29 0.50
C VAL C 386 16.87 42.62 -0.57
N VAL C 387 17.43 41.47 -0.23
CA VAL C 387 18.28 40.70 -1.14
C VAL C 387 17.44 39.77 -2.00
N VAL C 388 17.27 40.14 -3.26
CA VAL C 388 16.43 39.36 -4.17
C VAL C 388 17.25 38.41 -5.04
N THR C 389 17.09 37.10 -4.80
CA THR C 389 17.77 36.10 -5.61
C THR C 389 16.91 35.69 -6.80
N THR C 390 17.57 35.37 -7.91
CA THR C 390 16.87 34.97 -9.12
C THR C 390 17.81 34.27 -10.10
N ILE C 391 17.24 33.67 -11.14
CA ILE C 391 18.02 32.93 -12.12
C ILE C 391 18.03 33.64 -13.47
N LEU C 392 19.13 33.48 -14.20
CA LEU C 392 19.28 34.08 -15.53
C LEU C 392 18.64 33.22 -16.63
N GLU C 393 17.32 33.39 -16.81
CA GLU C 393 16.60 32.68 -17.85
C GLU C 393 15.83 33.67 -18.73
N SER C 394 15.84 33.44 -20.04
CA SER C 394 15.10 34.29 -20.96
C SER C 394 13.65 33.85 -21.09
N PRO C 395 12.71 34.80 -21.05
CA PRO C 395 13.01 36.23 -20.85
C PRO C 395 12.61 36.72 -19.46
N TYR C 396 12.82 35.90 -18.43
CA TYR C 396 12.48 36.30 -17.07
C TYR C 396 13.51 37.28 -16.52
N VAL C 397 14.77 36.98 -16.75
CA VAL C 397 15.88 37.87 -16.39
C VAL C 397 16.97 37.80 -17.46
N MET C 398 17.32 38.95 -18.03
CA MET C 398 18.40 39.02 -19.01
C MET C 398 19.38 40.12 -18.66
N MET C 399 20.60 40.01 -19.17
CA MET C 399 21.57 41.09 -19.04
C MET C 399 21.25 42.12 -20.12
N LYS C 400 21.32 43.40 -19.76
CA LYS C 400 21.13 44.47 -20.74
C LYS C 400 22.29 44.45 -21.73
N LYS C 401 22.07 45.10 -22.88
CA LYS C 401 23.03 45.05 -23.98
C LYS C 401 24.37 45.68 -23.61
N ASN C 402 24.36 46.53 -22.60
CA ASN C 402 25.55 47.30 -22.21
C ASN C 402 25.86 47.15 -20.73
N HIS C 403 25.55 45.99 -20.17
CA HIS C 403 25.64 45.73 -18.73
C HIS C 403 26.97 46.08 -18.04
N GLU C 404 28.03 46.28 -18.80
CA GLU C 404 29.33 46.60 -18.21
C GLU C 404 29.29 47.99 -17.57
N MET C 405 28.61 48.90 -18.26
CA MET C 405 28.47 50.28 -17.79
C MET C 405 27.59 50.37 -16.54
N LEU C 406 26.32 50.04 -16.70
CA LEU C 406 25.32 50.18 -15.64
C LEU C 406 25.64 49.30 -14.42
N GLU C 407 24.92 49.53 -13.33
CA GLU C 407 25.21 48.85 -12.06
C GLU C 407 23.96 48.54 -11.24
N GLY C 408 24.11 47.62 -10.28
CA GLY C 408 23.04 47.26 -9.38
C GLY C 408 21.87 46.57 -10.06
N ASN C 409 20.67 47.09 -9.80
CA ASN C 409 19.44 46.52 -10.36
C ASN C 409 19.26 46.86 -11.83
N GLU C 410 19.99 47.89 -12.29
CA GLU C 410 19.85 48.37 -13.67
C GLU C 410 20.52 47.45 -14.68
N ARG C 411 21.37 46.55 -14.21
CA ARG C 411 22.10 45.65 -15.09
C ARG C 411 21.20 44.64 -15.78
N TYR C 412 19.99 44.45 -15.25
CA TYR C 412 19.13 43.36 -15.69
C TYR C 412 17.81 43.84 -16.31
N GLU C 413 17.33 43.06 -17.29
CA GLU C 413 16.01 43.28 -17.86
C GLU C 413 15.30 41.93 -17.98
N GLY C 414 14.01 41.91 -17.70
CA GLY C 414 13.25 40.66 -17.78
C GLY C 414 11.86 40.71 -17.20
N TYR C 415 11.16 39.58 -17.28
CA TYR C 415 9.80 39.46 -16.77
C TYR C 415 9.77 39.62 -15.25
N CYS C 416 10.69 38.95 -14.57
CA CYS C 416 10.73 38.97 -13.12
C CYS C 416 11.28 40.29 -12.59
N VAL C 417 12.08 40.98 -13.40
CA VAL C 417 12.65 42.26 -12.99
C VAL C 417 11.56 43.33 -12.89
N ASP C 418 10.63 43.32 -13.84
CA ASP C 418 9.51 44.25 -13.82
C ASP C 418 8.55 43.88 -12.70
N LEU C 419 8.36 42.58 -12.52
CA LEU C 419 7.54 42.07 -11.43
C LEU C 419 8.15 42.48 -10.09
N ALA C 420 9.47 42.40 -10.00
CA ALA C 420 10.19 42.74 -8.77
C ALA C 420 9.87 44.16 -8.29
N ALA C 421 9.96 45.12 -9.21
CA ALA C 421 9.68 46.51 -8.89
C ALA C 421 8.20 46.69 -8.53
N GLU C 422 7.33 46.06 -9.31
CA GLU C 422 5.89 46.12 -9.07
C GLU C 422 5.52 45.56 -7.70
N ILE C 423 6.11 44.42 -7.35
CA ILE C 423 5.92 43.86 -6.02
C ILE C 423 6.48 44.84 -5.00
N ALA C 424 7.70 45.30 -5.25
CA ALA C 424 8.37 46.24 -4.36
C ALA C 424 7.60 47.55 -4.23
N LYS C 425 6.90 47.94 -5.30
CA LYS C 425 6.14 49.18 -5.31
C LYS C 425 4.94 49.11 -4.36
N HIS C 426 4.13 48.07 -4.49
CA HIS C 426 2.94 47.92 -3.66
C HIS C 426 3.28 47.45 -2.25
N CYS C 427 4.46 46.88 -2.07
CA CYS C 427 4.88 46.41 -0.76
C CYS C 427 5.65 47.50 -0.01
N GLY C 428 6.46 48.26 -0.74
CA GLY C 428 7.20 49.37 -0.16
C GLY C 428 8.51 48.95 0.49
N PHE C 429 9.41 48.40 -0.32
CA PHE C 429 10.73 48.03 0.17
C PHE C 429 11.78 48.19 -0.93
N LYS C 430 12.98 48.61 -0.53
CA LYS C 430 14.09 48.76 -1.46
C LYS C 430 14.81 47.44 -1.63
N TYR C 431 15.05 47.05 -2.88
CA TYR C 431 15.55 45.71 -3.16
C TYR C 431 16.82 45.72 -4.01
N LYS C 432 17.70 44.74 -3.75
CA LYS C 432 18.89 44.55 -4.56
C LYS C 432 18.81 43.21 -5.28
N LEU C 433 18.86 43.24 -6.61
CA LEU C 433 18.73 42.03 -7.41
C LEU C 433 20.05 41.26 -7.48
N THR C 434 20.03 40.00 -7.07
CA THR C 434 21.19 39.14 -7.14
C THR C 434 20.88 37.88 -7.95
N ILE C 435 21.88 37.31 -8.59
CA ILE C 435 21.69 36.09 -9.36
C ILE C 435 22.10 34.85 -8.56
N VAL C 436 21.36 33.77 -8.73
CA VAL C 436 21.63 32.50 -8.05
C VAL C 436 23.06 32.03 -8.26
N GLY C 437 23.69 31.55 -7.18
CA GLY C 437 25.07 31.10 -7.23
C GLY C 437 25.30 29.98 -8.22
N ASP C 438 24.75 28.80 -7.93
CA ASP C 438 24.94 27.63 -8.79
C ASP C 438 24.04 27.61 -10.02
N GLY C 439 23.35 28.73 -10.25
CA GLY C 439 22.52 28.88 -11.43
C GLY C 439 21.36 27.91 -11.52
N LYS C 440 20.88 27.45 -10.37
CA LYS C 440 19.83 26.45 -10.33
C LYS C 440 18.56 26.94 -9.63
N TYR C 441 17.43 26.34 -9.97
CA TYR C 441 16.17 26.67 -9.33
C TYR C 441 16.16 26.21 -7.87
N GLY C 442 16.07 24.89 -7.67
CA GLY C 442 16.08 24.34 -6.33
C GLY C 442 15.48 22.96 -6.21
N ALA C 443 16.29 22.03 -5.68
CA ALA C 443 15.85 20.67 -5.41
C ALA C 443 16.81 20.05 -4.38
N ARG C 444 16.32 19.05 -3.65
CA ARG C 444 17.14 18.44 -2.59
C ARG C 444 17.94 17.25 -3.08
N ASP C 445 19.21 17.19 -2.70
CA ASP C 445 20.07 16.08 -3.02
C ASP C 445 19.56 14.82 -2.33
N ALA C 446 19.68 13.68 -3.00
CA ALA C 446 19.20 12.42 -2.45
C ALA C 446 20.18 11.84 -1.43
N ASP C 447 21.41 12.32 -1.46
CA ASP C 447 22.45 11.79 -0.60
C ASP C 447 22.75 12.72 0.58
N THR C 448 23.25 13.91 0.27
CA THR C 448 23.72 14.84 1.29
C THR C 448 22.62 15.55 2.06
N LYS C 449 21.36 15.31 1.67
CA LYS C 449 20.21 16.00 2.23
C LYS C 449 20.37 17.51 2.11
N ILE C 450 21.09 17.92 1.07
CA ILE C 450 21.47 19.32 0.89
C ILE C 450 20.63 19.99 -0.19
N TRP C 451 19.90 21.04 0.20
CA TRP C 451 19.12 21.83 -0.73
C TRP C 451 20.01 22.75 -1.54
N ASN C 452 19.93 22.64 -2.87
CA ASN C 452 20.67 23.56 -3.73
C ASN C 452 19.73 24.52 -4.46
N GLY C 453 20.27 25.31 -5.37
CA GLY C 453 19.47 26.28 -6.10
C GLY C 453 19.03 27.43 -5.23
N MET C 454 18.04 28.19 -5.72
CA MET C 454 17.53 29.35 -4.98
C MET C 454 16.84 28.94 -3.68
N VAL C 455 16.20 27.77 -3.71
CA VAL C 455 15.57 27.22 -2.51
C VAL C 455 16.64 27.08 -1.43
N GLY C 456 17.84 26.71 -1.85
CA GLY C 456 18.99 26.70 -0.97
C GLY C 456 19.29 28.09 -0.46
N GLU C 457 19.50 29.02 -1.38
CA GLU C 457 19.82 30.40 -1.01
C GLU C 457 18.76 31.05 -0.11
N LEU C 458 17.57 30.46 -0.06
CA LEU C 458 16.50 30.97 0.79
C LEU C 458 16.48 30.32 2.17
N VAL C 459 16.84 29.04 2.24
CA VAL C 459 16.78 28.33 3.52
C VAL C 459 18.06 28.48 4.33
N TYR C 460 19.15 28.86 3.68
CA TYR C 460 20.42 29.05 4.38
C TYR C 460 20.72 30.54 4.58
N GLY C 461 19.68 31.36 4.46
CA GLY C 461 19.74 32.77 4.81
C GLY C 461 20.50 33.67 3.86
N LYS C 462 20.89 33.14 2.70
CA LYS C 462 21.68 33.91 1.74
C LYS C 462 20.83 34.91 0.95
N ALA C 463 19.52 34.73 0.95
CA ALA C 463 18.62 35.64 0.27
C ALA C 463 17.30 35.78 1.04
N ASP C 464 16.55 36.84 0.74
CA ASP C 464 15.33 37.13 1.48
C ASP C 464 14.04 36.82 0.72
N ILE C 465 14.08 36.95 -0.60
CA ILE C 465 12.90 36.66 -1.42
C ILE C 465 13.27 36.35 -2.87
N ALA C 466 12.81 35.21 -3.36
CA ALA C 466 13.11 34.78 -4.73
C ALA C 466 12.00 35.14 -5.70
N ILE C 467 12.39 35.75 -6.82
CA ILE C 467 11.44 36.08 -7.89
C ILE C 467 11.95 35.50 -9.21
N ALA C 468 11.41 34.35 -9.59
CA ALA C 468 11.92 33.61 -10.74
C ALA C 468 10.86 32.62 -11.21
N PRO C 469 11.05 31.99 -12.39
CA PRO C 469 10.10 30.95 -12.79
C PRO C 469 10.26 29.67 -11.99
N LEU C 470 9.98 29.73 -10.69
CA LEU C 470 10.13 28.57 -9.83
C LEU C 470 8.80 27.82 -9.74
N THR C 471 8.83 26.53 -10.06
CA THR C 471 7.63 25.70 -10.01
C THR C 471 7.22 25.39 -8.58
N ILE C 472 5.97 25.69 -8.23
CA ILE C 472 5.47 25.38 -6.90
C ILE C 472 5.22 23.88 -6.79
N THR C 473 6.15 23.18 -6.13
CA THR C 473 6.04 21.74 -5.96
C THR C 473 5.77 21.36 -4.52
N LEU C 474 5.57 20.07 -4.28
CA LEU C 474 5.26 19.56 -2.95
C LEU C 474 6.41 19.75 -1.99
N VAL C 475 7.55 19.12 -2.31
CA VAL C 475 8.72 19.13 -1.44
C VAL C 475 9.30 20.53 -1.23
N ARG C 476 8.89 21.48 -2.06
CA ARG C 476 9.35 22.85 -1.90
C ARG C 476 8.54 23.60 -0.85
N GLU C 477 7.23 23.35 -0.82
CA GLU C 477 6.35 23.96 0.17
C GLU C 477 6.77 23.59 1.60
N GLU C 478 7.40 22.42 1.74
CA GLU C 478 7.80 21.93 3.05
C GLU C 478 9.01 22.67 3.63
N VAL C 479 9.71 23.42 2.80
CA VAL C 479 10.89 24.17 3.24
C VAL C 479 10.76 25.68 3.03
N ILE C 480 9.98 26.08 2.03
CA ILE C 480 9.79 27.51 1.74
C ILE C 480 8.32 27.85 1.50
N ASP C 481 7.94 29.08 1.86
CA ASP C 481 6.59 29.55 1.61
C ASP C 481 6.44 30.04 0.17
N PHE C 482 5.32 29.69 -0.44
CA PHE C 482 4.98 30.22 -1.76
C PHE C 482 3.76 31.12 -1.67
N SER C 483 3.62 31.99 -2.66
CA SER C 483 2.40 32.77 -2.81
C SER C 483 1.55 32.07 -3.87
N LYS C 484 0.43 32.69 -4.23
CA LYS C 484 -0.36 32.20 -5.35
C LYS C 484 0.47 32.33 -6.60
N PRO C 485 0.21 31.49 -7.62
CA PRO C 485 1.05 31.57 -8.83
C PRO C 485 0.80 32.86 -9.60
N PHE C 486 1.86 33.42 -10.17
CA PHE C 486 1.74 34.62 -10.98
C PHE C 486 1.76 34.24 -12.46
N MET C 487 1.81 32.94 -12.72
CA MET C 487 1.86 32.42 -14.08
C MET C 487 1.58 30.92 -14.13
N SER C 488 0.43 30.55 -14.67
CA SER C 488 0.05 29.15 -14.81
C SER C 488 0.67 28.54 -16.05
N LEU C 489 1.12 27.30 -15.96
CA LEU C 489 1.79 26.63 -17.08
C LEU C 489 1.71 25.10 -17.01
N GLY C 490 2.35 24.43 -17.96
CA GLY C 490 2.36 22.98 -18.00
C GLY C 490 3.42 22.37 -18.90
N ILE C 491 3.71 21.10 -18.70
CA ILE C 491 4.68 20.37 -19.52
C ILE C 491 4.09 20.10 -20.90
N SER C 492 4.84 20.41 -21.95
CA SER C 492 4.33 20.30 -23.31
C SER C 492 5.32 19.72 -24.31
N ILE C 493 4.93 19.73 -25.59
CA ILE C 493 5.72 19.10 -26.64
C ILE C 493 6.19 20.12 -27.67
N MET C 494 7.41 19.94 -28.17
CA MET C 494 7.99 20.83 -29.18
C MET C 494 8.35 20.09 -30.47
N ILE C 495 7.99 20.69 -31.60
CA ILE C 495 8.25 20.10 -32.92
C ILE C 495 9.22 20.94 -33.77
N LYS C 496 9.76 20.31 -34.79
CA LYS C 496 10.74 20.90 -35.70
C LYS C 496 10.08 21.67 -36.85
N LYS C 497 10.83 22.56 -37.49
CA LYS C 497 10.37 23.24 -38.69
C LYS C 497 9.68 22.32 -39.71
N PRO C 498 8.39 22.55 -39.99
CA PRO C 498 7.70 21.92 -41.13
C PRO C 498 7.97 22.76 -42.38
N GLN C 499 8.17 22.11 -43.52
CA GLN C 499 8.37 22.83 -44.77
C GLN C 499 7.14 23.69 -45.08
N LYS C 500 7.37 24.88 -45.61
CA LYS C 500 6.28 25.78 -45.96
C LYS C 500 5.70 25.45 -47.34
N SER C 501 4.40 25.63 -47.48
CA SER C 501 3.69 25.32 -48.72
C SER C 501 4.08 26.29 -49.83
N LYS C 502 4.34 25.78 -51.04
CA LYS C 502 4.40 24.37 -51.38
C LYS C 502 5.26 24.27 -52.65
N PRO C 503 5.77 23.06 -52.97
CA PRO C 503 6.40 22.83 -54.28
C PRO C 503 5.44 23.17 -55.41
N GLY C 504 4.22 22.63 -55.35
CA GLY C 504 3.18 22.96 -56.31
C GLY C 504 3.40 22.36 -57.69
N VAL C 505 4.42 22.85 -58.38
CA VAL C 505 4.72 22.43 -59.76
C VAL C 505 4.86 20.90 -59.90
N PHE C 506 5.63 20.28 -59.01
CA PHE C 506 5.84 18.83 -59.05
C PHE C 506 4.78 18.03 -58.29
N SER C 507 3.55 18.54 -58.32
CA SER C 507 2.40 17.85 -57.75
C SER C 507 1.36 17.69 -58.86
N PHE C 508 1.80 17.97 -60.09
CA PHE C 508 0.98 17.82 -61.29
C PHE C 508 1.51 16.66 -62.11
N LEU C 509 2.84 16.53 -62.13
CA LEU C 509 3.50 15.46 -62.86
C LEU C 509 3.56 14.22 -61.99
N ASP C 510 3.13 14.35 -60.74
CA ASP C 510 3.12 13.24 -59.79
C ASP C 510 1.89 12.32 -59.87
N PRO C 511 0.67 12.88 -59.91
CA PRO C 511 -0.50 12.00 -60.04
C PRO C 511 -0.40 11.16 -61.32
N LEU C 512 -0.40 11.83 -62.47
CA LEU C 512 -0.16 11.16 -63.73
C LEU C 512 1.35 10.99 -63.87
N ALA C 513 1.82 9.75 -63.73
CA ALA C 513 3.25 9.47 -63.66
C ALA C 513 4.03 9.96 -64.88
N TYR C 514 5.35 10.09 -64.71
CA TYR C 514 6.23 10.54 -65.79
C TYR C 514 6.27 9.56 -66.94
N GLU C 515 5.99 8.29 -66.66
CA GLU C 515 6.07 7.26 -67.69
C GLU C 515 4.74 6.99 -68.37
N ILE C 516 3.70 7.69 -67.91
CA ILE C 516 2.38 7.57 -68.49
C ILE C 516 2.03 8.83 -69.28
N TRP C 517 2.68 9.93 -68.93
CA TRP C 517 2.59 11.15 -69.72
C TRP C 517 3.17 10.87 -71.11
N MET C 518 4.20 10.03 -71.14
CA MET C 518 4.90 9.72 -72.38
C MET C 518 4.06 8.86 -73.31
N CYS C 519 3.44 7.83 -72.75
CA CYS C 519 2.67 6.86 -73.54
C CYS C 519 1.39 7.45 -74.13
N ILE C 520 0.85 8.48 -73.50
CA ILE C 520 -0.38 9.11 -73.98
C ILE C 520 -0.08 10.12 -75.11
N VAL C 521 1.20 10.33 -75.39
CA VAL C 521 1.61 11.14 -76.53
C VAL C 521 2.39 10.28 -77.51
N PHE C 522 2.40 8.98 -77.24
CA PHE C 522 3.02 8.00 -78.14
C PHE C 522 1.93 7.30 -78.95
N ALA C 523 0.76 7.15 -78.35
CA ALA C 523 -0.41 6.62 -79.04
C ALA C 523 -1.23 7.78 -79.61
N TYR C 524 -1.02 8.97 -79.05
CA TYR C 524 -1.62 10.18 -79.59
C TYR C 524 -1.08 10.41 -81.00
N ILE C 525 0.22 10.22 -81.17
CA ILE C 525 0.84 10.28 -82.48
C ILE C 525 0.74 8.91 -83.16
N GLY C 526 0.10 7.97 -82.47
CA GLY C 526 -0.15 6.65 -83.00
C GLY C 526 -1.60 6.51 -83.46
N VAL C 527 -2.41 7.50 -83.08
CA VAL C 527 -3.78 7.58 -83.56
C VAL C 527 -3.83 8.52 -84.77
N SER C 528 -3.02 9.57 -84.71
CA SER C 528 -2.93 10.53 -85.79
C SER C 528 -1.99 10.06 -86.90
N VAL C 529 -1.45 8.85 -86.75
CA VAL C 529 -0.65 8.22 -87.80
C VAL C 529 -1.41 7.04 -88.36
N VAL C 530 -2.50 6.67 -87.69
CA VAL C 530 -3.42 5.66 -88.17
C VAL C 530 -4.60 6.33 -88.87
N LEU C 531 -4.94 7.53 -88.40
CA LEU C 531 -5.96 8.36 -89.05
C LEU C 531 -5.40 9.04 -90.30
N PHE C 532 -4.08 9.14 -90.38
CA PHE C 532 -3.42 9.74 -91.53
C PHE C 532 -3.33 8.76 -92.68
N LEU C 533 -3.45 7.47 -92.37
CA LEU C 533 -3.39 6.42 -93.38
C LEU C 533 -4.78 6.01 -93.85
N VAL C 534 -5.79 6.78 -93.47
CA VAL C 534 -7.17 6.51 -93.90
C VAL C 534 -7.60 7.58 -94.89
N SER C 535 -6.99 8.76 -94.79
CA SER C 535 -7.29 9.87 -95.69
C SER C 535 -6.91 9.53 -97.13
N THR C 559 1.81 15.87 -103.73
CA THR C 559 1.44 14.66 -103.00
C THR C 559 2.11 14.62 -101.63
N ASN C 560 3.26 15.30 -101.52
CA ASN C 560 4.00 15.36 -100.27
C ASN C 560 3.41 16.39 -99.31
N GLU C 561 3.11 17.57 -99.84
CA GLU C 561 2.49 18.62 -99.04
C GLU C 561 1.00 18.35 -98.84
N PHE C 562 0.48 17.37 -99.59
CA PHE C 562 -0.89 16.93 -99.42
C PHE C 562 -0.99 15.98 -98.23
N GLY C 563 0.18 15.57 -97.73
CA GLY C 563 0.26 14.74 -96.55
C GLY C 563 0.78 15.54 -95.37
N ILE C 564 1.04 16.82 -95.60
CA ILE C 564 1.50 17.71 -94.56
C ILE C 564 0.34 18.54 -94.04
N PHE C 565 -0.65 18.76 -94.91
CA PHE C 565 -1.87 19.44 -94.54
C PHE C 565 -2.88 18.43 -94.00
N ASN C 566 -2.57 17.15 -94.20
CA ASN C 566 -3.40 16.06 -93.69
C ASN C 566 -2.82 15.48 -92.41
N SER C 567 -1.55 15.81 -92.14
CA SER C 567 -0.91 15.46 -90.89
C SER C 567 -1.04 16.63 -89.94
N LEU C 568 -1.59 17.73 -90.45
CA LEU C 568 -1.91 18.89 -89.65
C LEU C 568 -3.42 19.00 -89.51
N TRP C 569 -4.12 18.01 -90.08
CA TRP C 569 -5.58 17.95 -90.00
C TRP C 569 -5.99 16.74 -89.20
N PHE C 570 -5.03 15.84 -88.98
CA PHE C 570 -5.24 14.66 -88.14
C PHE C 570 -4.58 14.87 -86.78
N SER C 571 -3.73 15.88 -86.70
CA SER C 571 -3.07 16.23 -85.44
C SER C 571 -3.83 17.36 -84.75
N LEU C 572 -4.93 17.77 -85.37
CA LEU C 572 -5.85 18.74 -84.79
C LEU C 572 -7.12 18.01 -84.38
N GLY C 573 -7.28 16.80 -84.90
CA GLY C 573 -8.38 15.94 -84.52
C GLY C 573 -7.91 14.95 -83.46
N ALA C 574 -6.60 14.81 -83.34
CA ALA C 574 -6.01 14.00 -82.27
C ALA C 574 -6.01 14.82 -80.99
N PHE C 575 -5.84 16.13 -81.14
CA PHE C 575 -6.04 17.05 -80.04
C PHE C 575 -7.52 17.04 -79.69
N MET C 576 -7.89 16.17 -78.75
CA MET C 576 -9.29 15.87 -78.45
C MET C 576 -10.12 17.10 -78.10
N GLN C 577 -11.44 16.96 -78.21
CA GLN C 577 -12.38 18.03 -77.92
C GLN C 577 -13.53 17.51 -77.07
N PRO C 584 -17.16 11.41 -92.52
CA PRO C 584 -18.42 11.19 -91.81
C PRO C 584 -18.50 9.80 -91.19
N ARG C 585 -19.29 8.92 -91.80
CA ARG C 585 -19.57 7.61 -91.22
C ARG C 585 -18.56 6.53 -91.62
N SER C 586 -17.33 6.95 -91.93
CA SER C 586 -16.28 6.00 -92.28
C SER C 586 -16.01 5.08 -91.11
N LEU C 587 -16.59 3.89 -91.15
CA LEU C 587 -16.49 2.91 -90.06
C LEU C 587 -15.04 2.57 -89.71
N SER C 588 -14.13 2.94 -90.60
CA SER C 588 -12.69 2.88 -90.32
C SER C 588 -12.35 3.74 -89.12
N GLY C 589 -12.02 5.00 -89.37
CA GLY C 589 -11.61 5.92 -88.33
C GLY C 589 -12.71 6.30 -87.35
N ARG C 590 -13.88 5.69 -87.50
CA ARG C 590 -14.98 5.90 -86.56
C ARG C 590 -14.75 5.10 -85.29
N ILE C 591 -14.23 3.88 -85.45
CA ILE C 591 -13.85 3.06 -84.31
C ILE C 591 -12.46 3.46 -83.81
N VAL C 592 -11.99 4.59 -84.32
CA VAL C 592 -10.84 5.27 -83.74
C VAL C 592 -11.38 6.36 -82.82
N GLY C 593 -12.32 7.16 -83.34
CA GLY C 593 -12.89 8.27 -82.59
C GLY C 593 -13.79 7.86 -81.45
N GLY C 594 -14.10 6.56 -81.37
CA GLY C 594 -14.94 6.06 -80.30
C GLY C 594 -14.13 5.35 -79.24
N VAL C 595 -12.98 4.82 -79.64
CA VAL C 595 -12.13 4.04 -78.75
C VAL C 595 -10.92 4.86 -78.28
N TRP C 596 -10.66 5.97 -78.97
CA TRP C 596 -9.67 6.93 -78.47
C TRP C 596 -10.35 7.88 -77.49
N TRP C 597 -11.61 8.19 -77.74
CA TRP C 597 -12.40 9.02 -76.85
C TRP C 597 -12.65 8.31 -75.54
N PHE C 598 -12.91 7.01 -75.63
CA PHE C 598 -13.07 6.16 -74.45
C PHE C 598 -11.71 5.98 -73.76
N PHE C 599 -10.64 5.99 -74.55
CA PHE C 599 -9.29 5.88 -74.03
C PHE C 599 -8.93 7.11 -73.20
N THR C 600 -9.39 8.28 -73.66
CA THR C 600 -9.11 9.53 -72.96
C THR C 600 -10.23 9.88 -71.96
N LEU C 601 -11.18 8.97 -71.81
CA LEU C 601 -12.23 9.12 -70.80
C LEU C 601 -11.79 8.45 -69.50
N ILE C 602 -11.22 7.26 -69.64
CA ILE C 602 -10.68 6.54 -68.50
C ILE C 602 -9.53 7.33 -67.88
N ILE C 603 -8.76 7.98 -68.75
CA ILE C 603 -7.60 8.74 -68.31
C ILE C 603 -7.97 9.98 -67.49
N ILE C 604 -8.95 10.74 -67.97
CA ILE C 604 -9.40 11.92 -67.25
C ILE C 604 -10.17 11.57 -65.98
N SER C 605 -10.81 10.40 -65.98
CA SER C 605 -11.53 9.92 -64.81
C SER C 605 -10.54 9.41 -63.77
N SER C 606 -9.37 8.97 -64.23
CA SER C 606 -8.35 8.41 -63.35
C SER C 606 -7.38 9.49 -62.87
N TYR C 607 -7.36 10.62 -63.56
CA TYR C 607 -6.59 11.78 -63.11
C TYR C 607 -7.38 12.54 -62.06
N THR C 608 -8.71 12.59 -62.25
CA THR C 608 -9.59 13.30 -61.34
C THR C 608 -9.67 12.58 -60.00
N ALA C 609 -9.71 11.26 -60.04
CA ALA C 609 -9.81 10.45 -58.83
C ALA C 609 -8.49 10.45 -58.07
N ASN C 610 -7.39 10.39 -58.81
CA ASN C 610 -6.07 10.34 -58.21
C ASN C 610 -5.74 11.62 -57.45
N LEU C 611 -6.24 12.75 -57.97
CA LEU C 611 -5.99 14.05 -57.36
C LEU C 611 -6.86 14.26 -56.13
N ALA C 612 -8.02 13.60 -56.09
CA ALA C 612 -8.94 13.74 -54.97
C ALA C 612 -8.48 12.92 -53.77
N ALA C 613 -7.51 12.04 -54.01
CA ALA C 613 -6.96 11.20 -52.94
C ALA C 613 -5.64 11.77 -52.43
N PHE C 614 -5.10 12.73 -53.16
CA PHE C 614 -3.85 13.37 -52.77
C PHE C 614 -4.11 14.62 -51.93
N LEU C 615 -5.28 15.22 -52.10
CA LEU C 615 -5.71 16.34 -51.28
C LEU C 615 -6.44 15.81 -50.05
N THR C 616 -6.91 14.57 -50.14
CA THR C 616 -7.55 13.90 -49.01
C THR C 616 -6.48 13.39 -48.06
N VAL C 617 -5.40 12.85 -48.61
CA VAL C 617 -4.30 12.36 -47.80
C VAL C 617 -3.55 13.51 -47.15
N GLU C 618 -3.60 14.68 -47.77
CA GLU C 618 -2.95 15.86 -47.22
C GLU C 618 -3.70 16.43 -46.01
N ARG C 619 -5.02 16.27 -46.00
CA ARG C 619 -5.83 16.75 -44.88
C ARG C 619 -5.97 15.69 -43.80
N MET C 620 -5.45 14.50 -44.07
CA MET C 620 -5.52 13.40 -43.12
C MET C 620 -4.26 13.29 -42.25
N VAL C 621 -3.11 13.62 -42.83
CA VAL C 621 -1.86 13.60 -42.09
C VAL C 621 -1.98 14.52 -40.88
N SER C 622 -2.52 13.97 -39.80
CA SER C 622 -2.72 14.72 -38.58
C SER C 622 -1.39 14.94 -37.90
N PRO C 623 -1.07 16.21 -37.59
CA PRO C 623 0.16 16.54 -36.87
C PRO C 623 0.21 15.81 -35.54
N ILE C 624 1.40 15.65 -34.98
CA ILE C 624 1.55 14.96 -33.71
C ILE C 624 0.75 15.69 -32.62
N GLU C 625 -0.51 15.30 -32.47
CA GLU C 625 -1.45 16.02 -31.62
C GLU C 625 -1.18 15.88 -30.13
N SER C 626 -1.02 14.64 -29.68
CA SER C 626 -0.93 14.35 -28.25
C SER C 626 0.38 13.69 -27.84
N ALA C 627 0.58 13.55 -26.53
CA ALA C 627 1.71 12.80 -26.00
C ALA C 627 1.39 11.31 -26.12
N GLU C 628 0.12 11.02 -26.40
CA GLU C 628 -0.33 9.67 -26.71
C GLU C 628 0.22 9.27 -28.07
N ASP C 629 0.41 10.24 -28.95
CA ASP C 629 0.89 9.99 -30.30
C ASP C 629 2.38 9.61 -30.31
N LEU C 630 3.17 10.33 -29.51
CA LEU C 630 4.60 10.04 -29.40
C LEU C 630 4.82 8.67 -28.77
N SER C 631 3.88 8.26 -27.91
CA SER C 631 3.96 6.95 -27.27
C SER C 631 3.52 5.85 -28.23
N LYS C 632 2.70 6.21 -29.21
CA LYS C 632 2.17 5.23 -30.16
C LYS C 632 3.13 4.92 -31.31
N GLN C 633 4.31 5.52 -31.27
CA GLN C 633 5.32 5.24 -32.28
C GLN C 633 6.74 5.40 -31.74
N THR C 634 7.72 5.21 -32.62
CA THR C 634 9.12 5.26 -32.22
C THR C 634 9.96 5.99 -33.26
N GLU C 635 9.39 6.18 -34.45
CA GLU C 635 10.08 6.81 -35.56
C GLU C 635 10.52 8.24 -35.21
N ILE C 636 9.73 8.88 -34.35
CA ILE C 636 10.11 10.19 -33.82
C ILE C 636 10.64 10.05 -32.40
N ALA C 637 11.94 10.29 -32.23
CA ALA C 637 12.55 10.22 -30.91
C ALA C 637 12.05 11.36 -30.04
N TYR C 638 12.08 11.17 -28.73
CA TYR C 638 11.64 12.21 -27.80
C TYR C 638 12.22 12.04 -26.41
N GLY C 639 12.68 13.16 -25.83
CA GLY C 639 13.23 13.17 -24.50
C GLY C 639 13.00 14.51 -23.83
N THR C 640 13.62 14.71 -22.67
CA THR C 640 13.49 15.96 -21.93
C THR C 640 14.85 16.47 -21.45
N LEU C 641 14.80 17.38 -20.47
CA LEU C 641 16.00 17.87 -19.82
C LEU C 641 16.57 16.75 -18.95
N ASP C 642 17.89 16.68 -18.86
CA ASP C 642 18.55 15.62 -18.10
C ASP C 642 18.39 15.80 -16.59
N SER C 643 17.99 17.01 -16.19
CA SER C 643 17.69 17.28 -14.79
C SER C 643 16.54 18.27 -14.69
N GLY C 644 16.03 18.48 -13.49
CA GLY C 644 14.93 19.40 -13.29
C GLY C 644 13.59 18.70 -13.18
N SER C 645 12.54 19.49 -12.96
CA SER C 645 11.21 18.97 -12.68
C SER C 645 10.65 18.05 -13.77
N THR C 646 10.87 18.43 -15.03
CA THR C 646 10.28 17.71 -16.17
C THR C 646 10.62 16.24 -16.18
N LYS C 647 11.89 15.91 -15.96
CA LYS C 647 12.35 14.53 -15.94
C LYS C 647 11.82 13.81 -14.71
N GLU C 648 11.59 14.57 -13.64
CA GLU C 648 11.11 14.01 -12.38
C GLU C 648 9.63 13.66 -12.44
N PHE C 649 8.90 14.28 -13.36
CA PHE C 649 7.49 13.94 -13.55
C PHE C 649 7.39 12.54 -14.14
N PHE C 650 8.00 12.36 -15.31
CA PHE C 650 7.97 11.08 -16.01
C PHE C 650 8.52 9.93 -15.17
N ARG C 651 9.48 10.23 -14.30
CA ARG C 651 10.08 9.21 -13.44
C ARG C 651 9.09 8.75 -12.37
N ARG C 652 8.58 9.71 -11.61
CA ARG C 652 7.71 9.40 -10.47
C ARG C 652 6.31 8.95 -10.88
N SER C 653 5.87 9.35 -12.08
CA SER C 653 4.48 9.17 -12.49
C SER C 653 4.04 7.72 -12.60
N LYS C 654 2.76 7.48 -12.31
CA LYS C 654 2.18 6.14 -12.34
C LYS C 654 1.17 6.02 -13.48
N ILE C 655 0.79 7.16 -14.05
CA ILE C 655 -0.20 7.21 -15.12
C ILE C 655 0.20 6.31 -16.28
N ALA C 656 -0.78 5.60 -16.84
CA ALA C 656 -0.55 4.60 -17.87
C ALA C 656 0.30 5.09 -19.05
N VAL C 657 -0.15 6.13 -19.73
CA VAL C 657 0.55 6.65 -20.90
C VAL C 657 1.92 7.23 -20.56
N PHE C 658 1.95 8.14 -19.59
CA PHE C 658 3.16 8.85 -19.21
C PHE C 658 4.28 7.93 -18.71
N ASP C 659 3.91 6.74 -18.23
CA ASP C 659 4.90 5.75 -17.80
C ASP C 659 5.49 5.05 -19.01
N LYS C 660 4.65 4.72 -19.97
CA LYS C 660 5.06 4.06 -21.20
C LYS C 660 6.07 4.92 -21.96
N MET C 661 5.98 6.23 -21.77
CA MET C 661 6.92 7.17 -22.36
C MET C 661 8.26 7.12 -21.61
N TRP C 662 8.19 6.92 -20.30
CA TRP C 662 9.40 6.88 -19.48
C TRP C 662 10.20 5.61 -19.73
N THR C 663 9.49 4.49 -19.82
CA THR C 663 10.12 3.19 -20.11
C THR C 663 10.84 3.24 -21.46
N TYR C 664 10.31 4.06 -22.36
CA TYR C 664 10.94 4.32 -23.65
C TYR C 664 12.22 5.14 -23.48
N MET C 665 12.11 6.25 -22.76
CA MET C 665 13.22 7.18 -22.57
C MET C 665 14.34 6.61 -21.70
N ARG C 666 14.00 5.68 -20.82
CA ARG C 666 14.99 4.98 -20.01
C ARG C 666 15.92 4.20 -20.93
N SER C 667 15.32 3.42 -21.81
CA SER C 667 16.06 2.58 -22.75
C SER C 667 16.09 3.23 -24.13
N ALA C 668 16.80 4.34 -24.24
CA ALA C 668 16.84 5.09 -25.49
C ALA C 668 18.25 5.11 -26.12
N GLU C 669 18.33 4.59 -27.34
CA GLU C 669 19.57 4.63 -28.11
C GLU C 669 19.29 5.13 -29.53
N PRO C 670 19.83 6.32 -29.88
CA PRO C 670 20.70 7.18 -29.06
C PRO C 670 19.98 7.86 -27.91
N SER C 671 20.75 8.42 -26.98
CA SER C 671 20.19 9.08 -25.80
C SER C 671 19.28 10.24 -26.19
N VAL C 672 18.07 10.24 -25.63
CA VAL C 672 17.08 11.26 -25.94
C VAL C 672 17.14 12.43 -24.95
N PHE C 673 17.97 12.29 -23.93
CA PHE C 673 18.13 13.34 -22.93
C PHE C 673 19.19 14.35 -23.35
N VAL C 674 18.94 15.63 -23.05
CA VAL C 674 19.89 16.69 -23.36
C VAL C 674 20.29 17.42 -22.09
N ARG C 675 21.35 18.21 -22.18
CA ARG C 675 21.91 18.88 -21.00
C ARG C 675 21.28 20.23 -20.69
N THR C 676 20.98 21.02 -21.73
CA THR C 676 20.42 22.35 -21.53
C THR C 676 19.10 22.55 -22.28
N THR C 677 18.44 23.66 -22.00
CA THR C 677 17.23 24.04 -22.72
C THR C 677 17.61 24.40 -24.16
N ALA C 678 18.81 24.94 -24.33
CA ALA C 678 19.30 25.33 -25.65
C ALA C 678 19.71 24.11 -26.48
N GLU C 679 20.27 23.11 -25.82
CA GLU C 679 20.73 21.91 -26.50
C GLU C 679 19.57 21.12 -27.10
N GLY C 680 18.42 21.22 -26.45
CA GLY C 680 17.22 20.52 -26.91
C GLY C 680 16.54 21.27 -28.04
N VAL C 681 16.52 22.60 -27.94
CA VAL C 681 15.96 23.44 -28.98
C VAL C 681 16.69 23.19 -30.31
N ALA C 682 18.01 23.14 -30.24
CA ALA C 682 18.84 22.88 -31.42
C ALA C 682 18.63 21.46 -31.95
N ARG C 683 18.60 20.48 -31.05
CA ARG C 683 18.37 19.10 -31.45
C ARG C 683 17.06 18.92 -32.20
N VAL C 684 16.01 19.57 -31.70
CA VAL C 684 14.74 19.65 -32.42
C VAL C 684 15.03 20.36 -33.75
N ARG C 685 15.69 21.51 -33.67
CA ARG C 685 15.92 22.34 -34.85
C ARG C 685 16.84 21.75 -35.93
N LYS C 686 17.42 20.57 -35.69
CA LYS C 686 18.40 20.02 -36.62
C LYS C 686 18.18 18.54 -36.97
N SER C 687 17.10 17.96 -36.48
CA SER C 687 16.85 16.53 -36.66
C SER C 687 15.80 16.24 -37.74
N LYS C 688 15.51 17.23 -38.58
CA LYS C 688 14.59 17.08 -39.71
C LYS C 688 13.21 16.57 -39.33
N GLY C 689 12.80 16.83 -38.08
CA GLY C 689 11.48 16.44 -37.63
C GLY C 689 11.43 14.99 -37.21
N LYS C 690 12.45 14.57 -36.45
CA LYS C 690 12.50 13.21 -35.92
C LYS C 690 12.78 13.23 -34.42
N TYR C 691 12.91 14.41 -33.85
CA TYR C 691 13.07 14.54 -32.41
C TYR C 691 12.11 15.57 -31.81
N ALA C 692 11.49 15.21 -30.69
CA ALA C 692 10.58 16.11 -29.99
C ALA C 692 11.06 16.36 -28.57
N TYR C 693 11.23 17.63 -28.22
CA TYR C 693 11.70 18.00 -26.89
C TYR C 693 10.53 18.32 -25.97
N LEU C 694 10.48 17.65 -24.82
CA LEU C 694 9.43 17.89 -23.84
C LEU C 694 9.90 18.86 -22.76
N LEU C 695 9.17 19.97 -22.63
CA LEU C 695 9.51 21.00 -21.66
C LEU C 695 8.27 21.78 -21.23
N GLU C 696 8.44 22.66 -20.26
CA GLU C 696 7.33 23.46 -19.74
C GLU C 696 6.82 24.46 -20.78
N SER C 697 5.52 24.72 -20.75
CA SER C 697 4.85 25.52 -21.79
C SER C 697 5.42 26.91 -21.98
N THR C 698 5.80 27.55 -20.88
CA THR C 698 6.29 28.92 -20.92
C THR C 698 7.51 29.05 -21.83
N MET C 699 8.47 28.14 -21.67
CA MET C 699 9.67 28.16 -22.50
C MET C 699 9.35 27.69 -23.92
N ASN C 700 8.36 26.82 -24.06
CA ASN C 700 8.00 26.28 -25.37
C ASN C 700 7.35 27.31 -26.29
N GLU C 701 6.38 28.03 -25.75
CA GLU C 701 5.67 29.06 -26.51
C GLU C 701 6.52 30.32 -26.65
N TYR C 702 7.68 30.33 -25.99
CA TYR C 702 8.61 31.45 -26.09
C TYR C 702 9.61 31.24 -27.21
N ILE C 703 10.01 29.98 -27.43
CA ILE C 703 10.92 29.62 -28.51
C ILE C 703 10.16 29.64 -29.83
N GLU C 704 8.84 29.66 -29.75
CA GLU C 704 7.98 29.78 -30.91
C GLU C 704 8.00 31.21 -31.46
N GLN C 705 8.66 32.12 -30.74
CA GLN C 705 8.71 33.52 -31.15
C GLN C 705 10.11 33.97 -31.55
N ARG C 706 11.09 33.10 -31.35
CA ARG C 706 12.48 33.42 -31.71
C ARG C 706 12.83 32.99 -33.13
N LYS C 707 13.58 33.83 -33.83
CA LYS C 707 14.12 33.47 -35.13
C LYS C 707 14.96 32.20 -35.00
N PRO C 708 14.90 31.32 -36.01
CA PRO C 708 14.19 31.50 -37.27
C PRO C 708 12.75 30.99 -37.24
N CYS C 709 12.14 31.03 -36.05
CA CYS C 709 10.73 30.68 -35.90
C CYS C 709 10.41 29.30 -36.44
N ASP C 710 11.16 28.31 -35.96
CA ASP C 710 11.07 26.96 -36.51
C ASP C 710 10.81 25.89 -35.45
N THR C 711 10.10 26.30 -34.40
CA THR C 711 9.66 25.40 -33.34
C THR C 711 8.20 25.72 -33.03
N MET C 712 7.38 24.68 -32.92
CA MET C 712 5.95 24.90 -32.68
C MET C 712 5.41 24.12 -31.48
N LYS C 713 4.61 24.80 -30.66
CA LYS C 713 3.96 24.18 -29.52
C LYS C 713 2.73 23.39 -29.96
N VAL C 714 2.77 22.08 -29.79
CA VAL C 714 1.69 21.21 -30.25
C VAL C 714 0.94 20.52 -29.11
N GLY C 715 -0.39 20.52 -29.22
CA GLY C 715 -1.24 19.84 -28.24
C GLY C 715 -1.28 20.50 -26.87
N GLY C 716 -2.33 20.20 -26.11
CA GLY C 716 -2.46 20.70 -24.75
C GLY C 716 -1.38 20.14 -23.83
N ASN C 717 -1.12 20.84 -22.73
CA ASN C 717 -0.09 20.43 -21.79
C ASN C 717 -0.40 19.08 -21.13
N LEU C 718 0.57 18.55 -20.39
CA LEU C 718 0.41 17.26 -19.75
C LEU C 718 -0.09 17.38 -18.32
N ASP C 719 0.35 18.43 -17.63
CA ASP C 719 -0.09 18.68 -16.26
C ASP C 719 -0.39 20.16 -16.05
N SER C 720 -0.43 20.59 -14.80
CA SER C 720 -0.75 21.97 -14.47
C SER C 720 0.07 22.49 -13.29
N LYS C 721 1.25 23.02 -13.59
CA LYS C 721 2.10 23.62 -12.57
C LYS C 721 1.84 25.11 -12.47
N GLY C 722 2.59 25.78 -11.60
CA GLY C 722 2.49 27.23 -11.47
C GLY C 722 3.76 27.86 -10.93
N TYR C 723 4.10 29.04 -11.45
CA TYR C 723 5.24 29.80 -10.97
C TYR C 723 4.81 30.79 -9.89
N GLY C 724 5.45 30.74 -8.73
CA GLY C 724 5.11 31.63 -7.63
C GLY C 724 6.30 32.23 -6.93
N ILE C 725 6.09 33.38 -6.28
CA ILE C 725 7.14 34.05 -5.51
C ILE C 725 7.38 33.32 -4.20
N ALA C 726 8.63 32.93 -3.95
CA ALA C 726 8.96 32.11 -2.79
C ALA C 726 9.72 32.88 -1.70
N THR C 727 9.17 32.84 -0.49
CA THR C 727 9.81 33.43 0.68
C THR C 727 10.13 32.34 1.70
N PRO C 728 11.16 32.56 2.51
CA PRO C 728 11.50 31.62 3.60
C PRO C 728 10.35 31.43 4.57
N LYS C 729 10.36 30.31 5.27
CA LYS C 729 9.32 29.98 6.24
C LYS C 729 9.21 31.04 7.33
N GLY C 730 8.07 31.72 7.39
CA GLY C 730 7.85 32.75 8.38
C GLY C 730 8.56 34.04 8.08
N SER C 731 8.46 34.50 6.84
CA SER C 731 9.02 35.79 6.45
C SER C 731 7.97 36.88 6.58
N SER C 732 8.37 38.01 7.15
CA SER C 732 7.47 39.14 7.33
C SER C 732 7.01 39.68 5.98
N LEU C 733 7.84 39.48 4.96
CA LEU C 733 7.54 39.92 3.60
C LEU C 733 6.52 39.02 2.92
N GLY C 734 6.31 37.84 3.50
CA GLY C 734 5.45 36.82 2.91
C GLY C 734 4.05 37.27 2.53
N THR C 735 3.21 37.49 3.54
CA THR C 735 1.80 37.85 3.32
C THR C 735 1.51 39.04 2.37
N PRO C 736 2.26 40.15 2.49
CA PRO C 736 1.98 41.26 1.57
C PRO C 736 2.27 40.90 0.11
N VAL C 737 3.36 40.18 -0.12
CA VAL C 737 3.74 39.75 -1.46
C VAL C 737 2.63 38.95 -2.14
N ASN C 738 1.99 38.07 -1.37
CA ASN C 738 0.87 37.29 -1.87
C ASN C 738 -0.29 38.19 -2.30
N LEU C 739 -0.55 39.22 -1.49
CA LEU C 739 -1.58 40.19 -1.80
C LEU C 739 -1.19 40.99 -3.04
N ALA C 740 0.11 41.25 -3.18
CA ALA C 740 0.63 41.97 -4.33
C ALA C 740 0.41 41.20 -5.62
N VAL C 741 0.76 39.91 -5.61
CA VAL C 741 0.57 39.05 -6.78
C VAL C 741 -0.91 38.99 -7.17
N LEU C 742 -1.78 38.86 -6.17
CA LEU C 742 -3.21 38.84 -6.42
C LEU C 742 -3.71 40.21 -6.90
N LYS C 743 -3.19 41.28 -6.31
CA LYS C 743 -3.52 42.63 -6.76
C LYS C 743 -3.08 42.81 -8.20
N LEU C 744 -1.85 42.41 -8.50
CA LEU C 744 -1.30 42.53 -9.84
C LEU C 744 -2.03 41.65 -10.85
N SER C 745 -2.62 40.56 -10.37
CA SER C 745 -3.35 39.65 -11.24
C SER C 745 -4.70 40.23 -11.65
N GLU C 746 -5.43 40.77 -10.69
CA GLU C 746 -6.75 41.34 -10.96
C GLU C 746 -6.67 42.65 -11.75
N GLN C 747 -5.55 43.35 -11.64
CA GLN C 747 -5.36 44.59 -12.40
C GLN C 747 -5.04 44.28 -13.86
N GLY C 748 -4.28 43.21 -14.09
CA GLY C 748 -3.95 42.80 -15.44
C GLY C 748 -2.50 43.01 -15.79
N VAL C 749 -1.74 43.56 -14.85
CA VAL C 749 -0.31 43.79 -15.04
C VAL C 749 0.41 42.49 -15.37
N LEU C 750 -0.06 41.40 -14.78
CA LEU C 750 0.55 40.09 -15.01
C LEU C 750 0.28 39.55 -16.42
N ASP C 751 -0.94 39.75 -16.92
CA ASP C 751 -1.27 39.35 -18.29
C ASP C 751 -0.56 40.23 -19.30
N LYS C 752 -0.51 41.52 -19.00
CA LYS C 752 0.12 42.50 -19.89
C LYS C 752 1.63 42.30 -19.98
N LEU C 753 2.25 41.93 -18.86
CA LEU C 753 3.69 41.75 -18.81
C LEU C 753 4.14 40.53 -19.61
N LYS C 754 3.29 39.51 -19.67
CA LYS C 754 3.61 38.31 -20.44
C LYS C 754 3.51 38.61 -21.93
N ASN C 755 2.43 39.25 -22.33
CA ASN C 755 2.24 39.65 -23.72
C ASN C 755 3.35 40.60 -24.18
N LYS C 756 3.92 41.32 -23.21
CA LYS C 756 5.03 42.21 -23.47
C LYS C 756 6.28 41.46 -23.88
N TRP C 757 6.74 40.56 -23.02
CA TRP C 757 8.02 39.89 -23.21
C TRP C 757 7.98 38.71 -24.19
N TRP C 758 6.83 38.06 -24.31
CA TRP C 758 6.69 36.93 -25.21
C TRP C 758 6.35 37.36 -26.65
N TYR C 759 5.37 38.24 -26.77
CA TYR C 759 4.79 38.53 -28.08
C TYR C 759 5.13 39.92 -28.65
N ASP C 760 5.11 40.94 -27.80
CA ASP C 760 5.38 42.30 -28.25
C ASP C 760 6.82 42.51 -28.75
N LYS C 761 7.73 41.66 -28.27
CA LYS C 761 9.12 41.68 -28.76
C LYS C 761 9.42 40.41 -29.56
N GLY C 762 8.36 39.70 -29.93
CA GLY C 762 8.51 38.48 -30.72
C GLY C 762 8.79 38.77 -32.18
N GLU C 763 9.66 37.96 -32.76
CA GLU C 763 10.06 38.11 -34.17
C GLU C 763 9.18 37.27 -35.09
N CYS C 764 7.93 37.05 -34.68
CA CYS C 764 6.96 36.27 -35.45
C CYS C 764 5.56 36.83 -35.25
N SER C 776 -7.09 27.50 -45.89
CA SER C 776 -7.75 26.21 -46.00
C SER C 776 -7.79 25.75 -47.45
N ALA C 777 -8.07 26.69 -48.34
CA ALA C 777 -8.40 26.39 -49.73
C ALA C 777 -7.22 25.90 -50.56
N LEU C 778 -7.48 25.55 -51.81
CA LEU C 778 -6.42 25.11 -52.73
C LEU C 778 -5.59 26.32 -53.15
N SER C 779 -4.42 26.05 -53.73
CA SER C 779 -3.49 27.12 -54.06
C SER C 779 -3.38 27.36 -55.56
N LEU C 780 -2.67 28.43 -55.91
CA LEU C 780 -2.39 28.76 -57.30
C LEU C 780 -1.10 28.07 -57.73
N SER C 781 -0.31 27.64 -56.76
CA SER C 781 1.02 27.06 -56.99
C SER C 781 1.07 26.02 -58.11
N ASN C 782 0.28 24.96 -57.96
CA ASN C 782 0.27 23.89 -58.95
C ASN C 782 -0.50 24.25 -60.20
N VAL C 783 -1.62 24.95 -60.02
CA VAL C 783 -2.47 25.34 -61.13
C VAL C 783 -1.71 26.26 -62.09
N ALA C 784 -0.84 27.10 -61.52
CA ALA C 784 -0.01 28.00 -62.31
C ALA C 784 0.85 27.23 -63.31
N GLY C 785 1.41 26.10 -62.86
CA GLY C 785 2.20 25.24 -63.72
C GLY C 785 1.52 24.80 -65.01
N VAL C 786 0.21 25.02 -65.09
CA VAL C 786 -0.55 24.73 -66.29
C VAL C 786 -0.93 26.03 -67.02
N PHE C 787 -0.81 27.16 -66.32
CA PHE C 787 -1.00 28.46 -66.94
C PHE C 787 0.18 28.79 -67.84
N TYR C 788 1.32 28.14 -67.59
CA TYR C 788 2.53 28.37 -68.37
C TYR C 788 2.67 27.41 -69.54
N ILE C 789 1.87 26.33 -69.53
CA ILE C 789 1.80 25.44 -70.69
C ILE C 789 0.74 25.98 -71.65
N LEU C 790 -0.08 26.91 -71.17
CA LEU C 790 -1.13 27.51 -71.97
C LEU C 790 -0.62 28.67 -72.80
N VAL C 791 -0.05 29.66 -72.11
CA VAL C 791 0.55 30.81 -72.79
C VAL C 791 1.88 30.41 -73.43
N GLY C 792 2.21 29.13 -73.31
CA GLY C 792 3.34 28.54 -74.03
C GLY C 792 2.84 27.87 -75.29
N GLY C 793 1.53 27.76 -75.41
CA GLY C 793 0.90 27.22 -76.61
C GLY C 793 0.27 28.35 -77.40
N LEU C 794 0.07 29.48 -76.74
CA LEU C 794 -0.45 30.69 -77.37
C LEU C 794 0.62 31.36 -78.23
N GLY C 795 1.84 31.38 -77.73
CA GLY C 795 2.97 31.93 -78.46
C GLY C 795 3.49 30.94 -79.46
N LEU C 796 3.08 29.68 -79.31
CA LEU C 796 3.44 28.62 -80.23
C LEU C 796 2.48 28.63 -81.43
N ALA C 797 1.36 29.34 -81.27
CA ALA C 797 0.36 29.42 -82.32
C ALA C 797 0.34 30.81 -82.97
N MET C 798 1.04 31.76 -82.35
CA MET C 798 1.26 33.07 -82.96
C MET C 798 2.45 32.98 -83.89
N LEU C 799 3.26 31.93 -83.70
CA LEU C 799 4.44 31.71 -84.52
C LEU C 799 4.09 30.90 -85.75
N VAL C 800 3.05 30.08 -85.65
CA VAL C 800 2.56 29.32 -86.80
C VAL C 800 1.46 30.13 -87.49
N ALA C 801 1.12 31.27 -86.90
CA ALA C 801 0.18 32.20 -87.51
C ALA C 801 0.92 33.18 -88.42
N LEU C 802 2.10 33.60 -87.99
CA LEU C 802 2.90 34.58 -88.74
C LEU C 802 3.69 33.95 -89.88
N ILE C 803 3.78 32.62 -89.88
CA ILE C 803 4.47 31.92 -90.97
C ILE C 803 3.48 31.38 -92.01
N GLU C 804 2.19 31.38 -91.66
CA GLU C 804 1.15 30.99 -92.60
C GLU C 804 0.77 32.14 -93.53
N PHE C 805 0.92 33.37 -93.04
CA PHE C 805 0.63 34.54 -93.85
C PHE C 805 1.84 34.96 -94.68
N CYS C 806 2.97 34.30 -94.46
CA CYS C 806 4.20 34.61 -95.20
C CYS C 806 4.50 33.58 -96.28
N TYR C 807 3.86 32.42 -96.18
CA TYR C 807 3.99 31.38 -97.20
C TYR C 807 3.01 31.65 -98.35
N LYS C 808 1.79 32.02 -97.99
CA LYS C 808 0.75 32.30 -98.97
C LYS C 808 0.70 33.79 -99.31
N ASN D 1 61.21 -8.07 54.44
CA ASN D 1 60.97 -7.19 53.31
C ASN D 1 59.56 -6.61 53.34
N SER D 2 59.26 -5.85 54.39
CA SER D 2 57.94 -5.24 54.56
C SER D 2 57.78 -3.99 53.70
N ILE D 3 56.87 -4.05 52.74
CA ILE D 3 56.60 -2.91 51.87
C ILE D 3 55.20 -2.35 52.15
N GLN D 4 55.14 -1.24 52.89
CA GLN D 4 53.86 -0.66 53.27
C GLN D 4 53.15 0.01 52.10
N ILE D 5 51.93 -0.44 51.83
CA ILE D 5 51.12 0.14 50.75
C ILE D 5 49.84 0.76 51.29
N GLY D 6 49.18 1.57 50.47
CA GLY D 6 47.98 2.27 50.88
C GLY D 6 46.75 1.82 50.13
N GLY D 7 45.63 1.73 50.84
CA GLY D 7 44.38 1.28 50.25
C GLY D 7 43.20 2.17 50.61
N LEU D 8 42.63 2.82 49.59
CA LEU D 8 41.52 3.72 49.79
C LEU D 8 40.24 3.18 49.13
N PHE D 9 39.42 2.49 49.91
CA PHE D 9 38.19 1.90 49.41
C PHE D 9 36.96 2.75 49.73
N PRO D 10 35.92 2.63 48.89
CA PRO D 10 34.62 3.26 49.17
C PRO D 10 33.77 2.39 50.11
N ARG D 11 32.78 2.99 50.75
CA ARG D 11 31.88 2.25 51.63
C ARG D 11 30.98 1.32 50.82
N GLY D 12 31.02 0.03 51.15
CA GLY D 12 30.10 -0.93 50.56
C GLY D 12 30.60 -1.68 49.34
N ALA D 13 31.91 -1.62 49.11
CA ALA D 13 32.51 -2.38 48.00
C ALA D 13 33.14 -3.67 48.52
N ASP D 14 32.31 -4.55 49.06
CA ASP D 14 32.77 -5.80 49.68
C ASP D 14 33.52 -6.72 48.74
N GLN D 15 32.86 -7.11 47.64
CA GLN D 15 33.45 -8.04 46.67
C GLN D 15 34.75 -7.50 46.10
N GLU D 16 34.83 -6.18 45.93
CA GLU D 16 36.06 -5.55 45.46
C GLU D 16 37.19 -5.78 46.46
N TYR D 17 36.91 -5.52 47.73
CA TYR D 17 37.90 -5.71 48.78
C TYR D 17 38.15 -7.19 49.07
N SER D 18 37.12 -8.02 48.87
CA SER D 18 37.23 -9.45 49.06
C SER D 18 38.26 -10.04 48.10
N ALA D 19 38.17 -9.66 46.84
CA ALA D 19 39.11 -10.11 45.82
C ALA D 19 40.52 -9.60 46.10
N PHE D 20 40.61 -8.46 46.78
CA PHE D 20 41.89 -7.86 47.09
C PHE D 20 42.69 -8.78 48.01
N ARG D 21 42.07 -9.27 49.07
CA ARG D 21 42.73 -10.14 50.02
C ARG D 21 43.15 -11.47 49.39
N VAL D 22 42.33 -11.96 48.46
CA VAL D 22 42.62 -13.23 47.78
C VAL D 22 43.85 -13.07 46.87
N GLY D 23 44.05 -11.87 46.36
CA GLY D 23 45.21 -11.57 45.56
C GLY D 23 46.46 -11.42 46.42
N MET D 24 46.25 -10.92 47.64
CA MET D 24 47.33 -10.78 48.60
C MET D 24 47.88 -12.14 49.01
N VAL D 25 47.03 -13.16 49.00
CA VAL D 25 47.43 -14.51 49.35
C VAL D 25 47.96 -15.25 48.12
N GLN D 26 47.32 -15.02 46.98
CA GLN D 26 47.74 -15.61 45.71
C GLN D 26 49.16 -15.20 45.34
N PHE D 27 49.42 -13.90 45.35
CA PHE D 27 50.73 -13.39 44.94
C PHE D 27 51.64 -13.11 46.13
N SER D 28 51.29 -13.67 47.28
CA SER D 28 52.14 -13.57 48.45
C SER D 28 53.43 -14.34 48.16
N THR D 29 54.56 -13.69 48.39
CA THR D 29 55.84 -14.29 48.05
C THR D 29 56.78 -14.35 49.25
N SER D 30 57.79 -15.22 49.15
CA SER D 30 58.79 -15.34 50.19
C SER D 30 59.81 -14.22 50.09
N GLU D 31 59.85 -13.58 48.92
CA GLU D 31 60.72 -12.43 48.70
C GLU D 31 60.32 -11.31 49.64
N PHE D 32 59.19 -10.67 49.32
CA PHE D 32 58.67 -9.59 50.13
C PHE D 32 57.20 -9.83 50.52
N ARG D 33 56.65 -8.90 51.28
CA ARG D 33 55.28 -9.02 51.75
C ARG D 33 54.65 -7.63 51.80
N LEU D 34 53.69 -7.38 50.93
CA LEU D 34 53.00 -6.10 50.90
C LEU D 34 52.17 -5.92 52.17
N THR D 35 52.47 -4.86 52.91
CA THR D 35 51.80 -4.59 54.18
C THR D 35 50.80 -3.44 54.02
N PRO D 36 49.51 -3.78 53.92
CA PRO D 36 48.46 -2.79 53.67
C PRO D 36 48.00 -2.06 54.92
N HIS D 37 47.84 -0.75 54.82
CA HIS D 37 47.11 0.01 55.82
C HIS D 37 45.81 0.49 55.16
N ILE D 38 44.72 -0.21 55.45
CA ILE D 38 43.46 0.01 54.76
C ILE D 38 42.62 1.12 55.38
N ASP D 39 42.02 1.95 54.53
CA ASP D 39 41.14 3.02 54.99
C ASP D 39 39.80 3.03 54.25
N ASN D 40 38.72 2.83 54.98
CA ASN D 40 37.37 2.96 54.44
C ASN D 40 36.91 4.41 54.46
N LEU D 41 36.25 4.84 53.38
CA LEU D 41 35.88 6.25 53.25
C LEU D 41 34.75 6.46 52.24
N GLU D 42 34.22 7.68 52.23
CA GLU D 42 33.29 8.08 51.17
C GLU D 42 34.07 8.82 50.11
N VAL D 43 34.26 8.17 48.96
CA VAL D 43 35.11 8.71 47.90
C VAL D 43 34.48 9.91 47.22
N ALA D 44 33.17 10.06 47.38
CA ALA D 44 32.45 11.18 46.77
C ALA D 44 32.78 12.51 47.47
N ASN D 45 33.48 12.42 48.59
CA ASN D 45 33.88 13.61 49.34
C ASN D 45 35.39 13.82 49.24
N SER D 46 35.79 14.95 48.65
CA SER D 46 37.20 15.24 48.44
C SER D 46 37.93 15.60 49.73
N PHE D 47 37.20 16.16 50.70
CA PHE D 47 37.78 16.43 52.00
C PHE D 47 38.27 15.13 52.62
N ALA D 48 37.45 14.10 52.52
CA ALA D 48 37.80 12.78 53.04
C ALA D 48 38.97 12.19 52.26
N VAL D 49 38.93 12.36 50.94
CA VAL D 49 40.01 11.88 50.07
C VAL D 49 41.31 12.60 50.39
N THR D 50 41.20 13.87 50.73
CA THR D 50 42.36 14.68 51.08
C THR D 50 43.00 14.19 52.38
N ASN D 51 42.18 13.99 53.40
CA ASN D 51 42.68 13.53 54.70
C ASN D 51 43.22 12.10 54.68
N ALA D 52 42.67 11.28 53.79
CA ALA D 52 43.12 9.89 53.66
C ALA D 52 44.50 9.81 53.02
N PHE D 53 44.71 10.61 51.99
CA PHE D 53 45.98 10.64 51.27
C PHE D 53 47.11 11.14 52.18
N CYS D 54 46.85 12.23 52.87
CA CYS D 54 47.81 12.81 53.80
C CYS D 54 48.13 11.84 54.93
N SER D 55 47.15 11.01 55.28
CA SER D 55 47.35 9.97 56.27
C SER D 55 48.31 8.91 55.75
N GLN D 56 47.98 8.37 54.58
CA GLN D 56 48.81 7.36 53.94
C GLN D 56 50.21 7.87 53.63
N PHE D 57 50.27 9.10 53.12
CA PHE D 57 51.53 9.74 52.79
C PHE D 57 52.43 9.84 54.02
N SER D 58 51.94 10.53 55.05
CA SER D 58 52.71 10.75 56.27
C SER D 58 53.17 9.44 56.91
N ARG D 59 52.35 8.41 56.83
CA ARG D 59 52.68 7.10 57.37
C ARG D 59 53.93 6.52 56.72
N GLY D 60 54.07 6.73 55.42
CA GLY D 60 55.20 6.21 54.67
C GLY D 60 54.82 5.09 53.73
N VAL D 61 54.01 5.42 52.73
CA VAL D 61 53.59 4.44 51.73
C VAL D 61 54.50 4.47 50.52
N TYR D 62 54.65 3.31 49.88
CA TYR D 62 55.42 3.24 48.63
C TYR D 62 54.48 3.26 47.43
N ALA D 63 53.22 2.93 47.68
CA ALA D 63 52.20 2.92 46.63
C ALA D 63 50.80 2.96 47.22
N ILE D 64 49.87 3.57 46.50
CA ILE D 64 48.48 3.63 46.93
C ILE D 64 47.57 2.98 45.91
N PHE D 65 46.67 2.12 46.38
CA PHE D 65 45.63 1.55 45.53
C PHE D 65 44.28 2.06 46.00
N GLY D 66 43.43 2.44 45.04
CA GLY D 66 42.12 2.96 45.41
C GLY D 66 41.18 3.25 44.25
N PHE D 67 40.10 3.95 44.58
CA PHE D 67 39.06 4.29 43.63
C PHE D 67 38.81 5.79 43.70
N TYR D 68 38.24 6.36 42.64
CA TYR D 68 37.88 7.78 42.68
C TYR D 68 36.56 8.11 41.98
N ASP D 69 35.86 9.09 42.52
CA ASP D 69 34.64 9.62 41.92
C ASP D 69 35.05 10.71 40.94
N LYS D 70 34.14 11.09 40.05
CA LYS D 70 34.41 12.21 39.15
C LYS D 70 34.50 13.49 39.96
N LYS D 71 33.91 13.46 41.15
CA LYS D 71 34.00 14.58 42.09
C LYS D 71 35.38 14.61 42.72
N SER D 72 35.98 13.44 42.90
CA SER D 72 37.22 13.32 43.66
C SER D 72 38.48 13.41 42.80
N VAL D 73 38.50 12.62 41.72
CA VAL D 73 39.69 12.34 40.92
C VAL D 73 40.76 13.44 40.82
N ASN D 74 40.33 14.69 40.64
CA ASN D 74 41.27 15.81 40.51
C ASN D 74 42.06 16.08 41.78
N THR D 75 41.47 15.77 42.94
CA THR D 75 42.19 15.85 44.19
C THR D 75 43.30 14.80 44.20
N ILE D 76 43.01 13.64 43.60
CA ILE D 76 43.98 12.57 43.50
C ILE D 76 45.09 12.90 42.50
N THR D 77 44.71 13.24 41.28
CA THR D 77 45.68 13.48 40.21
C THR D 77 46.61 14.66 40.51
N SER D 78 46.16 15.57 41.38
CA SER D 78 46.94 16.75 41.71
C SER D 78 47.88 16.51 42.89
N PHE D 79 47.50 15.60 43.77
CA PHE D 79 48.36 15.22 44.90
C PHE D 79 49.32 14.12 44.47
N CYS D 80 48.95 13.42 43.40
CA CYS D 80 49.80 12.37 42.86
C CYS D 80 50.94 12.96 42.03
N GLY D 81 50.59 13.90 41.15
CA GLY D 81 51.58 14.54 40.30
C GLY D 81 52.49 15.45 41.09
N THR D 82 52.02 15.88 42.26
CA THR D 82 52.80 16.78 43.10
C THR D 82 53.85 16.03 43.92
N LEU D 83 53.41 15.20 44.86
CA LEU D 83 54.32 14.51 45.77
C LEU D 83 54.86 13.21 45.17
N HIS D 84 54.60 13.00 43.89
CA HIS D 84 55.12 11.85 43.14
C HIS D 84 54.66 10.49 43.68
N VAL D 85 53.44 10.46 44.23
CA VAL D 85 52.86 9.22 44.74
C VAL D 85 52.17 8.45 43.61
N SER D 86 52.55 7.18 43.46
CA SER D 86 51.99 6.33 42.41
C SER D 86 50.60 5.83 42.79
N PHE D 87 49.61 6.16 41.95
CA PHE D 87 48.23 5.76 42.21
C PHE D 87 47.80 4.65 41.26
N ILE D 88 47.11 3.66 41.80
CA ILE D 88 46.60 2.54 41.01
C ILE D 88 45.10 2.41 41.21
N THR D 89 44.34 2.42 40.12
CA THR D 89 42.88 2.42 40.21
C THR D 89 42.19 1.59 39.14
N PRO D 90 41.02 1.01 39.47
CA PRO D 90 40.15 0.35 38.50
C PRO D 90 39.00 1.26 38.09
N SER D 91 39.03 2.51 38.55
CA SER D 91 38.01 3.48 38.21
C SER D 91 38.13 3.90 36.75
N PHE D 92 37.24 4.78 36.30
CA PHE D 92 37.28 5.23 34.91
C PHE D 92 38.59 5.96 34.62
N PRO D 93 39.19 5.69 33.44
CA PRO D 93 40.44 6.34 33.04
C PRO D 93 40.33 7.86 33.07
N THR D 94 41.36 8.52 33.62
CA THR D 94 41.34 9.97 33.76
C THR D 94 41.21 10.66 32.41
N ASP D 95 40.47 11.77 32.38
CA ASP D 95 40.25 12.50 31.15
C ASP D 95 41.48 13.35 30.82
N GLY D 96 42.53 12.70 30.34
CA GLY D 96 43.78 13.39 30.01
C GLY D 96 44.98 12.48 30.08
N THR D 97 46.10 13.03 30.55
CA THR D 97 47.36 12.29 30.64
C THR D 97 48.10 12.60 31.93
N HIS D 98 47.38 12.60 33.05
CA HIS D 98 47.96 12.87 34.35
C HIS D 98 49.09 11.90 34.68
N PRO D 99 50.12 12.37 35.41
CA PRO D 99 51.23 11.49 35.79
C PRO D 99 50.93 10.76 37.10
N PHE D 100 51.67 9.68 37.35
CA PHE D 100 51.50 8.87 38.56
C PHE D 100 50.09 8.31 38.71
N VAL D 101 49.55 7.82 37.61
CA VAL D 101 48.27 7.12 37.61
C VAL D 101 48.35 5.88 36.75
N ILE D 102 48.02 4.73 37.33
CA ILE D 102 48.05 3.45 36.61
C ILE D 102 46.63 2.92 36.48
N GLN D 103 45.90 3.41 35.48
CA GLN D 103 44.51 3.03 35.27
C GLN D 103 44.34 1.58 34.83
N MET D 104 43.85 0.75 35.74
CA MET D 104 43.58 -0.65 35.45
C MET D 104 42.44 -0.81 34.45
N ARG D 105 41.48 0.10 34.50
CA ARG D 105 40.35 0.06 33.61
C ARG D 105 40.74 0.56 32.22
N PRO D 106 40.50 -0.28 31.19
CA PRO D 106 40.77 0.10 29.81
C PRO D 106 39.75 1.12 29.31
N ASP D 107 40.13 1.96 28.35
CA ASP D 107 39.15 2.83 27.71
C ASP D 107 38.24 1.99 26.83
N LEU D 108 36.98 2.38 26.75
CA LEU D 108 35.99 1.58 26.03
C LEU D 108 35.47 2.32 24.80
N LYS D 109 35.67 3.63 24.79
CA LYS D 109 35.14 4.52 23.75
C LYS D 109 35.29 3.99 22.33
N GLY D 110 36.49 3.54 21.98
CA GLY D 110 36.73 2.99 20.66
C GLY D 110 35.90 1.76 20.37
N ALA D 111 35.75 0.89 21.36
CA ALA D 111 34.98 -0.33 21.20
C ALA D 111 33.49 -0.03 21.05
N LEU D 112 32.99 0.86 21.90
CA LEU D 112 31.60 1.30 21.83
C LEU D 112 31.34 1.94 20.48
N LEU D 113 32.25 2.82 20.05
CA LEU D 113 32.13 3.52 18.77
C LEU D 113 32.08 2.56 17.59
N SER D 114 33.07 1.69 17.48
CA SER D 114 33.14 0.73 16.38
C SER D 114 31.95 -0.22 16.40
N LEU D 115 31.45 -0.50 17.60
CA LEU D 115 30.27 -1.35 17.75
C LEU D 115 29.06 -0.66 17.15
N ILE D 116 28.96 0.65 17.34
CA ILE D 116 27.86 1.42 16.78
C ILE D 116 27.88 1.37 15.25
N GLU D 117 29.07 1.50 14.68
CA GLU D 117 29.23 1.38 13.23
C GLU D 117 28.88 -0.01 12.77
N TYR D 118 29.12 -1.00 13.63
CA TYR D 118 28.91 -2.39 13.26
C TYR D 118 27.44 -2.72 13.01
N TYR D 119 26.54 -2.18 13.83
CA TYR D 119 25.12 -2.34 13.62
C TYR D 119 24.58 -1.32 12.62
N GLN D 120 25.49 -0.50 12.07
CA GLN D 120 25.16 0.52 11.11
C GLN D 120 24.13 1.53 11.63
N TRP D 121 24.23 1.86 12.92
CA TRP D 121 23.37 2.88 13.51
C TRP D 121 23.69 4.25 12.95
N ASP D 122 22.67 5.09 12.80
CA ASP D 122 22.84 6.44 12.30
C ASP D 122 21.89 7.40 13.00
N LYS D 123 21.03 6.85 13.85
CA LYS D 123 20.06 7.62 14.60
C LYS D 123 19.75 6.90 15.91
N PHE D 124 20.16 7.49 17.03
CA PHE D 124 19.96 6.87 18.33
C PHE D 124 19.89 7.86 19.49
N ALA D 125 19.76 7.34 20.69
CA ALA D 125 19.73 8.13 21.92
C ALA D 125 20.69 7.56 22.95
N TYR D 126 21.43 8.44 23.61
CA TYR D 126 22.50 8.03 24.50
C TYR D 126 22.21 8.48 25.93
N LEU D 127 21.87 7.53 26.79
CA LEU D 127 21.58 7.84 28.19
C LEU D 127 22.85 7.70 29.04
N TYR D 128 22.93 8.50 30.10
CA TYR D 128 24.16 8.55 30.89
C TYR D 128 23.96 9.26 32.22
N ASP D 129 24.78 8.89 33.20
CA ASP D 129 24.99 9.73 34.38
C ASP D 129 26.41 10.28 34.34
N SER D 130 26.68 11.30 35.14
CA SER D 130 27.96 12.00 35.08
C SER D 130 29.07 11.36 35.90
N ASP D 131 28.77 10.24 36.56
CA ASP D 131 29.69 9.64 37.54
C ASP D 131 31.06 9.20 37.03
N ARG D 132 31.16 8.82 35.77
CA ARG D 132 32.42 8.35 35.22
C ARG D 132 32.92 9.24 34.08
N GLY D 133 32.73 10.54 34.25
CA GLY D 133 33.17 11.51 33.27
C GLY D 133 32.31 11.57 32.03
N LEU D 134 32.15 12.77 31.48
CA LEU D 134 31.41 12.95 30.23
C LEU D 134 32.35 12.75 29.04
N SER D 135 33.48 12.09 29.32
CA SER D 135 34.47 11.76 28.31
C SER D 135 33.83 10.93 27.19
N THR D 136 33.00 9.96 27.57
CA THR D 136 32.37 9.08 26.61
C THR D 136 31.35 9.83 25.77
N LEU D 137 30.66 10.78 26.40
CA LEU D 137 29.63 11.57 25.75
C LEU D 137 30.20 12.44 24.63
N GLN D 138 31.36 13.03 24.89
CA GLN D 138 32.02 13.91 23.92
C GLN D 138 32.43 13.12 22.68
N ALA D 139 32.78 11.85 22.89
CA ALA D 139 33.19 10.98 21.78
C ALA D 139 32.05 10.78 20.79
N VAL D 140 30.86 10.48 21.31
CA VAL D 140 29.71 10.21 20.45
C VAL D 140 29.19 11.48 19.79
N LEU D 141 29.46 12.63 20.40
CA LEU D 141 29.00 13.90 19.86
C LEU D 141 29.95 14.44 18.80
N ASP D 142 31.25 14.21 19.00
CA ASP D 142 32.24 14.57 18.00
C ASP D 142 32.11 13.65 16.80
N SER D 143 31.78 12.39 17.06
CA SER D 143 31.60 11.40 16.01
C SER D 143 30.30 11.62 15.24
N ALA D 144 29.29 12.13 15.95
CA ALA D 144 27.97 12.36 15.34
C ALA D 144 28.05 13.34 14.18
N ALA D 145 28.62 14.51 14.45
CA ALA D 145 28.77 15.55 13.43
C ALA D 145 29.63 15.06 12.26
N GLU D 146 30.57 14.17 12.55
CA GLU D 146 31.51 13.68 11.55
C GLU D 146 30.84 12.72 10.58
N LYS D 147 30.18 11.69 11.13
CA LYS D 147 29.59 10.63 10.31
C LYS D 147 28.08 10.78 10.15
N LYS D 148 27.59 12.00 10.37
CA LYS D 148 26.17 12.34 10.22
C LYS D 148 25.23 11.45 11.04
N TRP D 149 25.40 11.48 12.36
CA TRP D 149 24.48 10.76 13.25
C TRP D 149 23.54 11.74 13.95
N GLN D 150 22.30 11.31 14.15
CA GLN D 150 21.36 12.11 14.94
C GLN D 150 21.30 11.56 16.36
N VAL D 151 21.97 12.26 17.28
CA VAL D 151 22.13 11.78 18.64
C VAL D 151 21.45 12.67 19.67
N THR D 152 20.32 12.21 20.21
CA THR D 152 19.67 12.89 21.31
C THR D 152 20.21 12.34 22.63
N ALA D 153 20.98 13.16 23.33
CA ALA D 153 21.61 12.74 24.57
C ALA D 153 20.83 13.24 25.79
N ILE D 154 20.60 12.36 26.75
CA ILE D 154 19.82 12.71 27.94
C ILE D 154 20.57 12.42 29.23
N ASN D 155 20.70 13.45 30.06
CA ASN D 155 21.31 13.33 31.38
C ASN D 155 20.32 12.67 32.34
N VAL D 156 20.56 11.41 32.67
CA VAL D 156 19.60 10.63 33.46
C VAL D 156 20.00 10.45 34.92
N GLY D 157 21.21 10.89 35.27
CA GLY D 157 21.73 10.66 36.60
C GLY D 157 21.06 11.45 37.71
N ASN D 158 20.95 12.76 37.53
CA ASN D 158 20.48 13.67 38.58
C ASN D 158 19.03 13.47 39.06
N ILE D 159 18.38 12.40 38.62
CA ILE D 159 17.02 12.11 39.08
C ILE D 159 17.04 11.63 40.52
N ASN D 160 16.33 12.32 41.40
CA ASN D 160 16.21 11.89 42.79
C ASN D 160 15.38 10.61 42.88
N ASN D 161 15.76 9.71 43.79
CA ASN D 161 15.03 8.46 43.95
C ASN D 161 13.86 8.60 44.92
N ASP D 162 13.24 9.77 44.91
CA ASP D 162 12.12 10.07 45.79
C ASP D 162 10.86 10.33 44.97
N LYS D 163 11.04 11.03 43.85
CA LYS D 163 9.97 11.26 42.89
C LYS D 163 10.45 10.76 41.53
N LYS D 164 10.79 9.48 41.49
CA LYS D 164 11.50 8.88 40.37
C LYS D 164 10.58 7.98 39.55
N ASP D 165 9.55 8.58 38.96
CA ASP D 165 8.60 7.84 38.13
C ASP D 165 7.91 8.78 37.15
N GLU D 166 7.68 10.02 37.58
CA GLU D 166 7.14 11.06 36.70
C GLU D 166 8.27 11.67 35.89
N THR D 167 9.49 11.19 36.16
CA THR D 167 10.68 11.63 35.44
C THR D 167 11.07 10.58 34.40
N TYR D 168 10.31 9.49 34.36
CA TYR D 168 10.58 8.40 33.42
C TYR D 168 9.57 8.39 32.27
N ARG D 169 8.31 8.67 32.58
CA ARG D 169 7.29 8.75 31.54
C ARG D 169 7.58 9.94 30.65
N SER D 170 7.85 11.09 31.26
CA SER D 170 8.24 12.29 30.53
C SER D 170 9.50 12.04 29.72
N LEU D 171 10.40 11.23 30.28
CA LEU D 171 11.61 10.80 29.59
C LEU D 171 11.28 10.02 28.32
N PHE D 172 10.40 9.04 28.44
CA PHE D 172 10.04 8.19 27.31
C PHE D 172 8.89 8.74 26.47
N GLN D 173 8.45 9.95 26.81
CA GLN D 173 7.54 10.70 25.96
C GLN D 173 8.37 11.50 24.97
N ASP D 174 9.51 11.98 25.46
CA ASP D 174 10.45 12.73 24.64
C ASP D 174 11.14 11.83 23.63
N LEU D 175 11.35 10.58 24.02
CA LEU D 175 12.00 9.61 23.15
C LEU D 175 10.99 8.97 22.21
N GLU D 176 9.71 9.19 22.50
CA GLU D 176 8.64 8.69 21.65
C GLU D 176 8.30 9.71 20.57
N LEU D 177 8.80 10.92 20.74
CA LEU D 177 8.60 11.99 19.77
C LEU D 177 9.20 11.64 18.42
N LYS D 178 10.42 11.11 18.43
CA LYS D 178 11.08 10.67 17.21
C LYS D 178 11.06 9.14 17.08
N LYS D 179 10.17 8.52 17.84
CA LYS D 179 10.03 7.06 17.86
C LYS D 179 11.37 6.34 18.03
N GLU D 180 12.15 6.77 19.02
CA GLU D 180 13.47 6.20 19.27
C GLU D 180 13.36 4.72 19.63
N ARG D 181 14.11 3.89 18.91
CA ARG D 181 14.07 2.45 19.10
C ARG D 181 15.44 1.87 19.41
N ARG D 182 16.48 2.70 19.30
CA ARG D 182 17.84 2.26 19.62
C ARG D 182 18.49 3.12 20.69
N VAL D 183 18.88 2.48 21.78
CA VAL D 183 19.33 3.18 22.99
C VAL D 183 20.71 2.69 23.45
N ILE D 184 21.49 3.58 24.05
CA ILE D 184 22.75 3.21 24.69
C ILE D 184 22.71 3.59 26.17
N LEU D 185 23.10 2.65 27.03
CA LEU D 185 23.12 2.89 28.47
C LEU D 185 24.55 3.02 28.97
N ASP D 186 24.89 4.22 29.43
CA ASP D 186 26.21 4.48 29.98
C ASP D 186 26.04 4.94 31.42
N CYS D 187 25.77 4.00 32.31
CA CYS D 187 25.44 4.34 33.68
C CYS D 187 26.13 3.47 34.70
N GLU D 188 25.99 3.88 35.96
CA GLU D 188 26.35 3.06 37.09
C GLU D 188 25.52 1.79 36.99
N ARG D 189 26.12 0.65 37.31
CA ARG D 189 25.42 -0.64 37.25
C ARG D 189 24.06 -0.61 37.95
N ASP D 190 23.97 0.20 39.00
CA ASP D 190 22.71 0.41 39.71
C ASP D 190 21.72 1.12 38.80
N LYS D 191 22.09 2.31 38.34
CA LYS D 191 21.22 3.13 37.50
C LYS D 191 20.80 2.38 36.24
N VAL D 192 21.69 1.51 35.75
CA VAL D 192 21.39 0.66 34.62
C VAL D 192 20.15 -0.20 34.87
N ASN D 193 20.11 -0.83 36.04
CA ASN D 193 19.02 -1.75 36.36
C ASN D 193 17.68 -1.06 36.66
N ASP D 194 17.73 0.12 37.27
CA ASP D 194 16.52 0.91 37.48
C ASP D 194 15.94 1.35 36.14
N ILE D 195 16.80 1.45 35.14
CA ILE D 195 16.39 1.80 33.78
C ILE D 195 15.75 0.58 33.10
N VAL D 196 16.29 -0.60 33.38
CA VAL D 196 15.74 -1.85 32.84
C VAL D 196 14.30 -2.03 33.29
N ASP D 197 14.09 -2.12 34.59
CA ASP D 197 12.78 -2.34 35.18
C ASP D 197 11.73 -1.36 34.68
N GLN D 198 12.14 -0.11 34.50
CA GLN D 198 11.25 0.93 34.00
C GLN D 198 10.86 0.60 32.56
N VAL D 199 11.85 0.18 31.78
CA VAL D 199 11.62 -0.23 30.39
C VAL D 199 10.69 -1.43 30.33
N ILE D 200 10.95 -2.41 31.20
CA ILE D 200 10.14 -3.62 31.27
C ILE D 200 8.66 -3.31 31.46
N THR D 201 8.35 -2.42 32.38
CA THR D 201 6.98 -2.14 32.78
C THR D 201 6.17 -1.40 31.72
N ILE D 202 6.82 -0.54 30.94
CA ILE D 202 6.11 0.16 29.87
C ILE D 202 6.21 -0.59 28.55
N GLY D 203 6.92 -1.71 28.56
CA GLY D 203 7.00 -2.59 27.40
C GLY D 203 7.85 -2.07 26.25
N LYS D 204 9.04 -1.56 26.57
CA LYS D 204 9.97 -1.14 25.54
C LYS D 204 11.14 -2.11 25.44
N HIS D 205 10.83 -3.40 25.62
CA HIS D 205 11.84 -4.44 25.49
C HIS D 205 11.33 -5.58 24.62
N VAL D 206 10.50 -5.23 23.64
CA VAL D 206 10.04 -6.19 22.64
C VAL D 206 10.86 -6.05 21.37
N LYS D 207 10.59 -6.92 20.40
CA LYS D 207 11.32 -6.93 19.14
C LYS D 207 11.20 -5.58 18.45
N GLY D 208 12.30 -5.13 17.85
CA GLY D 208 12.34 -3.81 17.22
C GLY D 208 13.20 -2.86 18.05
N TYR D 209 13.15 -3.03 19.37
CA TYR D 209 13.99 -2.25 20.26
C TYR D 209 15.39 -2.84 20.33
N HIS D 210 16.35 -2.05 20.80
CA HIS D 210 17.74 -2.46 20.83
C HIS D 210 18.51 -1.64 21.87
N TYR D 211 19.23 -2.33 22.75
CA TYR D 211 19.98 -1.67 23.81
C TYR D 211 21.45 -2.09 23.81
N ILE D 212 22.34 -1.13 24.06
CA ILE D 212 23.76 -1.41 24.18
C ILE D 212 24.26 -0.90 25.53
N ILE D 213 24.58 -1.82 26.44
CA ILE D 213 25.01 -1.47 27.79
C ILE D 213 26.49 -1.10 27.78
N ALA D 214 26.79 0.17 28.05
CA ALA D 214 28.15 0.67 27.89
C ALA D 214 29.03 0.54 29.14
N ASN D 215 29.29 -0.68 29.57
CA ASN D 215 30.37 -0.94 30.52
C ASN D 215 31.02 -2.31 30.31
N LEU D 216 32.14 -2.53 30.99
CA LEU D 216 32.92 -3.76 30.83
C LEU D 216 32.32 -4.92 31.62
N GLY D 217 31.17 -4.69 32.22
CA GLY D 217 30.49 -5.72 33.00
C GLY D 217 29.08 -6.01 32.52
N PHE D 218 28.98 -6.53 31.30
CA PHE D 218 27.68 -6.89 30.73
C PHE D 218 27.03 -7.98 31.57
N THR D 219 27.82 -8.99 31.92
CA THR D 219 27.31 -10.11 32.72
C THR D 219 27.53 -9.89 34.22
N ASP D 220 27.76 -8.65 34.62
CA ASP D 220 27.90 -8.33 36.04
C ASP D 220 26.55 -7.98 36.65
N GLY D 221 25.58 -7.67 35.80
CA GLY D 221 24.25 -7.29 36.25
C GLY D 221 23.15 -8.20 35.71
N ASP D 222 21.95 -8.02 36.25
CA ASP D 222 20.79 -8.82 35.86
C ASP D 222 20.48 -8.63 34.37
N LEU D 223 20.19 -9.75 33.70
CA LEU D 223 19.89 -9.73 32.28
C LEU D 223 18.70 -10.63 31.94
N LEU D 224 18.32 -11.49 32.89
CA LEU D 224 17.21 -12.41 32.73
C LEU D 224 15.88 -11.71 32.51
N LYS D 225 15.73 -10.53 33.11
CA LYS D 225 14.46 -9.80 33.02
C LYS D 225 14.24 -9.09 31.69
N ILE D 226 15.20 -9.22 30.78
CA ILE D 226 15.07 -8.68 29.41
C ILE D 226 15.37 -9.77 28.41
N GLN D 227 15.63 -10.97 28.93
CA GLN D 227 16.18 -12.07 28.15
C GLN D 227 15.24 -12.59 27.05
N PHE D 228 13.94 -12.51 27.29
CA PHE D 228 12.99 -13.13 26.38
C PHE D 228 12.01 -12.12 25.77
N GLY D 229 12.14 -10.86 26.17
CA GLY D 229 11.24 -9.82 25.71
C GLY D 229 11.13 -9.72 24.20
N GLY D 230 12.26 -9.55 23.53
CA GLY D 230 12.30 -9.44 22.08
C GLY D 230 13.32 -8.41 21.61
N ALA D 231 13.59 -7.43 22.46
CA ALA D 231 14.56 -6.40 22.14
C ALA D 231 15.95 -6.98 21.99
N GLU D 232 16.83 -6.26 21.31
CA GLU D 232 18.21 -6.69 21.17
C GLU D 232 19.09 -6.04 22.23
N VAL D 233 19.82 -6.84 22.97
CA VAL D 233 20.70 -6.33 23.99
C VAL D 233 22.15 -6.66 23.66
N SER D 234 23.01 -5.65 23.75
CA SER D 234 24.44 -5.84 23.51
C SER D 234 25.26 -5.20 24.62
N GLY D 235 26.47 -5.68 24.83
CA GLY D 235 27.32 -5.18 25.89
C GLY D 235 28.74 -5.69 25.78
N PHE D 236 29.60 -5.21 26.69
CA PHE D 236 31.01 -5.57 26.63
C PHE D 236 31.43 -6.36 27.86
N GLN D 237 32.19 -7.43 27.66
CA GLN D 237 32.70 -8.23 28.76
C GLN D 237 34.22 -8.18 28.77
N ILE D 238 34.78 -7.75 29.89
CA ILE D 238 36.23 -7.66 30.02
C ILE D 238 36.79 -8.89 30.72
N VAL D 239 35.90 -9.66 31.36
CA VAL D 239 36.30 -10.88 32.05
C VAL D 239 35.78 -12.11 31.33
N ASP D 240 36.63 -12.75 30.51
CA ASP D 240 36.22 -13.95 29.79
C ASP D 240 36.32 -15.17 30.70
N TYR D 241 35.18 -15.79 30.97
CA TYR D 241 35.13 -16.95 31.87
C TYR D 241 35.65 -18.20 31.18
N ASP D 242 35.66 -18.17 29.84
CA ASP D 242 36.17 -19.29 29.06
C ASP D 242 37.68 -19.38 29.17
N ASP D 243 38.28 -18.27 29.57
CA ASP D 243 39.73 -18.22 29.81
C ASP D 243 40.06 -19.17 30.96
N SER D 244 40.88 -20.18 30.65
CA SER D 244 41.26 -21.19 31.64
C SER D 244 41.89 -20.54 32.87
N LEU D 245 42.63 -19.46 32.64
CA LEU D 245 43.18 -18.63 33.72
C LEU D 245 42.05 -18.17 34.64
N VAL D 246 41.03 -17.57 34.04
CA VAL D 246 39.86 -17.09 34.78
C VAL D 246 39.01 -18.25 35.28
N SER D 247 38.96 -19.32 34.50
CA SER D 247 38.20 -20.52 34.87
C SER D 247 38.67 -21.09 36.20
N LYS D 248 39.98 -21.28 36.32
CA LYS D 248 40.57 -21.81 37.54
C LYS D 248 40.40 -20.84 38.71
N PHE D 249 40.37 -19.54 38.41
CA PHE D 249 40.09 -18.53 39.42
C PHE D 249 38.66 -18.68 39.92
N ILE D 250 37.74 -18.90 38.99
CA ILE D 250 36.33 -19.07 39.29
C ILE D 250 36.08 -20.31 40.15
N GLU D 251 36.89 -21.34 39.94
CA GLU D 251 36.75 -22.59 40.68
C GLU D 251 36.97 -22.39 42.17
N ARG D 252 37.94 -21.55 42.52
CA ARG D 252 38.23 -21.27 43.91
C ARG D 252 37.34 -20.15 44.45
N TRP D 253 37.09 -19.15 43.60
CA TRP D 253 36.33 -17.97 44.00
C TRP D 253 34.91 -18.30 44.44
N SER D 254 34.25 -19.16 43.71
CA SER D 254 32.84 -19.49 43.96
C SER D 254 32.62 -20.29 45.24
N THR D 255 33.71 -20.78 45.83
CA THR D 255 33.60 -21.68 46.98
C THR D 255 33.93 -21.02 48.32
N LEU D 256 34.56 -19.84 48.28
CA LEU D 256 35.01 -19.15 49.48
C LEU D 256 33.89 -18.91 50.51
N GLU D 257 34.26 -18.91 51.79
CA GLU D 257 33.31 -18.63 52.86
C GLU D 257 32.76 -17.22 52.70
N GLU D 258 31.44 -17.10 52.64
CA GLU D 258 30.81 -15.82 52.36
C GLU D 258 30.84 -14.85 53.54
N LYS D 259 31.11 -15.39 54.73
CA LYS D 259 31.24 -14.54 55.92
C LYS D 259 32.62 -13.91 55.96
N GLU D 260 33.62 -14.66 55.52
CA GLU D 260 35.00 -14.20 55.50
C GLU D 260 35.20 -13.16 54.39
N TYR D 261 34.87 -13.55 53.16
CA TYR D 261 34.98 -12.68 52.00
C TYR D 261 33.58 -12.40 51.46
N PRO D 262 32.94 -11.33 51.95
CA PRO D 262 31.55 -11.01 51.63
C PRO D 262 31.29 -10.82 50.13
N GLY D 263 30.20 -11.40 49.64
CA GLY D 263 29.78 -11.24 48.26
C GLY D 263 30.71 -11.89 47.25
N ALA D 264 31.32 -13.01 47.66
CA ALA D 264 32.29 -13.69 46.80
C ALA D 264 31.85 -15.10 46.44
N HIS D 265 30.63 -15.48 46.82
CA HIS D 265 30.18 -16.85 46.66
C HIS D 265 29.49 -17.10 45.32
N THR D 266 29.95 -16.41 44.28
CA THR D 266 29.29 -16.47 42.97
C THR D 266 30.13 -17.14 41.89
N ALA D 267 29.47 -17.52 40.80
CA ALA D 267 30.15 -18.10 39.65
C ALA D 267 30.66 -16.99 38.73
N THR D 268 30.17 -15.78 38.98
CA THR D 268 30.61 -14.60 38.23
C THR D 268 31.39 -13.65 39.14
N ILE D 269 31.97 -12.61 38.55
CA ILE D 269 32.65 -11.57 39.32
C ILE D 269 32.56 -10.23 38.59
N LYS D 270 32.32 -9.15 39.34
CA LYS D 270 32.20 -7.83 38.75
C LYS D 270 33.51 -7.40 38.10
N TYR D 271 33.41 -6.63 37.02
CA TYR D 271 34.59 -6.20 36.27
C TYR D 271 35.50 -5.31 37.12
N THR D 272 34.90 -4.54 38.02
CA THR D 272 35.65 -3.68 38.92
C THR D 272 36.50 -4.51 39.88
N SER D 273 35.86 -5.48 40.52
CA SER D 273 36.54 -6.38 41.47
C SER D 273 37.65 -7.16 40.78
N ALA D 274 37.38 -7.66 39.59
CA ALA D 274 38.35 -8.44 38.82
C ALA D 274 39.62 -7.64 38.54
N LEU D 275 39.48 -6.32 38.46
CA LEU D 275 40.61 -5.44 38.23
C LEU D 275 41.46 -5.29 39.48
N THR D 276 40.79 -5.26 40.63
CA THR D 276 41.46 -5.17 41.92
C THR D 276 42.38 -6.37 42.12
N TYR D 277 41.89 -7.55 41.79
CA TYR D 277 42.69 -8.76 41.83
C TYR D 277 43.82 -8.67 40.82
N ASP D 278 43.55 -8.02 39.69
CA ASP D 278 44.57 -7.81 38.67
C ASP D 278 45.51 -6.67 39.06
N ALA D 279 45.08 -5.88 40.04
CA ALA D 279 45.87 -4.75 40.53
C ALA D 279 46.93 -5.21 41.52
N VAL D 280 46.66 -6.31 42.21
CA VAL D 280 47.60 -6.87 43.16
C VAL D 280 48.80 -7.48 42.45
N GLN D 281 48.54 -8.15 41.33
CA GLN D 281 49.60 -8.80 40.56
C GLN D 281 50.60 -7.79 40.01
N VAL D 282 50.09 -6.66 39.52
CA VAL D 282 50.92 -5.62 38.94
C VAL D 282 51.73 -4.88 40.02
N MET D 283 51.15 -4.75 41.21
CA MET D 283 51.84 -4.10 42.32
C MET D 283 52.97 -4.96 42.89
N THR D 284 52.77 -6.26 42.90
CA THR D 284 53.81 -7.18 43.37
C THR D 284 54.93 -7.31 42.33
N GLU D 285 54.54 -7.45 41.07
CA GLU D 285 55.50 -7.57 39.98
C GLU D 285 56.39 -6.32 39.85
N ALA D 286 55.82 -5.16 40.19
CA ALA D 286 56.56 -3.91 40.13
C ALA D 286 57.60 -3.84 41.25
N PHE D 287 57.21 -4.27 42.45
CA PHE D 287 58.13 -4.28 43.58
C PHE D 287 59.08 -5.48 43.52
N ARG D 288 58.85 -6.36 42.55
CA ARG D 288 59.77 -7.46 42.29
C ARG D 288 60.78 -7.04 41.23
N ASN D 289 60.32 -6.28 40.24
CA ASN D 289 61.19 -5.77 39.18
C ASN D 289 62.15 -4.70 39.70
N LEU D 290 61.74 -3.99 40.75
CA LEU D 290 62.58 -2.99 41.37
C LEU D 290 63.75 -3.63 42.13
N ARG D 291 63.46 -4.73 42.83
CA ARG D 291 64.51 -5.47 43.53
C ARG D 291 65.29 -6.32 42.54
N LYS D 292 64.69 -6.59 41.38
CA LYS D 292 65.35 -7.35 40.33
C LYS D 292 66.42 -6.49 39.68
N GLN D 293 66.16 -5.19 39.59
CA GLN D 293 67.09 -4.25 38.98
C GLN D 293 68.02 -3.65 40.01
N ARG D 294 67.97 -4.21 41.23
CA ARG D 294 68.82 -3.79 42.34
C ARG D 294 68.66 -2.33 42.74
N ILE D 295 67.64 -1.67 42.21
CA ILE D 295 67.36 -0.28 42.52
C ILE D 295 66.76 -0.16 43.93
N GLU D 296 67.31 0.74 44.73
CA GLU D 296 66.84 0.91 46.10
C GLU D 296 65.79 2.02 46.23
N ILE D 297 64.73 1.73 46.98
CA ILE D 297 63.59 2.64 47.08
C ILE D 297 63.20 2.94 48.53
N SER D 298 64.05 2.53 49.47
CA SER D 298 63.73 2.67 50.89
C SER D 298 63.72 4.12 51.36
N ARG D 299 62.55 4.56 51.82
CA ARG D 299 62.42 5.87 52.46
C ARG D 299 63.30 5.91 53.71
N ARG D 300 64.35 6.73 53.66
CA ARG D 300 65.29 6.82 54.77
C ARG D 300 64.73 7.64 55.92
N GLY D 301 63.59 8.30 55.68
CA GLY D 301 62.92 9.08 56.70
C GLY D 301 61.43 9.18 56.46
N ASN D 302 60.75 10.01 57.25
CA ASN D 302 59.32 10.23 57.09
C ASN D 302 59.01 10.95 55.80
N ALA D 303 57.77 10.87 55.34
CA ALA D 303 57.35 11.60 54.15
C ALA D 303 56.99 13.04 54.51
N GLY D 304 56.44 13.21 55.71
CA GLY D 304 56.08 14.53 56.20
C GLY D 304 54.63 14.86 55.90
N ASP D 305 54.20 16.03 56.36
CA ASP D 305 52.86 16.52 56.06
C ASP D 305 52.78 16.72 54.55
N CYS D 306 51.78 16.11 53.91
CA CYS D 306 51.63 16.23 52.47
C CYS D 306 51.36 17.67 52.03
N LEU D 307 50.96 18.52 52.98
CA LEU D 307 50.78 19.93 52.72
C LEU D 307 52.07 20.70 52.94
N ALA D 308 53.20 20.00 52.86
CA ALA D 308 54.50 20.63 53.09
C ALA D 308 54.77 21.73 52.07
N ASN D 309 55.02 22.94 52.58
CA ASN D 309 55.26 24.11 51.73
C ASN D 309 56.69 24.61 51.90
N PRO D 310 57.49 24.57 50.83
CA PRO D 310 57.10 24.06 49.50
C PRO D 310 57.29 22.55 49.38
N ALA D 311 56.47 21.90 48.57
CA ALA D 311 56.55 20.46 48.39
C ALA D 311 57.86 20.07 47.69
N VAL D 312 58.56 19.11 48.28
CA VAL D 312 59.77 18.57 47.67
C VAL D 312 59.57 17.09 47.31
N PRO D 313 59.54 16.78 46.01
CA PRO D 313 59.26 15.42 45.53
C PRO D 313 60.31 14.42 46.00
N TRP D 314 59.87 13.30 46.55
CA TRP D 314 60.81 12.25 46.93
C TRP D 314 61.36 11.55 45.68
N GLY D 315 62.69 11.45 45.61
CA GLY D 315 63.38 11.02 44.42
C GLY D 315 62.94 9.71 43.78
N GLN D 316 62.56 8.74 44.62
CA GLN D 316 62.20 7.42 44.12
C GLN D 316 60.74 7.33 43.69
N GLY D 317 60.07 8.48 43.60
CA GLY D 317 58.69 8.52 43.16
C GLY D 317 58.54 8.12 41.71
N VAL D 318 59.37 8.72 40.84
CA VAL D 318 59.30 8.46 39.42
C VAL D 318 59.73 7.04 39.07
N GLU D 319 60.55 6.45 39.94
CA GLU D 319 61.07 5.11 39.72
C GLU D 319 59.98 4.07 39.88
N ILE D 320 59.19 4.21 40.94
CA ILE D 320 58.09 3.30 41.20
C ILE D 320 57.08 3.36 40.06
N GLU D 321 56.76 4.57 39.62
CA GLU D 321 55.83 4.77 38.52
C GLU D 321 56.35 4.13 37.23
N ARG D 322 57.67 4.08 37.08
CA ARG D 322 58.28 3.49 35.89
C ARG D 322 58.11 1.97 35.86
N ALA D 323 58.61 1.31 36.90
CA ALA D 323 58.53 -0.15 37.01
C ALA D 323 57.11 -0.63 36.80
N LEU D 324 56.17 0.03 37.47
CA LEU D 324 54.75 -0.22 37.28
C LEU D 324 54.35 -0.12 35.81
N LYS D 325 54.59 1.04 35.22
CA LYS D 325 54.14 1.33 33.85
C LYS D 325 54.78 0.44 32.79
N GLN D 326 55.79 -0.34 33.18
CA GLN D 326 56.47 -1.19 32.22
C GLN D 326 56.24 -2.69 32.48
N VAL D 327 55.55 -2.99 33.57
CA VAL D 327 55.17 -4.37 33.90
C VAL D 327 54.34 -4.99 32.77
N GLN D 328 54.64 -6.24 32.43
CA GLN D 328 53.86 -6.97 31.43
C GLN D 328 53.47 -8.35 31.94
N VAL D 329 52.20 -8.51 32.29
CA VAL D 329 51.71 -9.76 32.86
C VAL D 329 50.38 -10.19 32.26
N GLU D 330 49.84 -11.30 32.77
CA GLU D 330 48.55 -11.81 32.33
C GLU D 330 47.65 -12.03 33.54
N GLY D 331 46.45 -11.44 33.52
CA GLY D 331 45.55 -11.54 34.65
C GLY D 331 44.12 -11.88 34.26
N LEU D 332 43.19 -11.65 35.19
CA LEU D 332 41.77 -11.93 34.97
C LEU D 332 41.21 -11.19 33.77
N SER D 333 41.50 -9.90 33.67
CA SER D 333 40.99 -9.07 32.58
C SER D 333 41.86 -9.17 31.33
N GLY D 334 42.45 -10.34 31.10
CA GLY D 334 43.29 -10.55 29.94
C GLY D 334 44.69 -10.00 30.11
N ASN D 335 45.22 -9.42 29.04
CA ASN D 335 46.58 -8.87 29.06
C ASN D 335 46.62 -7.45 29.64
N ILE D 336 47.65 -7.20 30.46
CA ILE D 336 47.79 -5.90 31.12
C ILE D 336 49.11 -5.24 30.70
N LYS D 337 48.99 -4.10 30.01
CA LYS D 337 50.17 -3.38 29.53
C LYS D 337 49.91 -1.89 29.60
N PHE D 338 50.98 -1.09 29.76
CA PHE D 338 50.85 0.34 29.91
C PHE D 338 51.84 1.11 29.05
N ASP D 339 51.40 2.23 28.48
CA ASP D 339 52.34 3.16 27.88
C ASP D 339 52.76 4.20 28.91
N GLN D 340 53.35 5.30 28.44
CA GLN D 340 53.92 6.31 29.33
C GLN D 340 52.92 7.00 30.24
N ASN D 341 51.63 6.85 29.96
CA ASN D 341 50.61 7.57 30.71
C ASN D 341 49.80 6.71 31.68
N GLY D 342 49.96 5.39 31.57
CA GLY D 342 49.28 4.48 32.47
C GLY D 342 47.98 3.94 31.93
N LYS D 343 47.59 4.41 30.75
CA LYS D 343 46.40 3.89 30.07
C LYS D 343 46.65 2.44 29.66
N ARG D 344 45.63 1.61 29.78
CA ARG D 344 45.73 0.22 29.33
C ARG D 344 45.89 0.16 27.81
N ILE D 345 46.89 -0.59 27.36
CA ILE D 345 47.14 -0.76 25.92
C ILE D 345 47.25 -2.24 25.58
N ASN D 346 47.07 -2.55 24.29
CA ASN D 346 47.18 -3.91 23.80
C ASN D 346 46.24 -4.87 24.52
N TYR D 347 44.99 -4.45 24.72
CA TYR D 347 44.02 -5.28 25.41
C TYR D 347 42.90 -5.75 24.50
N THR D 348 42.10 -6.69 24.99
CA THR D 348 41.00 -7.26 24.23
C THR D 348 39.68 -7.02 24.96
N ILE D 349 38.67 -6.57 24.23
CA ILE D 349 37.34 -6.39 24.82
C ILE D 349 36.31 -7.20 24.04
N ASN D 350 35.69 -8.15 24.71
CA ASN D 350 34.67 -8.98 24.08
C ASN D 350 33.36 -8.22 23.88
N ILE D 351 32.70 -8.47 22.76
CA ILE D 351 31.41 -7.87 22.47
C ILE D 351 30.32 -8.93 22.58
N MET D 352 29.38 -8.70 23.49
CA MET D 352 28.38 -9.70 23.86
C MET D 352 26.98 -9.32 23.43
N GLU D 353 26.28 -10.24 22.79
CA GLU D 353 24.87 -10.07 22.48
C GLU D 353 24.03 -11.03 23.32
N LEU D 354 22.98 -10.51 23.95
CA LEU D 354 22.12 -11.34 24.78
C LEU D 354 21.07 -12.06 23.94
N LYS D 355 21.15 -13.38 23.90
CA LYS D 355 20.18 -14.20 23.18
C LYS D 355 19.31 -15.01 24.14
N THR D 356 18.38 -15.79 23.59
CA THR D 356 17.40 -16.54 24.38
C THR D 356 18.02 -17.47 25.43
N ASN D 357 19.12 -18.11 25.08
CA ASN D 357 19.74 -19.12 25.95
C ASN D 357 20.87 -18.60 26.83
N GLY D 358 21.01 -17.28 26.91
CA GLY D 358 22.05 -16.68 27.73
C GLY D 358 22.95 -15.74 26.95
N PRO D 359 23.83 -15.02 27.67
CA PRO D 359 24.78 -14.10 27.05
C PRO D 359 25.75 -14.86 26.15
N ARG D 360 26.09 -14.27 25.01
CA ARG D 360 26.92 -14.96 24.04
C ARG D 360 27.96 -14.02 23.45
N LYS D 361 29.21 -14.50 23.39
CA LYS D 361 30.27 -13.73 22.77
C LYS D 361 30.22 -13.84 21.25
N ILE D 362 29.86 -12.75 20.59
CA ILE D 362 29.79 -12.73 19.14
C ILE D 362 31.15 -12.37 18.56
N GLY D 363 32.06 -11.96 19.43
CA GLY D 363 33.40 -11.60 18.99
C GLY D 363 34.10 -10.66 19.95
N TYR D 364 35.06 -9.91 19.42
CA TYR D 364 35.87 -9.02 20.23
C TYR D 364 36.23 -7.75 19.48
N TRP D 365 36.52 -6.69 20.22
CA TRP D 365 37.06 -5.47 19.65
C TRP D 365 38.51 -5.34 20.09
N SER D 366 39.37 -4.91 19.18
CA SER D 366 40.79 -4.77 19.50
C SER D 366 41.21 -3.31 19.58
N GLU D 367 42.22 -3.05 20.39
CA GLU D 367 42.78 -1.71 20.55
C GLU D 367 43.34 -1.21 19.23
N VAL D 368 43.68 -2.14 18.34
CA VAL D 368 44.29 -1.80 17.06
C VAL D 368 43.52 -2.32 15.84
N ASP D 369 42.80 -3.42 16.00
CA ASP D 369 42.09 -4.05 14.89
C ASP D 369 40.61 -3.72 14.86
N LYS D 370 40.15 -3.01 15.88
CA LYS D 370 38.75 -2.64 16.02
C LYS D 370 37.84 -3.87 16.06
N MET D 371 36.59 -3.70 15.64
CA MET D 371 35.61 -4.78 15.73
C MET D 371 35.91 -5.94 14.80
N VAL D 372 36.16 -7.12 15.36
CA VAL D 372 36.43 -8.32 14.57
C VAL D 372 35.55 -9.47 15.06
N LEU D 373 34.76 -10.03 14.13
CA LEU D 373 33.82 -11.10 14.47
C LEU D 373 34.52 -12.43 14.72
N THR D 374 33.86 -13.31 15.46
CA THR D 374 34.32 -14.67 15.68
C THR D 374 33.43 -15.63 14.89
N GLU D 375 34.04 -16.58 14.19
CA GLU D 375 33.31 -17.43 13.26
C GLU D 375 32.57 -18.59 13.92
N ASP D 376 31.24 -18.59 13.76
CA ASP D 376 30.40 -19.70 14.17
C ASP D 376 28.99 -19.53 13.60
N ASP D 377 28.79 -18.47 12.85
CA ASP D 377 27.50 -18.16 12.26
C ASP D 377 27.41 -18.64 10.82
N THR D 378 26.35 -19.38 10.49
CA THR D 378 26.10 -19.80 9.12
C THR D 378 25.61 -18.61 8.31
N SER D 379 25.91 -18.59 7.02
CA SER D 379 25.54 -17.48 6.16
C SER D 379 24.04 -17.22 6.12
N GLY D 380 23.65 -16.02 6.52
CA GLY D 380 22.25 -15.63 6.57
C GLY D 380 21.64 -15.42 5.19
N LEU D 381 22.48 -15.43 4.17
CA LEU D 381 22.03 -15.30 2.79
C LEU D 381 21.89 -16.67 2.15
N GLU D 382 22.42 -17.69 2.81
CA GLU D 382 22.42 -19.05 2.26
C GLU D 382 21.09 -19.77 2.54
N GLN D 383 20.07 -19.44 1.77
CA GLN D 383 18.77 -20.10 1.89
C GLN D 383 18.53 -21.04 0.72
N LYS D 384 17.27 -21.12 0.29
CA LYS D 384 16.87 -21.96 -0.83
C LYS D 384 16.96 -21.15 -2.12
N THR D 385 18.14 -21.15 -2.74
CA THR D 385 18.35 -20.46 -4.00
C THR D 385 17.89 -21.35 -5.14
N VAL D 386 16.67 -21.10 -5.63
CA VAL D 386 16.01 -21.99 -6.58
C VAL D 386 16.61 -21.92 -7.98
N VAL D 387 16.94 -23.08 -8.53
CA VAL D 387 17.45 -23.17 -9.90
C VAL D 387 16.31 -23.11 -10.91
N VAL D 388 16.38 -22.15 -11.83
CA VAL D 388 15.34 -21.98 -12.83
C VAL D 388 15.87 -22.23 -14.24
N THR D 389 15.64 -23.43 -14.77
CA THR D 389 16.03 -23.74 -16.14
C THR D 389 15.15 -23.01 -17.14
N THR D 390 15.77 -22.48 -18.19
CA THR D 390 15.04 -21.75 -19.22
C THR D 390 15.72 -21.88 -20.58
N ILE D 391 14.99 -21.53 -21.64
CA ILE D 391 15.50 -21.69 -22.99
C ILE D 391 15.70 -20.33 -23.69
N LEU D 392 16.70 -20.28 -24.57
CA LEU D 392 17.05 -19.04 -25.28
C LEU D 392 16.24 -18.84 -26.56
N GLU D 393 14.98 -18.45 -26.40
CA GLU D 393 14.13 -18.12 -27.53
C GLU D 393 13.56 -16.71 -27.34
N SER D 394 13.34 -16.00 -28.44
CA SER D 394 12.85 -14.63 -28.38
C SER D 394 11.33 -14.55 -28.55
N PRO D 395 10.69 -13.60 -27.83
CA PRO D 395 11.31 -12.66 -26.89
C PRO D 395 11.24 -13.19 -25.46
N TYR D 396 11.16 -14.51 -25.30
CA TYR D 396 11.08 -15.11 -23.98
C TYR D 396 12.35 -14.84 -23.20
N VAL D 397 13.47 -15.33 -23.72
CA VAL D 397 14.77 -15.08 -23.10
C VAL D 397 15.82 -14.65 -24.12
N MET D 398 16.23 -13.40 -24.03
CA MET D 398 17.27 -12.86 -24.92
C MET D 398 18.42 -12.30 -24.10
N MET D 399 19.63 -12.44 -24.63
CA MET D 399 20.80 -11.85 -24.01
C MET D 399 20.73 -10.33 -24.13
N LYS D 400 21.12 -9.62 -23.08
CA LYS D 400 21.14 -8.17 -23.12
C LYS D 400 22.18 -7.65 -24.12
N LYS D 401 22.06 -6.39 -24.49
CA LYS D 401 22.96 -5.79 -25.47
C LYS D 401 24.39 -5.73 -24.96
N ASN D 402 24.55 -5.64 -23.65
CA ASN D 402 25.86 -5.63 -23.01
C ASN D 402 25.94 -6.63 -21.86
N HIS D 403 25.60 -7.88 -22.14
CA HIS D 403 25.56 -8.92 -21.12
C HIS D 403 26.95 -9.34 -20.63
N GLU D 404 27.98 -8.85 -21.31
CA GLU D 404 29.36 -9.16 -20.91
C GLU D 404 29.72 -8.45 -19.63
N MET D 405 29.27 -7.21 -19.48
CA MET D 405 29.57 -6.39 -18.32
C MET D 405 28.79 -6.86 -17.10
N LEU D 406 27.61 -7.42 -17.34
CA LEU D 406 26.71 -7.80 -16.26
C LEU D 406 26.86 -9.27 -15.85
N GLU D 407 26.26 -9.64 -14.73
CA GLU D 407 26.39 -10.99 -14.19
C GLU D 407 25.10 -11.47 -13.55
N GLY D 408 24.97 -12.80 -13.43
CA GLY D 408 23.81 -13.39 -12.78
C GLY D 408 22.56 -13.37 -13.63
N ASN D 409 21.46 -12.91 -13.04
CA ASN D 409 20.18 -12.82 -13.75
C ASN D 409 20.06 -11.55 -14.57
N GLU D 410 21.09 -10.70 -14.49
CA GLU D 410 21.07 -9.41 -15.17
C GLU D 410 21.56 -9.53 -16.62
N ARG D 411 22.13 -10.67 -16.96
CA ARG D 411 22.65 -10.90 -18.31
C ARG D 411 21.53 -11.08 -19.31
N TYR D 412 20.34 -11.44 -18.82
CA TYR D 412 19.22 -11.80 -19.68
C TYR D 412 18.07 -10.79 -19.60
N GLU D 413 17.18 -10.85 -20.58
CA GLU D 413 15.98 -10.03 -20.60
C GLU D 413 14.90 -10.69 -21.45
N GLY D 414 13.64 -10.33 -21.22
CA GLY D 414 12.53 -10.86 -22.00
C GLY D 414 11.26 -11.13 -21.23
N TYR D 415 10.36 -11.89 -21.84
CA TYR D 415 9.06 -12.21 -21.23
C TYR D 415 9.20 -13.05 -19.98
N CYS D 416 9.92 -14.16 -20.08
CA CYS D 416 10.12 -15.06 -18.95
C CYS D 416 10.94 -14.43 -17.84
N VAL D 417 11.79 -13.47 -18.21
CA VAL D 417 12.61 -12.76 -17.24
C VAL D 417 11.74 -11.88 -16.35
N ASP D 418 10.76 -11.22 -16.96
CA ASP D 418 9.82 -10.40 -16.20
C ASP D 418 8.78 -11.29 -15.51
N LEU D 419 8.66 -12.53 -15.96
CA LEU D 419 7.71 -13.47 -15.39
C LEU D 419 8.29 -14.20 -14.18
N ALA D 420 9.51 -14.69 -14.32
CA ALA D 420 10.19 -15.41 -13.24
C ALA D 420 10.40 -14.50 -12.03
N ALA D 421 10.43 -13.20 -12.28
CA ALA D 421 10.57 -12.21 -11.21
C ALA D 421 9.28 -12.08 -10.41
N GLU D 422 8.15 -12.00 -11.12
CA GLU D 422 6.85 -11.84 -10.49
C GLU D 422 6.39 -13.13 -9.81
N ILE D 423 6.78 -14.27 -10.37
CA ILE D 423 6.51 -15.55 -9.73
C ILE D 423 7.21 -15.60 -8.38
N ALA D 424 8.50 -15.27 -8.39
CA ALA D 424 9.31 -15.25 -7.18
C ALA D 424 8.82 -14.19 -6.19
N LYS D 425 8.13 -13.18 -6.70
CA LYS D 425 7.61 -12.10 -5.86
C LYS D 425 6.41 -12.57 -5.05
N HIS D 426 5.52 -13.33 -5.69
CA HIS D 426 4.34 -13.83 -5.01
C HIS D 426 4.67 -14.97 -4.07
N CYS D 427 5.52 -15.88 -4.54
CA CYS D 427 5.89 -17.06 -3.74
C CYS D 427 6.82 -16.68 -2.61
N GLY D 428 7.82 -15.88 -2.91
CA GLY D 428 8.76 -15.41 -1.90
C GLY D 428 10.03 -16.25 -1.83
N PHE D 429 10.74 -16.35 -2.95
CA PHE D 429 12.03 -17.02 -2.98
C PHE D 429 13.03 -16.32 -3.89
N LYS D 430 14.31 -16.57 -3.65
CA LYS D 430 15.36 -16.11 -4.55
C LYS D 430 15.51 -17.14 -5.66
N TYR D 431 16.15 -16.76 -6.76
CA TYR D 431 16.24 -17.65 -7.91
C TYR D 431 17.46 -17.42 -8.80
N LYS D 432 17.90 -18.46 -9.48
CA LYS D 432 19.04 -18.38 -10.38
C LYS D 432 18.69 -18.93 -11.77
N LEU D 433 18.73 -18.07 -12.76
CA LEU D 433 18.36 -18.45 -14.12
C LEU D 433 19.49 -19.16 -14.85
N THR D 434 19.21 -20.39 -15.29
CA THR D 434 20.21 -21.19 -16.01
C THR D 434 19.65 -21.67 -17.35
N ILE D 435 20.38 -21.41 -18.42
CA ILE D 435 19.98 -21.89 -19.74
C ILE D 435 20.14 -23.40 -19.82
N VAL D 436 19.18 -24.06 -20.46
CA VAL D 436 19.12 -25.53 -20.50
C VAL D 436 20.33 -26.13 -21.21
N GLY D 437 20.94 -27.13 -20.55
CA GLY D 437 22.20 -27.72 -20.97
C GLY D 437 22.32 -28.16 -22.42
N ASP D 438 21.22 -28.60 -23.02
CA ASP D 438 21.25 -29.03 -24.42
C ASP D 438 20.46 -28.08 -25.31
N GLY D 439 19.83 -27.07 -24.70
CA GLY D 439 19.08 -26.08 -25.45
C GLY D 439 17.76 -26.60 -25.99
N LYS D 440 17.37 -27.80 -25.57
CA LYS D 440 16.16 -28.44 -26.06
C LYS D 440 14.97 -28.22 -25.13
N TYR D 441 13.77 -28.41 -25.65
CA TYR D 441 12.55 -28.25 -24.87
C TYR D 441 12.34 -29.42 -23.91
N GLY D 442 12.08 -30.61 -24.46
CA GLY D 442 11.89 -31.78 -23.63
C GLY D 442 11.05 -32.87 -24.27
N ALA D 443 11.71 -33.93 -24.71
CA ALA D 443 11.02 -35.09 -25.30
C ALA D 443 11.79 -36.36 -24.96
N ARG D 444 11.10 -37.49 -24.96
CA ARG D 444 11.72 -38.74 -24.57
C ARG D 444 12.15 -39.58 -25.77
N ASP D 445 13.35 -40.15 -25.69
CA ASP D 445 13.87 -41.02 -26.73
C ASP D 445 13.07 -42.32 -26.76
N ALA D 446 12.81 -42.83 -27.96
CA ALA D 446 12.04 -44.06 -28.10
C ALA D 446 12.95 -45.28 -28.05
N ASP D 447 14.25 -45.06 -28.26
CA ASP D 447 15.21 -46.13 -28.28
C ASP D 447 15.86 -46.30 -26.91
N THR D 448 16.31 -45.18 -26.34
CA THR D 448 17.10 -45.21 -25.11
C THR D 448 16.32 -44.76 -23.87
N LYS D 449 15.10 -44.27 -24.08
CA LYS D 449 14.24 -43.82 -22.98
C LYS D 449 14.89 -42.76 -22.09
N ILE D 450 15.37 -41.69 -22.71
CA ILE D 450 16.00 -40.59 -21.98
C ILE D 450 15.19 -39.32 -22.17
N TRP D 451 15.14 -38.50 -21.14
CA TRP D 451 14.49 -37.20 -21.24
C TRP D 451 15.52 -36.09 -21.49
N ASN D 452 15.44 -35.45 -22.66
CA ASN D 452 16.32 -34.34 -22.97
C ASN D 452 15.71 -33.00 -22.58
N GLY D 453 16.50 -31.94 -22.70
CA GLY D 453 16.00 -30.60 -22.48
C GLY D 453 15.66 -30.26 -21.05
N MET D 454 14.62 -29.44 -20.88
CA MET D 454 14.22 -28.93 -19.58
C MET D 454 13.44 -29.96 -18.75
N VAL D 455 12.60 -30.74 -19.43
CA VAL D 455 11.87 -31.82 -18.76
C VAL D 455 12.88 -32.81 -18.17
N GLY D 456 13.95 -33.06 -18.93
CA GLY D 456 15.01 -33.94 -18.48
C GLY D 456 15.80 -33.37 -17.32
N GLU D 457 16.13 -32.09 -17.41
CA GLU D 457 16.88 -31.42 -16.34
C GLU D 457 15.99 -31.13 -15.13
N LEU D 458 14.76 -31.60 -15.19
CA LEU D 458 13.85 -31.56 -14.03
C LEU D 458 13.74 -32.95 -13.43
N VAL D 459 13.44 -33.94 -14.28
CA VAL D 459 13.24 -35.31 -13.83
C VAL D 459 14.52 -35.98 -13.34
N TYR D 460 15.66 -35.40 -13.69
CA TYR D 460 16.96 -35.95 -13.28
C TYR D 460 17.61 -35.08 -12.21
N GLY D 461 16.83 -34.16 -11.65
CA GLY D 461 17.28 -33.35 -10.53
C GLY D 461 18.38 -32.37 -10.85
N LYS D 462 18.27 -31.68 -11.98
CA LYS D 462 19.22 -30.62 -12.33
C LYS D 462 18.65 -29.24 -12.04
N ALA D 463 17.33 -29.11 -12.19
CA ALA D 463 16.67 -27.83 -11.92
C ALA D 463 15.42 -28.04 -11.07
N ASP D 464 14.96 -26.96 -10.43
CA ASP D 464 13.82 -27.05 -9.52
C ASP D 464 12.51 -26.57 -10.14
N ILE D 465 12.62 -25.80 -11.22
CA ILE D 465 11.44 -25.22 -11.86
C ILE D 465 11.76 -24.72 -13.28
N ALA D 466 10.89 -25.06 -14.23
CA ALA D 466 11.14 -24.74 -15.64
C ALA D 466 10.22 -23.66 -16.19
N ILE D 467 10.68 -22.41 -16.12
CA ILE D 467 9.90 -21.28 -16.64
C ILE D 467 10.33 -20.95 -18.08
N ALA D 468 9.55 -21.47 -19.04
CA ALA D 468 9.86 -21.28 -20.46
C ALA D 468 8.63 -21.62 -21.30
N PRO D 469 8.64 -21.24 -22.59
CA PRO D 469 7.53 -21.68 -23.47
C PRO D 469 7.54 -23.20 -23.65
N LEU D 470 7.13 -23.92 -22.61
CA LEU D 470 7.12 -25.37 -22.61
C LEU D 470 5.70 -25.89 -22.77
N THR D 471 5.42 -26.52 -23.91
CA THR D 471 4.08 -26.98 -24.23
C THR D 471 3.57 -28.04 -23.24
N ILE D 472 2.36 -27.84 -22.73
CA ILE D 472 1.74 -28.79 -21.81
C ILE D 472 1.17 -29.99 -22.58
N THR D 473 1.78 -31.16 -22.41
CA THR D 473 1.33 -32.37 -23.10
C THR D 473 1.09 -33.53 -22.14
N LEU D 474 0.40 -34.56 -22.64
CA LEU D 474 0.04 -35.73 -21.83
C LEU D 474 1.28 -36.45 -21.30
N VAL D 475 2.26 -36.64 -22.16
CA VAL D 475 3.46 -37.37 -21.79
C VAL D 475 4.37 -36.61 -20.83
N ARG D 476 4.35 -35.28 -20.92
CA ARG D 476 5.19 -34.46 -20.05
C ARG D 476 4.61 -34.36 -18.64
N GLU D 477 3.30 -34.34 -18.53
CA GLU D 477 2.62 -34.30 -17.23
C GLU D 477 2.85 -35.60 -16.46
N GLU D 478 3.24 -36.64 -17.18
CA GLU D 478 3.42 -37.97 -16.60
C GLU D 478 4.68 -38.13 -15.76
N VAL D 479 5.61 -37.17 -15.88
CA VAL D 479 6.85 -37.23 -15.10
C VAL D 479 7.11 -35.94 -14.32
N ILE D 480 6.53 -34.83 -14.77
CA ILE D 480 6.61 -33.57 -14.03
C ILE D 480 5.26 -32.85 -14.01
N ASP D 481 4.95 -32.24 -12.88
CA ASP D 481 3.70 -31.49 -12.73
C ASP D 481 3.71 -30.22 -13.57
N PHE D 482 2.53 -29.80 -14.02
CA PHE D 482 2.39 -28.56 -14.76
C PHE D 482 1.40 -27.64 -14.05
N SER D 483 1.70 -26.35 -14.04
CA SER D 483 0.76 -25.37 -13.53
C SER D 483 -0.28 -25.10 -14.61
N LYS D 484 -1.34 -24.38 -14.28
CA LYS D 484 -2.33 -23.98 -15.26
C LYS D 484 -1.66 -23.05 -16.27
N PRO D 485 -2.16 -23.03 -17.52
CA PRO D 485 -1.51 -22.28 -18.60
C PRO D 485 -1.38 -20.78 -18.32
N PHE D 486 -0.32 -20.17 -18.85
CA PHE D 486 -0.11 -18.73 -18.70
C PHE D 486 -0.19 -18.01 -20.04
N MET D 487 -0.29 -18.79 -21.11
CA MET D 487 -0.32 -18.24 -22.46
C MET D 487 -0.96 -19.21 -23.44
N SER D 488 -2.09 -18.81 -24.01
CA SER D 488 -2.82 -19.65 -24.95
C SER D 488 -2.23 -19.55 -26.35
N LEU D 489 -2.20 -20.68 -27.05
CA LEU D 489 -1.67 -20.71 -28.43
C LEU D 489 -2.12 -21.94 -29.21
N GLY D 490 -1.78 -21.97 -30.49
CA GLY D 490 -2.08 -23.09 -31.36
C GLY D 490 -1.24 -23.04 -32.62
N ILE D 491 -1.19 -24.17 -33.32
CA ILE D 491 -0.43 -24.25 -34.57
C ILE D 491 -1.10 -23.43 -35.67
N SER D 492 -0.39 -22.42 -36.17
CA SER D 492 -0.92 -21.53 -37.18
C SER D 492 -0.09 -21.56 -38.47
N ILE D 493 -0.41 -20.67 -39.39
CA ILE D 493 0.26 -20.61 -40.68
C ILE D 493 0.96 -19.26 -40.89
N MET D 494 2.15 -19.29 -41.46
CA MET D 494 2.88 -18.07 -41.78
C MET D 494 3.09 -17.94 -43.29
N ILE D 495 2.56 -16.87 -43.87
CA ILE D 495 2.75 -16.61 -45.30
C ILE D 495 3.44 -15.28 -45.54
N LYS D 496 4.02 -15.14 -46.72
CA LYS D 496 4.60 -13.87 -47.14
C LYS D 496 3.45 -12.96 -47.58
N LYS D 497 3.40 -11.75 -47.02
CA LYS D 497 2.27 -10.85 -47.23
C LYS D 497 2.11 -10.42 -48.68
N PRO D 498 0.89 -10.52 -49.22
CA PRO D 498 0.57 -10.10 -50.59
C PRO D 498 0.87 -8.62 -50.81
N GLN D 499 1.93 -8.35 -51.56
CA GLN D 499 2.34 -6.99 -51.86
C GLN D 499 1.39 -6.38 -52.89
N LYS D 500 1.58 -5.09 -53.20
CA LYS D 500 0.71 -4.39 -54.14
C LYS D 500 1.10 -4.59 -55.60
N SER D 501 2.37 -4.92 -55.83
CA SER D 501 2.93 -4.98 -57.18
C SER D 501 2.25 -6.01 -58.08
N LYS D 502 1.01 -5.75 -58.46
CA LYS D 502 0.28 -6.64 -59.36
C LYS D 502 -0.61 -5.84 -60.32
N PRO D 503 -0.43 -6.08 -61.64
CA PRO D 503 -1.18 -5.39 -62.69
C PRO D 503 -2.67 -5.76 -62.71
N GLY D 504 -3.06 -6.54 -63.71
CA GLY D 504 -4.44 -6.99 -63.82
C GLY D 504 -5.36 -5.95 -64.44
N VAL D 505 -5.93 -6.29 -65.59
CA VAL D 505 -6.90 -5.43 -66.25
C VAL D 505 -8.29 -5.72 -65.67
N PHE D 506 -8.31 -6.45 -64.56
CA PHE D 506 -9.55 -6.79 -63.87
C PHE D 506 -9.80 -5.84 -62.69
N SER D 507 -9.01 -4.77 -62.62
CA SER D 507 -9.25 -3.70 -61.67
C SER D 507 -9.89 -2.54 -62.43
N PHE D 508 -10.38 -2.86 -63.63
CA PHE D 508 -10.97 -1.88 -64.53
C PHE D 508 -12.39 -2.32 -64.90
N LEU D 509 -12.59 -3.62 -64.99
CA LEU D 509 -13.90 -4.18 -65.29
C LEU D 509 -14.69 -4.39 -64.01
N ASP D 510 -14.05 -4.13 -62.89
CA ASP D 510 -14.71 -4.21 -61.57
C ASP D 510 -15.42 -2.93 -61.11
N PRO D 511 -14.76 -1.75 -61.20
CA PRO D 511 -15.43 -0.52 -60.78
C PRO D 511 -16.75 -0.28 -61.51
N LEU D 512 -16.86 -0.82 -62.72
CA LEU D 512 -18.13 -0.85 -63.43
C LEU D 512 -18.40 -2.32 -63.75
N ALA D 513 -19.23 -2.95 -62.90
CA ALA D 513 -19.45 -4.40 -62.95
C ALA D 513 -19.73 -4.92 -64.35
N TYR D 514 -19.30 -6.15 -64.61
CA TYR D 514 -19.40 -6.78 -65.92
C TYR D 514 -20.81 -6.69 -66.52
N GLU D 515 -21.81 -6.75 -65.66
CA GLU D 515 -23.20 -6.65 -66.10
C GLU D 515 -23.47 -5.26 -66.64
N ILE D 516 -22.89 -4.25 -66.01
CA ILE D 516 -23.16 -2.87 -66.36
C ILE D 516 -22.48 -2.47 -67.68
N TRP D 517 -21.32 -3.05 -67.97
CA TRP D 517 -20.66 -2.78 -69.24
C TRP D 517 -21.49 -3.31 -70.40
N MET D 518 -22.23 -4.38 -70.15
CA MET D 518 -23.09 -4.97 -71.18
C MET D 518 -24.25 -4.05 -71.49
N CYS D 519 -24.96 -3.61 -70.45
CA CYS D 519 -26.15 -2.80 -70.60
C CYS D 519 -25.89 -1.47 -71.31
N ILE D 520 -24.66 -0.96 -71.20
CA ILE D 520 -24.29 0.30 -71.82
C ILE D 520 -23.90 0.12 -73.28
N VAL D 521 -23.96 -1.13 -73.75
CA VAL D 521 -23.70 -1.42 -75.17
C VAL D 521 -25.01 -1.81 -75.84
N PHE D 522 -25.92 -2.41 -75.07
CA PHE D 522 -27.25 -2.76 -75.57
C PHE D 522 -28.09 -1.50 -75.77
N ALA D 523 -28.14 -0.66 -74.74
CA ALA D 523 -28.87 0.60 -74.83
C ALA D 523 -28.08 1.62 -75.65
N TYR D 524 -26.91 1.19 -76.12
CA TYR D 524 -26.07 1.99 -77.02
C TYR D 524 -26.48 1.70 -78.45
N ILE D 525 -26.69 0.43 -78.75
CA ILE D 525 -27.21 0.02 -80.05
C ILE D 525 -28.74 0.00 -80.01
N GLY D 526 -29.28 0.61 -78.96
CA GLY D 526 -30.72 0.79 -78.81
C GLY D 526 -31.09 2.24 -78.97
N VAL D 527 -30.11 3.12 -78.75
CA VAL D 527 -30.30 4.55 -78.99
C VAL D 527 -30.05 4.83 -80.47
N SER D 528 -29.01 4.22 -81.01
CA SER D 528 -28.68 4.34 -82.43
C SER D 528 -29.58 3.46 -83.30
N VAL D 529 -30.50 2.73 -82.66
CA VAL D 529 -31.51 1.98 -83.39
C VAL D 529 -32.82 2.76 -83.38
N VAL D 530 -32.88 3.76 -82.50
CA VAL D 530 -34.01 4.68 -82.44
C VAL D 530 -33.70 5.93 -83.26
N LEU D 531 -32.44 6.35 -83.21
CA LEU D 531 -31.98 7.49 -83.99
C LEU D 531 -31.82 7.13 -85.47
N PHE D 532 -31.98 5.85 -85.77
CA PHE D 532 -31.94 5.38 -87.15
C PHE D 532 -33.35 5.36 -87.74
N LEU D 533 -34.35 5.30 -86.88
CA LEU D 533 -35.74 5.29 -87.30
C LEU D 533 -36.29 6.71 -87.46
N VAL D 534 -35.62 7.67 -86.85
CA VAL D 534 -36.01 9.07 -86.96
C VAL D 534 -35.64 9.62 -88.32
N SER D 535 -34.39 9.39 -88.73
CA SER D 535 -33.90 9.84 -90.03
C SER D 535 -34.53 9.06 -91.17
N THR D 559 -32.20 1.91 -101.85
CA THR D 559 -32.94 1.83 -100.60
C THR D 559 -32.24 0.91 -99.61
N ASN D 560 -31.63 -0.15 -100.12
CA ASN D 560 -30.91 -1.11 -99.28
C ASN D 560 -29.50 -0.66 -98.93
N GLU D 561 -29.04 0.39 -99.60
CA GLU D 561 -27.73 0.96 -99.34
C GLU D 561 -27.84 2.36 -98.74
N PHE D 562 -29.07 2.86 -98.66
CA PHE D 562 -29.34 4.15 -98.04
C PHE D 562 -29.68 3.97 -96.56
N GLY D 563 -29.57 2.73 -96.09
CA GLY D 563 -29.83 2.41 -94.69
C GLY D 563 -28.60 1.83 -94.02
N ILE D 564 -27.52 1.73 -94.79
CA ILE D 564 -26.25 1.23 -94.29
C ILE D 564 -25.26 2.38 -94.14
N PHE D 565 -25.57 3.49 -94.82
CA PHE D 565 -24.80 4.72 -94.69
C PHE D 565 -25.50 5.66 -93.73
N ASN D 566 -26.63 5.20 -93.17
CA ASN D 566 -27.36 5.95 -92.17
C ASN D 566 -27.41 5.20 -90.85
N SER D 567 -26.85 3.99 -90.85
CA SER D 567 -26.74 3.18 -89.65
C SER D 567 -25.30 3.17 -89.17
N LEU D 568 -24.43 3.82 -89.95
CA LEU D 568 -23.03 3.96 -89.58
C LEU D 568 -22.74 5.41 -89.21
N TRP D 569 -23.72 6.27 -89.46
CA TRP D 569 -23.61 7.68 -89.10
C TRP D 569 -24.38 7.97 -87.82
N PHE D 570 -25.34 7.11 -87.51
CA PHE D 570 -26.06 7.18 -86.24
C PHE D 570 -25.25 6.43 -85.18
N SER D 571 -24.39 5.53 -85.63
CA SER D 571 -23.42 4.87 -84.75
C SER D 571 -22.17 5.74 -84.67
N LEU D 572 -22.06 6.68 -85.59
CA LEU D 572 -21.05 7.73 -85.51
C LEU D 572 -21.65 8.88 -84.73
N GLY D 573 -22.93 8.76 -84.41
CA GLY D 573 -23.61 9.68 -83.53
C GLY D 573 -23.88 8.97 -82.22
N ALA D 574 -23.00 8.02 -81.91
CA ALA D 574 -23.14 7.18 -80.72
C ALA D 574 -21.83 7.17 -79.92
N PHE D 575 -20.71 7.17 -80.63
CA PHE D 575 -19.42 7.40 -80.00
C PHE D 575 -19.44 8.82 -79.45
N MET D 576 -19.96 8.95 -78.24
CA MET D 576 -20.36 10.24 -77.66
C MET D 576 -19.37 11.40 -77.78
N GLN D 577 -19.93 12.61 -77.77
CA GLN D 577 -19.14 13.84 -77.86
C GLN D 577 -19.69 14.90 -76.92
N PRO D 584 -31.11 19.60 -88.03
CA PRO D 584 -31.27 20.77 -87.16
C PRO D 584 -32.12 20.46 -85.93
N ARG D 585 -33.28 21.09 -85.83
CA ARG D 585 -34.14 20.95 -84.65
C ARG D 585 -35.23 19.89 -84.84
N SER D 586 -34.85 18.62 -84.66
CA SER D 586 -35.80 17.51 -84.75
C SER D 586 -36.16 17.03 -83.35
N LEU D 587 -37.36 17.40 -82.89
CA LEU D 587 -37.79 17.12 -81.53
C LEU D 587 -37.96 15.62 -81.24
N SER D 588 -37.95 14.81 -82.29
CA SER D 588 -38.06 13.36 -82.13
C SER D 588 -36.76 12.75 -81.65
N GLY D 589 -35.64 13.24 -82.18
CA GLY D 589 -34.33 12.72 -81.83
C GLY D 589 -33.50 13.64 -80.95
N ARG D 590 -33.97 14.86 -80.75
CA ARG D 590 -33.25 15.83 -79.93
C ARG D 590 -33.40 15.56 -78.44
N ILE D 591 -34.40 14.75 -78.09
CA ILE D 591 -34.57 14.32 -76.72
C ILE D 591 -33.93 12.94 -76.52
N VAL D 592 -33.41 12.38 -77.60
CA VAL D 592 -32.66 11.13 -77.51
C VAL D 592 -31.21 11.45 -77.16
N GLY D 593 -30.62 12.40 -77.88
CA GLY D 593 -29.25 12.82 -77.65
C GLY D 593 -29.08 13.65 -76.39
N GLY D 594 -30.19 13.94 -75.73
CA GLY D 594 -30.17 14.69 -74.48
C GLY D 594 -30.36 13.77 -73.29
N VAL D 595 -31.23 12.79 -73.45
CA VAL D 595 -31.49 11.81 -72.40
C VAL D 595 -30.40 10.73 -72.37
N TRP D 596 -29.83 10.44 -73.54
CA TRP D 596 -28.69 9.54 -73.63
C TRP D 596 -27.43 10.22 -73.10
N TRP D 597 -27.35 11.54 -73.27
CA TRP D 597 -26.23 12.31 -72.74
C TRP D 597 -26.26 12.37 -71.22
N PHE D 598 -27.45 12.64 -70.67
CA PHE D 598 -27.63 12.66 -69.24
C PHE D 598 -27.43 11.26 -68.66
N PHE D 599 -27.71 10.26 -69.49
CA PHE D 599 -27.50 8.86 -69.13
C PHE D 599 -26.00 8.54 -69.02
N THR D 600 -25.23 9.00 -70.00
CA THR D 600 -23.79 8.73 -70.03
C THR D 600 -23.03 9.68 -69.11
N LEU D 601 -23.74 10.68 -68.60
CA LEU D 601 -23.15 11.64 -67.65
C LEU D 601 -23.09 11.02 -66.26
N ILE D 602 -24.17 10.36 -65.86
CA ILE D 602 -24.22 9.72 -64.55
C ILE D 602 -23.27 8.53 -64.49
N ILE D 603 -23.19 7.78 -65.58
CA ILE D 603 -22.34 6.60 -65.65
C ILE D 603 -20.86 6.92 -65.47
N ILE D 604 -20.41 8.03 -66.07
CA ILE D 604 -19.02 8.44 -65.94
C ILE D 604 -18.75 9.11 -64.60
N SER D 605 -19.78 9.75 -64.04
CA SER D 605 -19.68 10.39 -62.73
C SER D 605 -19.68 9.34 -61.63
N SER D 606 -20.30 8.20 -61.90
CA SER D 606 -20.37 7.11 -60.93
C SER D 606 -19.17 6.20 -61.02
N TYR D 607 -18.47 6.24 -62.15
CA TYR D 607 -17.21 5.52 -62.28
C TYR D 607 -16.08 6.36 -61.70
N THR D 608 -16.23 7.67 -61.75
CA THR D 608 -15.22 8.57 -61.23
C THR D 608 -15.22 8.58 -59.70
N ALA D 609 -16.42 8.52 -59.12
CA ALA D 609 -16.59 8.59 -57.68
C ALA D 609 -16.15 7.31 -56.98
N ASN D 610 -16.54 6.17 -57.54
CA ASN D 610 -16.25 4.86 -56.95
C ASN D 610 -14.82 4.39 -57.21
N LEU D 611 -14.22 4.87 -58.29
CA LEU D 611 -12.80 4.60 -58.55
C LEU D 611 -11.94 5.49 -57.66
N ALA D 612 -12.51 6.58 -57.20
CA ALA D 612 -11.84 7.45 -56.24
C ALA D 612 -11.79 6.79 -54.87
N ALA D 613 -12.66 5.80 -54.67
CA ALA D 613 -12.73 5.06 -53.42
C ALA D 613 -11.74 3.90 -53.45
N PHE D 614 -11.66 3.23 -54.59
CA PHE D 614 -10.75 2.09 -54.78
C PHE D 614 -9.28 2.49 -54.63
N LEU D 615 -9.02 3.79 -54.71
CA LEU D 615 -7.65 4.31 -54.63
C LEU D 615 -7.36 4.87 -53.23
N THR D 616 -8.39 4.98 -52.41
CA THR D 616 -8.25 5.59 -51.09
C THR D 616 -8.10 4.57 -49.96
N VAL D 617 -8.97 3.56 -49.96
CA VAL D 617 -8.99 2.58 -48.88
C VAL D 617 -8.01 1.44 -49.08
N GLU D 618 -7.89 0.97 -50.32
CA GLU D 618 -6.92 -0.06 -50.70
C GLU D 618 -6.87 -1.29 -49.79
N ARG D 619 -8.04 -1.81 -49.43
CA ARG D 619 -8.09 -3.00 -48.57
C ARG D 619 -7.56 -4.25 -49.28
N MET D 620 -6.71 -4.99 -48.57
CA MET D 620 -6.04 -6.15 -49.15
C MET D 620 -6.70 -7.46 -48.77
N VAL D 621 -6.71 -8.40 -49.72
CA VAL D 621 -7.23 -9.74 -49.49
C VAL D 621 -6.14 -10.79 -49.71
N SER D 622 -6.13 -11.82 -48.87
CA SER D 622 -5.16 -12.90 -49.00
C SER D 622 -5.89 -14.23 -49.19
N PRO D 623 -5.36 -15.09 -50.08
CA PRO D 623 -6.01 -16.34 -50.48
C PRO D 623 -6.21 -17.33 -49.34
N ILE D 624 -5.11 -17.88 -48.81
CA ILE D 624 -5.18 -18.96 -47.83
C ILE D 624 -5.90 -18.56 -46.54
N GLU D 625 -7.00 -19.23 -46.26
CA GLU D 625 -7.84 -18.89 -45.11
C GLU D 625 -7.58 -19.78 -43.90
N SER D 626 -7.10 -20.98 -44.14
CA SER D 626 -6.73 -21.90 -43.05
C SER D 626 -5.94 -23.08 -43.59
N ALA D 627 -6.11 -24.23 -42.94
CA ALA D 627 -5.37 -25.44 -43.30
C ALA D 627 -6.07 -26.22 -44.40
N GLU D 628 -7.24 -25.74 -44.82
CA GLU D 628 -8.01 -26.38 -45.88
C GLU D 628 -7.57 -25.87 -47.24
N ASP D 629 -6.82 -24.77 -47.25
CA ASP D 629 -6.41 -24.12 -48.48
C ASP D 629 -5.00 -24.53 -48.92
N LEU D 630 -4.34 -25.34 -48.11
CA LEU D 630 -3.01 -25.83 -48.46
C LEU D 630 -3.03 -27.33 -48.79
N SER D 631 -4.09 -28.02 -48.38
CA SER D 631 -4.22 -29.45 -48.70
C SER D 631 -4.97 -29.65 -50.01
N LYS D 632 -5.46 -28.56 -50.57
CA LYS D 632 -6.22 -28.61 -51.83
C LYS D 632 -5.40 -28.06 -53.00
N GLN D 633 -4.09 -27.93 -52.80
CA GLN D 633 -3.16 -27.55 -53.85
C GLN D 633 -1.74 -27.89 -53.41
N THR D 634 -0.79 -27.73 -54.32
CA THR D 634 0.61 -28.07 -54.03
C THR D 634 1.58 -27.08 -54.67
N GLU D 635 1.04 -26.02 -55.26
CA GLU D 635 1.86 -25.02 -55.94
C GLU D 635 2.61 -24.18 -54.92
N ILE D 636 1.92 -23.77 -53.86
CA ILE D 636 2.54 -23.07 -52.75
C ILE D 636 2.85 -24.05 -51.62
N ALA D 637 4.12 -24.45 -51.52
CA ALA D 637 4.55 -25.47 -50.55
C ALA D 637 4.32 -25.02 -49.11
N TYR D 638 4.47 -25.98 -48.19
CA TYR D 638 4.22 -25.72 -46.77
C TYR D 638 4.86 -26.81 -45.91
N GLY D 639 5.57 -26.38 -44.88
CA GLY D 639 6.25 -27.31 -44.00
C GLY D 639 6.44 -26.79 -42.58
N THR D 640 6.86 -27.68 -41.68
CA THR D 640 7.07 -27.31 -40.29
C THR D 640 8.53 -27.46 -39.91
N LEU D 641 8.78 -27.66 -38.63
CA LEU D 641 10.14 -27.89 -38.14
C LEU D 641 10.51 -29.35 -38.35
N ASP D 642 11.80 -29.63 -38.42
CA ASP D 642 12.29 -30.99 -38.64
C ASP D 642 12.33 -31.77 -37.33
N SER D 643 12.02 -31.09 -36.23
CA SER D 643 11.92 -31.73 -34.92
C SER D 643 10.91 -30.99 -34.06
N GLY D 644 10.55 -31.57 -32.92
CA GLY D 644 9.66 -30.91 -31.99
C GLY D 644 8.18 -31.21 -32.16
N SER D 645 7.36 -30.47 -31.43
CA SER D 645 5.92 -30.75 -31.35
C SER D 645 5.17 -30.54 -32.67
N THR D 646 5.50 -29.48 -33.39
CA THR D 646 4.74 -29.09 -34.59
C THR D 646 4.72 -30.18 -35.66
N LYS D 647 5.83 -30.92 -35.77
CA LYS D 647 5.90 -32.03 -36.70
C LYS D 647 5.14 -33.22 -36.15
N GLU D 648 5.17 -33.39 -34.83
CA GLU D 648 4.52 -34.51 -34.17
C GLU D 648 3.00 -34.44 -34.23
N PHE D 649 2.47 -33.22 -34.39
CA PHE D 649 1.02 -33.03 -34.47
C PHE D 649 0.47 -33.68 -35.73
N PHE D 650 1.10 -33.39 -36.86
CA PHE D 650 0.67 -33.93 -38.14
C PHE D 650 0.98 -35.42 -38.27
N ARG D 651 1.93 -35.90 -37.47
CA ARG D 651 2.35 -37.29 -37.56
C ARG D 651 1.34 -38.25 -36.92
N ARG D 652 0.67 -37.79 -35.87
CA ARG D 652 -0.30 -38.62 -35.17
C ARG D 652 -1.74 -38.23 -35.48
N SER D 653 -1.91 -37.18 -36.29
CA SER D 653 -3.23 -36.62 -36.57
C SER D 653 -4.15 -37.62 -37.26
N LYS D 654 -5.33 -37.82 -36.68
CA LYS D 654 -6.33 -38.72 -37.25
C LYS D 654 -7.43 -37.93 -37.95
N ILE D 655 -7.41 -36.61 -37.77
CA ILE D 655 -8.40 -35.74 -38.40
C ILE D 655 -8.25 -35.77 -39.92
N ALA D 656 -9.36 -35.56 -40.62
CA ALA D 656 -9.40 -35.68 -42.08
C ALA D 656 -8.43 -34.75 -42.83
N VAL D 657 -8.37 -33.49 -42.42
CA VAL D 657 -7.60 -32.49 -43.17
C VAL D 657 -6.10 -32.54 -42.88
N PHE D 658 -5.73 -32.65 -41.60
CA PHE D 658 -4.33 -32.66 -41.22
C PHE D 658 -3.65 -33.98 -41.59
N ASP D 659 -4.46 -34.98 -41.92
CA ASP D 659 -3.95 -36.25 -42.41
C ASP D 659 -3.54 -36.09 -43.87
N LYS D 660 -4.17 -35.14 -44.55
CA LYS D 660 -3.93 -34.89 -45.97
C LYS D 660 -2.72 -33.97 -46.19
N MET D 661 -2.34 -33.24 -45.14
CA MET D 661 -1.20 -32.34 -45.22
C MET D 661 0.09 -33.03 -44.78
N TRP D 662 -0.05 -34.11 -44.01
CA TRP D 662 1.11 -34.88 -43.57
C TRP D 662 1.59 -35.80 -44.70
N THR D 663 0.65 -36.33 -45.47
CA THR D 663 0.96 -37.18 -46.62
C THR D 663 1.81 -36.43 -47.65
N TYR D 664 1.49 -35.16 -47.87
CA TYR D 664 2.25 -34.34 -48.80
C TYR D 664 3.65 -34.05 -48.27
N MET D 665 3.73 -33.58 -47.03
CA MET D 665 4.99 -33.18 -46.44
C MET D 665 5.96 -34.36 -46.24
N ARG D 666 5.41 -35.57 -46.11
CA ARG D 666 6.24 -36.76 -46.01
C ARG D 666 7.07 -36.97 -47.27
N SER D 667 6.42 -36.79 -48.42
CA SER D 667 7.03 -37.13 -49.71
C SER D 667 7.10 -35.94 -50.66
N ALA D 668 7.26 -34.73 -50.11
CA ALA D 668 7.33 -33.54 -50.94
C ALA D 668 8.73 -33.31 -51.50
N GLU D 669 8.79 -32.81 -52.73
CA GLU D 669 10.05 -32.49 -53.39
C GLU D 669 9.98 -31.12 -54.06
N PRO D 670 10.89 -30.20 -53.69
CA PRO D 670 11.99 -30.36 -52.73
C PRO D 670 11.48 -30.49 -51.29
N SER D 671 12.26 -31.14 -50.44
CA SER D 671 11.86 -31.42 -49.06
C SER D 671 11.39 -30.15 -48.35
N VAL D 672 10.25 -30.25 -47.67
CA VAL D 672 9.55 -29.07 -47.17
C VAL D 672 9.84 -28.71 -45.71
N PHE D 673 10.78 -29.39 -45.08
CA PHE D 673 11.08 -29.12 -43.67
C PHE D 673 12.32 -28.25 -43.49
N VAL D 674 12.43 -27.64 -42.32
CA VAL D 674 13.58 -26.81 -41.97
C VAL D 674 14.12 -27.21 -40.60
N ARG D 675 15.39 -26.92 -40.35
CA ARG D 675 16.05 -27.37 -39.13
C ARG D 675 15.89 -26.42 -37.94
N THR D 676 15.69 -25.13 -38.23
CA THR D 676 15.40 -24.14 -37.19
C THR D 676 14.16 -23.35 -37.55
N THR D 677 13.77 -22.42 -36.67
CA THR D 677 12.67 -21.52 -36.98
C THR D 677 13.20 -20.40 -37.85
N ALA D 678 14.50 -20.17 -37.77
CA ALA D 678 15.18 -19.14 -38.55
C ALA D 678 15.15 -19.46 -40.04
N GLU D 679 15.40 -20.72 -40.37
CA GLU D 679 15.42 -21.16 -41.76
C GLU D 679 14.04 -21.12 -42.38
N GLY D 680 13.04 -21.57 -41.62
CA GLY D 680 11.67 -21.62 -42.10
C GLY D 680 11.05 -20.25 -42.29
N VAL D 681 11.56 -19.25 -41.56
CA VAL D 681 11.07 -17.89 -41.69
C VAL D 681 11.60 -17.24 -42.97
N ALA D 682 12.88 -17.43 -43.25
CA ALA D 682 13.50 -16.86 -44.43
C ALA D 682 13.07 -17.58 -45.71
N ARG D 683 12.68 -18.84 -45.59
CA ARG D 683 12.28 -19.63 -46.73
C ARG D 683 10.87 -19.26 -47.20
N VAL D 684 10.17 -18.48 -46.39
CA VAL D 684 8.89 -17.92 -46.78
C VAL D 684 9.15 -16.56 -47.42
N ARG D 685 10.11 -15.85 -46.87
CA ARG D 685 10.44 -14.49 -47.31
C ARG D 685 11.15 -14.46 -48.66
N LYS D 686 11.87 -15.53 -49.00
CA LYS D 686 12.65 -15.57 -50.23
C LYS D 686 12.03 -16.48 -51.28
N SER D 687 10.90 -17.10 -50.95
CA SER D 687 10.18 -17.94 -51.90
C SER D 687 9.08 -17.15 -52.59
N LYS D 688 9.04 -15.84 -52.32
CA LYS D 688 8.11 -14.91 -52.95
C LYS D 688 6.64 -15.22 -52.66
N GLY D 689 6.40 -16.21 -51.81
CA GLY D 689 5.05 -16.65 -51.52
C GLY D 689 4.81 -18.06 -52.02
N LYS D 690 5.89 -18.80 -52.25
CA LYS D 690 5.79 -20.18 -52.70
C LYS D 690 6.06 -21.16 -51.55
N TYR D 691 6.09 -20.62 -50.34
CA TYR D 691 6.29 -21.44 -49.16
C TYR D 691 5.61 -20.84 -47.93
N ALA D 692 4.70 -21.60 -47.33
CA ALA D 692 4.08 -21.19 -46.08
C ALA D 692 4.73 -21.95 -44.94
N TYR D 693 4.87 -21.30 -43.79
CA TYR D 693 5.52 -21.92 -42.65
C TYR D 693 4.54 -22.20 -41.52
N LEU D 694 4.37 -23.47 -41.20
CA LEU D 694 3.51 -23.88 -40.09
C LEU D 694 4.31 -23.93 -38.80
N LEU D 695 3.95 -23.05 -37.87
CA LEU D 695 4.54 -23.04 -36.54
C LEU D 695 3.50 -22.55 -35.53
N GLU D 696 3.82 -22.66 -34.25
CA GLU D 696 2.92 -22.21 -33.18
C GLU D 696 2.60 -20.72 -33.33
N SER D 697 1.37 -20.35 -32.99
CA SER D 697 0.85 -18.99 -33.23
C SER D 697 1.69 -17.87 -32.61
N THR D 698 2.07 -18.05 -31.35
CA THR D 698 2.77 -17.01 -30.59
C THR D 698 4.02 -16.46 -31.28
N MET D 699 4.77 -17.31 -31.96
CA MET D 699 5.96 -16.86 -32.67
C MET D 699 5.60 -16.27 -34.04
N ASN D 700 4.55 -16.80 -34.66
CA ASN D 700 4.07 -16.30 -35.93
C ASN D 700 3.65 -14.84 -35.84
N GLU D 701 3.05 -14.47 -34.70
CA GLU D 701 2.67 -13.09 -34.46
C GLU D 701 3.81 -12.30 -33.82
N TYR D 702 4.96 -12.94 -33.67
CA TYR D 702 6.17 -12.24 -33.22
C TYR D 702 7.01 -11.84 -34.42
N ILE D 703 7.08 -12.73 -35.41
CA ILE D 703 7.83 -12.46 -36.64
C ILE D 703 7.08 -11.44 -37.49
N GLU D 704 5.76 -11.38 -37.34
CA GLU D 704 4.95 -10.43 -38.07
C GLU D 704 5.17 -9.01 -37.54
N GLN D 705 5.93 -8.90 -36.46
CA GLN D 705 6.24 -7.60 -35.87
C GLN D 705 7.71 -7.25 -36.02
N ARG D 706 8.46 -8.14 -36.65
CA ARG D 706 9.87 -7.87 -36.97
C ARG D 706 9.99 -7.46 -38.42
N LYS D 707 10.88 -6.51 -38.70
CA LYS D 707 11.13 -6.03 -40.06
C LYS D 707 11.48 -7.18 -41.01
N PRO D 708 11.21 -7.00 -42.32
CA PRO D 708 10.70 -5.82 -43.00
C PRO D 708 9.19 -5.82 -43.19
N CYS D 709 8.48 -6.47 -42.27
CA CYS D 709 7.03 -6.59 -42.34
C CYS D 709 6.59 -7.23 -43.65
N ASP D 710 7.04 -8.46 -43.88
CA ASP D 710 6.73 -9.17 -45.11
C ASP D 710 5.96 -10.46 -44.82
N THR D 711 6.14 -11.01 -43.62
CA THR D 711 5.44 -12.23 -43.22
C THR D 711 4.07 -11.88 -42.66
N MET D 712 3.30 -12.91 -42.29
CA MET D 712 1.94 -12.71 -41.83
C MET D 712 1.38 -13.96 -41.14
N LYS D 713 0.49 -13.76 -40.18
CA LYS D 713 -0.25 -14.87 -39.59
C LYS D 713 -1.65 -14.92 -40.18
N VAL D 714 -1.90 -15.92 -41.01
CA VAL D 714 -3.22 -16.06 -41.63
C VAL D 714 -3.97 -17.29 -41.10
N GLY D 715 -5.27 -17.13 -40.92
CA GLY D 715 -6.12 -18.22 -40.50
C GLY D 715 -6.02 -18.58 -39.04
N GLY D 716 -7.07 -19.25 -38.54
CA GLY D 716 -7.10 -19.67 -37.16
C GLY D 716 -6.14 -20.80 -36.88
N ASN D 717 -6.08 -21.21 -35.62
CA ASN D 717 -5.18 -22.28 -35.22
C ASN D 717 -5.81 -23.66 -35.42
N LEU D 718 -4.97 -24.68 -35.51
CA LEU D 718 -5.42 -26.02 -35.83
C LEU D 718 -5.61 -26.88 -34.58
N ASP D 719 -5.17 -26.35 -33.45
CA ASP D 719 -5.32 -27.03 -32.16
C ASP D 719 -5.21 -26.02 -31.03
N SER D 720 -5.63 -26.41 -29.83
CA SER D 720 -5.66 -25.50 -28.70
C SER D 720 -4.64 -25.89 -27.63
N LYS D 721 -3.42 -25.37 -27.77
CA LYS D 721 -2.34 -25.69 -26.85
C LYS D 721 -2.29 -24.75 -25.64
N GLY D 722 -1.14 -24.73 -24.97
CA GLY D 722 -0.95 -23.89 -23.81
C GLY D 722 0.42 -24.03 -23.16
N TYR D 723 1.02 -22.90 -22.79
CA TYR D 723 2.31 -22.89 -22.11
C TYR D 723 2.10 -22.88 -20.59
N GLY D 724 2.87 -23.69 -19.88
CA GLY D 724 2.73 -23.78 -18.44
C GLY D 724 4.02 -24.08 -17.70
N ILE D 725 4.16 -23.54 -16.50
CA ILE D 725 5.34 -23.74 -15.68
C ILE D 725 5.43 -25.20 -15.20
N ALA D 726 6.64 -25.75 -15.22
CA ALA D 726 6.85 -27.15 -14.87
C ALA D 726 7.72 -27.33 -13.62
N THR D 727 7.23 -28.12 -12.68
CA THR D 727 7.97 -28.47 -11.47
C THR D 727 8.05 -29.99 -11.35
N PRO D 728 9.10 -30.50 -10.66
CA PRO D 728 9.26 -31.95 -10.46
C PRO D 728 8.05 -32.58 -9.79
N LYS D 729 7.90 -33.90 -9.93
CA LYS D 729 6.77 -34.61 -9.37
C LYS D 729 6.77 -34.53 -7.85
N GLY D 730 5.80 -33.80 -7.30
CA GLY D 730 5.70 -33.63 -5.86
C GLY D 730 6.70 -32.61 -5.33
N SER D 731 6.99 -31.60 -6.14
CA SER D 731 7.92 -30.55 -5.73
C SER D 731 7.30 -29.67 -4.64
N SER D 732 8.13 -28.86 -4.00
CA SER D 732 7.68 -27.96 -2.95
C SER D 732 7.11 -26.67 -3.55
N LEU D 733 7.46 -26.41 -4.80
CA LEU D 733 7.08 -25.17 -5.46
C LEU D 733 5.84 -25.36 -6.33
N GLY D 734 5.39 -26.59 -6.46
CA GLY D 734 4.29 -26.94 -7.35
C GLY D 734 2.99 -26.17 -7.11
N THR D 735 2.48 -26.25 -5.89
CA THR D 735 1.19 -25.64 -5.55
C THR D 735 1.17 -24.13 -5.27
N PRO D 736 2.31 -23.53 -4.82
CA PRO D 736 2.22 -22.07 -4.72
C PRO D 736 2.31 -21.39 -6.08
N VAL D 737 3.25 -21.82 -6.91
CA VAL D 737 3.47 -21.22 -8.23
C VAL D 737 2.20 -21.27 -9.09
N ASN D 738 1.45 -22.36 -8.97
CA ASN D 738 0.19 -22.51 -9.70
C ASN D 738 -0.81 -21.42 -9.33
N LEU D 739 -0.87 -21.10 -8.04
CA LEU D 739 -1.74 -20.02 -7.56
C LEU D 739 -1.26 -18.67 -8.05
N ALA D 740 0.06 -18.52 -8.16
CA ALA D 740 0.66 -17.29 -8.67
C ALA D 740 0.26 -17.06 -10.13
N VAL D 741 0.23 -18.15 -10.91
CA VAL D 741 -0.15 -18.08 -12.31
C VAL D 741 -1.54 -17.45 -12.49
N LEU D 742 -2.51 -17.97 -11.76
CA LEU D 742 -3.88 -17.45 -11.84
C LEU D 742 -3.98 -16.03 -11.28
N LYS D 743 -3.20 -15.76 -10.24
CA LYS D 743 -3.16 -14.43 -9.64
C LYS D 743 -2.65 -13.40 -10.64
N LEU D 744 -1.58 -13.75 -11.33
CA LEU D 744 -0.98 -12.86 -12.32
C LEU D 744 -1.85 -12.77 -13.58
N SER D 745 -2.74 -13.74 -13.75
CA SER D 745 -3.62 -13.77 -14.91
C SER D 745 -4.79 -12.81 -14.74
N GLU D 746 -5.45 -12.90 -13.59
CA GLU D 746 -6.65 -12.12 -13.32
C GLU D 746 -6.34 -10.63 -13.20
N GLN D 747 -5.19 -10.32 -12.62
CA GLN D 747 -4.75 -8.92 -12.47
C GLN D 747 -4.45 -8.29 -13.83
N GLY D 748 -4.25 -9.15 -14.83
CA GLY D 748 -4.04 -8.68 -16.19
C GLY D 748 -2.60 -8.37 -16.51
N VAL D 749 -1.69 -8.83 -15.64
CA VAL D 749 -0.27 -8.55 -15.84
C VAL D 749 0.34 -9.51 -16.85
N LEU D 750 -0.34 -10.61 -17.13
CA LEU D 750 0.10 -11.54 -18.16
C LEU D 750 -0.17 -10.96 -19.54
N ASP D 751 -1.27 -10.22 -19.66
CA ASP D 751 -1.62 -9.57 -20.92
C ASP D 751 -0.76 -8.33 -21.16
N LYS D 752 -0.54 -7.56 -20.11
CA LYS D 752 0.30 -6.36 -20.21
C LYS D 752 1.75 -6.75 -20.51
N LEU D 753 2.17 -7.90 -19.98
CA LEU D 753 3.53 -8.38 -20.19
C LEU D 753 3.77 -8.76 -21.64
N LYS D 754 2.89 -9.59 -22.19
CA LYS D 754 2.95 -9.95 -23.60
C LYS D 754 2.84 -8.70 -24.45
N ASN D 755 2.02 -7.75 -23.99
CA ASN D 755 1.84 -6.49 -24.70
C ASN D 755 3.12 -5.66 -24.74
N LYS D 756 4.06 -5.97 -23.84
CA LYS D 756 5.31 -5.23 -23.77
C LYS D 756 6.39 -5.81 -24.68
N TRP D 757 6.46 -7.13 -24.77
CA TRP D 757 7.51 -7.80 -25.53
C TRP D 757 7.05 -8.28 -26.90
N TRP D 758 5.86 -7.87 -27.29
CA TRP D 758 5.31 -8.23 -28.61
C TRP D 758 4.90 -7.01 -29.41
N TYR D 759 4.27 -6.05 -28.75
CA TYR D 759 3.68 -4.92 -29.45
C TYR D 759 4.23 -3.55 -29.02
N ASP D 760 4.65 -3.44 -27.76
CA ASP D 760 5.25 -2.20 -27.28
C ASP D 760 6.58 -1.95 -27.99
N LYS D 761 7.43 -2.98 -28.00
CA LYS D 761 8.70 -2.92 -28.69
C LYS D 761 8.53 -3.35 -30.15
N GLY D 762 7.33 -3.16 -30.69
CA GLY D 762 7.00 -3.60 -32.04
C GLY D 762 7.61 -2.74 -33.13
N GLU D 763 8.01 -3.39 -34.23
CA GLU D 763 8.63 -2.71 -35.35
C GLU D 763 7.68 -2.55 -36.54
N CYS D 764 6.40 -2.87 -36.31
CA CYS D 764 5.38 -2.71 -37.35
C CYS D 764 4.18 -1.93 -36.85
N SER D 776 -0.26 6.05 -51.11
CA SER D 776 -1.03 5.83 -52.32
C SER D 776 -0.29 6.31 -53.56
N ALA D 777 -0.17 5.42 -54.54
CA ALA D 777 0.50 5.74 -55.80
C ALA D 777 -0.13 4.97 -56.96
N LEU D 778 -0.55 5.71 -57.98
CA LEU D 778 -1.24 5.13 -59.12
C LEU D 778 -0.28 4.27 -59.96
N SER D 779 -0.83 3.34 -60.72
CA SER D 779 -0.04 2.41 -61.53
C SER D 779 -0.42 2.41 -63.01
N LEU D 780 0.54 2.04 -63.86
CA LEU D 780 0.31 1.93 -65.29
C LEU D 780 -0.52 0.67 -65.60
N SER D 781 -0.75 -0.12 -64.56
CA SER D 781 -1.50 -1.38 -64.65
C SER D 781 -2.87 -1.21 -65.27
N ASN D 782 -3.75 -0.50 -64.57
CA ASN D 782 -5.10 -0.25 -65.04
C ASN D 782 -5.07 0.55 -66.35
N VAL D 783 -4.08 1.43 -66.46
CA VAL D 783 -3.91 2.25 -67.66
C VAL D 783 -3.48 1.41 -68.86
N ALA D 784 -2.83 0.29 -68.60
CA ALA D 784 -2.32 -0.57 -69.66
C ALA D 784 -3.45 -1.14 -70.52
N GLY D 785 -4.46 -1.71 -69.86
CA GLY D 785 -5.54 -2.39 -70.55
C GLY D 785 -6.52 -1.50 -71.29
N VAL D 786 -6.16 -0.23 -71.45
CA VAL D 786 -6.97 0.70 -72.23
C VAL D 786 -6.14 1.17 -73.43
N PHE D 787 -4.84 0.94 -73.37
CA PHE D 787 -3.96 1.18 -74.50
C PHE D 787 -4.11 0.06 -75.52
N TYR D 788 -4.63 -1.07 -75.09
CA TYR D 788 -4.81 -2.22 -75.98
C TYR D 788 -6.14 -2.17 -76.71
N ILE D 789 -7.14 -1.53 -76.10
CA ILE D 789 -8.42 -1.35 -76.76
C ILE D 789 -8.31 -0.23 -77.80
N LEU D 790 -7.46 0.75 -77.51
CA LEU D 790 -7.18 1.83 -78.43
C LEU D 790 -6.53 1.28 -79.70
N VAL D 791 -5.36 0.68 -79.54
CA VAL D 791 -4.65 0.06 -80.66
C VAL D 791 -5.45 -1.14 -81.19
N GLY D 792 -6.41 -1.60 -80.41
CA GLY D 792 -7.37 -2.59 -80.87
C GLY D 792 -8.42 -1.92 -81.75
N GLY D 793 -8.81 -0.70 -81.38
CA GLY D 793 -9.73 0.09 -82.18
C GLY D 793 -9.01 0.76 -83.34
N LEU D 794 -7.69 0.88 -83.21
CA LEU D 794 -6.85 1.41 -84.28
C LEU D 794 -6.60 0.33 -85.33
N GLY D 795 -6.41 -0.90 -84.85
CA GLY D 795 -6.14 -2.03 -85.72
C GLY D 795 -7.41 -2.53 -86.40
N LEU D 796 -8.54 -2.21 -85.82
CA LEU D 796 -9.83 -2.54 -86.41
C LEU D 796 -10.24 -1.45 -87.39
N ALA D 797 -9.65 -0.27 -87.21
CA ALA D 797 -9.91 0.86 -88.08
C ALA D 797 -9.18 0.72 -89.41
N MET D 798 -7.93 0.28 -89.33
CA MET D 798 -7.14 0.02 -90.53
C MET D 798 -7.59 -1.26 -91.21
N LEU D 799 -8.64 -1.88 -90.65
CA LEU D 799 -9.22 -3.07 -91.23
C LEU D 799 -10.49 -2.70 -92.01
N VAL D 800 -11.15 -1.63 -91.58
CA VAL D 800 -12.33 -1.13 -92.27
C VAL D 800 -11.97 0.03 -93.20
N ALA D 801 -10.72 0.50 -93.09
CA ALA D 801 -10.21 1.51 -94.00
C ALA D 801 -9.83 0.85 -95.32
N LEU D 802 -9.21 -0.31 -95.24
CA LEU D 802 -8.72 -1.02 -96.41
C LEU D 802 -9.84 -1.70 -97.21
N ILE D 803 -11.05 -1.68 -96.68
CA ILE D 803 -12.19 -2.27 -97.38
C ILE D 803 -13.06 -1.20 -98.03
N GLU D 804 -12.82 0.05 -97.68
CA GLU D 804 -13.57 1.17 -98.28
C GLU D 804 -12.93 1.60 -99.60
N PHE D 805 -11.62 1.38 -99.72
CA PHE D 805 -10.91 1.69 -100.95
C PHE D 805 -10.94 0.50 -101.90
N CYS D 806 -11.52 -0.60 -101.43
CA CYS D 806 -11.76 -1.77 -102.27
C CYS D 806 -13.15 -1.68 -102.91
N TYR D 807 -14.12 -1.24 -102.13
CA TYR D 807 -15.50 -1.14 -102.58
C TYR D 807 -15.72 0.07 -103.49
N LYS D 808 -14.96 1.13 -103.25
CA LYS D 808 -15.09 2.35 -104.03
C LYS D 808 -14.02 2.43 -105.12
#